data_5M3M
#
_entry.id   5M3M
#
_cell.length_a   1
_cell.length_b   1
_cell.length_c   1
_cell.angle_alpha   90
_cell.angle_beta   90
_cell.angle_gamma   90
#
_symmetry.space_group_name_H-M   'P 1'
#
loop_
_entity.id
_entity.type
_entity.pdbx_description
1 polymer 'DNA-directed RNA polymerase I subunit RPA190'
2 polymer 'DNA-directed RNA polymerase I subunit RPA135'
3 polymer 'DNA-directed RNA polymerases I and III subunit RPAC1'
4 polymer 'DNA-directed RNA polymerases I, II, and III subunit RPABC1'
5 polymer 'DNA-directed RNA polymerases I, II, and III subunit RPABC2'
6 polymer 'DNA-directed RNA polymerases I, II, and III subunit RPABC3'
7 polymer 'DNA-directed RNA polymerase I subunit RPA12'
8 polymer 'DNA-directed RNA polymerases I, II, and III subunit RPABC5'
9 polymer 'DNA-directed RNA polymerases I and III subunit RPAC2'
10 polymer 'DNA-directed RNA polymerases I, II, and III subunit RPABC4'
11 polymer 'DNA-directed RNA polymerase I subunit RPA49'
12 polymer 'DNA-directed RNA polymerase I subunit RPA34'
13 polymer 'DNA-directed RNA polymerase I subunit RPA14'
14 polymer 'DNA-directed RNA polymerase I subunit RPA43'
15 non-polymer 'ZINC ION'
16 non-polymer 'SULFATE ION'
#
loop_
_entity_poly.entity_id
_entity_poly.type
_entity_poly.pdbx_seq_one_letter_code
_entity_poly.pdbx_strand_id
1 'polypeptide(L)'
;MDISKPVGSEITSVDFGILTAKEIRNLSAKQITNPTVLDNLGHPVSGGLYDLALGAFLRNLCSTCGLDEKFCPGHQGHIE
LPVPCYNPLFFNQLYIYLRASCLFCHHFRLKSVEVHRYACKLRLLQYGLIDESYKLDEITLGSLNSSMYTDDEAIEDNED
EMDGEGSKQSKDISSTLLNELKSKRSEYVDMAIAKALSDGRTTERGSFTATVNDERKKLVHEFHKKLLSRGKCDNCGMFS
PKFRKDGFTKIFETALNEKQITNNRVKGFIRQDMIKKQKQAKKLDGSNEASANDEESFDVGRNPTTRPKTGSTYILSTEV
KNILDTVFRKEQCVLQYVFHSRPNLSRKLVKADSFFMDVLVVPPTRFRLPSKLGEEVHENSQNQLLSKVLTTSLLIRDLN
DDLSKLQKDKVSLEDRRVIFSRLMNAFVTIQNDVNAFIDSTKAQGRTSGKVPIPGVKQALEKKEGLFRKHMMGKRVNYAA
RSVISPDPNIETNEIGVPPVFAVKLTYPEPVTAYNIAELRQAVINGPDKWPGATQIQNEDGSLVSLIGMSVEQRKALANQ
LLTPSSNVSTHTLNKKVYRHIKNRDVVLMNRQPTLHKASMMGHKVRVLPNEKTLRLHYANTGAYNADFDGDEMNMHFPQN
ENARAEALNLANTDSQYLTPTSGSPVRGLIQDHISAGVWLTSKDSFFTREQYQQYIYGCIRPEDGHTTRSKIVTLPPTIF
KPYPLWTGKQIITTVLLNVTPPDMPGINLISKNKIKNEYWGKGSLENEVLFKDGALLCGILDKSQYGASKYGIVHSLHEV
YGPEVAAKVLSVLGRLFTNYITATAFTCGMDDLRLTAEGNKWRTDILKTSVDTGREAAAEVTNLDKDTPADDPELLKRLQ
EILRDNNKSGILDAVTSSKVNAITSQVVSKCVPDGTMKKFPCNSMQAMALSGAKGSNVNVSQIMCLLGQQALEGRRVPVM
VSGKTLPSFKPYETDAMAGGYVKGRFYSGIKPQEYYFHCMAGREGLIDTAVKTSRSGYLQRCLTKQLEGVHVSYDNSIRD
ADGTLVQFMYGGDAIDITKESHMTQFEFCLDNYYALLKKYNPSALIEHLDVESALKYSKKTLKYRKKHSKEPHYKQSVKY
DPVLAKYNPAKYLGSVSENFQDKLESFLDKNSKLFKSSDGVNEKKFRALMQLKYMRSLINPGEAVGIIASQSVGEPSTQM
TLNTFHFAGHGAANVTLGIPRLREIVMTASAAIKTPQMTLPIWNDVSDEQADTFCKSISKVLLSEVIDKVIVTETTGTSN
TAGGNAARSYVIHMRFFDNNEYSEEYDVSKEELQNVISNQFIHLLEAAIVKEIKKQKRTTGPDIGVAVPRLQTDVANSSS
NSKRLEEDNDEEQSHKKTKQAVSYDEPDEDEIETMREAEKSSDEEGIDSDKESDSDSEDEDVDMNEQINKSIVEANNNMN
KVQRDRQSAIISHHRFITKYNFDDESGKWCEFKLELAADTEKLLMVNIVEEICRKSIIRQIPHIDRCVHPEPENGKRVLV
TEGVNFQAMWDQEAFIDVDGITSNDVAAVLKTYGVEAARNTIVNEINNVFSRYAISVSFRHLDLIADMMTRQGTYLAFNR
QGMETSTSSFMKMSYETTCQFLTKAVLDNEREQLDSPSARIVVGKLNNVGTGSFDVLAKVPNAA
;
A
2 'polypeptide(L)'
;MSKVIKPPGQARTADFRTLERESRFINPPKDKSAFPLLQEAVQPHIGSFNALTEGPDGGLLNLGVKDIGEKVIFDGKPLN
SEDEISNSGYLGNKLSVSVEQVSIAKPMSNDGVSSAVERKVYPSESRQRLTSYRGKLLLKLKWSVNNGEENLFEVRDCGG
LPVMLQSNRCHLNKMSPYELVQHKEESDEIGGYFIVNGIEKLIRMLIVQRRNHPMAIIRPSFANRGASYSHYGIQIRSVR
PDQTSQTNVLHYLNDGQVTFRFSWRKNEYLVPVVMILKALCHTSDREIFDGIIGNDVKDSFLTDRLELLLRGFKKRYPHL
QNRTQVLQYLGDKFRVVFQASPDQSDLEVGQEVLDRIVLVHLGKDGSQDKFRMLLFMIRKLYSLVAGECSPDNPDATQHQ
EVLLGGFLYGMILKEKIDEYLQNIIAQVRMDINRGMAINFKDKRYMSRVLMRVNENIGSKMQYFLSTGNLVSQSGLDLQQ
VSGYTVVAEKINFYRFISHFRMVHRGSFFAQLKTTTVRKLLPESWGFLCPVHTPDGSPCGLLNHFAHKCRISTQQSDVSR
IPSILYSLGVAPASHTFAAGPSLCCVQIDGKIIGWVSHEQGKIIADTLRYWKVEGKTPGLPIDLEIGYVPPSTRGQYPGL
YLFGGHSRMLRPVRYLPLDKEDIVGPFEQVYMNIAVTPQEIQNNVHTHVEFTPTNILSILANLTPFSDFNQSPRNMYQCQ
MGKQTMGTPGVALCHRSDNKLYRLQTGQTPIVKANLYDDYGMDNFPNGFNAVVAVISYTGYDMDDAMIINKSADERGFGY
GTMYKTEKVDLALNRNRGDPITQHFGFGNDEWPKEWLEKLDEDGLPYIGTYVEEGDPICAYFDDTLNKTKIKTYHSSEPA
YIEEVNLIGDESNKFQELQTVSIKYRIRRTPQIGDKFSSRHGQKGVCSRKWPTIDMPFSETGIQPDIIINPHAFPSRMTI
GMFVESLAGKAGALHGIAQDSTPWIFNEDDTPADYFGEQLAKAGYNYHGNEPMYSGATGEELRADIYVGVVYYQRLRHMV
NDKFQVRSTGPVNSLTMQPVKGRKRHGGIRVGEMERDALIGHGTSFLLQDRLLNSSDYTQASVCRECGSILTTQQSVPRI
GSISTVCCRRCSMRFEDAKKLLTKSEDGEKIFIDDSQIWEDGQGNKFVGGNETTTVAIPFVLKYLDSELSAMGIRLRYNV
EPK
;
B
3 'polypeptide(L)'
;MSNIVGIEYNRVTNTTSTDFPGFSKDAENEWNVEKFKKDFEVNISSLDAREANFDLINIDTSIANAFRRIMISEVPSVAA
EYVYFFNNTSVIQDEVLAHRIGLVPLKVDPDMLTWVDSNLPDDEKFTDENTIVLSLNVKCTRNPDAPKGSTDPKELYNNA
HVYARDLKFEPQGRQSTTFADCPVVPADPDILLAKLRPGQEISLKAHCILGIGGDHAKFSPVSTASYRLLPQINILQPIK
GESARRFQKCFPPGVIGIDEGSDEAYVKDARKDTVSREVLRYEEFADKVKLGRVRNHFIFNVESAGAMTPEEIFFKSVRI
LKNKAEYLKNCPITQ
;
C
4 'polypeptide(L)'
;MDQENERNISRLWRAFRTVKEMVKDRGYFITQEEVELPLEDFKAKYCDSMGRPQRKMMSFQANPTEESISKFPDMGSLWV
EFCDEPSVGVKTMKTFVIHIQEKNFQTGIFVYQNNITPSAMKLVPSIPPATIETFNEAALVVNITHHELVPKHIRLSSDE
KRELLKRYRLKESQLPRIQRADPVALYLGLKRGEVVKIIRKSETSGRYASYRICM
;
E
5 'polypeptide(L)'
;MSDYEEAFNDGNENFEDFDVEHFSDEETYEEKPQFKDGETTDANGKTIVTGGNGPEDFQQHEQIRRKTLKEKAIPKDQRA
TTPYMTKYERARILGTRALQISMNAPVFVDLEGETDPLRIAMKELAEKKIPLVIRRYLPDGSFEDWSVEELIVDL
;
F
6 'polypeptide(L)'
;MSNTLFDDIFQVSEVDPGRYNKVCRIEAASTTQDQCKLTLDINVELFPVAAQDSLTVTIASSLNLEDTPANDSSATRSWR
PPQAGDRSLADDYDYVMYGTAYKFEEVSKDLIAVYYSFGGLLMRLEGNYRNLNNLKQENAYLLIRR
;
H
7 'polypeptide(L)'
;MSVVGSLIFCLDCGDLLENPNAVLGSNVECSQCKAIYPKSQFSNLKVVTTTADDAFPSSLRAKKSVVKTSLKKNELKDGA
TIKEKCPQCGNEEMNYHTLQLRSADEGATVFYTCTSCGYKFRTNN
;
I
8 'polypeptide(L)' MIVPVRCFSCGKVVGDKWESYLNLLQEDELDEGTALSRLGLKRYCCRRMILTHVDLIEKFLRYNPLEKRD J
9 'polypeptide(L)'
;MTEDIEQKKTATEVTPQEPKHIQEEEEQDVDMTGDEEQEEEPDREKIKLLTQATSEDGTSASFQIVEEDHTLGNALRYVI
MKNPDVEFCGYSIPHPSENLLNIRIQTYGETTAVDALQKGLKDLMDLCDVVESKFTEKIKSM
;
K
10 'polypeptide(L)' MSREGFQIPTNLDAAAAGTSQARTATLKYICAECSSKLSLSRTDAVRCKDCGHRILLKARTKRLVQFEAR L
11 'polypeptide(L)'
;MSVKRSVSEIEIESVQDQPSVAVGSFFKGFRAPSDTTFDLYKKKKSEKDEFVLHGENERLEYEGYTDSSSQASNQYVVGL
FNPEKKSIQLYKAPVLVSKVVSKSSKNLRGPKIKSKSDTRPSALRNALGEAFGTKKAKKAIADLERNRIDSDKLTDSAID
IVDSVRTASKDLPTRAQLDEITSNDRPTPLANIDATDVEQIYPIESIIPKKELQFIRVSSILKEADKEKKLELFPYQNNS
KYVAKKLDSLTQPSQMTKLQLLYYLSLLLGVYENRRVNNKTKLLERLNSPPEILVDGILSRFTVIKPGQFGRSKDRSYFI
DPQNEDKILCYILAIIMHLDNFIVEITPLAHELNLKPSKVVSLFRVLGAIVKGATVAQAEAFGIPKSTAASYKIATMKVP
FKLPEMTRRGRGPRR
;
M
12 'polypeptide(L)'
;MSKLSKDYVSDSDSDDEVISNEFSIPDGFKKCKHLKNFPLNGDNKKKAKQQQVWLIKFPSNVDISKLKSLPVDFESSTTM
TIDKHDYKIMDDTDIESSLTQDNLSNMTLLVPSESKESLKIASTAKDNAPLQFDKVFSVSETAKIPAIDYSKVRVPRKDV
PKVEGLKLEHFATGYDAEDFHVAEEVKENKKEPKKRSHHDDEEESSEKKKKKKEKREKREKKDKKDKKKKHRD
;
N
13 'polypeptide(L)'
;MMKGSRRTGNNTATTLNTPVVIHATQLPQHVSTDEVLQFLESFIDEKENIIDSTTMNTISGNAADADAAAVANTSLNIDT
NLSSSISQLKRIQRDFKGLPPAQDFSAAPIQVSTTEKKETSIGVSATGGKKTTFADE
;
D
14 'polypeptide(L)'
;MSQVKRANENRETARFIKKHKKQVTNPIDEKNGTSNCIVRVPIALYVSLAPMYLENPLQGVMKQHLNPLVMKYNNKVGGV
VLGYEGLKILDADPLSKEDTSEKLIKITPDTPFGFTWCHVNLYVWQPQVGDVLEGYIFIQSASHIGLLIHDAFNASIKKN
NIPVDWTFVHNDVEEDADVINTDENNGNNNNEDNKDSNGGSNSLGKFSFGNRSLGHWVDSNGEPIDGKLRFTVRNVHTTG
RVVSVDGTLISDADEEGNGYNSSRSQAESLPIVSNKKIVFDDEVSIENKESHKELDLPEVKEDNGSEIVYEENTSESNDG
ESSDSD
;
G
#
loop_
_chem_comp.id
_chem_comp.type
_chem_comp.name
_chem_comp.formula
SO4 non-polymer 'SULFATE ION' 'O4 S -2'
ZN non-polymer 'ZINC ION' 'Zn 2'
#
# COMPACT_ATOMS: atom_id res chain seq x y z
N MET A 1 29.68 12.20 15.15
CA MET A 1 30.24 13.53 14.96
C MET A 1 30.63 14.16 16.28
N ASP A 2 31.71 14.93 16.27
CA ASP A 2 32.13 15.71 17.42
C ASP A 2 32.48 17.11 16.94
N ILE A 3 31.75 18.11 17.47
CA ILE A 3 31.98 19.49 17.05
C ILE A 3 33.23 20.10 17.63
N SER A 4 33.92 19.38 18.52
CA SER A 4 35.21 19.81 19.03
C SER A 4 36.33 19.41 18.09
N LYS A 5 36.00 18.86 16.93
CA LYS A 5 36.97 18.41 15.93
C LYS A 5 36.74 19.21 14.65
N PRO A 6 37.03 20.49 14.66
CA PRO A 6 36.71 21.32 13.48
C PRO A 6 37.68 21.06 12.35
N VAL A 7 37.15 21.14 11.13
CA VAL A 7 37.91 20.90 9.91
C VAL A 7 37.77 22.11 9.02
N GLY A 8 38.88 22.82 8.80
CA GLY A 8 38.85 23.98 7.95
C GLY A 8 38.78 23.63 6.49
N SER A 9 39.31 22.47 6.11
CA SER A 9 39.37 22.08 4.72
C SER A 9 37.97 21.88 4.16
N GLU A 10 37.85 22.06 2.84
CA GLU A 10 36.54 22.09 2.19
C GLU A 10 36.62 21.51 0.80
N ILE A 11 35.58 20.77 0.41
CA ILE A 11 35.56 20.07 -0.87
C ILE A 11 34.71 20.86 -1.85
N THR A 12 35.35 21.50 -2.82
CA THR A 12 34.65 22.36 -3.78
C THR A 12 34.03 21.65 -4.96
N SER A 13 34.74 20.72 -5.61
CA SER A 13 34.18 20.07 -6.79
C SER A 13 34.89 18.75 -7.05
N VAL A 14 34.30 17.96 -7.93
CA VAL A 14 34.83 16.65 -8.30
C VAL A 14 35.09 16.63 -9.79
N ASP A 15 36.14 15.92 -10.19
CA ASP A 15 36.53 15.77 -11.59
C ASP A 15 36.56 14.29 -11.93
N PHE A 16 36.58 14.00 -13.23
CA PHE A 16 36.54 12.63 -13.69
C PHE A 16 37.81 12.28 -14.46
N GLY A 17 38.28 11.06 -14.27
CA GLY A 17 39.44 10.59 -15.01
C GLY A 17 39.38 9.10 -15.21
N ILE A 18 40.21 8.63 -16.13
CA ILE A 18 40.42 7.20 -16.34
C ILE A 18 41.81 6.85 -15.83
N LEU A 19 41.88 5.86 -14.96
CA LEU A 19 43.16 5.52 -14.35
C LEU A 19 44.05 4.80 -15.35
N THR A 20 45.25 5.33 -15.56
CA THR A 20 46.20 4.76 -16.49
C THR A 20 47.11 3.77 -15.78
N ALA A 21 47.33 2.62 -16.43
CA ALA A 21 48.13 1.56 -15.86
C ALA A 21 49.49 2.05 -15.37
N LYS A 22 50.06 3.05 -16.04
CA LYS A 22 51.31 3.65 -15.59
C LYS A 22 51.23 4.05 -14.12
N GLU A 23 50.46 5.09 -13.81
CA GLU A 23 50.31 5.53 -12.44
C GLU A 23 49.84 4.37 -11.57
N ILE A 24 48.91 3.58 -12.11
CA ILE A 24 48.45 2.38 -11.42
C ILE A 24 49.63 1.57 -10.93
N ARG A 25 50.63 1.38 -11.78
CA ARG A 25 51.85 0.72 -11.34
C ARG A 25 52.57 1.55 -10.30
N ASN A 26 52.66 2.87 -10.52
CA ASN A 26 53.26 3.74 -9.52
C ASN A 26 52.50 3.67 -8.20
N LEU A 27 51.18 3.72 -8.25
CA LEU A 27 50.39 3.76 -7.03
C LEU A 27 49.99 2.38 -6.54
N SER A 28 50.46 1.32 -7.19
CA SER A 28 50.15 -0.01 -6.69
C SER A 28 51.02 -0.32 -5.48
N ALA A 29 50.44 -1.01 -4.51
CA ALA A 29 51.20 -1.51 -3.39
C ALA A 29 51.70 -2.93 -3.58
N LYS A 30 51.22 -3.63 -4.61
CA LYS A 30 51.54 -5.03 -4.84
C LYS A 30 50.84 -5.54 -6.09
N GLN A 31 51.31 -6.64 -6.65
CA GLN A 31 50.56 -7.38 -7.65
C GLN A 31 50.11 -8.70 -7.06
N ILE A 32 48.93 -9.16 -7.46
CA ILE A 32 48.42 -10.45 -7.06
C ILE A 32 48.46 -11.39 -8.26
N THR A 33 49.43 -12.30 -8.26
CA THR A 33 49.61 -13.21 -9.36
C THR A 33 49.07 -14.62 -9.14
N ASN A 34 48.59 -14.97 -7.96
CA ASN A 34 48.32 -16.36 -7.65
C ASN A 34 46.83 -16.57 -7.51
N PRO A 35 46.22 -17.45 -8.30
CA PRO A 35 44.80 -17.76 -8.08
C PRO A 35 44.52 -18.37 -6.73
N THR A 36 45.53 -18.85 -6.02
CA THR A 36 45.31 -19.54 -4.75
C THR A 36 44.88 -18.55 -3.67
N VAL A 37 44.01 -19.01 -2.78
CA VAL A 37 43.37 -18.16 -1.79
C VAL A 37 44.15 -18.10 -0.48
N LEU A 38 44.10 -19.16 0.31
CA LEU A 38 44.73 -19.19 1.61
C LEU A 38 45.40 -20.53 1.83
N ASP A 39 46.44 -20.51 2.65
CA ASP A 39 47.10 -21.73 3.06
C ASP A 39 46.21 -22.48 4.05
N ASN A 40 46.67 -23.64 4.50
CA ASN A 40 45.91 -24.39 5.50
C ASN A 40 45.99 -23.74 6.86
N LEU A 41 46.93 -22.83 7.07
CA LEU A 41 46.99 -22.01 8.27
C LEU A 41 46.12 -20.77 8.17
N GLY A 42 45.43 -20.59 7.04
CA GLY A 42 44.62 -19.42 6.84
C GLY A 42 45.39 -18.18 6.46
N HIS A 43 46.74 -18.21 6.57
CA HIS A 43 47.51 -17.05 6.18
C HIS A 43 47.35 -16.79 4.69
N PRO A 44 47.55 -15.54 4.27
CA PRO A 44 47.41 -15.21 2.86
C PRO A 44 48.42 -15.97 2.01
N VAL A 45 47.92 -16.61 0.95
CA VAL A 45 48.81 -17.15 -0.06
C VAL A 45 49.55 -16.00 -0.73
N SER A 46 50.87 -16.10 -0.78
CA SER A 46 51.65 -15.07 -1.43
C SER A 46 51.21 -14.92 -2.88
N GLY A 47 51.21 -13.68 -3.37
CA GLY A 47 50.62 -13.40 -4.66
C GLY A 47 49.13 -13.69 -4.72
N GLY A 48 48.48 -13.92 -3.58
CA GLY A 48 47.06 -14.12 -3.52
C GLY A 48 46.32 -12.91 -2.97
N LEU A 49 45.00 -12.97 -3.05
CA LEU A 49 44.15 -11.79 -2.83
C LEU A 49 44.26 -11.22 -1.43
N TYR A 50 44.48 -12.05 -0.42
CA TYR A 50 44.34 -11.65 0.98
C TYR A 50 45.64 -11.16 1.62
N ASP A 51 46.68 -10.96 0.82
CA ASP A 51 47.99 -10.55 1.34
C ASP A 51 47.86 -9.36 2.27
N LEU A 52 48.64 -9.40 3.36
CA LEU A 52 48.62 -8.35 4.35
C LEU A 52 49.07 -7.00 3.81
N ALA A 53 49.64 -6.94 2.62
CA ALA A 53 49.96 -5.66 2.02
C ALA A 53 48.72 -4.81 1.80
N LEU A 54 47.67 -5.38 1.25
CA LEU A 54 46.43 -4.65 1.02
C LEU A 54 45.80 -4.15 2.31
N GLY A 55 46.19 -4.72 3.44
CA GLY A 55 45.64 -4.36 4.73
C GLY A 55 45.83 -5.51 5.69
N ALA A 56 45.53 -5.26 6.96
CA ALA A 56 45.58 -6.32 7.94
C ALA A 56 44.48 -7.34 7.66
N PHE A 57 44.75 -8.60 8.00
CA PHE A 57 43.77 -9.64 7.80
C PHE A 57 43.68 -10.47 9.07
N LEU A 58 42.47 -10.51 9.64
CA LEU A 58 42.25 -11.15 10.94
C LEU A 58 43.22 -10.57 11.97
N ARG A 59 43.75 -11.43 12.82
CA ARG A 59 44.67 -10.98 13.85
C ARG A 59 46.02 -10.56 13.29
N ASN A 60 46.27 -10.84 12.01
CA ASN A 60 47.49 -10.39 11.37
C ASN A 60 47.47 -8.88 11.20
N LEU A 61 48.65 -8.31 11.00
CA LEU A 61 48.76 -6.88 10.80
C LEU A 61 49.14 -6.59 9.36
N CYS A 62 48.70 -5.43 8.87
CA CYS A 62 48.96 -5.04 7.50
C CYS A 62 50.45 -5.06 7.20
N SER A 63 50.80 -5.56 6.02
CA SER A 63 52.17 -5.43 5.57
C SER A 63 52.50 -3.99 5.17
N THR A 64 51.63 -3.34 4.40
CA THR A 64 51.84 -1.97 3.95
C THR A 64 51.99 -0.98 5.09
N CYS A 65 50.94 -0.73 5.86
CA CYS A 65 50.99 0.27 6.91
C CYS A 65 51.39 -0.29 8.27
N GLY A 66 51.49 -1.60 8.43
CA GLY A 66 51.83 -2.18 9.71
C GLY A 66 50.74 -2.07 10.76
N LEU A 67 49.67 -1.36 10.46
CA LEU A 67 48.62 -1.05 11.41
C LEU A 67 47.87 -2.32 11.84
N ASP A 68 47.13 -2.17 12.93
CA ASP A 68 46.21 -3.22 13.34
C ASP A 68 45.05 -3.28 12.35
N GLU A 69 44.14 -4.21 12.57
CA GLU A 69 43.02 -4.35 11.66
C GLU A 69 42.06 -3.19 11.90
N LYS A 70 42.11 -2.62 13.09
CA LYS A 70 41.31 -1.46 13.47
C LYS A 70 41.64 -0.21 12.67
N PHE A 71 42.88 0.25 12.74
CA PHE A 71 43.28 1.53 12.17
C PHE A 71 43.71 1.44 10.71
N CYS A 72 43.88 0.24 10.18
CA CYS A 72 44.30 0.09 8.80
C CYS A 72 43.17 0.52 7.88
N PRO A 73 43.35 1.58 7.09
CA PRO A 73 42.35 1.93 6.08
C PRO A 73 42.27 0.93 4.96
N GLY A 74 43.28 0.09 4.78
CA GLY A 74 43.35 -0.79 3.65
C GLY A 74 44.22 -0.23 2.54
N HIS A 75 44.56 -1.09 1.59
CA HIS A 75 45.45 -0.75 0.51
C HIS A 75 45.07 -1.60 -0.69
N GLN A 76 45.40 -1.13 -1.89
CA GLN A 76 45.05 -1.93 -3.06
C GLN A 76 46.14 -1.89 -4.13
N GLY A 77 46.45 -3.07 -4.66
CA GLY A 77 47.44 -3.26 -5.69
C GLY A 77 46.86 -3.45 -7.08
N HIS A 78 47.52 -4.26 -7.91
CA HIS A 78 47.14 -4.41 -9.29
C HIS A 78 47.27 -5.86 -9.72
N ILE A 79 46.69 -6.16 -10.88
CA ILE A 79 46.94 -7.40 -11.59
C ILE A 79 47.30 -7.06 -13.03
N GLU A 80 48.54 -7.35 -13.41
CA GLU A 80 49.03 -7.07 -14.77
C GLU A 80 48.32 -8.00 -15.74
N LEU A 81 48.05 -7.49 -16.93
CA LEU A 81 47.31 -8.26 -17.93
C LEU A 81 48.24 -8.66 -19.07
N PRO A 82 48.37 -9.94 -19.39
CA PRO A 82 49.19 -10.34 -20.54
C PRO A 82 48.62 -9.89 -21.86
N VAL A 83 47.31 -9.72 -21.94
CA VAL A 83 46.66 -9.27 -23.17
C VAL A 83 45.89 -8.00 -22.85
N PRO A 84 45.91 -7.01 -23.73
CA PRO A 84 45.04 -5.84 -23.53
C PRO A 84 43.59 -6.24 -23.62
N CYS A 85 42.80 -5.79 -22.65
CA CYS A 85 41.40 -6.13 -22.59
C CYS A 85 40.56 -4.90 -22.92
N TYR A 86 39.64 -5.08 -23.86
CA TYR A 86 38.65 -4.04 -24.14
C TYR A 86 37.94 -3.70 -22.85
N ASN A 87 37.89 -2.42 -22.51
CA ASN A 87 37.12 -2.03 -21.36
C ASN A 87 35.65 -2.10 -21.75
N PRO A 88 34.88 -3.04 -21.19
CA PRO A 88 33.58 -3.37 -21.78
C PRO A 88 32.62 -2.21 -21.83
N LEU A 89 32.69 -1.29 -20.87
CA LEU A 89 31.85 -0.11 -20.92
C LEU A 89 32.19 0.76 -22.12
N PHE A 90 33.47 1.08 -22.28
CA PHE A 90 33.93 1.93 -23.38
C PHE A 90 33.78 1.25 -24.72
N PHE A 91 33.57 -0.07 -24.70
CA PHE A 91 33.64 -0.88 -25.90
C PHE A 91 32.78 -0.35 -27.03
N ASN A 92 31.68 0.30 -26.69
CA ASN A 92 30.83 0.88 -27.71
C ASN A 92 31.42 2.14 -28.32
N GLN A 93 31.59 3.20 -27.54
CA GLN A 93 32.29 4.39 -28.02
C GLN A 93 33.57 4.03 -28.73
N LEU A 94 34.33 3.11 -28.12
CA LEU A 94 35.56 2.64 -28.75
C LEU A 94 35.29 2.02 -30.11
N TYR A 95 34.34 1.08 -30.18
CA TYR A 95 34.00 0.44 -31.44
C TYR A 95 33.52 1.44 -32.48
N ILE A 96 32.90 2.53 -32.02
CA ILE A 96 32.32 3.49 -32.94
C ILE A 96 33.39 4.11 -33.82
N TYR A 97 34.43 4.64 -33.21
CA TYR A 97 35.46 5.35 -33.97
C TYR A 97 36.21 4.40 -34.89
N LEU A 98 36.20 3.11 -34.58
CA LEU A 98 36.89 2.14 -35.41
C LEU A 98 36.42 2.20 -36.85
N ARG A 99 35.10 2.20 -37.06
CA ARG A 99 34.58 2.19 -38.42
C ARG A 99 34.80 3.52 -39.11
N ALA A 100 34.90 4.60 -38.34
CA ALA A 100 34.89 5.93 -38.93
C ALA A 100 36.18 6.25 -39.67
N SER A 101 37.34 5.99 -39.08
CA SER A 101 38.60 6.39 -39.69
C SER A 101 38.88 5.56 -40.94
N CYS A 102 39.78 6.09 -41.78
CA CYS A 102 40.35 5.35 -42.89
C CYS A 102 41.68 4.76 -42.44
N LEU A 103 41.81 3.45 -42.58
CA LEU A 103 43.01 2.74 -42.13
C LEU A 103 44.27 3.18 -42.85
N PHE A 104 44.13 3.89 -43.97
CA PHE A 104 45.26 4.23 -44.82
C PHE A 104 45.85 5.58 -44.46
N CYS A 105 45.16 6.66 -44.79
CA CYS A 105 45.58 7.99 -44.40
C CYS A 105 45.56 8.20 -42.89
N HIS A 106 44.93 7.30 -42.15
CA HIS A 106 44.75 7.37 -40.71
C HIS A 106 44.02 8.63 -40.28
N HIS A 107 43.27 9.24 -41.19
CA HIS A 107 42.30 10.25 -40.83
C HIS A 107 40.92 9.58 -40.77
N PHE A 108 39.90 10.35 -40.45
CA PHE A 108 38.55 9.83 -40.60
C PHE A 108 38.13 9.93 -42.06
N ARG A 109 37.27 9.00 -42.46
CA ARG A 109 36.95 8.84 -43.87
C ARG A 109 36.19 10.02 -44.46
N LEU A 110 35.64 10.91 -43.63
CA LEU A 110 35.12 12.16 -44.14
C LEU A 110 36.26 13.14 -44.38
N LYS A 111 36.04 14.08 -45.30
CA LYS A 111 36.99 15.14 -45.56
C LYS A 111 37.31 15.88 -44.27
N SER A 112 38.57 16.28 -44.11
CA SER A 112 38.95 17.05 -42.94
C SER A 112 38.41 18.47 -43.04
N VAL A 113 37.81 18.81 -44.17
CA VAL A 113 37.18 20.12 -44.31
C VAL A 113 36.05 20.27 -43.30
N GLU A 114 35.10 19.32 -43.31
CA GLU A 114 34.03 19.33 -42.33
C GLU A 114 34.57 19.12 -40.93
N VAL A 115 35.64 18.33 -40.81
CA VAL A 115 36.21 18.06 -39.48
C VAL A 115 36.65 19.34 -38.81
N HIS A 116 37.10 20.32 -39.61
CA HIS A 116 37.61 21.55 -39.02
C HIS A 116 36.50 22.43 -38.48
N ARG A 117 35.34 22.46 -39.12
CA ARG A 117 34.32 23.43 -38.73
C ARG A 117 33.66 23.06 -37.41
N TYR A 118 33.38 21.77 -37.18
CA TYR A 118 32.77 21.39 -35.92
C TYR A 118 33.62 21.81 -34.74
N ALA A 119 34.90 21.42 -34.74
CA ALA A 119 35.79 21.76 -33.64
C ALA A 119 35.78 23.25 -33.37
N CYS A 120 35.70 24.07 -34.42
CA CYS A 120 35.51 25.50 -34.22
C CYS A 120 34.26 25.78 -33.42
N LYS A 121 33.12 25.27 -33.90
CA LYS A 121 31.87 25.44 -33.18
C LYS A 121 31.97 24.80 -31.80
N LEU A 122 32.65 23.65 -31.71
CA LEU A 122 32.95 23.07 -30.42
C LEU A 122 33.74 24.05 -29.56
N ARG A 123 34.81 24.61 -30.11
CA ARG A 123 35.61 25.57 -29.37
C ARG A 123 34.76 26.73 -28.87
N LEU A 124 33.83 27.19 -29.71
CA LEU A 124 32.91 28.23 -29.27
C LEU A 124 32.15 27.83 -28.03
N LEU A 125 31.65 26.60 -28.00
CA LEU A 125 30.72 26.22 -26.95
C LEU A 125 31.40 25.82 -25.66
N GLN A 126 32.69 25.46 -25.67
CA GLN A 126 33.39 25.37 -24.40
C GLN A 126 33.34 26.69 -23.65
N TYR A 127 33.43 27.80 -24.36
CA TYR A 127 33.16 29.11 -23.78
C TYR A 127 31.72 29.53 -23.99
N GLY A 128 30.89 28.64 -24.52
CA GLY A 128 29.47 28.86 -24.54
C GLY A 128 28.99 30.00 -25.40
N LEU A 129 29.29 29.99 -26.69
CA LEU A 129 28.68 30.99 -27.54
C LEU A 129 27.72 30.31 -28.51
N ILE A 130 26.42 30.41 -28.24
CA ILE A 130 25.47 29.58 -28.95
C ILE A 130 25.14 30.17 -30.32
N ASP A 131 24.75 31.44 -30.36
CA ASP A 131 24.32 32.00 -31.63
C ASP A 131 25.52 32.27 -32.52
N GLU A 132 26.67 32.50 -31.91
CA GLU A 132 27.91 32.62 -32.65
C GLU A 132 28.16 31.34 -33.46
N SER A 133 27.83 30.19 -32.87
CA SER A 133 27.91 28.93 -33.60
C SER A 133 27.02 28.95 -34.83
N TYR A 134 25.99 29.78 -34.85
CA TYR A 134 25.24 29.99 -36.07
C TYR A 134 25.95 30.95 -37.01
N LYS A 135 26.69 31.92 -36.45
CA LYS A 135 27.41 32.87 -37.30
C LYS A 135 28.51 32.20 -38.09
N LEU A 136 28.98 31.04 -37.63
CA LEU A 136 30.16 30.42 -38.23
C LEU A 136 29.86 29.85 -39.61
N ASP A 137 28.85 28.99 -39.72
CA ASP A 137 28.56 28.31 -40.98
C ASP A 137 28.15 29.29 -42.08
N GLU A 138 27.97 30.56 -41.74
CA GLU A 138 27.52 31.61 -42.64
C GLU A 138 28.57 32.04 -43.65
N ILE A 139 29.81 31.61 -43.50
CA ILE A 139 30.91 32.10 -44.31
C ILE A 139 31.21 31.05 -45.39
N THR A 140 31.04 31.45 -46.65
CA THR A 140 31.44 30.62 -47.78
C THR A 140 31.81 31.54 -48.93
N LEU A 141 32.84 31.15 -49.67
CA LEU A 141 33.36 32.01 -50.73
C LEU A 141 32.86 31.54 -52.09
N SER A 174 38.46 22.59 -54.96
CA SER A 174 39.91 22.68 -55.08
C SER A 174 40.57 22.81 -53.72
N SER A 175 41.66 22.08 -53.53
CA SER A 175 42.38 22.06 -52.26
C SER A 175 42.88 23.43 -51.84
N THR A 176 43.29 24.27 -52.78
CA THR A 176 43.73 25.63 -52.48
C THR A 176 42.66 26.44 -51.77
N LEU A 177 41.45 26.45 -52.32
CA LEU A 177 40.35 27.18 -51.70
C LEU A 177 40.04 26.61 -50.32
N LEU A 178 40.27 25.31 -50.14
CA LEU A 178 39.98 24.68 -48.86
C LEU A 178 40.89 25.24 -47.76
N ASN A 179 42.04 25.77 -48.14
CA ASN A 179 42.96 26.31 -47.16
C ASN A 179 42.52 27.68 -46.66
N GLU A 180 42.15 28.59 -47.56
CA GLU A 180 41.83 29.96 -47.18
C GLU A 180 40.59 30.02 -46.30
N LEU A 181 39.54 29.29 -46.67
CA LEU A 181 38.30 29.35 -45.93
C LEU A 181 38.48 28.81 -44.51
N LYS A 182 39.04 27.61 -44.39
CA LYS A 182 39.22 27.01 -43.08
C LYS A 182 40.23 27.78 -42.24
N SER A 183 41.14 28.50 -42.91
CA SER A 183 41.97 29.46 -42.19
C SER A 183 41.17 30.68 -41.78
N LYS A 184 40.33 31.18 -42.69
CA LYS A 184 39.44 32.28 -42.36
C LYS A 184 38.46 31.89 -41.26
N ARG A 185 38.22 30.60 -41.08
CA ARG A 185 37.46 30.14 -39.92
C ARG A 185 38.15 30.53 -38.62
N SER A 186 39.41 30.13 -38.45
CA SER A 186 40.08 30.28 -37.16
C SER A 186 40.13 31.73 -36.72
N GLU A 187 40.47 32.64 -37.63
CA GLU A 187 40.56 34.05 -37.26
C GLU A 187 39.26 34.59 -36.71
N TYR A 188 38.13 34.29 -37.36
CA TYR A 188 36.84 34.75 -36.89
C TYR A 188 36.53 34.16 -35.52
N VAL A 189 36.91 32.89 -35.32
CA VAL A 189 36.66 32.23 -34.04
C VAL A 189 37.37 32.94 -32.91
N ASP A 190 38.70 33.06 -33.01
CA ASP A 190 39.47 33.67 -31.94
C ASP A 190 39.09 35.12 -31.75
N MET A 191 38.80 35.82 -32.87
CA MET A 191 38.35 37.19 -32.78
C MET A 191 37.12 37.31 -31.91
N ALA A 192 36.09 36.52 -32.20
CA ALA A 192 34.89 36.53 -31.38
C ALA A 192 35.19 36.09 -29.95
N ILE A 193 36.06 35.10 -29.80
CA ILE A 193 36.39 34.63 -28.45
C ILE A 193 37.14 35.71 -27.69
N ALA A 194 38.20 36.25 -28.28
CA ALA A 194 38.90 37.37 -27.65
C ALA A 194 37.93 38.50 -27.37
N LYS A 195 36.99 38.74 -28.29
CA LYS A 195 35.93 39.69 -28.03
C LYS A 195 35.10 39.27 -26.83
N ALA A 196 34.79 37.97 -26.71
CA ALA A 196 34.02 37.50 -25.58
C ALA A 196 34.82 37.52 -24.29
N LEU A 197 36.14 37.33 -24.39
CA LEU A 197 36.97 37.37 -23.20
C LEU A 197 37.24 38.81 -22.77
N SER A 198 36.98 39.76 -23.67
CA SER A 198 37.10 41.16 -23.30
C SER A 198 36.19 41.50 -22.14
N ASP A 199 34.91 41.18 -22.27
CA ASP A 199 33.95 41.36 -21.18
C ASP A 199 33.85 40.05 -20.40
N GLY A 200 32.96 40.03 -19.40
CA GLY A 200 32.88 38.88 -18.52
C GLY A 200 31.76 37.91 -18.87
N ARG A 201 31.28 37.96 -20.11
CA ARG A 201 30.27 36.98 -20.53
C ARG A 201 30.77 35.56 -20.33
N THR A 202 32.05 35.32 -20.55
CA THR A 202 32.63 34.00 -20.34
C THR A 202 34.07 34.20 -19.90
N THR A 203 34.53 33.32 -19.01
CA THR A 203 35.88 33.37 -18.49
C THR A 203 36.65 32.17 -18.97
N GLU A 204 37.92 32.10 -18.54
CA GLU A 204 38.81 31.01 -18.95
C GLU A 204 38.26 29.64 -18.61
N ARG A 205 37.32 29.55 -17.67
CA ARG A 205 36.67 28.30 -17.37
C ARG A 205 35.57 27.98 -18.36
N GLY A 206 35.35 28.85 -19.34
CA GLY A 206 34.22 28.70 -20.21
C GLY A 206 32.94 28.98 -19.47
N SER A 207 31.83 28.64 -20.12
CA SER A 207 30.52 28.77 -19.51
C SER A 207 29.67 27.58 -19.96
N PHE A 208 29.04 26.90 -19.02
CA PHE A 208 28.29 25.68 -19.33
C PHE A 208 26.98 25.66 -18.56
N THR A 209 25.88 25.46 -19.28
CA THR A 209 24.53 25.34 -18.75
C THR A 209 23.73 24.37 -19.62
N ALA A 210 22.43 24.35 -19.39
CA ALA A 210 21.58 23.39 -20.10
C ALA A 210 21.44 23.75 -21.58
N THR A 211 20.98 24.96 -21.89
CA THR A 211 20.90 25.35 -23.30
C THR A 211 22.28 25.25 -23.93
N VAL A 212 23.31 25.57 -23.17
CA VAL A 212 24.68 25.24 -23.57
C VAL A 212 24.80 23.75 -23.83
N ASN A 213 24.43 22.93 -22.83
CA ASN A 213 24.58 21.49 -22.95
C ASN A 213 23.79 20.92 -24.11
N ASP A 214 22.81 21.67 -24.62
CA ASP A 214 21.91 21.14 -25.64
C ASP A 214 22.67 20.79 -26.92
N GLU A 215 23.29 21.78 -27.55
CA GLU A 215 23.89 21.56 -28.86
C GLU A 215 25.07 20.61 -28.76
N ARG A 216 25.85 20.75 -27.69
CA ARG A 216 26.96 19.85 -27.45
C ARG A 216 26.50 18.40 -27.58
N LYS A 217 25.30 18.12 -27.09
CA LYS A 217 24.69 16.83 -27.38
C LYS A 217 24.31 16.73 -28.85
N LYS A 218 23.68 17.77 -29.38
CA LYS A 218 23.11 17.68 -30.72
C LYS A 218 24.20 17.51 -31.78
N LEU A 219 25.16 18.43 -31.82
CA LEU A 219 26.22 18.34 -32.82
C LEU A 219 26.96 17.02 -32.71
N VAL A 220 27.69 16.84 -31.62
CA VAL A 220 28.58 15.69 -31.47
C VAL A 220 27.86 14.40 -31.80
N HIS A 221 26.59 14.28 -31.41
CA HIS A 221 25.80 13.15 -31.84
C HIS A 221 25.67 13.12 -33.35
N GLU A 222 25.15 14.19 -33.94
CA GLU A 222 25.02 14.24 -35.39
C GLU A 222 26.39 14.27 -36.06
N PHE A 223 27.36 14.86 -35.37
CA PHE A 223 28.74 14.73 -35.81
C PHE A 223 29.14 13.27 -35.93
N HIS A 224 28.77 12.47 -34.93
CA HIS A 224 29.05 11.04 -35.02
C HIS A 224 28.16 10.37 -36.05
N LYS A 225 27.01 10.95 -36.35
CA LYS A 225 26.17 10.41 -37.41
C LYS A 225 26.91 10.41 -38.74
N LYS A 226 27.63 11.50 -39.04
CA LYS A 226 28.34 11.56 -40.30
C LYS A 226 29.52 10.62 -40.34
N LEU A 227 29.95 10.12 -39.18
CA LEU A 227 31.08 9.19 -39.15
C LEU A 227 30.74 7.88 -39.85
N LEU A 228 29.49 7.43 -39.72
CA LEU A 228 29.08 6.19 -40.35
C LEU A 228 28.38 6.39 -41.69
N SER A 229 28.24 7.64 -42.14
CA SER A 229 27.58 7.91 -43.41
C SER A 229 28.54 8.10 -44.57
N ARG A 230 29.84 8.03 -44.35
CA ARG A 230 30.82 8.32 -45.40
C ARG A 230 31.38 7.01 -45.95
N GLY A 231 30.97 6.68 -47.17
CA GLY A 231 31.33 5.44 -47.84
C GLY A 231 32.77 5.48 -48.27
N LYS A 232 33.13 6.45 -49.10
CA LYS A 232 34.49 6.51 -49.63
C LYS A 232 35.28 7.58 -48.90
N CYS A 233 36.57 7.32 -48.68
CA CYS A 233 37.42 8.31 -48.04
C CYS A 233 37.46 9.57 -48.88
N ASP A 234 37.08 10.70 -48.31
CA ASP A 234 37.21 11.95 -49.04
C ASP A 234 38.65 12.40 -49.12
N ASN A 235 39.50 11.93 -48.22
CA ASN A 235 40.94 12.20 -48.29
C ASN A 235 41.63 11.38 -49.36
N CYS A 236 41.79 10.08 -49.13
CA CYS A 236 42.51 9.23 -50.07
C CYS A 236 41.63 8.45 -51.03
N GLY A 237 40.30 8.52 -50.90
CA GLY A 237 39.45 7.70 -51.72
C GLY A 237 39.55 6.22 -51.48
N MET A 238 40.33 5.79 -50.50
CA MET A 238 40.53 4.37 -50.24
C MET A 238 39.33 3.78 -49.52
N PHE A 239 39.40 2.48 -49.28
CA PHE A 239 38.34 1.74 -48.62
C PHE A 239 38.92 0.91 -47.49
N SER A 240 38.59 1.24 -46.32
CA SER A 240 39.07 0.42 -45.23
C SER A 240 38.08 -0.71 -44.95
N PRO A 241 38.58 -1.91 -44.67
CA PRO A 241 37.68 -3.05 -44.46
C PRO A 241 36.80 -2.87 -43.23
N LYS A 242 35.57 -3.36 -43.36
CA LYS A 242 34.57 -3.24 -42.30
C LYS A 242 34.93 -4.10 -41.11
N PHE A 243 34.31 -3.78 -39.98
CA PHE A 243 34.50 -4.53 -38.75
C PHE A 243 33.14 -4.94 -38.20
N ARG A 244 33.11 -6.10 -37.55
CA ARG A 244 31.89 -6.64 -36.96
C ARG A 244 32.18 -7.08 -35.53
N LYS A 245 31.57 -6.38 -34.59
CA LYS A 245 31.81 -6.65 -33.17
C LYS A 245 30.80 -7.69 -32.69
N ASP A 246 30.93 -8.05 -31.42
CA ASP A 246 29.96 -8.86 -30.71
C ASP A 246 29.53 -8.12 -29.45
N GLY A 247 28.57 -8.71 -28.73
CA GLY A 247 28.27 -8.25 -27.39
C GLY A 247 29.28 -8.72 -26.38
N PHE A 248 30.02 -9.78 -26.70
CA PHE A 248 31.05 -10.35 -25.86
C PHE A 248 32.39 -9.68 -26.14
N THR A 249 32.34 -8.61 -26.94
CA THR A 249 33.50 -7.85 -27.37
C THR A 249 34.47 -8.73 -28.15
N LYS A 250 33.99 -9.14 -29.32
CA LYS A 250 34.81 -9.76 -30.35
C LYS A 250 34.52 -9.09 -31.68
N ILE A 251 35.50 -8.39 -32.23
CA ILE A 251 35.33 -7.60 -33.44
C ILE A 251 35.94 -8.36 -34.60
N PHE A 252 35.08 -8.87 -35.47
CA PHE A 252 35.50 -9.56 -36.69
C PHE A 252 35.58 -8.58 -37.83
N GLU A 253 36.65 -8.70 -38.62
CA GLU A 253 36.96 -7.74 -39.67
C GLU A 253 36.53 -8.33 -41.00
N THR A 254 35.48 -7.76 -41.59
CA THR A 254 34.92 -8.26 -42.84
C THR A 254 35.82 -7.85 -43.99
N ALA A 255 36.04 -8.77 -44.93
CA ALA A 255 37.00 -8.55 -46.01
C ALA A 255 36.49 -7.53 -47.01
N LEU A 256 37.41 -6.92 -47.73
CA LEU A 256 37.07 -5.95 -48.76
C LEU A 256 36.38 -6.63 -49.94
N ASN A 257 35.39 -5.96 -50.50
CA ASN A 257 34.75 -6.45 -51.71
C ASN A 257 35.61 -6.12 -52.92
N GLU A 258 35.44 -6.91 -53.99
CA GLU A 258 36.31 -6.81 -55.16
C GLU A 258 36.31 -5.41 -55.75
N LYS A 259 35.13 -4.81 -55.88
CA LYS A 259 35.06 -3.45 -56.42
C LYS A 259 35.85 -2.47 -55.57
N GLN A 260 35.97 -2.73 -54.27
CA GLN A 260 36.87 -1.95 -53.44
C GLN A 260 38.33 -2.22 -53.79
N ILE A 261 38.76 -3.48 -53.81
CA ILE A 261 40.09 -3.81 -54.30
C ILE A 261 40.30 -3.23 -55.69
N THR A 262 39.26 -3.31 -56.53
CA THR A 262 39.33 -2.69 -57.86
C THR A 262 39.71 -1.22 -57.76
N ASN A 263 38.96 -0.46 -56.97
CA ASN A 263 39.21 0.98 -56.89
C ASN A 263 40.40 1.29 -55.99
N ASN A 264 40.65 0.44 -54.99
CA ASN A 264 41.79 0.66 -54.11
C ASN A 264 43.10 0.68 -54.89
N ARG A 265 43.36 -0.36 -55.68
CA ARG A 265 44.57 -0.42 -56.48
C ARG A 265 44.63 0.69 -57.52
N VAL A 266 43.50 1.03 -58.16
CA VAL A 266 43.50 2.15 -59.11
C VAL A 266 43.91 3.42 -58.40
N LYS A 267 43.49 3.57 -57.15
CA LYS A 267 44.02 4.62 -56.29
C LYS A 267 45.29 4.18 -55.56
N GLY A 268 45.65 2.90 -55.62
CA GLY A 268 46.88 2.45 -54.99
C GLY A 268 48.11 3.17 -55.51
N PHE A 269 48.11 3.52 -56.79
CA PHE A 269 49.19 4.35 -57.33
C PHE A 269 49.06 5.79 -56.87
N ILE A 270 47.84 6.24 -56.55
CA ILE A 270 47.61 7.65 -56.28
C ILE A 270 48.27 8.07 -54.97
N ARG A 271 48.46 7.14 -54.05
CA ARG A 271 49.16 7.47 -52.81
C ARG A 271 50.59 6.98 -52.96
N GLN A 272 51.50 7.92 -53.24
CA GLN A 272 52.94 7.65 -53.32
C GLN A 272 53.73 8.87 -52.89
N ASP A 273 54.72 8.67 -52.02
CA ASP A 273 55.67 9.71 -51.61
C ASP A 273 56.62 9.16 -50.55
N SER A 312 35.86 -11.30 -42.35
CA SER A 312 35.14 -11.71 -41.15
C SER A 312 36.09 -12.41 -40.19
N THR A 313 37.03 -11.65 -39.64
CA THR A 313 38.08 -12.23 -38.81
C THR A 313 38.36 -11.32 -37.64
N TYR A 314 38.55 -11.91 -36.46
CA TYR A 314 38.85 -11.13 -35.27
C TYR A 314 40.11 -10.31 -35.43
N ILE A 315 39.98 -9.00 -35.20
CA ILE A 315 41.12 -8.09 -35.14
C ILE A 315 41.57 -8.06 -33.68
N LEU A 316 42.87 -8.21 -33.46
CA LEU A 316 43.35 -8.36 -32.11
C LEU A 316 43.20 -7.06 -31.35
N SER A 317 43.05 -7.17 -30.03
CA SER A 317 43.03 -5.98 -29.18
C SER A 317 44.26 -5.13 -29.41
N THR A 318 45.45 -5.74 -29.37
CA THR A 318 46.68 -5.01 -29.69
C THR A 318 46.60 -4.38 -31.07
N GLU A 319 46.07 -5.12 -32.04
CA GLU A 319 45.96 -4.61 -33.40
C GLU A 319 45.17 -3.31 -33.44
N VAL A 320 43.95 -3.34 -32.92
CA VAL A 320 43.11 -2.15 -32.98
C VAL A 320 43.80 -0.97 -32.33
N LYS A 321 44.53 -1.23 -31.24
CA LYS A 321 45.17 -0.16 -30.51
C LYS A 321 46.11 0.64 -31.38
N ASN A 322 47.08 -0.03 -31.99
CA ASN A 322 48.11 0.68 -32.73
C ASN A 322 47.52 1.44 -33.91
N ILE A 323 46.33 1.03 -34.36
CA ILE A 323 45.69 1.71 -35.47
C ILE A 323 45.38 3.15 -35.11
N LEU A 324 44.60 3.35 -34.06
CA LEU A 324 44.15 4.70 -33.74
C LEU A 324 45.24 5.50 -33.06
N ASP A 325 46.25 4.82 -32.52
CA ASP A 325 47.41 5.52 -31.98
C ASP A 325 47.93 6.54 -32.99
N THR A 326 48.13 6.09 -34.22
CA THR A 326 48.39 7.02 -35.32
C THR A 326 47.22 7.99 -35.47
N VAL A 327 46.02 7.45 -35.62
CA VAL A 327 44.85 8.28 -35.88
C VAL A 327 44.67 9.31 -34.78
N PHE A 328 44.94 8.92 -33.53
CA PHE A 328 44.93 9.93 -32.47
C PHE A 328 46.01 10.98 -32.69
N ARG A 329 47.23 10.56 -32.99
CA ARG A 329 48.24 11.53 -33.40
C ARG A 329 47.76 12.31 -34.61
N LYS A 330 47.03 11.64 -35.51
CA LYS A 330 46.42 12.33 -36.63
C LYS A 330 45.34 13.30 -36.17
N GLU A 331 44.34 12.78 -35.44
CA GLU A 331 43.08 13.47 -35.23
C GLU A 331 43.01 14.24 -33.92
N GLN A 332 44.13 14.34 -33.19
CA GLN A 332 44.12 14.95 -31.85
C GLN A 332 43.40 16.29 -31.83
N CYS A 333 43.59 17.12 -32.86
CA CYS A 333 43.11 18.50 -32.82
C CYS A 333 41.59 18.55 -32.68
N VAL A 334 40.88 17.69 -33.41
CA VAL A 334 39.41 17.75 -33.36
C VAL A 334 38.88 17.09 -32.09
N LEU A 335 39.38 15.91 -31.75
CA LEU A 335 38.83 15.21 -30.59
C LEU A 335 39.24 15.88 -29.30
N GLN A 336 40.16 16.82 -29.36
CA GLN A 336 40.51 17.61 -28.18
C GLN A 336 39.27 18.26 -27.57
N TYR A 337 38.42 18.83 -28.40
CA TYR A 337 37.18 19.43 -27.92
C TYR A 337 36.11 18.41 -27.62
N VAL A 338 36.10 17.28 -28.32
CA VAL A 338 34.98 16.35 -28.21
C VAL A 338 34.86 15.81 -26.79
N PHE A 339 35.96 15.37 -26.20
CA PHE A 339 35.93 14.67 -24.93
C PHE A 339 36.20 15.58 -23.73
N HIS A 340 36.33 16.87 -23.94
CA HIS A 340 36.54 17.81 -22.84
C HIS A 340 35.30 18.64 -22.66
N SER A 341 34.60 18.43 -21.54
CA SER A 341 33.36 19.15 -21.26
C SER A 341 33.54 20.65 -21.38
N ARG A 342 34.72 21.14 -21.07
CA ARG A 342 35.00 22.54 -20.86
C ARG A 342 36.32 22.91 -21.51
N PRO A 343 36.63 24.19 -21.63
CA PRO A 343 37.97 24.56 -22.10
C PRO A 343 39.02 23.90 -21.21
N ASN A 344 39.97 23.21 -21.85
CA ASN A 344 40.90 22.37 -21.10
C ASN A 344 42.15 23.17 -20.77
N LEU A 345 42.28 23.50 -19.48
CA LEU A 345 43.45 24.22 -19.02
C LEU A 345 44.63 23.29 -18.80
N SER A 346 44.34 22.04 -18.43
CA SER A 346 45.40 21.06 -18.24
C SER A 346 46.16 20.81 -19.53
N ARG A 347 45.53 21.06 -20.68
CA ARG A 347 46.13 20.90 -21.99
C ARG A 347 46.62 19.48 -22.24
N LYS A 348 45.98 18.49 -21.63
CA LYS A 348 46.37 17.11 -21.83
C LYS A 348 45.98 16.64 -23.23
N LEU A 349 46.61 15.56 -23.67
CA LEU A 349 46.30 15.01 -24.98
C LEU A 349 45.62 13.66 -24.86
N VAL A 350 44.69 13.41 -25.78
CA VAL A 350 43.92 12.17 -25.82
C VAL A 350 44.90 11.03 -26.00
N LYS A 351 44.66 9.92 -25.31
CA LYS A 351 45.47 8.73 -25.40
C LYS A 351 44.59 7.49 -25.48
N ALA A 352 45.02 6.52 -26.27
CA ALA A 352 44.25 5.29 -26.42
C ALA A 352 44.39 4.40 -25.19
N ASP A 353 45.40 4.65 -24.36
CA ASP A 353 45.64 3.80 -23.20
C ASP A 353 44.45 3.81 -22.25
N SER A 354 43.81 4.96 -22.10
CA SER A 354 42.67 5.09 -21.20
C SER A 354 41.51 4.24 -21.69
N PHE A 355 41.53 3.85 -22.95
CA PHE A 355 40.51 2.96 -23.48
C PHE A 355 40.71 1.55 -22.94
N PHE A 356 41.81 0.92 -23.34
CA PHE A 356 42.00 -0.47 -22.99
C PHE A 356 42.35 -0.63 -21.52
N MET A 357 42.47 -1.88 -21.12
CA MET A 357 42.82 -2.23 -19.74
C MET A 357 44.01 -3.18 -19.82
N ASP A 358 45.18 -2.69 -19.41
CA ASP A 358 46.37 -3.53 -19.32
C ASP A 358 46.67 -3.98 -17.90
N VAL A 359 45.90 -3.52 -16.92
CA VAL A 359 46.08 -3.90 -15.53
C VAL A 359 44.71 -4.09 -14.90
N LEU A 360 44.70 -4.73 -13.74
CA LEU A 360 43.49 -4.86 -12.95
C LEU A 360 43.79 -4.58 -11.49
N VAL A 361 43.13 -3.55 -10.95
CA VAL A 361 43.30 -3.19 -9.55
C VAL A 361 42.28 -3.96 -8.72
N VAL A 362 42.73 -4.54 -7.61
CA VAL A 362 41.89 -5.33 -6.74
C VAL A 362 41.61 -4.54 -5.47
N PRO A 363 40.36 -4.37 -5.07
CA PRO A 363 40.05 -3.60 -3.86
C PRO A 363 40.76 -4.17 -2.65
N PRO A 364 40.93 -3.39 -1.59
CA PRO A 364 41.60 -3.91 -0.40
C PRO A 364 40.87 -5.13 0.16
N THR A 365 41.63 -5.94 0.88
CA THR A 365 41.10 -7.18 1.44
C THR A 365 39.86 -6.94 2.27
N ARG A 366 39.83 -5.84 3.01
CA ARG A 366 38.75 -5.61 3.95
C ARG A 366 37.39 -5.63 3.28
N PHE A 367 37.20 -4.87 2.21
CA PHE A 367 35.95 -4.95 1.46
C PHE A 367 35.80 -6.30 0.80
N ARG A 368 36.90 -6.97 0.49
CA ARG A 368 36.87 -8.26 -0.18
C ARG A 368 36.97 -9.39 0.83
N LEU A 369 36.93 -9.05 2.12
CA LEU A 369 36.94 -10.08 3.15
C LEU A 369 35.86 -11.11 2.87
N PRO A 370 36.09 -12.35 3.28
CA PRO A 370 35.03 -13.36 3.16
C PRO A 370 33.84 -12.96 3.99
N SER A 371 32.79 -13.77 3.90
CA SER A 371 31.51 -13.42 4.48
C SER A 371 30.92 -14.68 5.12
N LYS A 372 29.67 -14.57 5.57
CA LYS A 372 29.01 -15.69 6.23
C LYS A 372 27.58 -15.33 6.56
N LEU A 373 26.74 -16.36 6.72
CA LEU A 373 25.37 -16.21 7.19
C LEU A 373 25.29 -16.54 8.68
N GLY A 374 26.42 -16.90 9.26
CA GLY A 374 26.48 -17.51 10.57
C GLY A 374 27.78 -18.26 10.71
N GLU A 375 27.80 -19.31 11.53
CA GLU A 375 28.98 -20.18 11.65
C GLU A 375 29.54 -20.62 10.32
N GLU A 376 28.69 -20.80 9.30
CA GLU A 376 29.17 -21.13 7.97
C GLU A 376 29.71 -19.88 7.28
N VAL A 377 30.99 -19.93 6.95
CA VAL A 377 31.71 -18.78 6.40
C VAL A 377 31.78 -18.94 4.88
N HIS A 378 31.62 -17.84 4.16
CA HIS A 378 31.59 -17.85 2.71
C HIS A 378 32.63 -16.86 2.16
N GLU A 379 33.37 -17.31 1.15
CA GLU A 379 34.30 -16.41 0.48
C GLU A 379 33.54 -15.29 -0.22
N ASN A 380 34.23 -14.17 -0.42
CA ASN A 380 33.61 -13.05 -1.13
C ASN A 380 33.51 -13.39 -2.60
N SER A 381 32.34 -13.14 -3.19
CA SER A 381 32.07 -13.56 -4.56
C SER A 381 33.00 -12.91 -5.56
N GLN A 382 33.25 -11.60 -5.42
CA GLN A 382 34.19 -10.94 -6.31
C GLN A 382 35.56 -11.56 -6.24
N ASN A 383 35.96 -12.05 -5.06
CA ASN A 383 37.24 -12.75 -4.94
C ASN A 383 37.29 -13.98 -5.84
N GLN A 384 36.14 -14.61 -6.06
CA GLN A 384 36.08 -15.69 -7.04
C GLN A 384 36.31 -15.16 -8.45
N LEU A 385 35.61 -14.07 -8.80
CA LEU A 385 35.84 -13.46 -10.11
C LEU A 385 37.29 -13.01 -10.25
N LEU A 386 37.96 -12.73 -9.14
CA LEU A 386 39.38 -12.44 -9.19
C LEU A 386 40.20 -13.66 -9.59
N SER A 387 39.75 -14.85 -9.17
CA SER A 387 40.53 -16.06 -9.44
C SER A 387 40.55 -16.40 -10.92
N LYS A 388 39.39 -16.42 -11.58
CA LYS A 388 39.33 -16.84 -12.98
C LYS A 388 40.23 -15.98 -13.86
N VAL A 389 40.37 -14.70 -13.53
CA VAL A 389 41.28 -13.85 -14.28
C VAL A 389 42.72 -14.30 -14.06
N LEU A 390 43.07 -14.64 -12.82
CA LEU A 390 44.42 -15.11 -12.56
C LEU A 390 44.65 -16.50 -13.15
N THR A 391 43.61 -17.33 -13.19
CA THR A 391 43.75 -18.65 -13.81
C THR A 391 43.91 -18.53 -15.31
N THR A 392 43.05 -17.73 -15.95
CA THR A 392 43.11 -17.58 -17.41
C THR A 392 44.41 -16.91 -17.84
N SER A 393 44.91 -15.96 -17.05
CA SER A 393 46.13 -15.25 -17.43
C SER A 393 47.34 -16.18 -17.44
N LEU A 394 47.60 -16.86 -16.32
CA LEU A 394 48.79 -17.70 -16.22
C LEU A 394 48.80 -18.76 -17.30
N LEU A 395 47.64 -19.35 -17.60
CA LEU A 395 47.59 -20.35 -18.66
C LEU A 395 47.91 -19.74 -20.01
N ILE A 396 47.39 -18.54 -20.28
CA ILE A 396 47.77 -17.82 -21.50
C ILE A 396 49.23 -17.42 -21.44
N ARG A 397 49.67 -16.85 -20.31
CA ARG A 397 51.08 -16.52 -20.12
C ARG A 397 51.97 -17.75 -20.29
N ASP A 398 51.47 -18.93 -19.95
CA ASP A 398 52.19 -20.17 -20.24
C ASP A 398 51.96 -20.64 -21.68
N LEU A 399 50.77 -20.42 -22.24
CA LEU A 399 50.56 -20.72 -23.64
C LEU A 399 51.48 -19.87 -24.52
N ASN A 400 51.73 -18.63 -24.11
CA ASN A 400 52.69 -17.78 -24.79
C ASN A 400 54.10 -18.35 -24.73
N ASP A 401 54.43 -19.10 -23.67
CA ASP A 401 55.74 -19.74 -23.57
C ASP A 401 55.98 -20.76 -24.68
N ASP A 402 54.91 -21.40 -25.17
CA ASP A 402 55.05 -22.30 -26.31
C ASP A 402 55.18 -21.53 -27.62
N LEU A 403 54.58 -20.34 -27.70
CA LEU A 403 54.67 -19.55 -28.93
C LEU A 403 56.11 -19.23 -29.29
N SER A 404 56.84 -18.61 -28.37
CA SER A 404 58.23 -18.25 -28.64
C SER A 404 59.10 -19.48 -28.89
N LYS A 405 58.84 -20.58 -28.19
CA LYS A 405 59.53 -21.83 -28.46
C LYS A 405 59.16 -22.43 -29.82
N LEU A 406 57.96 -22.18 -30.31
CA LEU A 406 57.61 -22.52 -31.68
C LEU A 406 58.39 -21.61 -32.61
N GLN A 407 59.17 -22.21 -33.51
CA GLN A 407 60.09 -21.47 -34.35
C GLN A 407 59.40 -21.05 -35.64
N LYS A 408 59.66 -19.83 -36.09
CA LYS A 408 59.07 -19.35 -37.33
C LYS A 408 59.50 -20.14 -38.55
N ASP A 409 60.61 -20.88 -38.46
CA ASP A 409 60.94 -21.86 -39.50
C ASP A 409 60.39 -23.24 -39.19
N LYS A 410 59.85 -23.46 -37.99
CA LYS A 410 59.03 -24.63 -37.70
C LYS A 410 57.55 -24.39 -37.92
N VAL A 411 57.15 -23.15 -38.22
CA VAL A 411 55.74 -22.82 -38.42
C VAL A 411 55.43 -22.90 -39.90
N SER A 412 54.60 -23.87 -40.29
CA SER A 412 54.13 -23.95 -41.66
C SER A 412 53.04 -22.92 -41.90
N LEU A 413 52.51 -22.85 -43.11
CA LEU A 413 51.42 -21.93 -43.42
C LEU A 413 50.16 -22.24 -42.65
N GLU A 414 49.83 -23.52 -42.46
CA GLU A 414 48.70 -23.89 -41.61
C GLU A 414 49.01 -23.68 -40.14
N ASP A 415 50.29 -23.80 -39.75
CA ASP A 415 50.66 -23.63 -38.35
C ASP A 415 50.41 -22.20 -37.88
N ARG A 416 50.29 -21.25 -38.81
CA ARG A 416 49.85 -19.91 -38.43
C ARG A 416 48.45 -19.92 -37.87
N ARG A 417 47.62 -20.86 -38.33
CA ARG A 417 46.21 -20.89 -37.92
C ARG A 417 46.05 -21.52 -36.55
N VAL A 418 46.84 -22.55 -36.22
CA VAL A 418 46.71 -23.17 -34.91
C VAL A 418 47.18 -22.23 -33.82
N ILE A 419 48.21 -21.42 -34.10
CA ILE A 419 48.59 -20.36 -33.17
C ILE A 419 47.53 -19.27 -33.17
N PHE A 420 47.04 -18.90 -34.36
CA PHE A 420 45.85 -18.05 -34.42
C PHE A 420 44.68 -18.71 -33.72
N SER A 421 44.64 -20.05 -33.73
CA SER A 421 43.64 -20.76 -32.94
C SER A 421 43.96 -20.67 -31.45
N ARG A 422 45.24 -20.47 -31.11
CA ARG A 422 45.58 -20.22 -29.72
C ARG A 422 45.34 -18.77 -29.33
N LEU A 423 45.67 -17.82 -30.22
CA LEU A 423 45.47 -16.41 -29.91
C LEU A 423 44.01 -16.10 -29.68
N MET A 424 43.16 -16.36 -30.68
CA MET A 424 41.74 -16.06 -30.55
C MET A 424 41.13 -16.83 -29.37
N ASN A 425 41.60 -18.06 -29.14
CA ASN A 425 41.16 -18.82 -27.98
C ASN A 425 41.53 -18.09 -26.69
N ALA A 426 42.82 -17.82 -26.50
CA ALA A 426 43.28 -17.18 -25.28
C ALA A 426 42.55 -15.87 -25.03
N PHE A 427 42.29 -15.11 -26.09
CA PHE A 427 41.76 -13.76 -25.92
C PHE A 427 40.32 -13.80 -25.43
N VAL A 428 39.49 -14.66 -26.04
CA VAL A 428 38.07 -14.70 -25.69
C VAL A 428 37.88 -15.00 -24.21
N THR A 429 38.53 -16.06 -23.73
CA THR A 429 38.41 -16.44 -22.32
C THR A 429 38.80 -15.30 -21.39
N ILE A 430 40.00 -14.74 -21.56
CA ILE A 430 40.41 -13.65 -20.68
C ILE A 430 39.57 -12.40 -20.94
N GLN A 431 39.03 -12.27 -22.15
CA GLN A 431 38.13 -11.16 -22.41
C GLN A 431 36.73 -11.44 -21.86
N ASN A 432 36.37 -12.72 -21.72
CA ASN A 432 35.10 -13.04 -21.08
C ASN A 432 35.18 -12.89 -19.58
N ASP A 433 36.35 -13.19 -18.99
CA ASP A 433 36.53 -12.94 -17.56
C ASP A 433 36.38 -11.46 -17.23
N VAL A 434 36.80 -10.59 -18.13
CA VAL A 434 36.59 -9.16 -17.92
C VAL A 434 35.11 -8.87 -17.69
N ASN A 435 34.26 -9.34 -18.61
CA ASN A 435 32.83 -9.16 -18.44
C ASN A 435 32.32 -9.86 -17.19
N ALA A 436 32.59 -11.17 -17.08
CA ALA A 436 32.13 -11.93 -15.92
C ALA A 436 32.55 -11.27 -14.62
N PHE A 437 33.75 -10.70 -14.57
CA PHE A 437 34.14 -9.93 -13.40
C PHE A 437 33.37 -8.64 -13.28
N ILE A 438 33.20 -7.90 -14.38
CA ILE A 438 32.51 -6.61 -14.34
C ILE A 438 31.05 -6.74 -14.72
N ASP A 439 30.74 -6.97 -15.99
CA ASP A 439 29.34 -7.03 -16.41
C ASP A 439 29.03 -8.45 -16.87
N SER A 440 28.23 -9.15 -16.07
CA SER A 440 27.78 -10.48 -16.44
C SER A 440 26.85 -10.45 -17.65
N THR A 441 26.11 -9.35 -17.84
CA THR A 441 25.28 -9.22 -19.03
C THR A 441 26.15 -9.25 -20.28
N LYS A 442 27.33 -8.67 -20.22
CA LYS A 442 28.31 -8.73 -21.29
C LYS A 442 29.09 -10.03 -21.28
N ALA A 443 28.80 -10.92 -20.33
CA ALA A 443 29.59 -12.12 -20.12
C ALA A 443 28.85 -13.35 -20.63
N GLN A 444 29.64 -14.32 -21.10
CA GLN A 444 29.10 -15.60 -21.52
C GLN A 444 28.71 -16.40 -20.30
N GLY A 445 27.52 -17.01 -20.33
CA GLY A 445 27.01 -17.77 -19.20
C GLY A 445 27.89 -18.95 -18.83
N ARG A 446 27.67 -19.53 -17.66
CA ARG A 446 28.51 -20.63 -17.18
C ARG A 446 27.69 -21.88 -16.92
N THR A 447 27.91 -22.90 -17.76
CA THR A 447 27.42 -24.26 -17.53
C THR A 447 25.89 -24.28 -17.44
N SER A 448 25.24 -23.27 -18.04
CA SER A 448 23.79 -23.17 -18.06
C SER A 448 23.21 -23.29 -16.66
N GLY A 449 23.52 -22.37 -15.78
CA GLY A 449 23.03 -22.41 -14.42
C GLY A 449 24.03 -21.75 -13.47
N LYS A 450 23.88 -22.11 -12.20
CA LYS A 450 24.77 -21.64 -11.12
C LYS A 450 24.64 -20.14 -10.86
N VAL A 451 23.90 -19.44 -11.72
CA VAL A 451 23.56 -18.03 -11.59
C VAL A 451 24.80 -17.18 -11.86
N PRO A 452 24.66 -15.98 -12.41
CA PRO A 452 25.82 -15.09 -12.52
C PRO A 452 26.24 -14.58 -11.16
N ILE A 453 27.55 -14.61 -10.93
CA ILE A 453 28.13 -14.04 -9.72
C ILE A 453 28.01 -12.52 -9.82
N PRO A 454 27.62 -11.83 -8.75
CA PRO A 454 27.51 -10.37 -8.83
C PRO A 454 28.85 -9.74 -9.15
N GLY A 455 28.83 -8.87 -10.16
CA GLY A 455 29.99 -8.07 -10.48
C GLY A 455 29.86 -6.67 -9.92
N VAL A 456 30.91 -5.87 -10.13
CA VAL A 456 30.91 -4.49 -9.64
C VAL A 456 29.77 -3.72 -10.29
N LYS A 457 29.50 -3.98 -11.57
CA LYS A 457 28.36 -3.35 -12.22
C LYS A 457 27.06 -3.76 -11.57
N GLN A 458 26.92 -5.05 -11.27
CA GLN A 458 25.72 -5.51 -10.58
C GLN A 458 25.67 -5.01 -9.14
N ALA A 459 26.81 -4.56 -8.60
CA ALA A 459 26.83 -4.06 -7.24
C ALA A 459 26.27 -2.65 -7.15
N LEU A 460 26.35 -1.89 -8.25
CA LEU A 460 25.97 -0.48 -8.21
C LEU A 460 24.46 -0.28 -8.16
N GLU A 461 23.71 -0.92 -9.05
CA GLU A 461 22.29 -0.65 -9.21
C GLU A 461 21.43 -1.49 -8.28
N LYS A 462 22.04 -2.20 -7.33
CA LYS A 462 21.36 -3.19 -6.51
C LYS A 462 20.08 -2.64 -5.90
N LYS A 463 18.99 -3.36 -6.13
CA LYS A 463 17.65 -2.98 -5.67
C LYS A 463 17.35 -1.59 -6.21
N GLU A 464 17.13 -0.57 -5.38
CA GLU A 464 16.96 0.77 -5.88
C GLU A 464 18.28 1.36 -6.37
N GLY A 465 19.37 0.64 -6.17
CA GLY A 465 20.68 1.18 -6.46
C GLY A 465 21.38 1.65 -5.21
N LEU A 466 22.70 1.53 -5.21
CA LEU A 466 23.47 1.85 -4.02
C LEU A 466 23.30 3.33 -3.65
N PHE A 467 23.21 4.20 -4.66
CA PHE A 467 22.78 5.57 -4.40
C PHE A 467 21.45 5.57 -3.67
N ARG A 468 20.45 4.91 -4.22
CA ARG A 468 19.15 4.96 -3.57
C ARG A 468 19.12 4.10 -2.31
N LYS A 469 19.57 2.85 -2.39
CA LYS A 469 19.48 1.99 -1.22
C LYS A 469 20.31 2.49 -0.05
N HIS A 470 21.62 2.62 -0.21
CA HIS A 470 22.47 2.97 0.92
C HIS A 470 22.83 4.45 1.00
N MET A 471 22.44 5.27 0.04
CA MET A 471 22.82 6.68 0.13
C MET A 471 21.58 7.56 0.26
N MET A 472 20.72 7.54 -0.75
CA MET A 472 19.46 8.28 -0.67
C MET A 472 18.61 7.85 0.51
N GLY A 473 18.93 6.73 1.12
CA GLY A 473 18.32 6.35 2.38
C GLY A 473 19.31 5.51 3.16
N LYS A 474 19.17 5.53 4.48
CA LYS A 474 20.19 4.94 5.35
C LYS A 474 19.55 4.49 6.65
N ARG A 475 20.12 3.44 7.23
CA ARG A 475 19.92 3.16 8.64
C ARG A 475 20.61 4.23 9.46
N VAL A 476 19.99 4.62 10.57
CA VAL A 476 20.55 5.71 11.37
C VAL A 476 20.65 5.32 12.84
N ASN A 477 21.26 6.19 13.64
CA ASN A 477 21.31 6.01 15.09
C ASN A 477 20.41 6.98 15.83
N TYR A 478 20.39 6.85 17.16
CA TYR A 478 19.59 7.71 18.03
C TYR A 478 18.16 7.82 17.54
N ALA A 479 17.39 6.73 17.71
CA ALA A 479 16.02 6.68 17.24
C ALA A 479 15.37 5.37 17.68
N ALA A 480 14.04 5.32 17.64
CA ALA A 480 13.30 4.18 18.11
C ALA A 480 11.96 4.11 17.39
N ARG A 481 11.34 2.94 17.48
CA ARG A 481 10.05 2.70 16.84
C ARG A 481 9.13 1.98 17.80
N SER A 482 7.95 2.56 18.03
CA SER A 482 7.00 1.93 18.95
C SER A 482 5.59 2.40 18.65
N VAL A 483 4.63 1.68 19.24
CA VAL A 483 3.23 2.05 19.10
C VAL A 483 2.96 3.32 19.92
N ILE A 484 1.89 4.02 19.55
CA ILE A 484 1.51 5.26 20.20
C ILE A 484 0.11 5.11 20.77
N SER A 485 -0.25 6.01 21.66
CA SER A 485 -1.58 5.96 22.25
C SER A 485 -2.08 7.36 22.55
N PRO A 486 -3.38 7.58 22.45
CA PRO A 486 -3.92 8.93 22.60
C PRO A 486 -3.93 9.39 24.04
N ASP A 487 -3.57 10.65 24.23
CA ASP A 487 -3.97 11.31 25.45
C ASP A 487 -4.36 12.74 25.13
N PRO A 488 -5.47 13.25 25.67
CA PRO A 488 -5.72 14.69 25.62
C PRO A 488 -4.86 15.47 26.58
N ASN A 489 -4.28 14.84 27.58
CA ASN A 489 -3.74 15.54 28.72
C ASN A 489 -2.44 16.28 28.45
N ILE A 490 -1.67 15.85 27.46
CA ILE A 490 -0.41 16.52 27.16
C ILE A 490 -0.69 17.77 26.35
N GLU A 491 0.36 18.52 26.07
CA GLU A 491 0.23 19.63 25.14
C GLU A 491 0.39 19.10 23.72
N THR A 492 -0.45 19.61 22.82
CA THR A 492 -0.45 19.15 21.44
C THR A 492 0.91 19.19 20.80
N ASN A 493 1.78 20.11 21.20
CA ASN A 493 3.15 20.16 20.69
C ASN A 493 4.08 19.22 21.45
N GLU A 494 3.57 18.48 22.41
CA GLU A 494 4.40 17.62 23.23
C GLU A 494 4.23 16.17 22.80
N ILE A 495 4.85 15.26 23.55
CA ILE A 495 4.71 13.83 23.33
C ILE A 495 4.94 13.10 24.64
N GLY A 496 4.18 12.02 24.87
CA GLY A 496 4.41 11.17 26.02
C GLY A 496 5.60 10.25 25.89
N VAL A 497 6.44 10.18 26.90
CA VAL A 497 7.69 9.41 26.84
C VAL A 497 7.68 8.33 27.93
N PRO A 498 7.74 7.06 27.56
CA PRO A 498 7.94 6.01 28.56
C PRO A 498 9.35 6.03 29.10
N PRO A 499 9.54 5.69 30.38
CA PRO A 499 10.88 5.79 30.97
C PRO A 499 11.90 4.88 30.33
N VAL A 500 11.46 3.79 29.69
CA VAL A 500 12.39 2.86 29.05
C VAL A 500 13.34 3.61 28.13
N PHE A 501 12.79 4.40 27.21
CA PHE A 501 13.62 5.15 26.30
C PHE A 501 14.49 6.15 27.06
N ALA A 502 13.91 6.78 28.08
CA ALA A 502 14.64 7.78 28.85
C ALA A 502 15.97 7.24 29.33
N VAL A 503 15.99 6.02 29.83
CA VAL A 503 17.24 5.41 30.25
C VAL A 503 18.26 5.35 29.13
N LYS A 504 17.88 4.88 27.95
CA LYS A 504 18.81 4.69 26.85
C LYS A 504 19.28 5.97 26.18
N LEU A 505 18.37 6.81 25.72
CA LEU A 505 18.75 7.93 24.86
C LEU A 505 19.46 8.97 25.69
N THR A 506 20.53 9.52 25.14
CA THR A 506 21.29 10.54 25.84
C THR A 506 21.68 11.68 24.91
N TYR A 507 22.34 12.67 25.48
CA TYR A 507 22.76 13.84 24.75
C TYR A 507 24.17 14.22 25.17
N PRO A 508 24.99 14.67 24.24
CA PRO A 508 26.35 15.08 24.59
C PRO A 508 26.38 16.42 25.29
N GLU A 509 26.11 16.41 26.60
CA GLU A 509 26.04 17.64 27.38
C GLU A 509 27.40 18.31 27.44
N PRO A 510 27.57 19.51 26.90
CA PRO A 510 28.77 20.27 27.19
C PRO A 510 28.77 20.72 28.63
N VAL A 511 29.89 20.48 29.31
CA VAL A 511 30.07 20.96 30.67
C VAL A 511 30.24 22.47 30.63
N THR A 512 29.39 23.19 31.35
CA THR A 512 29.45 24.64 31.36
C THR A 512 29.49 25.13 32.80
N ALA A 513 29.45 26.44 32.95
CA ALA A 513 29.44 27.03 34.28
C ALA A 513 28.07 26.92 34.92
N TYR A 514 27.02 27.23 34.17
CA TYR A 514 25.68 27.35 34.74
C TYR A 514 25.05 26.01 35.11
N ASN A 515 25.19 24.99 34.27
CA ASN A 515 24.49 23.73 34.45
C ASN A 515 25.24 22.78 35.37
N ILE A 516 26.37 23.23 35.95
CA ILE A 516 27.28 22.32 36.63
C ILE A 516 26.56 21.44 37.63
N ALA A 517 25.83 22.03 38.57
CA ALA A 517 25.23 21.26 39.65
C ALA A 517 24.32 20.18 39.11
N GLU A 518 23.53 20.53 38.08
CA GLU A 518 22.63 19.55 37.48
C GLU A 518 23.39 18.33 37.01
N LEU A 519 24.38 18.55 36.15
CA LEU A 519 25.14 17.44 35.59
C LEU A 519 25.68 16.54 36.69
N ARG A 520 26.16 17.14 37.78
CA ARG A 520 26.65 16.38 38.91
C ARG A 520 25.60 15.38 39.37
N GLN A 521 24.34 15.80 39.40
CA GLN A 521 23.29 14.93 39.92
C GLN A 521 23.10 13.70 39.03
N ALA A 522 22.97 13.90 37.72
CA ALA A 522 22.82 12.77 36.82
C ALA A 522 24.03 11.84 36.93
N VAL A 523 25.22 12.43 37.10
CA VAL A 523 26.40 11.62 37.42
C VAL A 523 26.17 10.86 38.71
N ILE A 524 25.78 11.58 39.76
CA ILE A 524 25.35 10.92 40.98
C ILE A 524 24.29 9.87 40.65
N ASN A 525 23.28 10.27 39.88
CA ASN A 525 22.30 9.31 39.40
C ASN A 525 22.97 8.17 38.66
N GLY A 526 24.02 8.48 37.90
CA GLY A 526 24.67 7.51 37.08
C GLY A 526 23.71 6.99 36.02
N PRO A 527 24.04 5.83 35.45
CA PRO A 527 23.34 5.38 34.25
C PRO A 527 21.88 5.04 34.47
N ASP A 528 21.54 4.35 35.56
CA ASP A 528 20.24 3.73 35.67
C ASP A 528 19.22 4.51 36.48
N LYS A 529 19.58 5.66 37.05
CA LYS A 529 18.65 6.47 37.81
C LYS A 529 18.22 7.66 36.97
N TRP A 530 16.96 7.66 36.54
CA TRP A 530 16.48 8.78 35.76
C TRP A 530 16.30 10.01 36.63
N PRO A 531 16.68 11.20 36.11
CA PRO A 531 17.45 11.38 34.88
C PRO A 531 18.88 10.95 35.11
N GLY A 532 19.42 10.15 34.20
CA GLY A 532 20.70 9.52 34.43
C GLY A 532 21.80 10.15 33.61
N ALA A 533 23.03 9.82 33.98
CA ALA A 533 24.19 10.13 33.15
C ALA A 533 24.87 8.82 32.81
N THR A 534 24.80 8.45 31.53
CA THR A 534 25.34 7.17 31.08
C THR A 534 26.85 7.15 30.91
N GLN A 535 27.42 8.11 30.20
CA GLN A 535 28.86 8.12 30.02
C GLN A 535 29.36 9.56 30.02
N ILE A 536 30.69 9.69 29.98
CA ILE A 536 31.36 10.97 30.11
C ILE A 536 32.56 10.98 29.17
N GLN A 537 32.71 12.07 28.43
CA GLN A 537 33.90 12.31 27.64
C GLN A 537 34.71 13.43 28.26
N ASN A 538 36.00 13.21 28.43
CA ASN A 538 36.86 14.26 28.92
C ASN A 538 37.41 15.06 27.74
N GLU A 539 38.18 16.11 28.07
CA GLU A 539 38.82 16.91 27.04
C GLU A 539 39.66 16.05 26.12
N ASP A 540 40.38 15.09 26.68
CA ASP A 540 41.14 14.10 25.91
C ASP A 540 40.26 13.30 24.97
N GLY A 541 38.96 13.23 25.25
CA GLY A 541 38.07 12.42 24.45
C GLY A 541 37.80 11.09 25.12
N SER A 542 38.49 10.81 26.22
CA SER A 542 38.33 9.55 26.91
C SER A 542 36.89 9.36 27.35
N LEU A 543 36.33 8.22 26.96
CA LEU A 543 34.96 7.88 27.31
C LEU A 543 34.94 7.03 28.57
N VAL A 544 34.01 7.35 29.47
CA VAL A 544 33.93 6.71 30.76
C VAL A 544 32.52 6.17 30.93
N SER A 545 32.42 4.85 31.06
CA SER A 545 31.11 4.23 31.23
C SER A 545 30.82 4.00 32.71
N LEU A 546 29.87 4.76 33.23
CA LEU A 546 29.50 4.67 34.63
C LEU A 546 28.73 3.41 34.96
N ILE A 547 28.41 2.60 33.95
CA ILE A 547 27.50 1.47 34.14
C ILE A 547 28.00 0.56 35.25
N GLY A 548 29.22 0.06 35.10
CA GLY A 548 29.78 -0.80 36.13
C GLY A 548 30.38 -0.01 37.28
N MET A 549 30.06 1.28 37.34
CA MET A 549 30.70 2.15 38.32
C MET A 549 29.75 2.50 39.45
N SER A 550 30.27 2.44 40.67
CA SER A 550 29.47 2.65 41.87
C SER A 550 29.33 4.13 42.16
N VAL A 551 28.73 4.41 43.31
CA VAL A 551 28.43 5.79 43.70
C VAL A 551 29.70 6.60 43.86
N GLU A 552 30.57 6.20 44.78
CA GLU A 552 31.73 7.00 45.12
C GLU A 552 32.68 7.10 43.94
N GLN A 553 32.79 6.02 43.17
CA GLN A 553 33.45 6.08 41.89
C GLN A 553 32.92 7.25 41.08
N ARG A 554 31.60 7.37 40.96
CA ARG A 554 31.02 8.51 40.27
C ARG A 554 31.22 9.79 41.07
N LYS A 555 31.16 9.68 42.41
CA LYS A 555 31.22 10.88 43.25
C LYS A 555 32.49 11.68 43.00
N ALA A 556 33.65 11.07 43.16
CA ALA A 556 34.90 11.77 42.87
C ALA A 556 34.89 12.32 41.45
N LEU A 557 34.50 11.48 40.49
CA LEU A 557 34.38 11.93 39.11
C LEU A 557 33.56 13.21 39.03
N ALA A 558 32.39 13.22 39.67
CA ALA A 558 31.59 14.43 39.72
C ALA A 558 32.38 15.62 40.22
N ASN A 559 33.12 15.45 41.30
CA ASN A 559 34.04 16.48 41.78
C ASN A 559 35.09 16.83 40.76
N GLN A 560 35.44 15.90 39.86
CA GLN A 560 36.51 16.08 38.90
C GLN A 560 36.02 16.70 37.60
N LEU A 561 34.70 16.82 37.43
CA LEU A 561 34.18 17.21 36.13
C LEU A 561 34.57 18.62 35.75
N LEU A 562 34.66 19.53 36.72
CA LEU A 562 34.95 20.92 36.43
C LEU A 562 36.44 21.22 36.58
N THR A 563 37.22 20.20 36.91
CA THR A 563 38.65 20.40 37.11
C THR A 563 39.31 20.92 35.82
N PRO A 564 40.30 21.82 35.95
CA PRO A 564 40.87 22.47 34.77
C PRO A 564 41.64 21.54 33.83
N SER A 565 42.15 22.11 32.74
CA SER A 565 42.82 21.35 31.69
C SER A 565 44.32 21.32 31.92
N SER A 566 44.86 20.13 32.18
CA SER A 566 46.28 19.91 32.28
C SER A 566 46.98 20.02 30.93
N ASN A 567 46.50 19.27 29.95
CA ASN A 567 47.12 19.28 28.63
C ASN A 567 46.84 20.58 27.90
N VAL A 568 47.83 21.07 27.15
CA VAL A 568 47.69 22.33 26.45
C VAL A 568 46.65 22.22 25.36
N SER A 569 46.82 21.26 24.44
CA SER A 569 45.96 21.19 23.26
C SER A 569 44.48 21.12 23.62
N THR A 570 44.18 20.67 24.83
CA THR A 570 42.80 20.55 25.29
C THR A 570 42.34 21.76 26.11
N HIS A 571 43.21 22.75 26.32
CA HIS A 571 42.83 23.85 27.20
C HIS A 571 41.68 24.65 26.64
N THR A 572 41.49 24.66 25.33
CA THR A 572 40.31 25.26 24.73
C THR A 572 39.14 24.30 24.69
N LEU A 573 39.30 23.10 25.23
CA LEU A 573 38.27 22.08 25.24
C LEU A 573 37.81 21.81 26.66
N ASN A 574 36.59 21.30 26.77
CA ASN A 574 36.02 20.97 28.06
C ASN A 574 35.39 19.58 28.00
N LYS A 575 35.19 18.99 29.19
CA LYS A 575 34.53 17.70 29.26
C LYS A 575 33.11 17.80 28.76
N LYS A 576 32.55 16.67 28.36
CA LYS A 576 31.16 16.60 27.95
C LYS A 576 30.51 15.39 28.58
N VAL A 577 29.19 15.46 28.71
CA VAL A 577 28.43 14.52 29.53
C VAL A 577 27.33 13.93 28.66
N TYR A 578 26.93 12.69 28.97
CA TYR A 578 25.80 12.06 28.31
C TYR A 578 24.71 11.87 29.36
N ARG A 579 23.64 12.64 29.23
CA ARG A 579 22.54 12.53 30.17
C ARG A 579 21.31 11.94 29.50
N HIS A 580 20.49 11.28 30.30
CA HIS A 580 19.18 10.91 29.82
C HIS A 580 18.43 12.16 29.39
N ILE A 581 17.55 11.98 28.40
CA ILE A 581 16.73 13.08 27.93
C ILE A 581 15.89 13.62 29.09
N LYS A 582 15.64 14.92 29.09
CA LYS A 582 14.73 15.53 30.04
C LYS A 582 13.68 16.33 29.28
N ASN A 583 12.78 16.96 30.01
CA ASN A 583 11.62 17.60 29.38
C ASN A 583 12.02 18.80 28.54
N ARG A 584 13.14 19.43 28.90
CA ARG A 584 13.58 20.62 28.18
C ARG A 584 13.88 20.28 26.73
N ASP A 585 14.21 19.03 26.50
CA ASP A 585 14.63 18.52 25.21
C ASP A 585 13.45 18.38 24.25
N VAL A 586 13.77 18.29 22.96
CA VAL A 586 12.78 18.05 21.91
C VAL A 586 13.25 16.85 21.11
N VAL A 587 12.30 16.14 20.50
CA VAL A 587 12.61 15.03 19.62
C VAL A 587 11.93 15.29 18.28
N LEU A 588 12.13 14.36 17.35
CA LEU A 588 11.57 14.45 16.01
C LEU A 588 10.77 13.19 15.72
N MET A 589 9.56 13.36 15.21
CA MET A 589 8.69 12.24 14.90
C MET A 589 8.48 12.10 13.41
N ASN A 590 8.22 10.88 12.99
CA ASN A 590 7.89 10.57 11.62
C ASN A 590 6.99 9.34 11.60
N ARG A 591 6.10 9.28 10.63
CA ARG A 591 5.27 8.11 10.41
C ARG A 591 5.32 7.75 8.94
N GLN A 592 5.69 6.50 8.65
CA GLN A 592 5.75 6.03 7.28
C GLN A 592 4.41 5.45 6.86
N PRO A 593 4.05 5.64 5.58
CA PRO A 593 4.79 6.45 4.61
C PRO A 593 4.55 7.93 4.82
N THR A 594 5.46 8.76 4.36
CA THR A 594 5.35 10.21 4.50
C THR A 594 4.93 10.77 3.15
N LEU A 595 3.68 11.22 3.07
CA LEU A 595 3.17 11.78 1.83
C LEU A 595 3.27 13.29 1.77
N HIS A 596 3.59 13.95 2.88
CA HIS A 596 3.72 15.41 2.90
C HIS A 596 4.56 15.79 4.10
N LYS A 597 5.08 17.02 4.07
CA LYS A 597 6.07 17.40 5.07
C LYS A 597 5.53 17.33 6.48
N ALA A 598 4.24 17.65 6.68
CA ALA A 598 3.72 17.64 8.03
C ALA A 598 3.79 16.26 8.68
N SER A 599 3.98 15.22 7.90
CA SER A 599 4.12 13.87 8.42
C SER A 599 5.37 13.68 9.26
N MET A 600 6.24 14.69 9.31
CA MET A 600 7.41 14.69 10.19
C MET A 600 7.40 16.01 10.95
N MET A 601 7.36 15.93 12.28
CA MET A 601 7.39 17.10 13.12
C MET A 601 8.17 16.82 14.39
N GLY A 602 8.74 17.88 14.94
CA GLY A 602 9.35 17.82 16.26
C GLY A 602 8.31 18.18 17.30
N HIS A 603 8.55 17.72 18.52
CA HIS A 603 7.60 17.95 19.61
C HIS A 603 8.30 17.96 20.96
N LYS A 604 7.75 18.75 21.87
CA LYS A 604 8.31 18.86 23.21
C LYS A 604 8.16 17.53 23.94
N VAL A 605 8.97 17.35 24.96
CA VAL A 605 9.15 16.04 25.56
C VAL A 605 8.71 16.08 27.01
N ARG A 606 7.95 15.06 27.43
CA ARG A 606 7.74 14.79 28.84
C ARG A 606 7.84 13.29 29.07
N VAL A 607 8.80 12.87 29.87
CA VAL A 607 8.83 11.50 30.33
C VAL A 607 7.57 11.25 31.15
N LEU A 608 6.90 10.13 30.87
CA LEU A 608 5.71 9.79 31.63
C LEU A 608 6.00 8.58 32.50
N PRO A 609 5.87 8.70 33.80
CA PRO A 609 6.23 7.58 34.68
C PRO A 609 5.35 6.36 34.40
N ASN A 610 6.02 5.22 34.25
CA ASN A 610 5.47 3.88 34.41
C ASN A 610 4.67 3.37 33.21
N GLU A 611 4.25 4.22 32.28
CA GLU A 611 3.71 3.68 31.04
C GLU A 611 4.85 3.33 30.11
N LYS A 612 4.64 2.28 29.32
CA LYS A 612 5.69 1.67 28.53
C LYS A 612 5.75 2.12 27.08
N THR A 613 4.85 2.99 26.65
CA THR A 613 4.77 3.37 25.26
C THR A 613 4.69 4.89 25.12
N LEU A 614 4.87 5.35 23.90
CA LEU A 614 4.72 6.75 23.57
C LEU A 614 3.25 7.14 23.71
N ARG A 615 3.01 8.40 24.02
CA ARG A 615 1.64 8.90 24.16
C ARG A 615 1.50 10.20 23.39
N LEU A 616 0.49 10.26 22.52
CA LEU A 616 0.30 11.39 21.64
C LEU A 616 -1.04 12.05 21.90
N HIS A 617 -1.11 13.35 21.63
CA HIS A 617 -2.38 14.07 21.71
C HIS A 617 -3.20 13.87 20.44
N TYR A 618 -4.52 14.04 20.56
CA TYR A 618 -5.41 13.78 19.43
C TYR A 618 -5.18 14.72 18.27
N ALA A 619 -5.25 16.03 18.51
CA ALA A 619 -5.24 16.99 17.40
C ALA A 619 -4.00 16.81 16.53
N ASN A 620 -2.98 16.16 17.09
CA ASN A 620 -1.79 15.81 16.35
C ASN A 620 -2.01 14.66 15.40
N THR A 621 -3.05 13.86 15.61
CA THR A 621 -3.26 12.67 14.78
C THR A 621 -3.43 13.03 13.32
N GLY A 622 -4.34 13.95 13.04
CA GLY A 622 -4.59 14.35 11.66
C GLY A 622 -3.33 14.77 10.96
N ALA A 623 -2.42 15.42 11.70
CA ALA A 623 -1.13 15.79 11.14
C ALA A 623 -0.40 14.55 10.65
N TYR A 624 -0.18 13.58 11.52
CA TYR A 624 0.42 12.33 11.09
C TYR A 624 -0.60 11.40 10.47
N ASN A 625 -1.86 11.81 10.38
CA ASN A 625 -2.91 11.02 9.77
C ASN A 625 -2.93 9.62 10.37
N ALA A 626 -2.83 9.56 11.69
CA ALA A 626 -2.78 8.31 12.42
C ALA A 626 -4.11 8.04 13.10
N ASP A 627 -4.58 6.81 12.97
CA ASP A 627 -5.85 6.38 13.54
C ASP A 627 -5.71 5.67 14.88
N PHE A 628 -4.51 5.62 15.45
CA PHE A 628 -4.20 4.73 16.56
C PHE A 628 -4.57 3.29 16.25
N ASP A 629 -4.06 2.79 15.13
CA ASP A 629 -4.26 1.41 14.71
C ASP A 629 -3.28 0.47 15.38
N GLY A 630 -2.45 0.98 16.29
CA GLY A 630 -1.27 0.29 16.72
C GLY A 630 -0.09 0.54 15.82
N ASP A 631 -0.31 1.14 14.65
CA ASP A 631 0.75 1.50 13.74
C ASP A 631 1.85 2.27 14.47
N GLU A 632 3.09 1.91 14.14
CA GLU A 632 4.26 2.38 14.86
C GLU A 632 4.88 3.55 14.12
N MET A 633 5.47 4.46 14.88
CA MET A 633 6.15 5.62 14.34
C MET A 633 7.58 5.66 14.86
N ASN A 634 8.26 6.75 14.55
CA ASN A 634 9.69 6.84 14.74
C ASN A 634 10.07 8.08 15.53
N MET A 635 10.61 7.87 16.72
CA MET A 635 11.22 8.93 17.49
C MET A 635 12.56 9.25 16.87
N HIS A 636 13.00 10.49 16.98
CA HIS A 636 14.31 10.90 16.53
C HIS A 636 14.86 11.98 17.45
N PHE A 637 16.13 11.85 17.82
CA PHE A 637 16.73 12.70 18.83
C PHE A 637 17.98 13.33 18.27
N PRO A 638 17.90 14.56 17.74
CA PRO A 638 19.11 15.24 17.27
C PRO A 638 20.16 15.33 18.37
N GLN A 639 21.42 15.29 17.95
CA GLN A 639 22.54 15.27 18.88
C GLN A 639 23.14 16.65 19.13
N ASN A 640 22.69 17.68 18.44
CA ASN A 640 23.29 18.99 18.64
C ASN A 640 22.21 20.05 18.69
N GLU A 641 22.62 21.24 19.13
CA GLU A 641 21.63 22.29 19.39
C GLU A 641 21.09 22.88 18.10
N ASN A 642 21.94 23.06 17.10
CA ASN A 642 21.46 23.55 15.81
C ASN A 642 20.30 22.72 15.31
N ALA A 643 20.55 21.44 15.05
CA ALA A 643 19.45 20.56 14.70
C ALA A 643 18.30 20.69 15.68
N ARG A 644 18.59 20.69 16.99
CA ARG A 644 17.56 20.99 17.97
C ARG A 644 16.88 22.31 17.66
N ALA A 645 17.68 23.35 17.39
CA ALA A 645 17.11 24.66 17.14
C ALA A 645 16.24 24.65 15.90
N GLU A 646 16.74 24.07 14.80
CA GLU A 646 15.98 24.06 13.56
C GLU A 646 14.57 23.53 13.79
N ALA A 647 14.46 22.36 14.41
CA ALA A 647 13.14 21.79 14.69
C ALA A 647 12.28 22.73 15.51
N LEU A 648 12.74 23.13 16.67
CA LEU A 648 11.95 23.92 17.61
C LEU A 648 11.30 25.14 16.98
N ASN A 649 12.04 25.89 16.18
CA ASN A 649 11.52 27.15 15.70
C ASN A 649 10.95 27.11 14.31
N LEU A 650 11.01 25.96 13.63
CA LEU A 650 10.50 25.91 12.27
C LEU A 650 9.45 24.83 12.07
N ALA A 651 9.88 23.58 11.95
CA ALA A 651 8.98 22.49 11.59
C ALA A 651 8.24 21.94 12.78
N ASN A 652 8.44 22.53 13.96
CA ASN A 652 7.95 21.95 15.20
C ASN A 652 6.46 21.61 15.16
N THR A 653 5.61 22.61 15.34
CA THR A 653 4.18 22.44 15.20
C THR A 653 3.55 23.62 14.47
N ASP A 654 3.57 24.76 15.15
CA ASP A 654 2.65 25.86 14.82
C ASP A 654 2.75 26.27 13.37
N SER A 655 3.96 26.51 12.88
CA SER A 655 4.16 27.10 11.56
C SER A 655 3.43 26.33 10.47
N GLN A 656 2.99 25.12 10.76
CA GLN A 656 2.47 24.15 9.81
C GLN A 656 0.97 24.20 9.77
N TYR A 657 0.37 25.14 10.49
CA TYR A 657 -1.05 25.03 10.82
C TYR A 657 -1.95 25.00 9.59
N LEU A 658 -1.47 25.46 8.46
CA LEU A 658 -2.33 25.50 7.29
C LEU A 658 -1.84 24.59 6.19
N THR A 659 -2.76 24.17 5.34
CA THR A 659 -2.40 23.32 4.22
C THR A 659 -1.48 24.06 3.28
N PRO A 660 -0.24 23.59 3.13
CA PRO A 660 0.62 24.16 2.09
C PRO A 660 -0.06 24.23 0.75
N THR A 661 -0.83 23.22 0.37
CA THR A 661 -1.63 23.30 -0.84
C THR A 661 -2.63 24.45 -0.78
N SER A 662 -3.66 24.30 0.05
CA SER A 662 -4.76 25.24 0.04
C SER A 662 -4.72 26.30 1.14
N GLY A 663 -3.75 26.28 2.03
CA GLY A 663 -3.78 27.20 3.15
C GLY A 663 -4.95 26.97 4.08
N SER A 664 -5.30 25.73 4.32
CA SER A 664 -6.52 25.41 5.05
C SER A 664 -6.17 24.76 6.37
N PRO A 665 -7.05 24.84 7.36
CA PRO A 665 -6.71 24.35 8.70
C PRO A 665 -6.44 22.85 8.67
N VAL A 666 -5.27 22.48 9.17
CA VAL A 666 -4.85 21.08 9.17
C VAL A 666 -5.11 20.39 10.50
N ARG A 667 -5.46 21.10 11.57
CA ARG A 667 -5.51 20.52 12.90
C ARG A 667 -6.74 20.99 13.63
N GLY A 668 -7.04 20.36 14.77
CA GLY A 668 -8.17 20.78 15.57
C GLY A 668 -8.67 19.63 16.41
N LEU A 669 -9.66 19.94 17.22
CA LEU A 669 -10.30 18.93 18.04
C LEU A 669 -11.09 17.96 17.17
N ILE A 670 -11.37 16.79 17.72
CA ILE A 670 -12.04 15.72 17.00
C ILE A 670 -13.06 15.08 17.93
N GLN A 671 -14.09 14.50 17.31
CA GLN A 671 -15.04 13.62 17.97
C GLN A 671 -15.65 14.20 19.23
N ASP A 672 -15.45 13.50 20.34
CA ASP A 672 -16.07 13.80 21.61
C ASP A 672 -15.94 15.28 21.91
N HIS A 673 -14.77 15.83 21.59
CA HIS A 673 -14.58 17.25 21.77
C HIS A 673 -15.70 18.03 21.12
N ILE A 674 -15.89 17.81 19.83
CA ILE A 674 -17.04 18.39 19.15
C ILE A 674 -18.32 17.93 19.81
N SER A 675 -18.39 16.64 20.14
CA SER A 675 -19.59 16.14 20.79
C SER A 675 -19.87 16.92 22.05
N ALA A 676 -18.82 17.39 22.72
CA ALA A 676 -19.01 18.11 23.97
C ALA A 676 -19.57 19.51 23.72
N GLY A 677 -18.93 20.24 22.81
CA GLY A 677 -19.17 21.67 22.72
C GLY A 677 -20.64 22.04 22.69
N VAL A 678 -21.45 21.21 22.03
CA VAL A 678 -22.87 21.51 21.92
C VAL A 678 -23.49 21.65 23.30
N TRP A 679 -23.30 20.66 24.16
CA TRP A 679 -23.95 20.70 25.45
C TRP A 679 -23.45 21.86 26.30
N LEU A 680 -22.15 22.12 26.25
CA LEU A 680 -21.64 23.20 27.07
C LEU A 680 -22.21 24.53 26.65
N THR A 681 -22.31 24.77 25.34
CA THR A 681 -22.80 26.04 24.83
C THR A 681 -24.31 26.11 24.89
N SER A 682 -24.95 25.08 25.42
CA SER A 682 -26.40 25.08 25.55
C SER A 682 -26.89 26.25 26.38
N LYS A 683 -28.09 26.70 26.06
CA LYS A 683 -28.80 27.61 26.95
C LYS A 683 -29.12 26.93 28.27
N ASP A 684 -28.94 25.62 28.36
CA ASP A 684 -29.16 24.94 29.63
C ASP A 684 -27.92 24.86 30.50
N SER A 685 -26.82 25.48 30.12
CA SER A 685 -25.62 25.46 30.95
C SER A 685 -25.79 26.43 32.11
N PHE A 686 -25.65 25.92 33.32
CA PHE A 686 -25.74 26.72 34.53
C PHE A 686 -24.79 26.13 35.56
N PHE A 687 -24.25 26.98 36.42
CA PHE A 687 -23.13 26.54 37.23
C PHE A 687 -23.08 27.26 38.57
N THR A 688 -22.55 26.55 39.56
CA THR A 688 -22.16 27.18 40.80
C THR A 688 -20.77 27.79 40.67
N ARG A 689 -20.53 28.79 41.51
CA ARG A 689 -19.19 29.35 41.64
C ARG A 689 -18.16 28.25 41.80
N GLU A 690 -18.48 27.30 42.67
CA GLU A 690 -17.60 26.15 42.90
C GLU A 690 -17.31 25.44 41.60
N GLN A 691 -18.36 24.96 40.93
CA GLN A 691 -18.22 24.52 39.57
C GLN A 691 -17.47 25.54 38.75
N TYR A 692 -18.05 26.74 38.63
CA TYR A 692 -17.49 27.76 37.77
C TYR A 692 -16.00 27.95 38.01
N GLN A 693 -15.59 28.10 39.26
CA GLN A 693 -14.16 28.30 39.48
C GLN A 693 -13.36 27.08 39.06
N GLN A 694 -13.71 25.91 39.57
CA GLN A 694 -12.88 24.73 39.37
C GLN A 694 -12.53 24.55 37.90
N TYR A 695 -13.55 24.33 37.07
CA TYR A 695 -13.30 24.09 35.65
C TYR A 695 -12.34 25.12 35.08
N ILE A 696 -12.62 26.40 35.31
CA ILE A 696 -11.72 27.43 34.83
C ILE A 696 -10.30 27.10 35.19
N TYR A 697 -9.99 27.11 36.48
CA TYR A 697 -8.64 26.73 36.86
C TYR A 697 -8.31 25.34 36.38
N GLY A 698 -9.29 24.44 36.35
CA GLY A 698 -9.00 23.08 35.95
C GLY A 698 -8.22 22.98 34.66
N CYS A 699 -8.65 23.68 33.62
CA CYS A 699 -7.96 23.64 32.35
C CYS A 699 -6.75 24.57 32.29
N ILE A 700 -6.84 25.78 32.82
CA ILE A 700 -5.85 26.80 32.49
C ILE A 700 -4.48 26.40 32.98
N ARG A 701 -4.35 26.09 34.27
CA ARG A 701 -3.05 25.85 34.86
C ARG A 701 -2.14 27.05 34.70
N PRO A 702 -2.35 28.14 35.45
CA PRO A 702 -1.46 29.30 35.32
C PRO A 702 -0.02 28.99 35.63
N GLU A 703 0.26 27.84 36.25
CA GLU A 703 1.61 27.35 36.46
C GLU A 703 2.26 27.03 35.12
N ASP A 704 1.49 27.11 34.05
CA ASP A 704 2.03 27.01 32.70
C ASP A 704 2.82 28.30 32.49
N GLY A 705 3.49 28.41 31.34
CA GLY A 705 4.09 29.68 30.98
C GLY A 705 3.08 30.67 30.43
N HIS A 706 1.80 30.34 30.52
CA HIS A 706 0.77 31.01 29.73
C HIS A 706 0.09 32.15 30.48
N THR A 707 0.61 32.49 31.65
CA THR A 707 0.06 33.63 32.36
C THR A 707 0.12 34.88 31.51
N THR A 708 -1.05 35.44 31.21
CA THR A 708 -1.15 36.84 30.88
C THR A 708 -1.25 37.68 32.14
N ARG A 709 -1.93 37.15 33.14
CA ARG A 709 -2.17 37.83 34.39
C ARG A 709 -1.96 36.84 35.53
N SER A 710 -1.05 37.19 36.43
CA SER A 710 -0.63 36.31 37.52
C SER A 710 -1.81 35.81 38.34
N LYS A 711 -2.59 36.72 38.92
CA LYS A 711 -3.79 36.29 39.62
C LYS A 711 -4.84 35.96 38.57
N ILE A 712 -5.54 34.85 38.75
CA ILE A 712 -6.56 34.44 37.80
C ILE A 712 -7.66 35.49 37.74
N VAL A 713 -8.11 35.81 36.54
CA VAL A 713 -9.12 36.83 36.34
C VAL A 713 -10.39 36.16 35.85
N THR A 714 -11.54 36.66 36.31
CA THR A 714 -12.81 35.95 36.19
C THR A 714 -13.92 36.87 35.73
N LEU A 715 -15.00 36.27 35.29
CA LEU A 715 -16.22 36.99 35.01
C LEU A 715 -17.15 36.95 36.20
N PRO A 716 -18.02 37.95 36.33
CA PRO A 716 -19.09 37.86 37.30
C PRO A 716 -20.16 36.92 36.80
N PRO A 717 -21.01 36.42 37.67
CA PRO A 717 -22.08 35.54 37.23
C PRO A 717 -23.13 36.29 36.45
N THR A 718 -23.72 35.60 35.49
CA THR A 718 -24.80 36.19 34.71
C THR A 718 -25.96 36.61 35.58
N ILE A 719 -26.24 35.83 36.61
CA ILE A 719 -27.44 36.00 37.41
C ILE A 719 -27.04 36.12 38.86
N PHE A 720 -27.27 37.30 39.43
CA PHE A 720 -26.97 37.49 40.83
C PHE A 720 -28.07 36.98 41.74
N LYS A 721 -29.31 37.36 41.47
CA LYS A 721 -30.39 37.10 42.39
C LYS A 721 -31.55 36.46 41.64
N PRO A 722 -32.22 35.48 42.26
CA PRO A 722 -32.08 34.99 43.63
C PRO A 722 -30.79 34.25 43.88
N TYR A 723 -30.14 33.84 42.82
CA TYR A 723 -29.07 32.91 43.06
C TYR A 723 -27.91 33.13 42.08
N PRO A 724 -26.67 32.96 42.52
CA PRO A 724 -25.53 33.18 41.62
C PRO A 724 -25.39 32.08 40.60
N LEU A 725 -25.17 32.42 39.33
CA LEU A 725 -25.06 31.44 38.27
C LEU A 725 -24.18 31.93 37.14
N TRP A 726 -23.48 31.00 36.52
CA TRP A 726 -22.67 31.21 35.34
C TRP A 726 -23.19 30.32 34.24
N THR A 727 -22.93 30.69 32.99
CA THR A 727 -23.28 29.79 31.91
C THR A 727 -22.05 29.42 31.11
N GLY A 728 -22.24 28.49 30.17
CA GLY A 728 -21.12 27.93 29.46
C GLY A 728 -20.37 28.97 28.66
N LYS A 729 -21.11 29.87 28.01
CA LYS A 729 -20.48 30.89 27.21
C LYS A 729 -19.45 31.66 28.01
N GLN A 730 -19.87 32.23 29.15
CA GLN A 730 -18.95 33.01 29.97
C GLN A 730 -17.64 32.30 30.16
N ILE A 731 -17.69 30.99 30.33
CA ILE A 731 -16.46 30.21 30.50
C ILE A 731 -15.49 30.52 29.37
N ILE A 732 -15.94 30.32 28.13
CA ILE A 732 -15.06 30.54 26.99
C ILE A 732 -14.50 31.94 27.03
N THR A 733 -15.34 32.91 27.40
CA THR A 733 -14.83 34.25 27.58
C THR A 733 -13.72 34.25 28.62
N THR A 734 -14.02 33.76 29.81
CA THR A 734 -12.99 33.60 30.82
C THR A 734 -11.80 32.86 30.26
N VAL A 735 -12.05 31.84 29.44
CA VAL A 735 -10.95 31.14 28.77
C VAL A 735 -10.11 32.15 28.00
N LEU A 736 -10.75 32.86 27.08
CA LEU A 736 -10.04 33.90 26.35
C LEU A 736 -9.45 34.92 27.30
N LEU A 737 -10.19 35.24 28.36
CA LEU A 737 -9.80 36.31 29.25
C LEU A 737 -8.35 36.21 29.69
N ASN A 738 -7.96 35.10 30.25
CA ASN A 738 -6.63 35.02 30.84
C ASN A 738 -5.58 34.44 29.91
N VAL A 739 -5.97 33.87 28.77
CA VAL A 739 -5.00 33.49 27.75
C VAL A 739 -4.61 34.63 26.84
N THR A 740 -5.47 35.57 26.63
CA THR A 740 -5.21 36.61 25.64
C THR A 740 -4.35 37.71 26.22
N PRO A 741 -3.49 38.30 25.41
CA PRO A 741 -2.62 39.37 25.87
C PRO A 741 -3.42 40.52 26.46
N PRO A 742 -3.08 40.95 27.66
CA PRO A 742 -3.90 41.94 28.36
C PRO A 742 -3.95 43.27 27.63
N ASP A 743 -2.79 43.67 27.15
CA ASP A 743 -2.61 44.96 26.50
C ASP A 743 -3.49 45.13 25.27
N MET A 744 -3.96 44.03 24.71
CA MET A 744 -4.48 44.15 23.38
C MET A 744 -5.95 43.77 23.37
N PRO A 745 -6.79 44.45 22.58
CA PRO A 745 -8.23 44.25 22.70
C PRO A 745 -8.68 42.90 22.17
N GLY A 746 -9.89 42.52 22.55
CA GLY A 746 -10.42 41.24 22.16
C GLY A 746 -11.03 41.28 20.77
N ILE A 747 -11.32 40.08 20.25
CA ILE A 747 -11.75 39.97 18.87
C ILE A 747 -13.19 40.43 18.70
N ASN A 748 -13.54 40.75 17.46
CA ASN A 748 -14.92 40.85 17.03
C ASN A 748 -15.07 39.93 15.83
N LEU A 749 -16.08 39.05 15.87
CA LEU A 749 -16.18 38.04 14.85
C LEU A 749 -17.63 37.71 14.55
N ILE A 750 -17.94 37.52 13.28
CA ILE A 750 -19.28 37.17 12.81
C ILE A 750 -19.13 35.90 11.98
N SER A 751 -19.90 34.87 12.32
CA SER A 751 -19.84 33.60 11.61
C SER A 751 -21.08 32.78 11.91
N LYS A 752 -21.07 31.54 11.46
CA LYS A 752 -22.20 30.67 11.68
C LYS A 752 -21.71 29.27 12.01
N ASN A 753 -22.67 28.41 12.29
CA ASN A 753 -22.44 27.02 12.61
C ASN A 753 -23.15 26.16 11.56
N LYS A 754 -23.08 24.85 11.73
CA LYS A 754 -23.67 23.96 10.74
C LYS A 754 -25.10 23.57 11.07
N ILE A 755 -25.69 24.15 12.11
CA ILE A 755 -27.01 23.78 12.57
C ILE A 755 -28.02 24.83 12.12
N LYS A 756 -29.22 24.40 11.77
CA LYS A 756 -30.28 25.35 11.53
C LYS A 756 -30.95 25.75 12.83
N ASN A 757 -31.24 27.04 12.95
CA ASN A 757 -31.85 27.55 14.18
C ASN A 757 -33.13 26.83 14.52
N GLU A 758 -33.85 26.35 13.50
CA GLU A 758 -35.17 25.79 13.76
C GLU A 758 -35.10 24.60 14.70
N TYR A 759 -34.00 23.87 14.70
CA TYR A 759 -33.89 22.72 15.57
C TYR A 759 -34.12 23.06 17.02
N TRP A 760 -33.58 24.18 17.49
CA TRP A 760 -33.63 24.51 18.89
C TRP A 760 -35.00 25.00 19.35
N GLY A 761 -35.83 25.42 18.42
CA GLY A 761 -37.15 25.90 18.75
C GLY A 761 -37.60 26.96 17.79
N LYS A 762 -38.53 27.78 18.25
CA LYS A 762 -39.00 28.90 17.46
C LYS A 762 -38.24 30.17 17.79
N GLY A 763 -37.45 30.64 16.83
CA GLY A 763 -36.87 31.96 16.94
C GLY A 763 -35.49 32.05 17.57
N SER A 764 -34.74 30.97 17.61
CA SER A 764 -33.34 31.11 18.01
C SER A 764 -32.53 31.67 16.85
N LEU A 765 -31.49 32.42 17.19
CA LEU A 765 -30.53 32.90 16.20
C LEU A 765 -29.27 32.06 16.19
N GLU A 766 -29.24 31.00 16.98
CA GLU A 766 -27.98 30.41 17.40
C GLU A 766 -27.18 29.85 16.24
N ASN A 767 -27.77 29.71 15.06
CA ASN A 767 -26.98 29.35 13.90
C ASN A 767 -25.88 30.36 13.65
N GLU A 768 -26.24 31.64 13.60
CA GLU A 768 -25.27 32.71 13.55
C GLU A 768 -24.33 32.58 14.74
N VAL A 769 -23.06 32.88 14.52
CA VAL A 769 -22.07 32.95 15.59
C VAL A 769 -21.59 34.38 15.67
N LEU A 770 -21.42 34.89 16.88
CA LEU A 770 -21.00 36.28 17.06
C LEU A 770 -20.04 36.37 18.23
N PHE A 771 -18.90 37.01 18.01
CA PHE A 771 -18.03 37.46 19.08
C PHE A 771 -17.99 38.97 19.10
N LYS A 772 -17.86 39.52 20.30
CA LYS A 772 -17.67 40.95 20.49
C LYS A 772 -16.77 41.14 21.69
N ASP A 773 -15.77 42.02 21.56
CA ASP A 773 -14.79 42.24 22.61
C ASP A 773 -14.09 40.95 22.97
N GLY A 774 -13.89 40.08 21.99
CA GLY A 774 -13.43 38.75 22.29
C GLY A 774 -14.30 37.99 23.27
N ALA A 775 -15.60 38.27 23.32
CA ALA A 775 -16.53 37.56 24.19
C ALA A 775 -17.56 36.86 23.33
N LEU A 776 -18.17 35.81 23.88
CA LEU A 776 -19.13 35.02 23.12
C LEU A 776 -20.52 35.54 23.40
N LEU A 777 -21.08 36.25 22.43
CA LEU A 777 -22.45 36.70 22.60
C LEU A 777 -23.47 35.87 21.86
N CYS A 778 -23.06 35.08 20.88
CA CYS A 778 -24.06 34.27 20.20
C CYS A 778 -23.41 33.13 19.45
N GLY A 779 -24.17 32.08 19.25
CA GLY A 779 -23.82 30.91 18.47
C GLY A 779 -23.21 29.82 19.31
N ILE A 780 -23.50 28.59 18.95
CA ILE A 780 -22.86 27.43 19.51
C ILE A 780 -21.55 27.17 18.77
N LEU A 781 -20.64 26.48 19.45
CA LEU A 781 -19.35 26.12 18.90
C LEU A 781 -19.56 25.05 17.84
N ASP A 782 -18.60 24.90 16.95
CA ASP A 782 -18.65 23.83 15.96
C ASP A 782 -17.27 23.55 15.40
N LYS A 783 -17.15 22.37 14.78
CA LYS A 783 -16.04 22.12 13.89
C LYS A 783 -15.90 23.24 12.87
N SER A 784 -17.04 23.79 12.44
CA SER A 784 -17.01 24.95 11.55
C SER A 784 -16.23 26.06 12.22
N GLN A 785 -16.18 26.04 13.55
CA GLN A 785 -15.33 26.96 14.27
C GLN A 785 -14.04 26.34 14.76
N TYR A 786 -14.06 25.55 15.83
CA TYR A 786 -12.79 25.15 16.39
C TYR A 786 -12.33 23.81 15.85
N GLY A 787 -13.04 23.25 14.89
CA GLY A 787 -12.49 22.20 14.06
C GLY A 787 -11.56 22.80 13.03
N ALA A 788 -11.32 22.04 11.97
CA ALA A 788 -10.56 22.58 10.85
C ALA A 788 -11.56 23.13 9.86
N SER A 789 -11.62 24.45 9.77
CA SER A 789 -12.52 25.12 8.84
C SER A 789 -11.94 26.48 8.52
N LYS A 790 -12.09 26.91 7.27
CA LYS A 790 -11.57 28.21 6.89
C LYS A 790 -12.44 29.29 7.48
N TYR A 791 -11.80 30.33 8.00
CA TYR A 791 -12.46 31.46 8.64
C TYR A 791 -13.16 31.07 9.91
N GLY A 792 -12.59 30.15 10.67
CA GLY A 792 -13.06 29.87 12.02
C GLY A 792 -12.29 30.70 13.01
N ILE A 793 -12.84 30.76 14.22
CA ILE A 793 -12.24 31.55 15.28
C ILE A 793 -10.77 31.19 15.41
N VAL A 794 -10.49 29.91 15.39
CA VAL A 794 -9.13 29.43 15.54
C VAL A 794 -8.32 29.92 14.35
N HIS A 795 -8.91 29.88 13.17
CA HIS A 795 -8.24 30.41 12.00
C HIS A 795 -8.05 31.89 12.23
N SER A 796 -9.09 32.52 12.77
CA SER A 796 -9.03 33.94 13.02
C SER A 796 -7.94 34.29 14.00
N LEU A 797 -7.92 33.63 15.16
CA LEU A 797 -6.94 34.00 16.17
C LEU A 797 -5.54 33.70 15.70
N HIS A 798 -5.37 32.60 14.98
CA HIS A 798 -4.14 32.42 14.23
C HIS A 798 -3.82 33.66 13.41
N GLU A 799 -4.81 34.14 12.67
CA GLU A 799 -4.58 35.31 11.84
C GLU A 799 -4.26 36.53 12.69
N VAL A 800 -5.07 36.80 13.70
CA VAL A 800 -4.94 38.06 14.42
C VAL A 800 -3.74 38.04 15.35
N TYR A 801 -3.83 37.30 16.44
CA TYR A 801 -2.81 37.33 17.47
C TYR A 801 -1.56 36.59 17.06
N GLY A 802 -1.68 35.56 16.22
CA GLY A 802 -0.55 34.72 15.89
C GLY A 802 -0.68 33.35 16.49
N PRO A 803 0.03 32.37 15.90
CA PRO A 803 -0.25 30.97 16.21
C PRO A 803 -0.02 30.60 17.66
N GLU A 804 1.09 31.02 18.25
CA GLU A 804 1.45 30.61 19.60
C GLU A 804 0.28 30.81 20.54
N VAL A 805 -0.37 31.96 20.44
CA VAL A 805 -1.64 32.15 21.11
C VAL A 805 -2.58 31.01 20.76
N ALA A 806 -3.01 30.97 19.50
CA ALA A 806 -3.94 29.94 19.05
C ALA A 806 -3.46 28.56 19.44
N ALA A 807 -2.15 28.32 19.30
CA ALA A 807 -1.60 27.05 19.72
C ALA A 807 -2.04 26.71 21.13
N LYS A 808 -1.79 27.60 22.07
CA LYS A 808 -2.36 27.44 23.41
C LYS A 808 -3.86 27.34 23.34
N VAL A 809 -4.49 28.22 22.54
CA VAL A 809 -5.93 28.34 22.54
C VAL A 809 -6.58 26.99 22.30
N LEU A 810 -6.17 26.31 21.25
CA LEU A 810 -6.69 24.97 21.03
C LEU A 810 -6.37 24.07 22.20
N SER A 811 -5.11 24.04 22.60
CA SER A 811 -4.65 23.13 23.63
C SER A 811 -5.51 23.24 24.88
N VAL A 812 -5.97 24.44 25.20
CA VAL A 812 -6.81 24.63 26.37
C VAL A 812 -8.10 23.84 26.22
N LEU A 813 -8.75 23.98 25.07
CA LEU A 813 -10.10 23.49 24.91
C LEU A 813 -10.23 22.03 25.32
N GLY A 814 -9.39 21.17 24.76
CA GLY A 814 -9.48 19.75 25.06
C GLY A 814 -9.47 19.48 26.54
N ARG A 815 -8.46 20.00 27.23
CA ARG A 815 -8.41 19.86 28.68
C ARG A 815 -9.73 20.26 29.30
N LEU A 816 -10.26 21.41 28.90
CA LEU A 816 -11.52 21.86 29.45
C LEU A 816 -12.65 20.90 29.09
N PHE A 817 -12.85 20.66 27.80
CA PHE A 817 -13.89 19.74 27.39
C PHE A 817 -13.76 18.40 28.09
N THR A 818 -12.53 17.87 28.14
CA THR A 818 -12.28 16.63 28.85
C THR A 818 -12.84 16.71 30.25
N ASN A 819 -12.42 17.74 30.99
CA ASN A 819 -12.98 18.01 32.31
C ASN A 819 -14.49 17.98 32.27
N TYR A 820 -15.06 18.64 31.27
CA TYR A 820 -16.51 18.72 31.20
C TYR A 820 -17.11 17.35 30.97
N ILE A 821 -16.51 16.55 30.10
CA ILE A 821 -16.98 15.18 29.92
C ILE A 821 -17.06 14.48 31.26
N THR A 822 -15.97 14.52 32.01
CA THR A 822 -15.93 13.83 33.29
C THR A 822 -17.10 14.19 34.17
N ALA A 823 -17.67 15.36 34.00
CA ALA A 823 -18.86 15.69 34.75
C ALA A 823 -20.11 15.01 34.21
N THR A 824 -20.62 15.46 33.07
CA THR A 824 -21.88 14.95 32.56
C THR A 824 -21.74 13.78 31.60
N ALA A 825 -20.53 13.50 31.12
CA ALA A 825 -20.28 12.42 30.18
C ALA A 825 -21.23 12.45 29.00
N PHE A 826 -21.60 11.29 28.49
CA PHE A 826 -22.36 11.18 27.25
C PHE A 826 -22.47 9.71 26.86
N THR A 827 -23.38 9.40 25.95
CA THR A 827 -23.66 8.01 25.61
C THR A 827 -24.67 7.97 24.46
N CYS A 828 -24.93 6.77 23.99
CA CYS A 828 -25.95 6.48 22.98
C CYS A 828 -27.06 5.71 23.67
N GLY A 829 -28.05 5.27 22.91
CA GLY A 829 -29.14 4.52 23.49
C GLY A 829 -29.89 3.74 22.44
N MET A 830 -30.59 2.71 22.90
CA MET A 830 -31.46 1.96 22.02
C MET A 830 -32.64 2.82 21.61
N ASP A 831 -33.24 3.47 22.59
CA ASP A 831 -34.31 4.42 22.32
C ASP A 831 -33.95 5.38 21.21
N ASP A 832 -32.66 5.75 21.11
CA ASP A 832 -32.20 6.69 20.11
C ASP A 832 -32.70 6.36 18.71
N LEU A 833 -32.82 5.08 18.37
CA LEU A 833 -33.11 4.69 17.01
C LEU A 833 -34.59 4.39 16.77
N ARG A 834 -35.45 4.63 17.74
CA ARG A 834 -36.86 4.38 17.57
C ARG A 834 -37.57 5.57 16.95
N LEU A 835 -38.40 5.30 15.96
CA LEU A 835 -39.40 6.23 15.47
C LEU A 835 -40.52 6.39 16.48
N THR A 836 -41.30 7.44 16.31
CA THR A 836 -42.59 7.44 16.94
C THR A 836 -43.49 6.43 16.23
N ALA A 837 -44.72 6.30 16.73
CA ALA A 837 -45.65 5.40 16.07
C ALA A 837 -45.96 5.88 14.66
N GLU A 838 -46.27 7.16 14.51
CA GLU A 838 -46.67 7.67 13.20
C GLU A 838 -45.54 7.58 12.19
N GLY A 839 -44.31 7.80 12.66
CA GLY A 839 -43.17 7.71 11.77
C GLY A 839 -43.18 6.41 10.98
N ASN A 840 -43.32 5.29 11.67
CA ASN A 840 -43.51 4.03 10.96
C ASN A 840 -44.77 4.04 10.14
N LYS A 841 -45.89 4.44 10.75
CA LYS A 841 -47.13 4.58 10.02
C LYS A 841 -46.92 5.33 8.72
N TRP A 842 -46.24 6.46 8.79
CA TRP A 842 -45.73 7.07 7.57
C TRP A 842 -44.89 6.09 6.79
N ARG A 843 -43.85 5.56 7.43
CA ARG A 843 -42.85 4.77 6.72
C ARG A 843 -43.49 3.67 5.91
N THR A 844 -44.58 3.10 6.41
CA THR A 844 -45.38 2.20 5.60
C THR A 844 -45.84 2.86 4.32
N ASP A 845 -46.49 4.00 4.45
CA ASP A 845 -47.39 4.49 3.40
C ASP A 845 -46.65 4.67 2.09
N ILE A 846 -45.57 5.44 2.11
CA ILE A 846 -44.81 5.63 0.88
C ILE A 846 -44.30 4.30 0.36
N LEU A 847 -43.73 3.49 1.23
CA LEU A 847 -43.22 2.20 0.79
C LEU A 847 -44.32 1.35 0.18
N LYS A 848 -45.56 1.51 0.65
CA LYS A 848 -46.66 0.78 0.06
C LYS A 848 -46.83 1.06 -1.43
N THR A 849 -46.88 2.32 -1.81
CA THR A 849 -47.12 2.70 -3.19
C THR A 849 -46.05 2.19 -4.15
N SER A 850 -44.90 1.79 -3.63
CA SER A 850 -43.77 1.40 -4.46
C SER A 850 -44.03 0.16 -5.31
N VAL A 851 -45.18 -0.50 -5.12
CA VAL A 851 -45.40 -1.83 -5.70
C VAL A 851 -45.10 -1.85 -7.19
N ASP A 852 -45.94 -1.20 -7.99
CA ASP A 852 -45.90 -1.40 -9.43
C ASP A 852 -44.81 -0.59 -10.10
N THR A 853 -43.99 0.10 -9.31
CA THR A 853 -42.99 1.00 -9.86
C THR A 853 -42.19 0.36 -10.97
N GLY A 854 -41.62 -0.81 -10.70
CA GLY A 854 -40.78 -1.45 -11.70
C GLY A 854 -41.50 -1.68 -13.01
N ARG A 855 -42.66 -2.32 -12.96
CA ARG A 855 -43.38 -2.65 -14.19
C ARG A 855 -43.56 -1.42 -15.07
N GLU A 856 -43.95 -0.30 -14.47
CA GLU A 856 -44.16 0.91 -15.23
C GLU A 856 -42.87 1.36 -15.91
N ALA A 857 -41.76 1.30 -15.20
CA ALA A 857 -40.49 1.68 -15.80
C ALA A 857 -40.20 0.84 -17.04
N ALA A 858 -40.62 -0.41 -17.04
CA ALA A 858 -40.35 -1.28 -18.18
C ALA A 858 -41.16 -0.85 -19.39
N ALA A 859 -42.48 -0.72 -19.22
CA ALA A 859 -43.37 -0.43 -20.33
C ALA A 859 -42.91 0.77 -21.13
N GLU A 860 -42.43 1.80 -20.43
CA GLU A 860 -41.94 2.98 -21.13
C GLU A 860 -40.70 2.66 -21.95
N VAL A 861 -39.72 2.00 -21.34
CA VAL A 861 -38.51 1.65 -22.07
C VAL A 861 -38.86 0.77 -23.27
N THR A 862 -39.64 -0.27 -23.04
CA THR A 862 -40.11 -1.14 -24.11
C THR A 862 -40.98 -0.41 -25.10
N ASN A 863 -41.40 0.82 -24.78
CA ASN A 863 -42.37 1.56 -25.57
C ASN A 863 -43.70 0.81 -25.58
N LEU A 864 -44.14 0.42 -24.40
CA LEU A 864 -45.43 -0.22 -24.21
C LEU A 864 -46.29 0.65 -23.31
N ASP A 865 -47.60 0.41 -23.38
CA ASP A 865 -48.53 1.10 -22.52
C ASP A 865 -48.17 0.91 -21.05
N LYS A 866 -48.30 1.99 -20.28
CA LYS A 866 -48.01 1.95 -18.86
C LYS A 866 -48.76 0.84 -18.13
N ASP A 867 -49.97 0.52 -18.56
CA ASP A 867 -50.81 -0.44 -17.86
C ASP A 867 -50.60 -1.85 -18.36
N THR A 868 -49.65 -2.05 -19.25
CA THR A 868 -49.32 -3.38 -19.72
C THR A 868 -49.01 -4.26 -18.52
N PRO A 869 -49.76 -5.33 -18.29
CA PRO A 869 -49.45 -6.23 -17.18
C PRO A 869 -48.13 -6.93 -17.42
N ALA A 870 -47.44 -7.24 -16.33
CA ALA A 870 -46.10 -7.79 -16.41
C ALA A 870 -46.05 -9.13 -17.13
N ASP A 871 -47.20 -9.77 -17.34
CA ASP A 871 -47.27 -11.09 -17.93
C ASP A 871 -47.37 -11.07 -19.45
N ASP A 872 -47.33 -9.90 -20.06
CA ASP A 872 -47.44 -9.83 -21.51
C ASP A 872 -46.25 -10.50 -22.18
N PRO A 873 -46.46 -11.45 -23.08
CA PRO A 873 -45.33 -12.14 -23.71
C PRO A 873 -44.42 -11.20 -24.47
N GLU A 874 -45.01 -10.34 -25.31
CA GLU A 874 -44.21 -9.32 -25.98
C GLU A 874 -43.38 -8.54 -24.98
N LEU A 875 -44.01 -8.02 -23.94
CA LEU A 875 -43.27 -7.42 -22.84
C LEU A 875 -42.18 -8.35 -22.37
N LEU A 876 -42.54 -9.58 -22.00
CA LEU A 876 -41.53 -10.54 -21.58
C LEU A 876 -40.53 -10.81 -22.69
N LYS A 877 -41.00 -10.84 -23.92
CA LYS A 877 -40.10 -11.04 -25.04
C LYS A 877 -39.08 -9.91 -25.13
N ARG A 878 -39.56 -8.68 -25.23
CA ARG A 878 -38.65 -7.55 -25.33
C ARG A 878 -37.61 -7.57 -24.23
N LEU A 879 -38.03 -7.86 -23.00
CA LEU A 879 -37.08 -8.01 -21.91
C LEU A 879 -35.96 -8.96 -22.29
N GLN A 880 -36.32 -10.19 -22.66
CA GLN A 880 -35.31 -11.13 -23.10
C GLN A 880 -34.49 -10.54 -24.24
N GLU A 881 -35.16 -9.98 -25.23
CA GLU A 881 -34.45 -9.20 -26.24
C GLU A 881 -33.55 -8.18 -25.58
N ILE A 882 -34.10 -7.37 -24.67
CA ILE A 882 -33.29 -6.40 -23.96
C ILE A 882 -32.19 -7.10 -23.20
N LEU A 883 -32.54 -8.19 -22.50
CA LEU A 883 -31.54 -8.91 -21.73
C LEU A 883 -30.34 -9.27 -22.58
N ARG A 884 -30.56 -9.49 -23.87
CA ARG A 884 -29.45 -9.82 -24.75
C ARG A 884 -28.48 -8.67 -24.93
N ASP A 885 -28.95 -7.43 -24.96
CA ASP A 885 -28.06 -6.28 -25.11
C ASP A 885 -27.40 -5.98 -23.78
N ASN A 886 -26.09 -5.77 -23.82
CA ASN A 886 -25.41 -5.08 -22.73
C ASN A 886 -25.98 -3.68 -22.55
N ASN A 887 -25.93 -2.88 -23.60
CA ASN A 887 -26.28 -1.47 -23.47
C ASN A 887 -27.70 -1.31 -22.93
N LYS A 888 -28.69 -1.84 -23.65
CA LYS A 888 -30.08 -1.66 -23.25
C LYS A 888 -30.29 -2.02 -21.79
N SER A 889 -29.60 -3.07 -21.33
CA SER A 889 -29.67 -3.42 -19.92
C SER A 889 -29.28 -2.24 -19.05
N GLY A 890 -28.06 -1.72 -19.23
CA GLY A 890 -27.66 -0.56 -18.47
C GLY A 890 -28.60 0.60 -18.67
N ILE A 891 -29.16 0.72 -19.88
CA ILE A 891 -30.13 1.76 -20.14
C ILE A 891 -31.37 1.56 -19.29
N LEU A 892 -31.84 0.31 -19.22
CA LEU A 892 -33.00 0.00 -18.39
C LEU A 892 -32.79 0.45 -16.95
N ASP A 893 -31.63 0.11 -16.40
CA ASP A 893 -31.39 0.33 -14.98
C ASP A 893 -31.58 1.80 -14.61
N ALA A 894 -30.82 2.68 -15.27
CA ALA A 894 -30.85 4.09 -14.92
C ALA A 894 -32.28 4.60 -14.87
N VAL A 895 -33.11 4.19 -15.83
CA VAL A 895 -34.52 4.54 -15.79
C VAL A 895 -35.13 4.08 -14.48
N THR A 896 -35.06 2.78 -14.21
CA THR A 896 -35.51 2.27 -12.93
C THR A 896 -34.79 2.98 -11.80
N SER A 897 -33.48 3.16 -11.94
CA SER A 897 -32.71 3.86 -10.92
C SER A 897 -33.34 5.20 -10.58
N SER A 898 -33.66 5.97 -11.61
CA SER A 898 -34.20 7.30 -11.38
C SER A 898 -35.43 7.26 -10.49
N LYS A 899 -36.44 6.51 -10.90
CA LYS A 899 -37.72 6.56 -10.20
C LYS A 899 -37.56 6.23 -8.73
N VAL A 900 -36.96 5.07 -8.45
CA VAL A 900 -36.87 4.61 -7.07
C VAL A 900 -36.13 5.60 -6.20
N ASN A 901 -35.16 6.32 -6.76
CA ASN A 901 -34.48 7.34 -5.98
C ASN A 901 -35.48 8.31 -5.38
N ALA A 902 -36.43 8.78 -6.17
CA ALA A 902 -37.43 9.70 -5.66
C ALA A 902 -38.16 9.11 -4.47
N ILE A 903 -38.47 7.81 -4.55
CA ILE A 903 -39.10 7.13 -3.41
C ILE A 903 -38.30 7.42 -2.16
N THR A 904 -37.02 7.09 -2.24
CA THR A 904 -36.10 7.21 -1.11
C THR A 904 -36.12 8.60 -0.52
N SER A 905 -36.14 9.59 -1.41
CA SER A 905 -36.16 10.97 -0.98
C SER A 905 -37.47 11.32 -0.29
N GLN A 906 -38.26 10.33 0.12
CA GLN A 906 -39.50 10.71 0.77
C GLN A 906 -39.55 10.21 2.21
N VAL A 907 -39.24 8.92 2.38
CA VAL A 907 -39.23 8.33 3.70
C VAL A 907 -38.31 9.08 4.67
N VAL A 908 -37.10 9.36 4.22
CA VAL A 908 -36.13 10.02 5.09
C VAL A 908 -36.54 11.45 5.37
N SER A 909 -37.03 12.14 4.35
CA SER A 909 -37.36 13.55 4.47
C SER A 909 -38.48 13.77 5.50
N LYS A 910 -39.33 12.76 5.65
CA LYS A 910 -40.49 12.82 6.51
C LYS A 910 -40.19 12.34 7.93
N CYS A 911 -39.38 11.27 8.04
CA CYS A 911 -39.13 10.66 9.35
C CYS A 911 -37.94 11.25 10.15
N VAL A 912 -36.91 11.72 9.47
CA VAL A 912 -35.78 12.37 10.17
C VAL A 912 -35.65 13.85 9.84
N PRO A 913 -35.83 14.73 10.85
CA PRO A 913 -35.95 14.39 12.28
C PRO A 913 -37.36 14.28 12.83
N ASP A 914 -38.39 14.59 12.04
CA ASP A 914 -39.72 14.82 12.64
C ASP A 914 -40.38 13.62 13.28
N GLY A 915 -39.90 12.43 12.95
CA GLY A 915 -40.56 11.22 13.39
C GLY A 915 -39.76 10.46 14.41
N THR A 916 -38.70 11.07 14.91
CA THR A 916 -37.83 10.38 15.86
C THR A 916 -38.38 10.47 17.30
N MET A 917 -38.19 9.39 18.06
CA MET A 917 -38.66 9.38 19.45
C MET A 917 -37.95 10.41 20.32
N LYS A 918 -36.62 10.36 20.31
CA LYS A 918 -35.81 11.42 20.91
C LYS A 918 -35.36 12.41 19.84
N LYS A 919 -35.39 13.68 20.21
CA LYS A 919 -35.02 14.75 19.29
C LYS A 919 -33.65 15.28 19.68
N PHE A 920 -32.97 15.92 18.73
CA PHE A 920 -31.80 16.71 19.07
C PHE A 920 -32.25 17.75 20.11
N PRO A 921 -31.40 18.04 21.11
CA PRO A 921 -30.04 17.57 21.35
C PRO A 921 -29.91 16.28 22.16
N CYS A 922 -31.02 15.74 22.63
CA CYS A 922 -30.97 14.61 23.55
C CYS A 922 -30.62 13.38 22.80
N ASN A 923 -31.04 13.34 21.55
CA ASN A 923 -30.71 12.23 20.66
C ASN A 923 -29.25 12.29 20.22
N SER A 924 -28.42 11.49 20.85
CA SER A 924 -27.00 11.53 20.61
C SER A 924 -26.63 11.08 19.19
N MET A 925 -27.38 10.13 18.65
CA MET A 925 -27.11 9.66 17.30
C MET A 925 -27.32 10.81 16.33
N GLN A 926 -28.40 11.56 16.49
CA GLN A 926 -28.59 12.72 15.63
C GLN A 926 -27.55 13.81 15.90
N ALA A 927 -27.28 14.06 17.17
CA ALA A 927 -26.39 15.15 17.54
C ALA A 927 -24.99 14.93 16.95
N MET A 928 -24.53 13.68 16.93
CA MET A 928 -23.19 13.39 16.40
C MET A 928 -23.14 13.72 14.92
N ALA A 929 -24.13 13.25 14.18
CA ALA A 929 -24.19 13.50 12.74
C ALA A 929 -24.44 14.97 12.45
N LEU A 930 -25.44 15.54 13.11
CA LEU A 930 -25.78 16.95 12.91
C LEU A 930 -24.56 17.85 13.15
N SER A 931 -23.94 17.69 14.31
CA SER A 931 -22.76 18.49 14.66
C SER A 931 -21.55 18.04 13.84
N GLY A 932 -21.79 17.16 12.88
CA GLY A 932 -20.73 16.66 12.04
C GLY A 932 -19.62 16.02 12.83
N ALA A 933 -19.85 15.73 14.11
CA ALA A 933 -18.87 14.96 14.86
C ALA A 933 -18.50 13.70 14.12
N LYS A 934 -19.49 12.91 13.75
CA LYS A 934 -19.16 11.78 12.91
C LYS A 934 -20.38 11.42 12.08
N GLY A 935 -20.12 10.99 10.85
CA GLY A 935 -21.18 10.49 10.01
C GLY A 935 -22.11 11.57 9.51
N SER A 936 -22.93 11.19 8.54
CA SER A 936 -23.84 12.12 7.87
C SER A 936 -25.23 11.54 7.93
N ASN A 937 -26.20 12.37 7.55
CA ASN A 937 -27.59 11.93 7.52
C ASN A 937 -27.75 10.62 6.78
N VAL A 938 -26.85 10.39 5.81
CA VAL A 938 -26.87 9.18 5.00
C VAL A 938 -26.87 7.92 5.84
N ASN A 939 -25.97 7.85 6.82
CA ASN A 939 -25.87 6.69 7.70
C ASN A 939 -27.18 6.48 8.45
N VAL A 940 -27.51 7.43 9.33
CA VAL A 940 -28.72 7.37 10.12
C VAL A 940 -29.96 7.16 9.23
N SER A 941 -30.07 7.95 8.18
CA SER A 941 -31.20 7.84 7.26
C SER A 941 -31.36 6.43 6.70
N GLN A 942 -30.28 5.87 6.17
CA GLN A 942 -30.32 4.53 5.59
C GLN A 942 -30.55 3.42 6.63
N ILE A 943 -30.12 3.67 7.86
CA ILE A 943 -30.31 2.70 8.94
C ILE A 943 -31.67 2.86 9.63
N MET A 944 -32.41 3.90 9.27
CA MET A 944 -33.71 4.16 9.86
C MET A 944 -34.82 4.19 8.83
N CYS A 945 -34.55 4.80 7.67
CA CYS A 945 -35.57 4.88 6.63
C CYS A 945 -35.47 3.72 5.64
N LEU A 946 -34.27 3.20 5.44
CA LEU A 946 -34.13 2.09 4.51
C LEU A 946 -32.86 2.29 3.71
N LEU A 947 -32.39 1.21 3.09
CA LEU A 947 -31.11 1.27 2.40
C LEU A 947 -31.30 1.59 0.92
N GLY A 948 -32.54 1.60 0.46
CA GLY A 948 -32.86 1.89 -0.92
C GLY A 948 -32.27 0.88 -1.88
N GLN A 949 -32.26 1.27 -3.15
CA GLN A 949 -31.74 0.41 -4.20
C GLN A 949 -30.22 0.33 -4.15
N GLN A 950 -29.73 -0.90 -4.18
CA GLN A 950 -28.30 -1.14 -4.31
C GLN A 950 -27.83 -0.64 -5.66
N ALA A 951 -26.53 -0.41 -5.78
CA ALA A 951 -25.93 -0.07 -7.05
C ALA A 951 -24.58 -0.74 -7.15
N LEU A 952 -24.29 -1.30 -8.31
CA LEU A 952 -22.99 -1.92 -8.54
C LEU A 952 -22.37 -1.23 -9.74
N GLU A 953 -21.33 -0.44 -9.49
CA GLU A 953 -20.60 0.23 -10.55
C GLU A 953 -21.56 0.86 -11.56
N GLY A 954 -22.52 1.62 -11.05
CA GLY A 954 -23.54 2.22 -11.85
C GLY A 954 -24.51 1.25 -12.47
N ARG A 955 -24.70 0.08 -11.86
CA ARG A 955 -25.61 -0.90 -12.42
C ARG A 955 -26.43 -1.57 -11.34
N ARG A 956 -27.33 -2.45 -11.76
CA ARG A 956 -28.12 -3.28 -10.86
C ARG A 956 -27.42 -4.64 -10.73
N VAL A 957 -27.99 -5.64 -10.08
CA VAL A 957 -27.32 -6.92 -9.96
C VAL A 957 -27.28 -7.59 -11.32
N PRO A 958 -26.12 -8.06 -11.77
CA PRO A 958 -26.09 -8.85 -13.01
C PRO A 958 -26.99 -10.06 -12.89
N VAL A 959 -27.66 -10.38 -13.99
CA VAL A 959 -28.69 -11.40 -14.01
C VAL A 959 -28.07 -12.70 -14.52
N MET A 960 -28.45 -13.81 -13.88
CA MET A 960 -28.09 -15.10 -14.43
C MET A 960 -28.74 -15.28 -15.80
N VAL A 961 -27.99 -15.92 -16.70
CA VAL A 961 -28.41 -16.03 -18.09
C VAL A 961 -29.76 -16.72 -18.20
N SER A 962 -30.21 -17.34 -17.12
CA SER A 962 -31.58 -17.79 -17.03
C SER A 962 -32.60 -16.67 -17.14
N GLY A 963 -32.15 -15.42 -17.09
CA GLY A 963 -33.08 -14.34 -16.93
C GLY A 963 -33.60 -14.18 -15.52
N LYS A 964 -32.94 -14.78 -14.54
CA LYS A 964 -33.33 -14.67 -13.16
C LYS A 964 -32.23 -13.98 -12.38
N THR A 965 -32.61 -13.00 -11.57
CA THR A 965 -31.70 -12.35 -10.65
C THR A 965 -31.22 -13.30 -9.58
N LEU A 966 -32.01 -14.30 -9.24
CA LEU A 966 -31.79 -15.02 -8.01
C LEU A 966 -32.79 -16.16 -7.93
N PRO A 967 -32.39 -17.33 -7.47
CA PRO A 967 -33.25 -18.50 -7.53
C PRO A 967 -34.60 -18.31 -6.85
N SER A 968 -34.72 -17.28 -6.05
CA SER A 968 -36.00 -16.94 -5.45
C SER A 968 -36.87 -16.12 -6.38
N PHE A 969 -36.43 -15.84 -7.59
CA PHE A 969 -37.18 -14.98 -8.48
C PHE A 969 -37.37 -15.62 -9.85
N LYS A 970 -38.63 -15.73 -10.27
CA LYS A 970 -38.93 -16.16 -11.62
C LYS A 970 -38.30 -15.19 -12.60
N PRO A 971 -38.02 -15.66 -13.82
CA PRO A 971 -37.29 -14.81 -14.77
C PRO A 971 -38.06 -13.54 -15.08
N TYR A 972 -37.32 -12.50 -15.43
CA TYR A 972 -37.89 -11.30 -16.02
C TYR A 972 -38.94 -10.66 -15.12
N GLU A 973 -38.67 -10.60 -13.82
CA GLU A 973 -39.60 -9.94 -12.93
C GLU A 973 -39.40 -8.44 -12.93
N THR A 974 -40.48 -7.71 -12.70
CA THR A 974 -40.46 -6.26 -12.72
C THR A 974 -40.05 -5.62 -11.41
N ASP A 975 -40.01 -6.35 -10.31
CA ASP A 975 -39.79 -5.73 -9.01
C ASP A 975 -38.40 -5.13 -8.91
N ALA A 976 -38.34 -3.90 -8.43
CA ALA A 976 -37.06 -3.30 -8.10
C ALA A 976 -36.38 -4.06 -6.96
N MET A 977 -37.15 -4.50 -5.97
CA MET A 977 -36.57 -5.40 -4.98
C MET A 977 -36.02 -6.63 -5.64
N ALA A 978 -36.74 -7.19 -6.60
CA ALA A 978 -36.16 -8.27 -7.39
C ALA A 978 -34.88 -7.84 -8.07
N GLY A 979 -34.68 -6.54 -8.24
CA GLY A 979 -33.43 -6.03 -8.78
C GLY A 979 -32.52 -5.39 -7.77
N GLY A 980 -32.69 -5.70 -6.48
CA GLY A 980 -31.78 -5.16 -5.49
C GLY A 980 -32.24 -3.91 -4.79
N TYR A 981 -33.53 -3.65 -4.75
CA TYR A 981 -34.02 -2.48 -4.03
C TYR A 981 -34.32 -2.86 -2.59
N VAL A 982 -33.56 -2.30 -1.66
CA VAL A 982 -33.60 -2.73 -0.27
C VAL A 982 -34.60 -1.86 0.47
N LYS A 983 -35.67 -2.49 0.93
CA LYS A 983 -36.66 -1.79 1.74
C LYS A 983 -36.44 -1.98 3.23
N GLY A 984 -35.36 -2.63 3.63
CA GLY A 984 -35.13 -2.84 5.04
C GLY A 984 -34.23 -1.78 5.65
N ARG A 985 -34.07 -1.86 6.96
CA ARG A 985 -33.20 -0.98 7.71
C ARG A 985 -32.50 -1.81 8.77
N PHE A 986 -31.24 -1.47 9.04
CA PHE A 986 -30.48 -2.25 10.01
C PHE A 986 -31.23 -2.40 11.31
N TYR A 987 -32.11 -1.46 11.64
CA TYR A 987 -32.88 -1.59 12.86
C TYR A 987 -33.83 -2.77 12.80
N SER A 988 -34.69 -2.80 11.78
CA SER A 988 -35.76 -3.79 11.74
C SER A 988 -35.35 -5.09 11.07
N GLY A 989 -34.12 -5.18 10.59
CA GLY A 989 -33.64 -6.41 9.98
C GLY A 989 -33.98 -6.49 8.50
N ILE A 990 -33.22 -7.33 7.81
CA ILE A 990 -33.30 -7.39 6.37
C ILE A 990 -33.50 -8.83 5.92
N LYS A 991 -34.27 -8.99 4.85
CA LYS A 991 -34.56 -10.32 4.35
C LYS A 991 -33.29 -10.93 3.75
N PRO A 992 -33.24 -12.25 3.67
CA PRO A 992 -32.02 -12.90 3.17
C PRO A 992 -31.67 -12.49 1.77
N GLN A 993 -32.64 -12.54 0.86
CA GLN A 993 -32.45 -12.00 -0.48
C GLN A 993 -31.83 -10.63 -0.39
N GLU A 994 -32.55 -9.70 0.23
CA GLU A 994 -32.02 -8.39 0.52
C GLU A 994 -30.61 -8.51 1.07
N TYR A 995 -30.43 -9.36 2.07
CA TYR A 995 -29.12 -9.49 2.67
C TYR A 995 -28.09 -9.96 1.66
N TYR A 996 -28.41 -11.00 0.91
CA TYR A 996 -27.44 -11.56 -0.01
C TYR A 996 -26.97 -10.50 -0.99
N PHE A 997 -27.90 -9.70 -1.49
CA PHE A 997 -27.53 -8.54 -2.29
C PHE A 997 -26.44 -7.74 -1.64
N HIS A 998 -26.75 -7.14 -0.50
CA HIS A 998 -25.83 -6.19 0.11
C HIS A 998 -24.44 -6.77 0.25
N CYS A 999 -24.34 -8.08 0.43
CA CYS A 999 -23.03 -8.71 0.48
C CYS A 999 -22.21 -8.36 -0.75
N MET A 1000 -22.82 -8.43 -1.93
CA MET A 1000 -22.12 -8.00 -3.13
C MET A 1000 -21.63 -6.57 -2.98
N ALA A 1001 -22.54 -5.65 -2.68
CA ALA A 1001 -22.18 -4.26 -2.54
C ALA A 1001 -21.04 -4.09 -1.55
N GLY A 1002 -21.06 -4.85 -0.46
CA GLY A 1002 -19.92 -4.84 0.43
C GLY A 1002 -18.65 -5.23 -0.30
N ARG A 1003 -18.73 -6.25 -1.14
CA ARG A 1003 -17.52 -6.79 -1.75
C ARG A 1003 -16.88 -5.80 -2.71
N GLU A 1004 -17.60 -4.72 -3.05
CA GLU A 1004 -17.05 -3.72 -3.96
C GLU A 1004 -15.74 -3.17 -3.45
N GLY A 1005 -15.81 -2.33 -2.41
CA GLY A 1005 -14.67 -1.50 -2.05
C GLY A 1005 -13.44 -2.31 -1.72
N LEU A 1006 -13.67 -3.51 -1.21
CA LEU A 1006 -12.58 -4.42 -0.88
C LEU A 1006 -11.84 -4.64 -2.18
N ILE A 1007 -12.49 -5.35 -3.10
CA ILE A 1007 -11.88 -5.54 -4.42
C ILE A 1007 -11.31 -4.23 -4.91
N ASP A 1008 -11.98 -3.13 -4.59
CA ASP A 1008 -11.54 -1.84 -5.08
C ASP A 1008 -10.23 -1.42 -4.42
N THR A 1009 -10.17 -1.52 -3.09
CA THR A 1009 -8.91 -1.27 -2.39
C THR A 1009 -7.77 -2.11 -2.96
N ALA A 1010 -8.08 -3.26 -3.56
CA ALA A 1010 -7.09 -4.07 -4.24
C ALA A 1010 -6.87 -3.56 -5.66
N GLY A 1017 2.83 7.28 -6.00
CA GLY A 1017 4.07 7.58 -5.30
C GLY A 1017 5.27 7.48 -6.21
N TYR A 1018 5.39 6.33 -6.87
CA TYR A 1018 6.40 6.16 -7.91
C TYR A 1018 6.38 7.35 -8.86
N LEU A 1019 5.19 7.78 -9.23
CA LEU A 1019 5.01 9.07 -9.90
C LEU A 1019 5.72 10.18 -9.17
N GLN A 1020 5.25 10.51 -7.96
CA GLN A 1020 5.72 11.69 -7.26
C GLN A 1020 7.22 11.66 -7.07
N ARG A 1021 7.77 10.48 -6.82
CA ARG A 1021 9.22 10.35 -6.71
C ARG A 1021 9.92 11.00 -7.89
N CYS A 1022 9.41 10.75 -9.10
CA CYS A 1022 9.99 11.37 -10.28
C CYS A 1022 9.97 12.89 -10.17
N LEU A 1023 8.81 13.44 -9.80
CA LEU A 1023 8.68 14.87 -9.66
C LEU A 1023 9.74 15.43 -8.73
N THR A 1024 9.65 15.05 -7.46
CA THR A 1024 10.55 15.57 -6.44
C THR A 1024 12.00 15.52 -6.89
N LYS A 1025 12.42 14.36 -7.39
CA LYS A 1025 13.81 14.18 -7.78
C LYS A 1025 14.27 15.29 -8.70
N GLN A 1026 13.53 15.54 -9.76
CA GLN A 1026 13.93 16.56 -10.72
C GLN A 1026 13.82 17.96 -10.12
N LEU A 1027 12.97 18.15 -9.12
CA LEU A 1027 12.67 19.48 -8.62
C LEU A 1027 13.48 19.89 -7.41
N GLU A 1028 14.44 19.07 -6.99
CA GLU A 1028 15.19 19.39 -5.78
C GLU A 1028 15.69 20.83 -5.77
N GLY A 1029 16.28 21.29 -6.87
CA GLY A 1029 16.94 22.57 -6.90
C GLY A 1029 16.03 23.77 -6.86
N VAL A 1030 14.73 23.58 -6.83
CA VAL A 1030 13.80 24.70 -6.86
C VAL A 1030 13.93 25.48 -5.56
N HIS A 1031 14.13 26.79 -5.69
CA HIS A 1031 14.20 27.64 -4.51
C HIS A 1031 13.90 29.07 -4.92
N VAL A 1032 13.66 29.90 -3.92
CA VAL A 1032 13.46 31.32 -4.13
C VAL A 1032 14.77 32.04 -3.91
N SER A 1033 15.05 33.05 -4.73
CA SER A 1033 16.14 33.95 -4.40
C SER A 1033 15.60 35.27 -3.89
N TYR A 1034 16.53 36.13 -3.47
CA TYR A 1034 16.16 37.42 -2.89
C TYR A 1034 15.54 38.33 -3.93
N ASP A 1035 16.02 38.29 -5.15
CA ASP A 1035 15.48 39.08 -6.25
C ASP A 1035 14.05 38.69 -6.58
N ASN A 1036 13.54 37.64 -5.95
CA ASN A 1036 12.16 37.19 -6.07
C ASN A 1036 12.00 36.41 -7.36
N SER A 1037 13.07 36.33 -8.15
CA SER A 1037 13.08 35.35 -9.21
C SER A 1037 13.16 33.96 -8.62
N ILE A 1038 12.65 32.98 -9.35
CA ILE A 1038 12.68 31.60 -8.93
C ILE A 1038 13.80 30.90 -9.70
N ARG A 1039 14.63 30.16 -8.99
CA ARG A 1039 15.84 29.62 -9.58
C ARG A 1039 16.04 28.17 -9.18
N ASP A 1040 16.70 27.44 -10.07
CA ASP A 1040 17.38 26.22 -9.70
C ASP A 1040 18.71 26.60 -9.04
N ALA A 1041 19.42 25.59 -8.55
CA ALA A 1041 20.73 25.82 -7.94
C ALA A 1041 21.71 26.44 -8.90
N ASP A 1042 21.52 26.25 -10.21
CA ASP A 1042 22.36 26.88 -11.21
C ASP A 1042 21.92 28.32 -11.49
N GLY A 1043 20.86 28.78 -10.85
CA GLY A 1043 20.40 30.14 -10.97
C GLY A 1043 19.58 30.44 -12.21
N THR A 1044 19.08 29.42 -12.89
CA THR A 1044 18.25 29.67 -14.06
C THR A 1044 16.93 30.31 -13.65
N LEU A 1045 16.55 31.38 -14.32
CA LEU A 1045 15.28 32.04 -14.03
C LEU A 1045 14.16 31.11 -14.46
N VAL A 1046 13.07 31.11 -13.70
CA VAL A 1046 11.85 30.42 -14.09
C VAL A 1046 10.66 31.35 -14.05
N GLN A 1047 10.34 31.88 -12.88
CA GLN A 1047 9.28 32.85 -12.73
C GLN A 1047 9.87 34.15 -12.22
N PHE A 1048 9.70 35.19 -13.04
CA PHE A 1048 10.10 36.52 -12.59
C PHE A 1048 9.50 36.88 -11.25
N MET A 1049 8.18 36.83 -11.14
CA MET A 1049 7.56 36.93 -9.83
C MET A 1049 6.95 35.57 -9.51
N TYR A 1050 6.95 35.21 -8.22
CA TYR A 1050 6.64 33.85 -7.82
C TYR A 1050 5.31 33.38 -8.38
N GLY A 1051 4.21 33.89 -7.83
CA GLY A 1051 2.92 33.43 -8.31
C GLY A 1051 2.34 34.46 -9.24
N GLY A 1052 3.20 35.28 -9.82
CA GLY A 1052 2.73 36.50 -10.42
C GLY A 1052 2.33 37.52 -9.39
N ASP A 1053 2.40 37.14 -8.13
CA ASP A 1053 2.10 37.97 -6.98
C ASP A 1053 3.29 37.89 -6.04
N ALA A 1054 3.70 36.65 -5.73
CA ALA A 1054 4.74 36.28 -4.79
C ALA A 1054 4.19 36.17 -3.38
N ILE A 1055 2.91 36.44 -3.23
CA ILE A 1055 2.21 36.22 -1.98
C ILE A 1055 2.42 34.78 -1.56
N ASP A 1056 2.77 34.58 -0.29
CA ASP A 1056 2.85 33.24 0.27
C ASP A 1056 1.47 32.61 0.26
N ILE A 1057 1.44 31.28 0.19
CA ILE A 1057 0.18 30.55 0.26
C ILE A 1057 -0.41 30.65 1.65
N THR A 1058 0.43 30.57 2.67
CA THR A 1058 -0.05 30.57 4.03
C THR A 1058 -0.79 31.85 4.40
N LYS A 1059 -0.15 33.01 4.31
CA LYS A 1059 -0.78 34.26 4.69
C LYS A 1059 -1.95 34.61 3.78
N GLU A 1060 -2.03 33.95 2.62
CA GLU A 1060 -2.97 34.30 1.56
C GLU A 1060 -4.40 34.48 2.02
N SER A 1061 -4.84 33.74 3.02
CA SER A 1061 -6.24 33.61 3.35
C SER A 1061 -6.97 34.94 3.47
N HIS A 1062 -6.71 35.69 4.54
CA HIS A 1062 -7.53 36.82 4.91
C HIS A 1062 -7.37 38.02 3.99
N MET A 1063 -6.41 37.97 3.06
CA MET A 1063 -6.18 39.10 2.18
C MET A 1063 -7.48 39.62 1.58
N THR A 1064 -8.30 38.74 1.06
CA THR A 1064 -9.57 39.13 0.48
C THR A 1064 -10.65 39.33 1.53
N GLN A 1065 -10.34 39.08 2.80
CA GLN A 1065 -11.33 39.34 3.84
C GLN A 1065 -11.10 40.76 4.36
N PHE A 1066 -11.91 41.68 3.86
CA PHE A 1066 -11.73 43.05 4.27
C PHE A 1066 -12.58 43.40 5.48
N GLU A 1067 -13.85 42.99 5.48
CA GLU A 1067 -14.73 43.42 6.55
C GLU A 1067 -14.23 42.93 7.89
N PHE A 1068 -13.81 41.67 7.97
CA PHE A 1068 -13.12 41.22 9.16
C PHE A 1068 -11.96 42.15 9.48
N CYS A 1069 -11.07 42.38 8.51
CA CYS A 1069 -9.97 43.30 8.74
C CYS A 1069 -10.44 44.71 9.04
N LEU A 1070 -11.59 45.13 8.52
CA LEU A 1070 -12.11 46.42 8.92
C LEU A 1070 -12.26 46.50 10.42
N ASP A 1071 -13.00 45.56 10.99
CA ASP A 1071 -13.00 45.44 12.43
C ASP A 1071 -11.62 45.03 12.89
N ASN A 1072 -11.36 45.22 14.18
CA ASN A 1072 -10.13 44.78 14.81
C ASN A 1072 -8.97 45.68 14.40
N TYR A 1073 -9.25 46.68 13.56
CA TYR A 1073 -8.21 47.53 12.98
C TYR A 1073 -7.18 47.94 14.00
N TYR A 1074 -7.64 48.44 15.15
CA TYR A 1074 -6.71 48.83 16.19
C TYR A 1074 -5.79 47.69 16.57
N ALA A 1075 -6.37 46.55 16.92
CA ALA A 1075 -5.55 45.38 17.15
C ALA A 1075 -4.72 45.05 15.92
N LEU A 1076 -5.34 45.07 14.75
CA LEU A 1076 -4.57 44.87 13.53
C LEU A 1076 -3.45 45.88 13.44
N LEU A 1077 -3.75 47.13 13.74
CA LEU A 1077 -2.71 48.14 13.82
C LEU A 1077 -1.63 47.72 14.81
N LYS A 1078 -2.02 47.10 15.92
CA LYS A 1078 -1.04 46.67 16.92
C LYS A 1078 -0.04 45.71 16.33
N LYS A 1079 -0.52 44.67 15.66
CA LYS A 1079 0.36 43.62 15.17
C LYS A 1079 1.36 44.16 14.17
N TYR A 1080 0.87 44.77 13.10
CA TYR A 1080 1.76 45.23 12.04
C TYR A 1080 2.70 46.33 12.49
N ASN A 1081 2.23 47.25 13.34
CA ASN A 1081 3.07 48.31 13.84
C ASN A 1081 3.79 49.04 12.72
N PRO A 1082 3.08 49.87 11.96
CA PRO A 1082 3.73 50.62 10.88
C PRO A 1082 4.88 51.49 11.35
N SER A 1083 4.99 51.73 12.65
CA SER A 1083 5.84 52.79 13.16
C SER A 1083 7.27 52.68 12.69
N ALA A 1084 8.02 51.71 13.22
CA ALA A 1084 9.44 51.59 12.90
C ALA A 1084 9.69 51.36 11.41
N LEU A 1085 8.70 50.87 10.68
CA LEU A 1085 8.85 50.49 9.30
C LEU A 1085 9.17 51.65 8.37
N ILE A 1086 8.85 52.88 8.77
CA ILE A 1086 8.87 54.01 7.85
C ILE A 1086 10.29 54.29 7.36
N GLU A 1087 11.27 54.11 8.24
CA GLU A 1087 12.66 54.42 7.90
C GLU A 1087 13.11 53.74 6.63
N HIS A 1088 12.58 52.57 6.34
CA HIS A 1088 13.12 51.71 5.31
C HIS A 1088 12.39 51.81 3.98
N LEU A 1089 11.38 52.66 3.86
CA LEU A 1089 10.41 52.52 2.79
C LEU A 1089 10.16 53.83 2.06
N ASP A 1090 10.01 53.72 0.74
CA ASP A 1090 9.32 54.71 -0.06
C ASP A 1090 7.82 54.51 0.15
N VAL A 1091 7.12 55.59 0.48
CA VAL A 1091 5.69 55.52 0.73
C VAL A 1091 4.90 55.92 -0.51
N GLU A 1092 5.56 56.23 -1.63
CA GLU A 1092 4.94 57.07 -2.65
C GLU A 1092 4.96 56.48 -4.05
N SER A 1093 6.15 56.34 -4.64
CA SER A 1093 6.27 56.25 -6.09
C SER A 1093 5.32 55.23 -6.68
N ALA A 1094 5.28 54.04 -6.11
CA ALA A 1094 4.33 53.03 -6.57
C ALA A 1094 2.92 53.59 -6.60
N LEU A 1095 2.45 54.13 -5.47
CA LEU A 1095 1.10 54.66 -5.40
C LEU A 1095 0.88 55.71 -6.47
N LYS A 1096 1.81 56.66 -6.58
CA LYS A 1096 1.77 57.62 -7.66
C LYS A 1096 1.70 56.90 -9.00
N TYR A 1097 2.63 56.00 -9.25
CA TYR A 1097 2.67 55.32 -10.54
C TYR A 1097 1.47 54.42 -10.72
N SER A 1098 1.03 53.77 -9.65
CA SER A 1098 -0.11 52.87 -9.76
C SER A 1098 -1.33 53.58 -10.27
N LYS A 1099 -1.75 54.63 -9.58
CA LYS A 1099 -2.91 55.40 -10.00
C LYS A 1099 -2.77 55.84 -11.44
N LYS A 1100 -1.55 56.19 -11.84
CA LYS A 1100 -1.33 56.55 -13.24
C LYS A 1100 -1.79 55.42 -14.15
N THR A 1101 -1.21 54.24 -13.97
CA THR A 1101 -1.57 53.08 -14.78
C THR A 1101 -3.06 52.76 -14.66
N LEU A 1102 -3.60 52.89 -13.46
CA LEU A 1102 -5.02 52.63 -13.25
C LEU A 1102 -5.87 53.36 -14.28
N LYS A 1103 -5.64 54.66 -14.44
CA LYS A 1103 -6.37 55.44 -15.40
C LYS A 1103 -6.35 54.79 -16.78
N TYR A 1104 -5.14 54.48 -17.26
CA TYR A 1104 -5.00 53.86 -18.58
C TYR A 1104 -5.87 52.63 -18.70
N ARG A 1105 -5.70 51.67 -17.80
CA ARG A 1105 -6.55 50.50 -17.83
C ARG A 1105 -8.02 50.89 -17.79
N LYS A 1106 -8.41 51.78 -16.89
CA LYS A 1106 -9.77 52.30 -16.96
C LYS A 1106 -10.09 52.84 -18.34
N LYS A 1107 -9.19 53.67 -18.88
CA LYS A 1107 -9.39 54.19 -20.22
C LYS A 1107 -9.41 53.09 -21.27
N HIS A 1108 -8.54 52.11 -21.15
CA HIS A 1108 -8.34 51.05 -22.13
C HIS A 1108 -9.24 49.86 -21.85
N SER A 1109 -10.18 50.03 -20.92
CA SER A 1109 -10.86 48.91 -20.27
C SER A 1109 -11.36 47.87 -21.26
N LYS A 1110 -12.14 48.28 -22.25
CA LYS A 1110 -12.96 47.32 -22.98
C LYS A 1110 -12.28 46.74 -24.21
N GLU A 1111 -11.14 47.26 -24.63
CA GLU A 1111 -10.50 46.74 -25.82
C GLU A 1111 -9.94 45.34 -25.56
N PRO A 1112 -9.80 44.52 -26.60
CA PRO A 1112 -9.23 43.19 -26.41
C PRO A 1112 -7.76 43.26 -26.03
N HIS A 1113 -7.26 42.12 -25.56
CA HIS A 1113 -5.91 42.01 -25.03
C HIS A 1113 -4.85 42.52 -25.99
N TYR A 1114 -4.83 42.05 -27.23
CA TYR A 1114 -3.85 42.52 -28.19
C TYR A 1114 -3.98 44.00 -28.50
N LYS A 1115 -5.12 44.60 -28.21
CA LYS A 1115 -5.30 46.04 -28.34
C LYS A 1115 -4.78 46.81 -27.14
N GLN A 1116 -4.56 46.14 -26.03
CA GLN A 1116 -4.20 46.82 -24.80
C GLN A 1116 -2.93 47.64 -24.98
N SER A 1117 -2.99 48.90 -24.60
CA SER A 1117 -1.82 49.76 -24.63
C SER A 1117 -0.72 49.19 -23.75
N VAL A 1118 0.46 49.05 -24.32
CA VAL A 1118 1.57 48.37 -23.66
C VAL A 1118 2.43 49.43 -22.98
N LYS A 1119 1.99 50.69 -23.06
CA LYS A 1119 2.76 51.79 -22.53
C LYS A 1119 3.15 51.59 -21.07
N TYR A 1120 2.20 51.21 -20.22
CA TYR A 1120 2.40 51.22 -18.78
C TYR A 1120 2.39 49.78 -18.28
N ASP A 1121 3.47 49.40 -17.61
CA ASP A 1121 3.67 48.04 -17.20
C ASP A 1121 3.09 47.82 -15.80
N PRO A 1122 2.81 46.58 -15.42
CA PRO A 1122 2.36 46.33 -14.05
C PRO A 1122 3.33 46.91 -13.04
N VAL A 1123 2.75 47.59 -12.04
CA VAL A 1123 3.55 48.29 -11.04
C VAL A 1123 4.59 47.36 -10.47
N LEU A 1124 4.17 46.14 -10.14
CA LEU A 1124 5.10 45.13 -9.67
C LEU A 1124 6.29 44.98 -10.59
N ALA A 1125 6.08 45.05 -11.90
CA ALA A 1125 7.19 44.86 -12.83
C ALA A 1125 8.28 45.91 -12.63
N LYS A 1126 7.88 47.15 -12.38
CA LYS A 1126 8.86 48.22 -12.21
C LYS A 1126 9.42 48.33 -10.82
N TYR A 1127 8.80 47.70 -9.83
CA TYR A 1127 9.12 47.95 -8.44
C TYR A 1127 9.28 46.66 -7.66
N ASN A 1128 10.38 46.55 -6.94
CA ASN A 1128 10.49 45.54 -5.90
C ASN A 1128 9.38 45.79 -4.90
N PRO A 1129 8.46 44.87 -4.72
CA PRO A 1129 7.39 45.09 -3.74
C PRO A 1129 7.92 45.15 -2.33
N ALA A 1130 8.88 44.28 -2.01
CA ALA A 1130 9.51 44.32 -0.70
C ALA A 1130 10.12 45.68 -0.41
N LYS A 1131 10.64 46.35 -1.42
CA LYS A 1131 11.28 47.64 -1.26
C LYS A 1131 10.30 48.79 -1.15
N TYR A 1132 9.20 48.75 -1.90
CA TYR A 1132 8.34 49.91 -2.08
C TYR A 1132 6.97 49.62 -1.50
N LEU A 1133 6.40 50.63 -0.84
CA LEU A 1133 4.98 50.55 -0.52
C LEU A 1133 4.17 50.87 -1.75
N GLY A 1134 3.16 50.04 -2.01
CA GLY A 1134 2.23 50.27 -3.08
C GLY A 1134 2.45 49.39 -4.30
N SER A 1135 3.54 48.64 -4.35
CA SER A 1135 3.76 47.74 -5.46
C SER A 1135 2.88 46.53 -5.22
N VAL A 1136 1.90 46.30 -6.11
CA VAL A 1136 0.72 45.51 -5.77
C VAL A 1136 0.18 44.84 -7.04
N SER A 1137 -0.36 43.65 -6.86
CA SER A 1137 -1.16 43.05 -7.92
C SER A 1137 -2.46 43.83 -8.08
N GLU A 1138 -2.69 44.30 -9.30
CA GLU A 1138 -3.82 45.20 -9.51
C GLU A 1138 -5.13 44.61 -9.04
N ASN A 1139 -5.34 43.30 -9.23
CA ASN A 1139 -6.57 42.70 -8.75
C ASN A 1139 -6.80 43.04 -7.29
N PHE A 1140 -5.82 42.71 -6.45
CA PHE A 1140 -5.83 43.13 -5.06
C PHE A 1140 -6.06 44.63 -4.97
N GLN A 1141 -5.25 45.40 -5.68
CA GLN A 1141 -5.48 46.84 -5.80
C GLN A 1141 -6.92 47.13 -6.17
N ASP A 1142 -7.42 46.43 -7.18
CA ASP A 1142 -8.75 46.74 -7.69
C ASP A 1142 -9.81 46.36 -6.69
N LYS A 1143 -9.78 45.10 -6.24
CA LYS A 1143 -10.75 44.64 -5.25
C LYS A 1143 -10.84 45.60 -4.09
N LEU A 1144 -9.69 45.96 -3.54
CA LEU A 1144 -9.64 46.96 -2.49
C LEU A 1144 -10.45 48.18 -2.87
N GLU A 1145 -10.19 48.73 -4.05
CA GLU A 1145 -10.94 49.88 -4.50
C GLU A 1145 -12.41 49.57 -4.65
N SER A 1146 -12.73 48.44 -5.29
CA SER A 1146 -14.10 48.00 -5.34
C SER A 1146 -14.69 47.89 -3.94
N PHE A 1147 -13.92 47.31 -3.02
CA PHE A 1147 -14.38 47.23 -1.64
C PHE A 1147 -14.61 48.61 -1.06
N LEU A 1148 -13.56 49.44 -1.04
CA LEU A 1148 -13.66 50.76 -0.46
C LEU A 1148 -14.77 51.56 -1.11
N ASP A 1149 -15.13 51.20 -2.35
CA ASP A 1149 -16.17 51.92 -3.06
C ASP A 1149 -17.50 51.85 -2.31
N LYS A 1150 -18.03 50.64 -2.13
CA LYS A 1150 -19.35 50.47 -1.57
C LYS A 1150 -19.37 50.44 -0.06
N ASN A 1151 -18.21 50.26 0.56
CA ASN A 1151 -18.11 50.00 1.98
C ASN A 1151 -17.82 51.29 2.74
N SER A 1152 -17.80 52.40 2.01
CA SER A 1152 -17.51 53.70 2.62
C SER A 1152 -18.42 53.98 3.80
N LYS A 1153 -19.67 53.51 3.74
CA LYS A 1153 -20.62 53.73 4.82
C LYS A 1153 -20.03 53.33 6.17
N LEU A 1154 -19.22 52.28 6.15
CA LEU A 1154 -18.60 51.79 7.37
C LEU A 1154 -17.71 52.83 8.03
N PHE A 1155 -16.90 53.54 7.25
CA PHE A 1155 -15.98 54.54 7.75
C PHE A 1155 -16.71 55.67 8.47
N LYS A 1156 -17.98 55.88 8.12
CA LYS A 1156 -18.84 56.77 8.88
C LYS A 1156 -19.20 56.08 10.19
N SER A 1157 -19.84 54.92 10.07
CA SER A 1157 -20.19 54.11 11.23
C SER A 1157 -18.95 53.63 11.97
N SER A 1158 -17.76 53.90 11.44
CA SER A 1158 -16.51 53.44 12.03
C SER A 1158 -16.21 54.17 13.32
N ASP A 1159 -15.07 53.83 13.91
CA ASP A 1159 -14.56 54.45 15.14
C ASP A 1159 -13.86 55.77 14.83
N GLY A 1160 -13.87 56.19 13.58
CA GLY A 1160 -13.03 57.25 13.11
C GLY A 1160 -11.85 56.77 12.29
N VAL A 1161 -11.68 55.47 12.17
CA VAL A 1161 -10.64 54.90 11.33
C VAL A 1161 -10.86 55.40 9.92
N ASN A 1162 -9.83 56.00 9.35
CA ASN A 1162 -9.96 56.66 8.07
C ASN A 1162 -9.64 55.74 6.92
N GLU A 1163 -10.41 55.89 5.84
CA GLU A 1163 -10.19 55.09 4.66
C GLU A 1163 -8.74 55.18 4.20
N LYS A 1164 -8.18 56.39 4.23
CA LYS A 1164 -6.75 56.52 3.96
C LYS A 1164 -5.94 55.65 4.90
N LYS A 1165 -6.13 55.83 6.20
CA LYS A 1165 -5.48 54.96 7.17
C LYS A 1165 -5.71 53.50 6.82
N PHE A 1166 -6.93 53.17 6.41
CA PHE A 1166 -7.21 51.79 6.05
C PHE A 1166 -6.52 51.39 4.76
N ARG A 1167 -6.72 52.17 3.71
CA ARG A 1167 -6.08 51.88 2.43
C ARG A 1167 -4.59 51.67 2.61
N ALA A 1168 -3.92 52.66 3.19
CA ALA A 1168 -2.49 52.55 3.41
C ALA A 1168 -2.16 51.27 4.17
N LEU A 1169 -2.92 51.01 5.24
CA LEU A 1169 -2.59 49.86 6.09
C LEU A 1169 -2.66 48.56 5.32
N MET A 1170 -3.78 48.29 4.66
CA MET A 1170 -3.95 47.02 3.98
C MET A 1170 -2.77 46.72 3.08
N GLN A 1171 -2.26 47.75 2.40
CA GLN A 1171 -1.08 47.59 1.57
C GLN A 1171 0.03 46.93 2.34
N LEU A 1172 0.25 47.36 3.58
CA LEU A 1172 1.29 46.76 4.40
C LEU A 1172 1.10 45.26 4.52
N LYS A 1173 -0.08 44.82 4.95
CA LYS A 1173 -0.36 43.39 5.05
C LYS A 1173 0.06 42.68 3.79
N TYR A 1174 -0.38 43.19 2.64
CA TYR A 1174 0.05 42.65 1.37
C TYR A 1174 1.57 42.55 1.31
N MET A 1175 2.25 43.64 1.66
CA MET A 1175 3.71 43.61 1.58
C MET A 1175 4.29 42.84 2.75
N ARG A 1176 3.55 42.76 3.85
CA ARG A 1176 3.89 41.82 4.90
C ARG A 1176 3.70 40.39 4.45
N SER A 1177 2.93 40.17 3.40
CA SER A 1177 2.52 38.84 2.99
C SER A 1177 3.49 38.21 2.01
N LEU A 1178 4.59 38.88 1.69
CA LEU A 1178 5.50 38.38 0.69
C LEU A 1178 6.12 37.07 1.14
N ILE A 1179 6.37 36.18 0.19
CA ILE A 1179 7.06 34.94 0.47
C ILE A 1179 8.48 35.27 0.90
N ASN A 1180 9.11 34.37 1.65
CA ASN A 1180 10.50 34.57 2.04
C ASN A 1180 11.42 34.16 0.90
N PRO A 1181 12.62 34.70 0.81
CA PRO A 1181 13.61 34.15 -0.12
C PRO A 1181 14.16 32.84 0.41
N GLY A 1182 14.83 32.07 -0.46
CA GLY A 1182 15.42 30.81 -0.08
C GLY A 1182 14.43 29.71 0.20
N GLU A 1183 13.14 30.03 0.23
CA GLU A 1183 12.12 29.01 0.36
C GLU A 1183 12.20 28.06 -0.81
N ALA A 1184 12.23 26.77 -0.53
CA ALA A 1184 12.19 25.85 -1.65
C ALA A 1184 10.74 25.51 -1.88
N VAL A 1185 10.16 26.04 -2.96
CA VAL A 1185 8.75 25.80 -3.21
C VAL A 1185 8.56 24.47 -3.91
N GLY A 1186 9.56 24.02 -4.66
CA GLY A 1186 9.43 22.83 -5.46
C GLY A 1186 8.94 21.65 -4.65
N ILE A 1187 9.65 21.38 -3.56
CA ILE A 1187 9.19 20.36 -2.62
C ILE A 1187 7.77 20.67 -2.19
N ILE A 1188 7.55 21.89 -1.74
CA ILE A 1188 6.21 22.29 -1.32
C ILE A 1188 5.24 22.15 -2.49
N ALA A 1189 5.69 22.46 -3.70
CA ALA A 1189 4.86 22.18 -4.85
C ALA A 1189 4.78 20.69 -5.13
N SER A 1190 5.87 19.98 -4.88
CA SER A 1190 5.90 18.56 -5.16
C SER A 1190 4.87 17.83 -4.32
N GLN A 1191 4.98 17.93 -3.00
CA GLN A 1191 4.04 17.26 -2.13
C GLN A 1191 2.61 17.72 -2.41
N SER A 1192 2.45 19.01 -2.72
CA SER A 1192 1.13 19.58 -2.94
C SER A 1192 0.33 18.83 -3.98
N VAL A 1193 1.00 18.13 -4.89
CA VAL A 1193 0.34 17.48 -6.00
C VAL A 1193 0.26 15.98 -5.81
N GLY A 1194 1.40 15.30 -5.68
CA GLY A 1194 1.39 13.86 -5.60
C GLY A 1194 0.57 13.32 -4.43
N GLU A 1195 0.61 14.03 -3.30
CA GLU A 1195 -0.03 13.52 -2.10
C GLU A 1195 -1.55 13.35 -2.25
N PRO A 1196 -2.32 14.37 -2.61
CA PRO A 1196 -3.78 14.20 -2.66
C PRO A 1196 -4.23 13.12 -3.62
N SER A 1197 -3.39 12.78 -4.60
CA SER A 1197 -3.72 11.73 -5.56
C SER A 1197 -4.23 10.47 -4.90
N THR A 1198 -3.67 10.09 -3.76
CA THR A 1198 -4.07 8.88 -3.06
C THR A 1198 -5.58 8.75 -2.95
N GLN A 1199 -6.27 9.84 -2.69
CA GLN A 1199 -7.71 9.81 -2.56
C GLN A 1199 -8.41 9.55 -3.89
N MET A 1200 -7.72 9.74 -5.01
CA MET A 1200 -8.28 9.47 -6.32
C MET A 1200 -8.15 8.00 -6.68
N THR A 1201 -7.67 7.17 -5.76
CA THR A 1201 -7.54 5.75 -6.00
C THR A 1201 -8.84 5.14 -6.55
N LEU A 1202 -9.99 5.72 -6.22
CA LEU A 1202 -11.26 5.23 -6.74
C LEU A 1202 -11.87 6.26 -7.68
N ASN A 1203 -13.01 5.93 -8.28
CA ASN A 1203 -13.61 6.84 -9.26
C ASN A 1203 -15.11 6.56 -9.37
N THR A 1204 -15.82 7.55 -9.89
CA THR A 1204 -17.27 7.48 -9.96
C THR A 1204 -17.66 7.15 -11.40
N PHE A 1205 -18.95 6.95 -11.62
CA PHE A 1205 -19.46 6.62 -12.96
C PHE A 1205 -20.89 7.12 -13.10
N ALA A 1213 -18.34 12.67 -23.08
CA ALA A 1213 -17.02 12.89 -22.49
C ALA A 1213 -16.30 11.57 -22.28
N ASN A 1214 -16.31 11.10 -21.03
CA ASN A 1214 -15.68 9.84 -20.67
C ASN A 1214 -14.23 9.80 -21.13
N VAL A 1215 -13.40 10.66 -20.56
CA VAL A 1215 -12.01 10.69 -20.88
C VAL A 1215 -11.29 9.78 -19.89
N THR A 1216 -9.99 9.57 -20.12
CA THR A 1216 -9.18 8.90 -19.11
C THR A 1216 -9.10 9.81 -17.89
N LEU A 1217 -9.14 9.19 -16.71
CA LEU A 1217 -9.25 9.94 -15.48
C LEU A 1217 -8.17 9.49 -14.51
N GLY A 1218 -8.20 10.08 -13.32
CA GLY A 1218 -7.31 9.67 -12.27
C GLY A 1218 -5.86 9.79 -12.68
N ILE A 1219 -5.01 9.03 -11.98
CA ILE A 1219 -3.59 9.06 -12.26
C ILE A 1219 -3.28 8.81 -13.73
N PRO A 1220 -3.91 7.87 -14.43
CA PRO A 1220 -3.53 7.64 -15.83
C PRO A 1220 -3.59 8.88 -16.69
N ARG A 1221 -4.68 9.63 -16.63
CA ARG A 1221 -4.72 10.90 -17.36
C ARG A 1221 -3.59 11.80 -16.91
N LEU A 1222 -3.37 11.88 -15.60
CA LEU A 1222 -2.24 12.62 -15.09
C LEU A 1222 -0.94 12.15 -15.71
N ARG A 1223 -0.66 10.85 -15.64
CA ARG A 1223 0.60 10.34 -16.14
C ARG A 1223 0.83 10.74 -17.59
N GLU A 1224 -0.22 10.67 -18.41
CA GLU A 1224 -0.08 11.12 -19.77
C GLU A 1224 0.52 12.50 -19.83
N ILE A 1225 -0.05 13.44 -19.10
CA ILE A 1225 0.48 14.79 -19.05
C ILE A 1225 1.92 14.80 -18.56
N VAL A 1226 2.13 14.55 -17.26
CA VAL A 1226 3.46 14.72 -16.71
C VAL A 1226 4.41 13.60 -17.11
N MET A 1227 4.04 12.35 -16.86
CA MET A 1227 4.97 11.24 -17.05
C MET A 1227 5.37 11.07 -18.50
N THR A 1228 4.42 10.89 -19.39
CA THR A 1228 4.71 10.60 -20.79
C THR A 1228 5.09 11.83 -21.59
N ALA A 1229 4.39 12.94 -21.42
CA ALA A 1229 4.32 13.99 -22.43
C ALA A 1229 3.90 13.37 -23.76
N SER A 1230 2.83 12.56 -23.68
CA SER A 1230 2.41 11.76 -24.81
C SER A 1230 2.15 12.60 -26.04
N ALA A 1231 2.64 12.12 -27.18
CA ALA A 1231 2.31 12.75 -28.45
C ALA A 1231 0.84 12.57 -28.79
N ALA A 1232 0.35 11.33 -28.78
CA ALA A 1232 -1.05 11.04 -29.04
C ALA A 1232 -1.64 10.43 -27.77
N ILE A 1233 -2.48 11.19 -27.09
CA ILE A 1233 -3.26 10.66 -25.99
C ILE A 1233 -4.37 9.82 -26.60
N LYS A 1234 -4.95 8.92 -25.82
CA LYS A 1234 -6.00 8.06 -26.35
C LYS A 1234 -7.21 8.87 -26.78
N THR A 1235 -7.55 9.92 -26.04
CA THR A 1235 -8.81 10.63 -26.23
C THR A 1235 -8.57 12.13 -26.27
N PRO A 1236 -7.98 12.64 -27.35
CA PRO A 1236 -7.96 14.08 -27.55
C PRO A 1236 -9.33 14.58 -27.95
N GLN A 1237 -9.71 15.73 -27.42
CA GLN A 1237 -11.02 16.28 -27.73
C GLN A 1237 -10.87 17.77 -28.00
N MET A 1238 -11.22 18.18 -29.21
CA MET A 1238 -11.32 19.59 -29.50
C MET A 1238 -12.59 20.13 -28.88
N THR A 1239 -12.49 21.34 -28.35
CA THR A 1239 -13.58 21.99 -27.65
C THR A 1239 -14.05 23.15 -28.51
N LEU A 1240 -15.28 23.06 -29.01
CA LEU A 1240 -15.69 24.02 -30.02
C LEU A 1240 -16.82 24.90 -29.52
N PRO A 1241 -16.54 26.14 -29.15
CA PRO A 1241 -17.62 27.10 -28.91
C PRO A 1241 -18.14 27.63 -30.25
N ILE A 1242 -19.37 28.12 -30.24
CA ILE A 1242 -20.05 28.51 -31.46
C ILE A 1242 -20.56 29.93 -31.32
N TRP A 1243 -20.92 30.53 -32.45
CA TRP A 1243 -21.57 31.82 -32.43
C TRP A 1243 -22.94 31.68 -31.78
N ASN A 1244 -23.47 32.79 -31.27
CA ASN A 1244 -24.73 32.72 -30.55
C ASN A 1244 -25.92 32.65 -31.50
N ASP A 1245 -25.85 33.39 -32.60
CA ASP A 1245 -26.91 33.44 -33.60
C ASP A 1245 -27.36 32.07 -34.09
N VAL A 1246 -26.45 31.11 -34.17
CA VAL A 1246 -26.77 29.76 -34.64
C VAL A 1246 -27.75 29.15 -33.65
N SER A 1247 -28.73 28.41 -34.16
CA SER A 1247 -29.62 27.68 -33.27
C SER A 1247 -29.02 26.32 -32.95
N ASP A 1248 -29.70 25.59 -32.07
CA ASP A 1248 -29.23 24.25 -31.73
C ASP A 1248 -29.37 23.30 -32.90
N GLU A 1249 -30.52 23.35 -33.58
CA GLU A 1249 -30.77 22.55 -34.77
C GLU A 1249 -29.63 22.67 -35.77
N GLN A 1250 -29.34 23.91 -36.19
CA GLN A 1250 -28.30 24.14 -37.18
C GLN A 1250 -27.00 23.49 -36.78
N ALA A 1251 -26.56 23.71 -35.54
CA ALA A 1251 -25.41 23.00 -35.02
C ALA A 1251 -25.63 21.50 -35.09
N ASP A 1252 -26.73 21.03 -34.52
CA ASP A 1252 -27.06 19.61 -34.61
C ASP A 1252 -26.99 19.14 -36.05
N THR A 1253 -27.65 19.87 -36.95
CA THR A 1253 -27.44 19.66 -38.36
C THR A 1253 -25.95 19.70 -38.68
N PHE A 1254 -25.28 20.78 -38.30
CA PHE A 1254 -23.87 20.91 -38.59
C PHE A 1254 -23.06 19.81 -37.95
N CYS A 1255 -23.43 19.40 -36.74
CA CYS A 1255 -22.70 18.31 -36.09
C CYS A 1255 -22.67 17.09 -36.99
N LYS A 1256 -23.82 16.69 -37.52
CA LYS A 1256 -23.87 15.56 -38.45
C LYS A 1256 -22.94 15.79 -39.64
N SER A 1257 -22.92 17.00 -40.18
CA SER A 1257 -22.12 17.28 -41.36
C SER A 1257 -20.67 16.88 -41.17
N ILE A 1258 -19.96 17.59 -40.29
CA ILE A 1258 -18.56 17.30 -39.99
C ILE A 1258 -18.36 15.91 -39.44
N SER A 1259 -19.43 15.29 -38.96
CA SER A 1259 -19.35 13.94 -38.40
C SER A 1259 -18.87 12.94 -39.45
N LYS A 1260 -18.30 11.83 -38.98
CA LYS A 1260 -17.80 10.80 -39.88
C LYS A 1260 -18.89 9.78 -40.21
N VAL A 1261 -18.97 9.40 -41.49
CA VAL A 1261 -19.97 8.45 -41.93
C VAL A 1261 -19.32 7.18 -42.49
N LEU A 1262 -20.05 6.08 -42.41
CA LEU A 1262 -19.54 4.80 -42.90
C LEU A 1262 -20.63 4.01 -43.62
N LEU A 1263 -20.24 3.32 -44.69
CA LEU A 1263 -21.18 2.52 -45.47
C LEU A 1263 -21.95 1.54 -44.59
N SER A 1264 -21.21 0.75 -43.82
CA SER A 1264 -21.82 -0.24 -42.93
C SER A 1264 -22.97 0.37 -42.14
N GLU A 1265 -23.03 1.69 -42.06
CA GLU A 1265 -24.07 2.33 -41.29
C GLU A 1265 -25.39 2.35 -42.02
N VAL A 1266 -25.36 2.53 -43.35
CA VAL A 1266 -26.56 2.78 -44.12
C VAL A 1266 -27.14 1.54 -44.75
N ILE A 1267 -26.54 0.38 -44.52
CA ILE A 1267 -26.94 -0.83 -45.22
C ILE A 1267 -28.08 -1.50 -44.48
N ASP A 1268 -29.22 -1.64 -45.16
CA ASP A 1268 -30.32 -2.40 -44.59
C ASP A 1268 -30.01 -3.88 -44.55
N LYS A 1269 -29.69 -4.46 -45.71
CA LYS A 1269 -29.42 -5.88 -45.79
C LYS A 1269 -28.62 -6.15 -47.05
N VAL A 1270 -27.94 -7.28 -47.07
CA VAL A 1270 -27.16 -7.71 -48.22
C VAL A 1270 -27.62 -9.09 -48.63
N ILE A 1271 -27.80 -9.31 -49.92
CA ILE A 1271 -28.15 -10.61 -50.46
C ILE A 1271 -27.29 -10.86 -51.69
N VAL A 1272 -26.48 -11.91 -51.63
CA VAL A 1272 -25.58 -12.28 -52.72
C VAL A 1272 -26.01 -13.64 -53.22
N THR A 1273 -25.89 -13.85 -54.52
CA THR A 1273 -26.25 -15.12 -55.14
C THR A 1273 -25.10 -15.58 -56.02
N GLU A 1274 -24.74 -16.84 -55.88
CA GLU A 1274 -23.72 -17.47 -56.70
C GLU A 1274 -24.37 -18.53 -57.58
N THR A 1275 -23.87 -18.63 -58.81
CA THR A 1275 -24.27 -19.68 -59.73
C THR A 1275 -23.02 -20.25 -60.40
N THR A 1276 -23.19 -21.41 -61.01
CA THR A 1276 -22.09 -22.08 -61.68
C THR A 1276 -22.45 -22.42 -63.13
N ALA A 1286 -21.43 -21.68 -67.18
CA ALA A 1286 -20.20 -21.77 -67.93
C ALA A 1286 -19.02 -21.24 -67.12
N ALA A 1287 -19.32 -20.58 -66.01
CA ALA A 1287 -18.30 -20.03 -65.13
C ALA A 1287 -18.89 -19.91 -63.73
N ARG A 1288 -18.07 -19.48 -62.78
CA ARG A 1288 -18.51 -19.26 -61.41
C ARG A 1288 -18.89 -17.79 -61.27
N SER A 1289 -20.18 -17.54 -61.08
CA SER A 1289 -20.74 -16.20 -61.14
C SER A 1289 -21.31 -15.80 -59.80
N TYR A 1290 -21.39 -14.50 -59.56
CA TYR A 1290 -21.92 -13.95 -58.32
C TYR A 1290 -22.82 -12.76 -58.62
N VAL A 1291 -24.08 -12.88 -58.24
CA VAL A 1291 -25.03 -11.78 -58.30
C VAL A 1291 -25.15 -11.23 -56.88
N ILE A 1292 -25.06 -9.92 -56.76
CA ILE A 1292 -24.90 -9.28 -55.47
C ILE A 1292 -25.96 -8.21 -55.33
N HIS A 1293 -26.88 -8.40 -54.39
CA HIS A 1293 -27.94 -7.44 -54.13
C HIS A 1293 -27.73 -6.83 -52.76
N MET A 1294 -27.65 -5.51 -52.72
CA MET A 1294 -27.53 -4.78 -51.47
C MET A 1294 -28.82 -3.99 -51.26
N ARG A 1295 -29.30 -3.99 -50.04
CA ARG A 1295 -30.50 -3.24 -49.69
C ARG A 1295 -30.11 -2.17 -48.67
N PHE A 1296 -30.47 -0.93 -48.97
CA PHE A 1296 -30.28 0.17 -48.03
C PHE A 1296 -31.60 0.56 -47.39
N PHE A 1297 -31.56 1.61 -46.58
CA PHE A 1297 -32.77 2.13 -45.97
C PHE A 1297 -33.39 3.19 -46.87
N ASP A 1298 -34.40 3.88 -46.34
CA ASP A 1298 -35.01 4.95 -47.10
C ASP A 1298 -34.02 6.09 -47.33
N ASN A 1299 -33.94 6.54 -48.57
CA ASN A 1299 -32.92 7.52 -48.94
C ASN A 1299 -32.96 8.72 -48.01
N ASN A 1300 -34.12 9.37 -47.93
CA ASN A 1300 -34.28 10.53 -47.07
C ASN A 1300 -33.74 10.29 -45.67
N GLU A 1301 -33.99 9.11 -45.11
CA GLU A 1301 -33.68 8.87 -43.71
C GLU A 1301 -32.21 9.13 -43.42
N TYR A 1302 -31.33 8.27 -43.92
CA TYR A 1302 -29.91 8.53 -43.73
C TYR A 1302 -29.48 9.83 -44.39
N SER A 1303 -30.07 10.17 -45.53
CA SER A 1303 -29.83 11.48 -46.11
C SER A 1303 -30.15 12.57 -45.10
N GLU A 1304 -31.21 12.36 -44.32
CA GLU A 1304 -31.43 13.21 -43.16
C GLU A 1304 -30.48 12.82 -42.03
N GLU A 1305 -30.46 11.53 -41.68
CA GLU A 1305 -29.66 11.09 -40.54
C GLU A 1305 -28.20 11.45 -40.69
N TYR A 1306 -27.53 10.82 -41.64
CA TYR A 1306 -26.11 11.06 -41.80
C TYR A 1306 -25.79 12.14 -42.82
N ASP A 1307 -26.80 12.86 -43.31
CA ASP A 1307 -26.59 13.95 -44.25
C ASP A 1307 -25.90 13.43 -45.51
N VAL A 1308 -26.65 12.66 -46.29
CA VAL A 1308 -26.08 11.84 -47.34
C VAL A 1308 -26.76 12.15 -48.66
N SER A 1309 -25.95 12.34 -49.69
CA SER A 1309 -26.43 12.37 -51.06
C SER A 1309 -26.15 11.03 -51.72
N LYS A 1310 -27.20 10.44 -52.29
CA LYS A 1310 -27.05 9.16 -52.96
C LYS A 1310 -25.95 9.21 -54.01
N GLU A 1311 -25.65 10.40 -54.53
CA GLU A 1311 -24.63 10.56 -55.55
C GLU A 1311 -23.27 10.18 -55.01
N GLU A 1312 -22.88 10.75 -53.88
CA GLU A 1312 -21.71 10.23 -53.16
C GLU A 1312 -21.87 8.74 -52.96
N LEU A 1313 -22.96 8.36 -52.31
CA LEU A 1313 -23.28 6.95 -52.10
C LEU A 1313 -23.10 6.17 -53.38
N GLN A 1314 -23.61 6.72 -54.48
CA GLN A 1314 -23.25 6.19 -55.78
C GLN A 1314 -21.76 6.31 -56.02
N ASN A 1315 -21.23 7.53 -55.98
CA ASN A 1315 -19.85 7.75 -56.36
C ASN A 1315 -18.89 6.97 -55.47
N VAL A 1316 -19.16 6.93 -54.17
CA VAL A 1316 -18.30 6.20 -53.26
C VAL A 1316 -18.10 4.77 -53.73
N ILE A 1317 -19.20 4.05 -53.89
CA ILE A 1317 -19.11 2.72 -54.47
C ILE A 1317 -18.55 2.81 -55.88
N SER A 1318 -19.01 3.82 -56.64
CA SER A 1318 -18.56 3.97 -58.02
C SER A 1318 -17.05 4.10 -58.09
N ASN A 1319 -16.42 4.50 -56.99
CA ASN A 1319 -14.97 4.61 -57.03
C ASN A 1319 -14.33 3.66 -56.03
N GLN A 1320 -14.32 4.04 -54.77
CA GLN A 1320 -13.42 3.37 -53.84
C GLN A 1320 -13.89 1.97 -53.45
N PHE A 1321 -15.19 1.79 -53.21
CA PHE A 1321 -15.70 0.49 -52.79
C PHE A 1321 -15.28 -0.60 -53.76
N ILE A 1322 -15.56 -0.40 -55.03
CA ILE A 1322 -15.24 -1.41 -56.03
C ILE A 1322 -13.76 -1.69 -56.06
N HIS A 1323 -12.95 -0.63 -56.23
CA HIS A 1323 -11.50 -0.79 -56.27
C HIS A 1323 -11.02 -1.66 -55.12
N LEU A 1324 -11.57 -1.45 -53.94
CA LEU A 1324 -11.26 -2.31 -52.82
C LEU A 1324 -11.83 -3.70 -53.03
N LEU A 1325 -12.98 -3.79 -53.70
CA LEU A 1325 -13.75 -5.02 -53.64
C LEU A 1325 -13.07 -6.15 -54.41
N GLU A 1326 -12.79 -5.94 -55.70
CA GLU A 1326 -12.10 -6.99 -56.46
C GLU A 1326 -10.68 -7.18 -55.95
N ALA A 1327 -10.17 -6.20 -55.21
CA ALA A 1327 -8.76 -6.22 -54.84
C ALA A 1327 -8.42 -7.42 -53.98
N ALA A 1328 -9.07 -7.55 -52.82
CA ALA A 1328 -8.69 -8.59 -51.88
C ALA A 1328 -9.02 -9.97 -52.42
N ILE A 1329 -10.06 -10.06 -53.23
CA ILE A 1329 -10.48 -11.34 -53.78
C ILE A 1329 -9.35 -11.96 -54.58
N VAL A 1330 -8.60 -11.12 -55.30
CA VAL A 1330 -7.40 -11.60 -55.97
C VAL A 1330 -6.46 -12.23 -54.96
N LYS A 1331 -6.07 -11.45 -53.95
CA LYS A 1331 -5.28 -12.00 -52.86
C LYS A 1331 -5.92 -13.25 -52.28
N GLU A 1332 -7.22 -13.20 -52.02
CA GLU A 1332 -7.98 -14.38 -51.65
C GLU A 1332 -7.74 -15.55 -52.58
N ILE A 1333 -7.92 -15.34 -53.88
CA ILE A 1333 -7.66 -16.39 -54.85
C ILE A 1333 -6.20 -16.81 -54.80
N LYS A 1334 -5.29 -15.84 -54.84
CA LYS A 1334 -3.86 -16.14 -54.84
C LYS A 1334 -3.48 -16.93 -53.60
N LYS A 1335 -4.19 -16.69 -52.50
CA LYS A 1335 -3.98 -17.46 -51.29
C LYS A 1335 -4.30 -18.93 -51.51
N GLN A 1336 -5.26 -19.23 -52.39
CA GLN A 1336 -5.75 -20.59 -52.56
C GLN A 1336 -4.70 -21.54 -53.10
N LYS A 1337 -3.54 -21.05 -53.51
CA LYS A 1337 -2.49 -21.91 -54.01
C LYS A 1337 -1.13 -21.47 -53.48
N LYS A 1441 -30.47 4.57 -69.63
CA LYS A 1441 -29.44 4.72 -70.65
C LYS A 1441 -28.07 4.99 -70.05
N VAL A 1442 -27.94 6.14 -69.41
CA VAL A 1442 -26.67 6.53 -68.82
C VAL A 1442 -26.19 5.47 -67.82
N GLN A 1443 -27.13 4.84 -67.10
CA GLN A 1443 -26.79 3.71 -66.25
C GLN A 1443 -26.01 2.67 -67.02
N ARG A 1444 -26.57 2.19 -68.13
CA ARG A 1444 -25.90 1.24 -69.00
C ARG A 1444 -24.53 1.77 -69.41
N ASP A 1445 -24.42 3.09 -69.56
CA ASP A 1445 -23.13 3.70 -69.87
C ASP A 1445 -22.30 3.83 -68.60
N ARG A 1446 -22.92 4.25 -67.50
CA ARG A 1446 -22.28 4.17 -66.20
C ARG A 1446 -21.86 2.74 -65.89
N GLN A 1447 -22.72 1.77 -66.19
CA GLN A 1447 -22.38 0.37 -66.02
C GLN A 1447 -21.19 -0.02 -66.90
N SER A 1448 -21.01 0.69 -68.02
CA SER A 1448 -19.96 0.33 -68.96
C SER A 1448 -18.57 0.65 -68.42
N ALA A 1449 -18.40 1.85 -67.84
CA ALA A 1449 -17.07 2.26 -67.40
C ALA A 1449 -16.52 1.34 -66.34
N ILE A 1450 -17.27 1.14 -65.26
CA ILE A 1450 -16.81 0.32 -64.14
C ILE A 1450 -16.45 -1.08 -64.60
N ILE A 1451 -17.31 -1.70 -65.41
CA ILE A 1451 -17.00 -3.02 -65.97
C ILE A 1451 -15.67 -3.00 -66.71
N SER A 1452 -15.42 -1.93 -67.45
CA SER A 1452 -14.14 -1.80 -68.15
C SER A 1452 -12.96 -1.75 -67.19
N HIS A 1453 -12.98 -0.85 -66.21
CA HIS A 1453 -11.86 -0.64 -65.32
C HIS A 1453 -11.62 -1.82 -64.40
N HIS A 1454 -12.61 -2.69 -64.23
CA HIS A 1454 -12.53 -3.71 -63.19
C HIS A 1454 -12.94 -5.04 -63.77
N ARG A 1455 -12.06 -6.02 -63.57
CA ARG A 1455 -12.09 -7.28 -64.30
C ARG A 1455 -13.40 -8.03 -64.18
N PHE A 1456 -13.80 -8.38 -62.97
CA PHE A 1456 -14.83 -9.39 -62.78
C PHE A 1456 -16.23 -8.82 -62.76
N ILE A 1457 -16.40 -7.56 -63.06
CA ILE A 1457 -17.73 -6.98 -63.01
C ILE A 1457 -18.39 -7.16 -64.37
N THR A 1458 -19.40 -8.02 -64.41
CA THR A 1458 -20.22 -8.16 -65.60
C THR A 1458 -21.43 -7.25 -65.60
N LYS A 1459 -21.83 -6.70 -64.46
CA LYS A 1459 -23.00 -5.86 -64.37
C LYS A 1459 -22.85 -4.87 -63.23
N TYR A 1460 -23.52 -3.74 -63.38
CA TYR A 1460 -23.75 -2.83 -62.27
C TYR A 1460 -25.19 -2.38 -62.31
N ASN A 1461 -25.79 -2.15 -61.16
CA ASN A 1461 -27.08 -1.51 -61.09
C ASN A 1461 -27.25 -0.91 -59.72
N PHE A 1462 -28.22 0.01 -59.60
CA PHE A 1462 -28.48 0.71 -58.36
C PHE A 1462 -29.90 1.26 -58.41
N ASP A 1463 -30.44 1.62 -57.25
CA ASP A 1463 -31.76 2.24 -57.20
C ASP A 1463 -31.54 3.74 -57.33
N ASP A 1464 -31.91 4.27 -58.49
CA ASP A 1464 -31.62 5.66 -58.77
C ASP A 1464 -32.77 6.58 -58.39
N GLU A 1465 -33.88 6.01 -57.94
CA GLU A 1465 -34.97 6.83 -57.42
C GLU A 1465 -35.00 6.81 -55.90
N SER A 1466 -35.47 5.71 -55.33
CA SER A 1466 -35.54 5.57 -53.89
C SER A 1466 -34.19 5.31 -53.25
N GLY A 1467 -33.18 4.95 -54.03
CA GLY A 1467 -31.90 4.58 -53.45
C GLY A 1467 -31.97 3.36 -52.59
N LYS A 1468 -33.13 2.71 -52.53
CA LYS A 1468 -33.39 1.62 -51.61
C LYS A 1468 -32.39 0.49 -51.73
N TRP A 1469 -31.76 0.32 -52.90
CA TRP A 1469 -30.90 -0.82 -53.10
C TRP A 1469 -29.82 -0.49 -54.10
N CYS A 1470 -28.72 -1.22 -54.00
CA CYS A 1470 -27.75 -1.34 -55.08
C CYS A 1470 -27.60 -2.81 -55.38
N GLU A 1471 -27.45 -3.16 -56.64
CA GLU A 1471 -27.33 -4.56 -56.99
C GLU A 1471 -26.51 -4.71 -58.26
N PHE A 1472 -25.66 -5.73 -58.29
CA PHE A 1472 -24.77 -5.91 -59.43
C PHE A 1472 -24.28 -7.35 -59.45
N LYS A 1473 -23.70 -7.75 -60.58
CA LYS A 1473 -23.29 -9.12 -60.81
C LYS A 1473 -21.77 -9.18 -60.96
N LEU A 1474 -21.18 -10.28 -60.50
CA LEU A 1474 -19.77 -10.58 -60.70
C LEU A 1474 -19.63 -12.00 -61.22
N GLU A 1475 -18.50 -12.30 -61.84
CA GLU A 1475 -18.22 -13.62 -62.36
C GLU A 1475 -16.75 -13.97 -62.15
N LEU A 1476 -16.46 -15.26 -62.09
CA LEU A 1476 -15.13 -15.80 -61.89
C LEU A 1476 -14.96 -17.05 -62.76
N ALA A 1477 -13.72 -17.52 -62.84
CA ALA A 1477 -13.43 -18.74 -63.58
C ALA A 1477 -14.28 -19.89 -63.07
N ALA A 1478 -14.71 -20.74 -64.01
CA ALA A 1478 -15.58 -21.86 -63.66
C ALA A 1478 -14.90 -22.78 -62.65
N ASP A 1479 -13.67 -23.19 -62.94
CA ASP A 1479 -12.95 -24.14 -62.11
C ASP A 1479 -12.71 -23.63 -60.69
N THR A 1480 -12.92 -22.34 -60.44
CA THR A 1480 -12.59 -21.76 -59.16
C THR A 1480 -13.42 -22.40 -58.05
N GLU A 1481 -12.72 -22.89 -57.03
CA GLU A 1481 -13.40 -23.46 -55.88
C GLU A 1481 -14.12 -22.39 -55.08
N LYS A 1482 -15.04 -22.85 -54.23
CA LYS A 1482 -15.94 -21.95 -53.53
C LYS A 1482 -15.19 -20.92 -52.69
N LEU A 1483 -15.66 -19.68 -52.73
CA LEU A 1483 -15.30 -18.65 -51.77
C LEU A 1483 -16.52 -18.21 -51.00
N LEU A 1484 -16.28 -17.70 -49.80
CA LEU A 1484 -17.36 -17.19 -48.95
C LEU A 1484 -17.50 -15.70 -49.22
N MET A 1485 -18.57 -15.36 -49.93
CA MET A 1485 -18.71 -14.00 -50.38
C MET A 1485 -19.16 -13.10 -49.24
N VAL A 1486 -20.15 -13.54 -48.48
CA VAL A 1486 -20.75 -12.69 -47.47
C VAL A 1486 -19.70 -12.10 -46.56
N ASN A 1487 -18.84 -12.94 -45.99
CA ASN A 1487 -17.89 -12.45 -45.01
C ASN A 1487 -16.88 -11.51 -45.64
N ILE A 1488 -16.36 -11.88 -46.81
CA ILE A 1488 -15.47 -10.98 -47.54
C ILE A 1488 -16.13 -9.62 -47.70
N VAL A 1489 -17.37 -9.63 -48.18
CA VAL A 1489 -18.10 -8.37 -48.33
C VAL A 1489 -18.38 -7.75 -46.96
N GLU A 1490 -18.81 -8.57 -46.00
CA GLU A 1490 -19.07 -8.07 -44.65
C GLU A 1490 -17.92 -7.22 -44.17
N GLU A 1491 -16.71 -7.72 -44.36
CA GLU A 1491 -15.54 -6.97 -43.92
C GLU A 1491 -15.47 -5.61 -44.57
N ILE A 1492 -15.83 -5.54 -45.85
CA ILE A 1492 -15.58 -4.33 -46.62
C ILE A 1492 -16.37 -3.14 -46.09
N CYS A 1493 -17.69 -3.27 -46.02
CA CYS A 1493 -18.54 -2.10 -45.78
C CYS A 1493 -18.21 -1.44 -44.46
N ARG A 1494 -17.82 -2.23 -43.46
CA ARG A 1494 -17.33 -1.68 -42.21
C ARG A 1494 -16.04 -0.89 -42.38
N LYS A 1495 -15.28 -1.16 -43.44
CA LYS A 1495 -14.10 -0.37 -43.76
C LYS A 1495 -14.40 0.78 -44.70
N SER A 1496 -15.66 0.94 -45.07
CA SER A 1496 -16.07 2.01 -45.98
C SER A 1496 -15.97 3.39 -45.34
N ILE A 1497 -15.71 4.40 -46.16
CA ILE A 1497 -15.60 5.77 -45.69
C ILE A 1497 -16.45 6.70 -46.55
N ILE A 1498 -17.77 6.64 -46.37
CA ILE A 1498 -18.69 7.46 -47.13
C ILE A 1498 -18.33 8.94 -47.12
N ARG A 1499 -17.85 9.43 -45.97
CA ARG A 1499 -17.47 10.83 -45.85
C ARG A 1499 -16.73 11.09 -44.54
N GLN A 1500 -15.41 10.97 -44.58
CA GLN A 1500 -14.58 11.19 -43.41
C GLN A 1500 -14.08 12.63 -43.33
N ILE A 1501 -13.55 13.01 -42.18
CA ILE A 1501 -13.04 14.35 -41.97
C ILE A 1501 -11.54 14.34 -41.67
N PRO A 1502 -10.86 15.44 -42.00
CA PRO A 1502 -9.42 15.55 -41.75
C PRO A 1502 -9.07 15.38 -40.28
N HIS A 1503 -8.60 14.19 -39.91
CA HIS A 1503 -8.24 13.92 -38.53
C HIS A 1503 -9.42 14.19 -37.57
N ILE A 1504 -10.62 14.24 -38.13
CA ILE A 1504 -11.82 14.50 -37.34
C ILE A 1504 -12.74 13.27 -37.34
N ASP A 1505 -13.11 12.82 -36.16
CA ASP A 1505 -13.98 11.65 -36.02
C ASP A 1505 -15.43 12.01 -35.74
N ARG A 1506 -15.78 12.09 -34.47
CA ARG A 1506 -17.13 12.41 -34.05
C ARG A 1506 -17.19 13.75 -33.34
N CYS A 1507 -18.19 14.54 -33.68
CA CYS A 1507 -18.57 15.72 -32.93
C CYS A 1507 -19.82 15.41 -32.14
N VAL A 1508 -19.88 15.91 -30.91
CA VAL A 1508 -21.02 15.69 -30.03
C VAL A 1508 -21.37 16.99 -29.34
N HIS A 1509 -22.66 17.27 -29.24
CA HIS A 1509 -23.17 18.46 -28.58
C HIS A 1509 -23.48 18.16 -27.12
N PRO A 1510 -22.69 18.64 -26.17
CA PRO A 1510 -23.01 18.46 -24.76
C PRO A 1510 -24.04 19.47 -24.30
N GLU A 1511 -24.24 19.50 -22.99
CA GLU A 1511 -25.19 20.45 -22.41
C GLU A 1511 -24.51 21.80 -22.19
N PRO A 1512 -25.24 22.89 -22.26
CA PRO A 1512 -24.63 24.21 -22.07
C PRO A 1512 -24.23 24.46 -20.63
N GLU A 1513 -23.12 23.88 -20.20
CA GLU A 1513 -22.60 24.18 -18.86
C GLU A 1513 -22.33 25.66 -18.72
N ASN A 1514 -22.48 26.17 -17.49
CA ASN A 1514 -22.04 27.51 -17.07
C ASN A 1514 -22.31 28.56 -18.14
N GLY A 1515 -23.47 28.45 -18.79
CA GLY A 1515 -23.85 29.37 -19.84
C GLY A 1515 -22.89 29.38 -20.99
N LYS A 1516 -22.25 28.25 -21.27
CA LYS A 1516 -21.27 28.14 -22.33
C LYS A 1516 -21.83 27.22 -23.40
N ARG A 1517 -21.70 27.63 -24.66
CA ARG A 1517 -22.33 26.90 -25.76
C ARG A 1517 -21.23 26.34 -26.66
N VAL A 1518 -21.04 25.01 -26.61
CA VAL A 1518 -19.83 24.40 -27.15
C VAL A 1518 -20.17 23.07 -27.79
N LEU A 1519 -19.36 22.68 -28.78
CA LEU A 1519 -19.38 21.33 -29.31
C LEU A 1519 -18.11 20.59 -28.89
N VAL A 1520 -18.28 19.29 -28.65
CA VAL A 1520 -17.21 18.40 -28.23
C VAL A 1520 -16.92 17.42 -29.36
N THR A 1521 -15.65 17.21 -29.65
CA THR A 1521 -15.23 16.38 -30.76
C THR A 1521 -14.15 15.42 -30.34
N GLU A 1522 -13.87 14.46 -31.21
CA GLU A 1522 -12.68 13.60 -31.05
C GLU A 1522 -11.81 13.81 -32.29
N GLY A 1523 -10.50 13.62 -32.12
CA GLY A 1523 -9.57 13.97 -33.17
C GLY A 1523 -9.33 15.46 -33.14
N VAL A 1524 -8.23 15.92 -33.71
CA VAL A 1524 -7.87 17.33 -33.64
C VAL A 1524 -7.40 17.82 -34.99
N ASN A 1525 -8.12 18.77 -35.57
CA ASN A 1525 -7.64 19.55 -36.72
C ASN A 1525 -8.13 20.98 -36.50
N PHE A 1526 -7.19 21.92 -36.45
CA PHE A 1526 -7.57 23.32 -36.39
C PHE A 1526 -7.95 23.84 -37.77
N GLN A 1527 -7.13 23.51 -38.76
CA GLN A 1527 -7.29 24.05 -40.10
C GLN A 1527 -8.67 23.76 -40.64
N ALA A 1528 -9.05 22.48 -40.66
CA ALA A 1528 -10.37 22.11 -41.13
C ALA A 1528 -11.45 22.92 -40.43
N MET A 1529 -11.31 23.09 -39.11
CA MET A 1529 -12.30 23.83 -38.37
C MET A 1529 -12.32 25.29 -38.74
N TRP A 1530 -11.21 25.80 -39.28
CA TRP A 1530 -11.14 27.21 -39.60
C TRP A 1530 -12.10 27.61 -40.70
N ASP A 1531 -12.77 26.66 -41.32
CA ASP A 1531 -13.75 26.99 -42.33
C ASP A 1531 -15.15 27.13 -41.77
N GLN A 1532 -15.38 26.71 -40.54
CA GLN A 1532 -16.72 26.60 -39.98
C GLN A 1532 -17.12 27.86 -39.23
N GLU A 1533 -16.23 28.84 -39.38
CA GLU A 1533 -16.29 30.08 -38.61
C GLU A 1533 -17.69 30.69 -38.59
N ALA A 1534 -18.44 30.53 -39.67
CA ALA A 1534 -19.81 31.03 -39.68
C ALA A 1534 -20.57 30.49 -38.47
N PHE A 1535 -20.38 29.23 -38.16
CA PHE A 1535 -21.03 28.61 -37.02
C PHE A 1535 -20.30 28.88 -35.71
N ILE A 1536 -18.98 28.97 -35.74
CA ILE A 1536 -18.18 28.92 -34.53
C ILE A 1536 -17.20 30.07 -34.51
N ASP A 1537 -17.00 30.64 -33.33
CA ASP A 1537 -15.89 31.56 -33.14
C ASP A 1537 -14.63 30.69 -33.04
N VAL A 1538 -13.53 31.20 -33.58
CA VAL A 1538 -12.29 30.46 -33.57
C VAL A 1538 -11.54 30.59 -32.25
N ASP A 1539 -11.52 31.79 -31.67
CA ASP A 1539 -10.56 32.07 -30.60
C ASP A 1539 -10.85 31.31 -29.32
N GLY A 1540 -11.99 30.65 -29.21
CA GLY A 1540 -12.33 29.96 -27.98
C GLY A 1540 -12.13 28.47 -28.05
N ILE A 1541 -11.36 28.02 -29.04
CA ILE A 1541 -11.19 26.59 -29.25
C ILE A 1541 -10.05 26.09 -28.39
N THR A 1542 -10.32 25.03 -27.62
CA THR A 1542 -9.34 24.42 -26.73
C THR A 1542 -9.34 22.91 -26.94
N SER A 1543 -8.24 22.29 -26.53
CA SER A 1543 -8.05 20.87 -26.75
C SER A 1543 -7.03 20.32 -25.77
N ASN A 1544 -6.99 19.00 -25.68
CA ASN A 1544 -6.05 18.28 -24.85
C ASN A 1544 -4.78 17.92 -25.60
N ASP A 1545 -4.68 18.38 -26.85
CA ASP A 1545 -3.76 17.89 -27.86
C ASP A 1545 -2.43 18.62 -27.72
N VAL A 1546 -2.21 19.20 -26.55
CA VAL A 1546 -1.39 20.36 -26.30
C VAL A 1546 -0.17 20.41 -27.19
N ALA A 1547 0.46 19.25 -27.43
CA ALA A 1547 1.55 19.20 -28.40
C ALA A 1547 1.15 19.89 -29.70
N ALA A 1548 -0.01 19.54 -30.26
CA ALA A 1548 -0.43 20.18 -31.50
C ALA A 1548 -0.66 21.66 -31.32
N VAL A 1549 -1.23 22.04 -30.18
CA VAL A 1549 -1.31 23.46 -29.85
C VAL A 1549 0.08 24.06 -29.89
N LEU A 1550 1.01 23.52 -29.10
CA LEU A 1550 2.40 23.91 -29.23
C LEU A 1550 2.85 23.88 -30.67
N LYS A 1551 2.49 22.81 -31.38
CA LYS A 1551 2.80 22.77 -32.81
C LYS A 1551 2.17 23.93 -33.53
N THR A 1552 0.84 24.06 -33.45
CA THR A 1552 0.19 25.13 -34.17
C THR A 1552 0.42 26.49 -33.55
N TYR A 1553 0.07 26.66 -32.28
CA TYR A 1553 0.01 27.99 -31.68
C TYR A 1553 1.23 28.38 -30.88
N GLY A 1554 2.22 27.50 -30.73
CA GLY A 1554 3.40 27.84 -29.96
C GLY A 1554 3.26 27.46 -28.50
N VAL A 1555 4.24 27.91 -27.72
CA VAL A 1555 4.43 27.37 -26.37
C VAL A 1555 3.47 28.00 -25.37
N GLU A 1556 3.28 29.32 -25.43
CA GLU A 1556 2.61 30.01 -24.33
C GLU A 1556 1.18 29.54 -24.15
N ALA A 1557 0.37 29.68 -25.19
CA ALA A 1557 -1.00 29.19 -25.12
C ALA A 1557 -1.02 27.74 -24.65
N ALA A 1558 -0.13 26.92 -25.20
CA ALA A 1558 -0.05 25.53 -24.78
C ALA A 1558 0.09 25.41 -23.28
N ARG A 1559 1.02 26.17 -22.70
CA ARG A 1559 1.19 26.17 -21.26
C ARG A 1559 -0.13 26.42 -20.56
N ASN A 1560 -0.87 27.42 -21.02
CA ASN A 1560 -2.13 27.76 -20.38
C ASN A 1560 -3.08 26.58 -20.37
N THR A 1561 -3.13 25.83 -21.48
CA THR A 1561 -3.95 24.64 -21.51
C THR A 1561 -3.51 23.63 -20.46
N ILE A 1562 -2.20 23.45 -20.34
CA ILE A 1562 -1.66 22.48 -19.40
C ILE A 1562 -2.29 22.66 -18.03
N VAL A 1563 -2.25 23.88 -17.52
CA VAL A 1563 -2.85 24.17 -16.22
C VAL A 1563 -4.31 23.77 -16.23
N ASN A 1564 -5.04 24.22 -17.25
CA ASN A 1564 -6.48 24.00 -17.30
C ASN A 1564 -6.80 22.53 -17.12
N GLU A 1565 -6.21 21.68 -17.95
CA GLU A 1565 -6.46 20.26 -17.87
C GLU A 1565 -6.19 19.71 -16.48
N ILE A 1566 -4.96 19.92 -16.00
CA ILE A 1566 -4.56 19.38 -14.71
C ILE A 1566 -5.55 19.78 -13.64
N ASN A 1567 -5.93 21.05 -13.62
CA ASN A 1567 -6.97 21.49 -12.69
C ASN A 1567 -8.21 20.64 -12.85
N ASN A 1568 -8.67 20.47 -14.09
CA ASN A 1568 -9.92 19.77 -14.34
C ASN A 1568 -9.92 18.38 -13.72
N VAL A 1569 -8.76 17.74 -13.68
CA VAL A 1569 -8.63 16.49 -12.95
C VAL A 1569 -9.12 16.67 -11.53
N PHE A 1570 -8.35 17.42 -10.73
CA PHE A 1570 -8.74 17.69 -9.36
C PHE A 1570 -10.12 18.33 -9.30
N SER A 1571 -10.43 19.14 -10.29
CA SER A 1571 -11.76 19.74 -10.34
C SER A 1571 -12.83 18.68 -10.26
N ARG A 1572 -12.77 17.70 -11.16
CA ARG A 1572 -13.74 16.61 -11.11
C ARG A 1572 -13.70 15.94 -9.75
N TYR A 1573 -12.53 15.84 -9.15
CA TYR A 1573 -12.39 15.30 -7.82
C TYR A 1573 -12.65 16.35 -6.76
N ALA A 1574 -13.01 17.56 -7.17
CA ALA A 1574 -13.28 18.63 -6.22
C ALA A 1574 -12.12 18.80 -5.25
N ILE A 1575 -10.96 19.03 -5.79
CA ILE A 1575 -9.75 19.18 -4.99
C ILE A 1575 -9.06 20.48 -5.41
N SER A 1576 -8.93 21.40 -4.47
CA SER A 1576 -8.38 22.72 -4.75
C SER A 1576 -6.88 22.67 -4.62
N VAL A 1577 -6.18 23.37 -5.51
CA VAL A 1577 -4.73 23.47 -5.50
C VAL A 1577 -4.35 24.88 -5.93
N SER A 1578 -3.35 25.46 -5.28
CA SER A 1578 -2.84 26.74 -5.73
C SER A 1578 -2.32 26.64 -7.16
N PHE A 1579 -2.84 27.51 -8.02
CA PHE A 1579 -2.31 27.58 -9.37
C PHE A 1579 -0.82 27.85 -9.37
N ARG A 1580 -0.31 28.45 -8.30
CA ARG A 1580 1.12 28.75 -8.25
C ARG A 1580 1.93 27.48 -8.43
N HIS A 1581 1.57 26.41 -7.70
CA HIS A 1581 2.17 25.11 -7.98
C HIS A 1581 2.09 24.81 -9.46
N LEU A 1582 0.89 24.91 -10.02
CA LEU A 1582 0.68 24.57 -11.41
C LEU A 1582 1.60 25.39 -12.31
N ASP A 1583 1.49 26.71 -12.21
CA ASP A 1583 2.32 27.57 -13.04
C ASP A 1583 3.78 27.23 -12.89
N LEU A 1584 4.23 27.05 -11.66
CA LEU A 1584 5.58 26.57 -11.44
C LEU A 1584 5.83 25.31 -12.23
N ILE A 1585 4.99 24.30 -12.05
CA ILE A 1585 5.07 23.11 -12.87
C ILE A 1585 4.98 23.49 -14.33
N ALA A 1586 4.05 24.37 -14.66
CA ALA A 1586 3.87 24.77 -16.06
C ALA A 1586 5.11 25.44 -16.62
N ASP A 1587 5.55 26.53 -16.02
CA ASP A 1587 6.71 27.24 -16.55
C ASP A 1587 7.93 26.35 -16.58
N MET A 1588 7.94 25.31 -15.75
CA MET A 1588 9.11 24.44 -15.70
C MET A 1588 9.29 23.68 -17.01
N MET A 1589 8.25 22.99 -17.46
CA MET A 1589 8.38 22.14 -18.63
C MET A 1589 8.57 22.95 -19.91
N THR A 1590 8.32 24.26 -19.86
CA THR A 1590 8.37 25.10 -21.04
C THR A 1590 9.70 25.82 -21.21
N ARG A 1591 10.62 25.67 -20.25
CA ARG A 1591 11.85 26.45 -20.26
C ARG A 1591 12.63 26.28 -21.56
N GLN A 1592 12.41 25.19 -22.28
CA GLN A 1592 13.00 25.02 -23.59
C GLN A 1592 12.07 25.43 -24.70
N GLY A 1593 10.91 26.00 -24.36
CA GLY A 1593 9.91 26.25 -25.37
C GLY A 1593 9.36 25.00 -25.99
N THR A 1594 9.76 23.84 -25.49
CA THR A 1594 9.29 22.56 -25.98
C THR A 1594 8.41 21.95 -24.91
N TYR A 1595 7.90 20.75 -25.16
CA TYR A 1595 6.98 20.10 -24.24
C TYR A 1595 7.71 18.93 -23.61
N LEU A 1596 7.96 19.03 -22.32
CA LEU A 1596 8.90 18.15 -21.64
C LEU A 1596 8.21 17.33 -20.56
N ALA A 1597 8.28 16.01 -20.68
CA ALA A 1597 7.84 15.18 -19.59
C ALA A 1597 8.87 15.19 -18.48
N PHE A 1598 8.56 14.47 -17.40
CA PHE A 1598 9.55 14.20 -16.36
C PHE A 1598 9.88 12.71 -16.39
N ASN A 1599 11.06 12.43 -16.91
CA ASN A 1599 11.54 11.08 -17.14
C ASN A 1599 13.00 11.16 -17.53
N ARG A 1600 13.57 10.03 -17.97
CA ARG A 1600 14.93 10.04 -18.48
C ARG A 1600 15.13 11.21 -19.45
N GLN A 1601 14.19 11.39 -20.38
CA GLN A 1601 14.31 12.45 -21.36
C GLN A 1601 14.33 13.82 -20.69
N GLY A 1602 13.26 14.14 -19.96
CA GLY A 1602 13.18 15.44 -19.31
C GLY A 1602 14.35 15.67 -18.37
N MET A 1603 14.82 14.60 -17.72
CA MET A 1603 15.96 14.75 -16.84
C MET A 1603 17.26 14.86 -17.62
N GLU A 1604 17.32 14.21 -18.78
CA GLU A 1604 18.56 14.07 -19.52
C GLU A 1604 19.32 15.38 -19.66
N THR A 1605 18.62 16.46 -19.97
CA THR A 1605 19.25 17.75 -20.19
C THR A 1605 19.91 18.33 -18.95
N SER A 1606 19.73 17.71 -17.79
CA SER A 1606 20.25 18.27 -16.55
C SER A 1606 21.75 18.48 -16.64
N THR A 1607 22.17 19.72 -16.39
CA THR A 1607 23.57 19.99 -16.14
C THR A 1607 24.04 19.21 -14.92
N SER A 1608 23.20 19.15 -13.88
CA SER A 1608 23.51 18.37 -12.71
C SER A 1608 23.53 16.88 -13.06
N SER A 1609 24.61 16.22 -12.66
CA SER A 1609 24.89 14.85 -13.06
C SER A 1609 24.33 13.81 -12.10
N PHE A 1610 24.81 13.79 -10.85
CA PHE A 1610 24.48 12.75 -9.89
C PHE A 1610 22.98 12.52 -9.81
N MET A 1611 22.20 13.60 -9.89
CA MET A 1611 20.76 13.49 -10.01
C MET A 1611 20.36 12.60 -11.17
N LYS A 1612 21.08 12.69 -12.29
CA LYS A 1612 20.82 11.77 -13.38
C LYS A 1612 21.34 10.38 -13.05
N MET A 1613 22.35 10.30 -12.17
CA MET A 1613 22.93 9.00 -11.85
C MET A 1613 22.00 8.15 -10.99
N SER A 1614 21.56 8.68 -9.85
CA SER A 1614 20.72 7.93 -8.93
C SER A 1614 19.33 7.67 -9.49
N TYR A 1615 18.98 8.28 -10.62
CA TYR A 1615 17.62 8.18 -11.15
C TYR A 1615 17.34 6.82 -11.79
N GLU A 1616 17.98 6.49 -12.90
CA GLU A 1616 17.76 5.19 -13.53
C GLU A 1616 18.97 4.28 -13.47
N THR A 1617 19.96 4.54 -14.33
CA THR A 1617 21.02 3.58 -14.60
C THR A 1617 22.34 4.19 -14.11
N THR A 1618 22.96 3.50 -13.15
CA THR A 1618 24.21 3.99 -12.57
C THR A 1618 25.31 4.05 -13.61
N CYS A 1619 25.33 3.08 -14.54
CA CYS A 1619 26.44 3.01 -15.49
C CYS A 1619 26.26 3.95 -16.67
N GLN A 1620 25.05 4.01 -17.25
CA GLN A 1620 24.89 4.66 -18.54
C GLN A 1620 25.33 6.11 -18.49
N PHE A 1621 24.71 6.91 -17.62
CA PHE A 1621 25.15 8.27 -17.42
C PHE A 1621 26.60 8.35 -17.00
N LEU A 1622 27.04 7.41 -16.17
CA LEU A 1622 28.42 7.41 -15.67
C LEU A 1622 29.41 7.43 -16.82
N THR A 1623 29.10 6.74 -17.91
CA THR A 1623 30.00 6.69 -19.04
C THR A 1623 30.19 8.07 -19.65
N LYS A 1624 29.09 8.69 -20.10
CA LYS A 1624 29.18 9.96 -20.81
C LYS A 1624 29.90 11.00 -19.98
N ALA A 1625 29.78 10.91 -18.65
CA ALA A 1625 30.41 11.88 -17.77
C ALA A 1625 31.91 11.91 -17.97
N VAL A 1626 32.57 10.77 -17.79
CA VAL A 1626 34.01 10.72 -17.95
C VAL A 1626 34.38 10.95 -19.41
N LEU A 1627 33.53 10.50 -20.33
CA LEU A 1627 33.75 10.80 -21.74
C LEU A 1627 33.95 12.28 -22.00
N ASP A 1628 33.01 13.12 -21.59
CA ASP A 1628 33.17 14.56 -21.68
C ASP A 1628 34.10 15.09 -20.61
N ASN A 1629 34.48 14.25 -19.64
CA ASN A 1629 35.37 14.64 -18.56
C ASN A 1629 34.77 15.80 -17.77
N GLU A 1630 33.54 15.62 -17.32
CA GLU A 1630 32.83 16.70 -16.66
C GLU A 1630 33.31 16.90 -15.23
N ARG A 1631 33.46 18.17 -14.86
CA ARG A 1631 33.56 18.59 -13.48
C ARG A 1631 32.17 18.98 -13.00
N GLU A 1632 31.74 18.39 -11.89
CA GLU A 1632 30.43 18.71 -11.35
C GLU A 1632 30.56 19.87 -10.37
N GLN A 1633 29.73 20.88 -10.55
CA GLN A 1633 29.85 22.12 -9.77
C GLN A 1633 29.24 21.99 -8.38
N LEU A 1634 28.62 20.85 -8.07
CA LEU A 1634 27.98 20.61 -6.78
C LEU A 1634 26.85 21.60 -6.51
N ASP A 1635 25.97 21.77 -7.50
CA ASP A 1635 24.78 22.60 -7.32
C ASP A 1635 23.63 21.88 -6.62
N SER A 1636 23.32 20.66 -7.02
CA SER A 1636 22.09 20.02 -6.58
C SER A 1636 22.22 19.52 -5.15
N PRO A 1637 21.12 19.48 -4.40
CA PRO A 1637 21.16 18.84 -3.08
C PRO A 1637 21.61 17.39 -3.17
N SER A 1638 21.18 16.70 -4.22
CA SER A 1638 21.58 15.30 -4.38
C SER A 1638 23.08 15.15 -4.26
N ALA A 1639 23.83 15.89 -5.07
CA ALA A 1639 25.28 15.88 -4.92
C ALA A 1639 25.69 16.23 -3.51
N ARG A 1640 25.12 17.31 -2.94
CA ARG A 1640 25.45 17.68 -1.57
C ARG A 1640 25.33 16.48 -0.65
N ILE A 1641 24.24 15.73 -0.80
CA ILE A 1641 24.05 14.50 -0.04
C ILE A 1641 25.16 13.52 -0.33
N VAL A 1642 25.47 13.34 -1.62
CA VAL A 1642 26.49 12.36 -2.01
C VAL A 1642 27.75 12.56 -1.20
N VAL A 1643 28.15 13.82 -1.00
CA VAL A 1643 29.26 14.14 -0.12
C VAL A 1643 28.77 14.50 1.28
N GLY A 1644 27.47 14.44 1.52
CA GLY A 1644 26.93 14.85 2.80
C GLY A 1644 27.12 16.31 3.09
N LYS A 1645 26.61 17.20 2.25
CA LYS A 1645 26.98 18.60 2.30
C LYS A 1645 25.80 19.53 2.53
N LEU A 1646 26.12 20.76 2.94
CA LEU A 1646 25.13 21.73 3.38
C LEU A 1646 24.36 22.29 2.18
N ASN A 1647 23.19 22.86 2.47
CA ASN A 1647 22.28 23.24 1.40
C ASN A 1647 22.64 24.60 0.83
N ASN A 1648 22.50 24.70 -0.48
CA ASN A 1648 23.29 25.62 -1.29
C ASN A 1648 22.89 27.10 -1.50
N VAL A 1649 21.64 27.53 -1.74
CA VAL A 1649 20.30 26.99 -1.45
C VAL A 1649 20.06 26.99 0.07
N GLY A 1650 19.62 25.87 0.66
CA GLY A 1650 18.67 25.96 1.78
C GLY A 1650 19.10 26.90 2.88
N THR A 1651 20.26 26.66 3.47
CA THR A 1651 20.95 27.72 4.19
C THR A 1651 21.81 28.58 3.30
N GLY A 1652 22.40 28.01 2.25
CA GLY A 1652 23.41 28.72 1.48
C GLY A 1652 22.97 30.09 1.02
N SER A 1653 21.67 30.27 0.77
CA SER A 1653 21.15 31.60 0.53
C SER A 1653 21.53 32.54 1.67
N PHE A 1654 21.52 32.04 2.89
CA PHE A 1654 22.10 32.76 4.00
C PHE A 1654 23.57 32.45 4.15
N ASP A 1655 24.33 33.44 4.59
CA ASP A 1655 25.76 33.30 4.81
C ASP A 1655 26.11 33.71 6.25
N VAL A 1656 26.88 32.90 6.95
CA VAL A 1656 27.42 33.23 8.27
C VAL A 1656 28.61 34.15 8.07
N LEU A 1657 28.77 35.12 8.98
CA LEU A 1657 29.83 36.11 8.83
C LEU A 1657 30.78 36.07 10.03
N THR B 13 -36.14 -21.83 22.40
CA THR B 13 -35.05 -20.92 22.69
C THR B 13 -33.71 -21.64 22.63
N ALA B 14 -33.00 -21.65 23.74
CA ALA B 14 -31.71 -22.31 23.80
C ALA B 14 -31.44 -22.82 25.21
N ASP B 15 -30.47 -23.72 25.33
CA ASP B 15 -30.11 -24.30 26.61
C ASP B 15 -28.60 -24.38 26.75
N PHE B 16 -28.15 -24.23 27.99
CA PHE B 16 -26.75 -24.42 28.28
C PHE B 16 -26.38 -25.89 28.42
N ARG B 17 -27.30 -26.73 28.89
CA ARG B 17 -27.11 -28.18 28.92
C ARG B 17 -25.85 -28.55 29.70
N THR B 18 -25.59 -27.81 30.77
CA THR B 18 -24.32 -27.97 31.48
C THR B 18 -24.13 -29.41 31.94
N LEU B 19 -25.06 -29.91 32.75
CA LEU B 19 -24.91 -31.25 33.29
C LEU B 19 -24.62 -32.26 32.19
N GLU B 20 -25.18 -32.04 31.01
CA GLU B 20 -24.90 -32.93 29.89
C GLU B 20 -23.43 -32.92 29.54
N ARG B 21 -22.88 -31.75 29.22
CA ARG B 21 -21.49 -31.69 28.77
C ARG B 21 -20.54 -32.13 29.86
N GLU B 22 -20.97 -32.01 31.11
CA GLU B 22 -20.11 -32.41 32.21
C GLU B 22 -19.80 -33.89 32.18
N SER B 23 -20.82 -34.73 32.31
CA SER B 23 -20.59 -36.16 32.23
C SER B 23 -19.92 -36.52 30.91
N ARG B 24 -20.31 -35.84 29.84
CA ARG B 24 -19.57 -35.96 28.60
C ARG B 24 -18.09 -35.74 28.80
N PHE B 25 -17.73 -34.61 29.40
CA PHE B 25 -16.33 -34.39 29.73
C PHE B 25 -15.83 -35.44 30.70
N ILE B 26 -16.70 -35.86 31.61
CA ILE B 26 -16.30 -36.87 32.58
C ILE B 26 -16.16 -38.23 31.94
N ASN B 27 -17.08 -38.60 31.06
CA ASN B 27 -17.21 -39.96 30.57
C ASN B 27 -17.06 -39.94 29.06
N PRO B 28 -15.84 -39.99 28.55
CA PRO B 28 -15.63 -39.99 27.12
C PRO B 28 -16.38 -41.13 26.47
N PRO B 29 -17.10 -40.87 25.38
CA PRO B 29 -17.88 -41.93 24.75
C PRO B 29 -17.01 -43.11 24.38
N LYS B 30 -17.49 -44.29 24.73
CA LYS B 30 -16.81 -45.52 24.40
C LYS B 30 -17.31 -46.14 23.11
N ASP B 31 -18.18 -45.44 22.37
CA ASP B 31 -18.64 -45.91 21.07
C ASP B 31 -18.34 -44.91 19.96
N LYS B 32 -18.94 -43.73 19.98
CA LYS B 32 -18.89 -42.84 18.84
C LYS B 32 -19.08 -41.41 19.30
N SER B 33 -18.68 -40.47 18.45
CA SER B 33 -18.82 -39.06 18.78
C SER B 33 -20.29 -38.66 18.84
N ALA B 34 -20.55 -37.54 19.49
CA ALA B 34 -21.86 -36.94 19.47
C ALA B 34 -21.99 -35.84 18.42
N PHE B 35 -20.97 -35.62 17.60
CA PHE B 35 -20.94 -34.49 16.68
C PHE B 35 -20.71 -34.99 15.27
N PRO B 36 -21.72 -35.62 14.68
CA PRO B 36 -21.56 -36.12 13.31
C PRO B 36 -21.28 -35.02 12.32
N LEU B 37 -22.05 -33.93 12.38
CA LEU B 37 -21.86 -32.83 11.45
C LEU B 37 -20.41 -32.42 11.39
N LEU B 38 -19.78 -32.30 12.56
CA LEU B 38 -18.35 -32.07 12.62
C LEU B 38 -17.61 -33.08 11.76
N GLN B 39 -17.87 -34.36 11.97
CA GLN B 39 -17.19 -35.38 11.20
C GLN B 39 -17.43 -35.18 9.71
N GLU B 40 -18.69 -35.14 9.30
CA GLU B 40 -18.99 -34.98 7.89
C GLU B 40 -18.36 -33.71 7.33
N ALA B 41 -18.24 -32.68 8.16
CA ALA B 41 -17.67 -31.43 7.69
C ALA B 41 -16.34 -31.64 7.00
N VAL B 42 -15.53 -32.59 7.47
CA VAL B 42 -14.26 -32.89 6.84
C VAL B 42 -14.37 -34.00 5.82
N GLN B 43 -15.50 -34.68 5.79
CA GLN B 43 -15.61 -35.96 5.09
C GLN B 43 -14.96 -36.04 3.71
N PRO B 44 -15.08 -35.03 2.83
CA PRO B 44 -14.49 -35.19 1.50
C PRO B 44 -13.06 -35.66 1.51
N HIS B 45 -12.21 -35.06 2.32
CA HIS B 45 -10.83 -35.50 2.40
C HIS B 45 -10.74 -36.98 2.68
N ILE B 46 -11.42 -37.42 3.74
CA ILE B 46 -11.51 -38.84 4.03
C ILE B 46 -12.00 -39.60 2.81
N GLY B 47 -13.16 -39.19 2.29
CA GLY B 47 -13.67 -39.82 1.09
C GLY B 47 -12.66 -39.82 -0.03
N SER B 48 -12.11 -38.64 -0.34
CA SER B 48 -11.13 -38.54 -1.42
C SER B 48 -9.98 -39.50 -1.22
N PHE B 49 -9.57 -39.71 0.02
CA PHE B 49 -8.45 -40.62 0.25
C PHE B 49 -8.91 -42.06 0.27
N ASN B 50 -10.13 -42.31 0.75
CA ASN B 50 -10.60 -43.69 0.89
C ASN B 50 -10.54 -44.46 -0.42
N ALA B 51 -11.32 -44.05 -1.42
CA ALA B 51 -11.54 -44.90 -2.59
C ALA B 51 -10.26 -45.23 -3.33
N LEU B 52 -9.14 -44.58 -2.98
CA LEU B 52 -7.88 -44.89 -3.62
C LEU B 52 -7.59 -46.38 -3.66
N THR B 53 -7.69 -47.06 -2.53
CA THR B 53 -7.64 -48.51 -2.49
C THR B 53 -8.98 -49.18 -2.54
N GLU B 54 -10.07 -48.42 -2.48
CA GLU B 54 -11.36 -49.03 -2.17
C GLU B 54 -12.22 -49.12 -3.42
N GLY B 55 -13.45 -49.62 -3.26
CA GLY B 55 -14.37 -49.73 -4.37
C GLY B 55 -14.24 -51.08 -5.05
N PRO B 56 -15.34 -51.53 -5.66
CA PRO B 56 -15.31 -52.82 -6.36
C PRO B 56 -14.24 -52.93 -7.42
N ASP B 57 -13.72 -51.80 -7.91
CA ASP B 57 -12.62 -51.76 -8.84
C ASP B 57 -11.38 -52.43 -8.28
N GLY B 58 -11.33 -52.63 -6.97
CA GLY B 58 -10.09 -52.92 -6.31
C GLY B 58 -9.22 -51.69 -6.11
N GLY B 59 -9.81 -50.52 -5.97
CA GLY B 59 -9.08 -49.29 -5.79
C GLY B 59 -8.71 -48.64 -7.11
N LEU B 60 -8.68 -47.32 -7.08
CA LEU B 60 -8.32 -46.57 -8.28
C LEU B 60 -6.94 -46.94 -8.75
N LEU B 61 -6.01 -47.06 -7.80
CA LEU B 61 -4.62 -47.33 -8.13
C LEU B 61 -4.50 -48.53 -9.06
N ASN B 62 -5.27 -49.58 -8.79
CA ASN B 62 -5.25 -50.73 -9.66
C ASN B 62 -5.72 -50.38 -11.07
N LEU B 63 -6.80 -49.62 -11.18
CA LEU B 63 -7.32 -49.27 -12.49
C LEU B 63 -6.28 -48.53 -13.30
N GLY B 64 -5.67 -47.51 -12.70
CA GLY B 64 -4.71 -46.70 -13.44
C GLY B 64 -3.53 -47.50 -13.93
N VAL B 65 -2.85 -48.20 -13.04
CA VAL B 65 -1.73 -49.01 -13.48
C VAL B 65 -2.19 -50.02 -14.51
N LYS B 66 -3.39 -50.56 -14.35
CA LYS B 66 -3.99 -51.37 -15.40
C LYS B 66 -4.05 -50.59 -16.71
N ASP B 67 -4.49 -49.34 -16.63
CA ASP B 67 -4.51 -48.50 -17.83
C ASP B 67 -3.10 -48.19 -18.31
N ILE B 68 -2.10 -48.34 -17.45
CA ILE B 68 -0.73 -48.12 -17.87
C ILE B 68 -0.22 -49.34 -18.62
N GLY B 69 -0.67 -50.52 -18.24
CA GLY B 69 -0.33 -51.71 -18.98
C GLY B 69 1.15 -52.07 -18.88
N GLU B 70 1.78 -52.28 -20.03
CA GLU B 70 3.15 -52.74 -20.08
C GLU B 70 4.05 -51.75 -20.79
N LYS B 71 5.35 -51.90 -20.52
CA LYS B 71 6.39 -51.42 -21.40
C LYS B 71 7.23 -52.61 -21.79
N VAL B 72 7.77 -52.58 -23.00
CA VAL B 72 8.51 -53.70 -23.56
C VAL B 72 9.69 -53.18 -24.35
N ILE B 73 10.81 -53.89 -24.25
CA ILE B 73 12.00 -53.57 -25.04
C ILE B 73 12.49 -54.88 -25.65
N PHE B 74 13.31 -54.75 -26.67
CA PHE B 74 13.93 -55.90 -27.31
C PHE B 74 15.42 -55.90 -27.09
N ASP B 75 15.93 -57.02 -26.60
CA ASP B 75 17.35 -57.19 -26.36
C ASP B 75 18.18 -57.09 -27.62
N GLY B 76 17.55 -57.11 -28.80
CA GLY B 76 18.27 -57.00 -30.05
C GLY B 76 19.26 -58.11 -30.32
N LYS B 77 19.13 -59.25 -29.64
CA LYS B 77 20.04 -60.34 -29.88
C LYS B 77 19.82 -60.90 -31.28
N PRO B 78 20.87 -61.39 -31.95
CA PRO B 78 20.66 -61.94 -33.30
C PRO B 78 19.84 -63.22 -33.31
N LEU B 79 20.03 -64.07 -32.31
CA LEU B 79 19.32 -65.33 -32.10
C LEU B 79 19.68 -66.39 -33.15
N ASN B 80 20.32 -66.00 -34.25
CA ASN B 80 20.71 -66.93 -35.30
C ASN B 80 19.54 -67.80 -35.78
N SER B 88 16.87 -62.68 -42.26
CA SER B 88 15.78 -62.85 -41.31
C SER B 88 15.75 -61.70 -40.31
N GLY B 89 14.88 -60.71 -40.55
CA GLY B 89 14.80 -59.58 -39.65
C GLY B 89 14.31 -59.97 -38.27
N TYR B 90 15.15 -59.75 -37.27
CA TYR B 90 14.80 -60.06 -35.89
C TYR B 90 15.35 -58.95 -35.01
N LEU B 91 14.47 -58.25 -34.31
CA LEU B 91 14.86 -57.10 -33.51
C LEU B 91 15.16 -57.45 -32.06
N GLY B 92 15.12 -58.73 -31.70
CA GLY B 92 15.48 -59.13 -30.36
C GLY B 92 14.30 -59.61 -29.54
N ASN B 93 14.64 -60.30 -28.45
CA ASN B 93 13.64 -60.93 -27.60
C ASN B 93 12.77 -59.90 -26.92
N LYS B 94 11.55 -60.31 -26.61
CA LYS B 94 10.55 -59.40 -26.08
C LYS B 94 10.50 -59.52 -24.57
N LEU B 95 10.87 -58.44 -23.89
CA LEU B 95 10.78 -58.35 -22.44
C LEU B 95 9.50 -57.66 -22.06
N SER B 96 8.62 -58.37 -21.36
CA SER B 96 7.35 -57.82 -20.91
C SER B 96 7.50 -57.39 -19.45
N VAL B 97 7.38 -56.09 -19.22
CA VAL B 97 7.48 -55.52 -17.88
C VAL B 97 6.14 -54.89 -17.53
N SER B 98 5.51 -55.38 -16.47
CA SER B 98 4.18 -54.95 -16.12
C SER B 98 4.00 -54.94 -14.62
N VAL B 99 3.31 -53.91 -14.13
CA VAL B 99 2.93 -53.83 -12.73
C VAL B 99 1.50 -54.31 -12.59
N GLU B 100 1.32 -55.43 -11.90
CA GLU B 100 0.00 -56.00 -11.77
C GLU B 100 -0.84 -55.34 -10.68
N GLN B 101 -0.27 -55.06 -9.51
CA GLN B 101 -1.10 -54.67 -8.38
C GLN B 101 -0.34 -53.75 -7.45
N VAL B 102 -1.08 -53.00 -6.64
CA VAL B 102 -0.52 -52.07 -5.68
C VAL B 102 -1.05 -52.45 -4.30
N SER B 103 -0.23 -52.27 -3.28
CA SER B 103 -0.67 -52.60 -1.93
C SER B 103 0.03 -51.71 -0.91
N ILE B 104 -0.73 -51.35 0.13
CA ILE B 104 -0.26 -50.48 1.20
C ILE B 104 -0.68 -51.08 2.54
N ALA B 105 0.31 -51.35 3.38
CA ALA B 105 0.08 -51.82 4.74
C ALA B 105 -0.10 -50.65 5.69
N LYS B 106 -0.97 -50.83 6.67
CA LYS B 106 -1.12 -49.84 7.71
C LYS B 106 0.22 -49.58 8.38
N PRO B 107 0.41 -48.40 8.97
CA PRO B 107 1.72 -48.07 9.54
C PRO B 107 2.09 -49.06 10.62
N MET B 108 3.26 -49.66 10.49
CA MET B 108 3.71 -50.71 11.37
C MET B 108 5.22 -50.65 11.47
N SER B 109 5.74 -50.96 12.65
CA SER B 109 7.19 -50.88 12.83
C SER B 109 7.67 -52.13 13.56
N ASN B 110 8.61 -52.83 12.93
CA ASN B 110 9.40 -53.80 13.64
C ASN B 110 10.30 -53.08 14.63
N ASP B 111 10.82 -53.84 15.59
CA ASP B 111 11.77 -53.26 16.54
C ASP B 111 13.16 -53.43 15.94
N GLY B 112 13.72 -52.29 15.52
CA GLY B 112 15.00 -52.31 14.83
C GLY B 112 14.95 -53.22 13.62
N VAL B 113 16.00 -54.03 13.49
CA VAL B 113 16.11 -55.01 12.42
C VAL B 113 15.54 -56.35 12.90
N SER B 114 15.82 -57.41 12.13
CA SER B 114 15.48 -58.79 12.49
C SER B 114 13.99 -59.06 12.34
N SER B 115 13.23 -58.03 12.01
CA SER B 115 11.79 -58.14 11.79
C SER B 115 11.09 -58.77 12.99
N ALA B 116 11.59 -58.41 14.18
CA ALA B 116 10.83 -58.66 15.38
C ALA B 116 9.44 -58.09 15.18
N VAL B 117 8.43 -58.82 15.67
CA VAL B 117 7.06 -58.60 15.21
C VAL B 117 6.72 -57.12 15.29
N GLU B 118 6.23 -56.59 14.18
CA GLU B 118 5.94 -55.16 14.11
C GLU B 118 4.78 -54.83 15.04
N ARG B 119 4.72 -53.58 15.46
CA ARG B 119 3.69 -53.14 16.39
C ARG B 119 3.02 -51.90 15.83
N LYS B 120 1.76 -51.69 16.22
CA LYS B 120 1.00 -50.54 15.76
C LYS B 120 1.66 -49.24 16.18
N VAL B 121 1.91 -48.37 15.20
CA VAL B 121 2.55 -47.08 15.45
C VAL B 121 1.51 -45.96 15.49
N TYR B 122 1.04 -45.63 16.69
CA TYR B 122 0.05 -44.58 16.87
C TYR B 122 0.62 -43.21 16.51
N PRO B 123 -0.14 -42.45 15.70
CA PRO B 123 0.28 -41.11 15.28
C PRO B 123 0.81 -40.26 16.41
N SER B 124 0.40 -40.56 17.64
CA SER B 124 0.93 -39.83 18.79
C SER B 124 2.45 -39.82 18.76
N GLU B 125 3.06 -40.99 18.69
CA GLU B 125 4.52 -41.05 18.68
C GLU B 125 5.08 -40.36 17.45
N SER B 126 4.39 -40.51 16.31
CA SER B 126 4.92 -39.97 15.07
C SER B 126 5.22 -38.49 15.19
N ARG B 127 4.32 -37.74 15.82
CA ARG B 127 4.61 -36.34 16.09
C ARG B 127 5.84 -36.20 16.97
N GLN B 128 5.78 -36.80 18.15
CA GLN B 128 6.85 -36.64 19.12
C GLN B 128 8.18 -37.14 18.60
N ARG B 129 8.16 -38.00 17.58
CA ARG B 129 9.40 -38.33 16.92
C ARG B 129 9.79 -37.32 15.86
N LEU B 130 8.95 -36.31 15.62
CA LEU B 130 9.18 -35.34 14.56
C LEU B 130 9.27 -36.03 13.21
N THR B 131 8.32 -36.94 12.95
CA THR B 131 8.42 -37.84 11.82
C THR B 131 7.16 -37.84 10.96
N SER B 132 7.12 -38.76 10.00
CA SER B 132 5.98 -38.95 9.13
C SER B 132 5.35 -40.30 9.42
N TYR B 133 4.04 -40.30 9.62
CA TYR B 133 3.30 -41.47 10.07
C TYR B 133 2.94 -42.25 8.82
N ARG B 134 3.56 -43.42 8.65
CA ARG B 134 3.68 -43.98 7.32
C ARG B 134 3.49 -45.48 7.33
N GLY B 135 2.64 -45.94 6.40
CA GLY B 135 2.58 -47.33 6.06
C GLY B 135 3.46 -47.61 4.85
N LYS B 136 3.89 -48.86 4.69
CA LYS B 136 4.73 -49.21 3.57
C LYS B 136 3.89 -49.47 2.32
N LEU B 137 4.46 -49.19 1.16
CA LEU B 137 3.83 -49.43 -0.13
C LEU B 137 4.47 -50.63 -0.80
N LEU B 138 3.64 -51.48 -1.41
CA LEU B 138 4.11 -52.70 -2.07
C LEU B 138 3.37 -52.89 -3.39
N LEU B 139 4.01 -53.63 -4.30
CA LEU B 139 3.51 -53.81 -5.66
C LEU B 139 3.59 -55.28 -6.06
N LYS B 140 2.64 -55.73 -6.88
CA LYS B 140 2.81 -57.02 -7.53
C LYS B 140 3.38 -56.74 -8.91
N LEU B 141 4.61 -57.15 -9.12
CA LEU B 141 5.33 -56.83 -10.33
C LEU B 141 5.56 -58.08 -11.17
N LYS B 142 4.90 -58.15 -12.32
CA LYS B 142 5.05 -59.28 -13.22
C LYS B 142 6.17 -58.99 -14.20
N TRP B 143 7.10 -59.94 -14.30
CA TRP B 143 8.25 -59.87 -15.19
C TRP B 143 8.06 -60.93 -16.25
N SER B 144 7.72 -60.54 -17.48
CA SER B 144 7.36 -61.51 -18.50
C SER B 144 8.23 -61.31 -19.73
N VAL B 145 8.24 -62.30 -20.60
CA VAL B 145 9.15 -62.33 -21.73
C VAL B 145 8.45 -62.90 -22.95
N ASN B 146 8.67 -62.27 -24.11
CA ASN B 146 8.36 -62.85 -25.40
C ASN B 146 6.90 -63.28 -25.49
N ASN B 147 6.01 -62.32 -25.24
CA ASN B 147 4.58 -62.56 -25.32
C ASN B 147 4.16 -63.63 -24.32
N GLY B 148 4.60 -63.48 -23.08
CA GLY B 148 4.31 -64.43 -22.04
C GLY B 148 4.93 -65.79 -22.28
N GLU B 149 5.80 -65.91 -23.29
CA GLU B 149 6.63 -67.12 -23.38
C GLU B 149 7.32 -67.39 -22.07
N GLU B 150 7.75 -66.34 -21.38
CA GLU B 150 8.21 -66.45 -20.01
C GLU B 150 7.57 -65.37 -19.18
N ASN B 151 7.34 -65.63 -17.90
CA ASN B 151 6.84 -64.64 -16.96
C ASN B 151 7.37 -64.93 -15.57
N LEU B 152 7.54 -63.87 -14.77
CA LEU B 152 8.07 -63.95 -13.42
C LEU B 152 7.38 -62.91 -12.56
N PHE B 153 7.33 -63.17 -11.26
CA PHE B 153 6.73 -62.23 -10.31
C PHE B 153 7.77 -61.78 -9.31
N GLU B 154 7.50 -60.63 -8.69
CA GLU B 154 8.13 -60.27 -7.43
C GLU B 154 7.27 -59.21 -6.77
N VAL B 155 7.41 -59.07 -5.47
CA VAL B 155 6.95 -57.89 -4.76
C VAL B 155 8.17 -57.05 -4.43
N ARG B 156 8.09 -55.76 -4.74
CA ARG B 156 9.19 -54.85 -4.48
C ARG B 156 8.77 -53.82 -3.45
N ASP B 157 9.57 -53.68 -2.40
CA ASP B 157 9.31 -52.68 -1.38
C ASP B 157 9.44 -51.31 -2.01
N CYS B 158 8.40 -50.50 -1.87
CA CYS B 158 8.42 -49.12 -2.34
C CYS B 158 8.86 -48.16 -1.24
N GLY B 159 8.95 -48.63 -0.01
CA GLY B 159 9.23 -47.78 1.13
C GLY B 159 7.95 -47.36 1.83
N GLY B 160 8.14 -46.79 3.01
CA GLY B 160 7.03 -46.26 3.78
C GLY B 160 6.39 -45.09 3.06
N LEU B 161 5.09 -45.19 2.84
CA LEU B 161 4.38 -44.14 2.15
C LEU B 161 3.66 -43.27 3.17
N PRO B 162 3.73 -41.95 3.07
CA PRO B 162 2.87 -41.11 3.89
C PRO B 162 1.42 -41.57 3.81
N VAL B 163 0.70 -41.45 4.93
CA VAL B 163 -0.66 -41.96 5.05
C VAL B 163 -1.50 -40.96 5.82
N MET B 164 -2.77 -40.86 5.46
CA MET B 164 -3.65 -39.89 6.09
C MET B 164 -4.21 -40.41 7.40
N LEU B 165 -4.42 -39.52 8.35
CA LEU B 165 -5.11 -39.87 9.58
C LEU B 165 -6.54 -40.25 9.26
N GLN B 166 -7.13 -41.05 10.14
CA GLN B 166 -8.52 -41.45 10.02
C GLN B 166 -8.80 -42.15 8.70
N SER B 167 -7.77 -42.69 8.07
CA SER B 167 -7.93 -43.42 6.83
C SER B 167 -8.33 -44.85 7.14
N ASN B 168 -8.59 -45.61 6.10
CA ASN B 168 -8.63 -47.02 6.41
C ASN B 168 -7.31 -47.53 6.77
N ARG B 169 -6.30 -47.00 6.09
CA ARG B 169 -4.93 -47.35 6.39
C ARG B 169 -4.47 -46.85 7.75
N CYS B 170 -5.18 -45.90 8.35
CA CYS B 170 -4.84 -45.44 9.68
C CYS B 170 -5.40 -46.40 10.72
N HIS B 171 -4.52 -46.91 11.57
CA HIS B 171 -4.91 -47.76 12.67
C HIS B 171 -6.05 -47.19 13.48
N LEU B 172 -6.02 -45.89 13.73
CA LEU B 172 -7.03 -45.24 14.56
C LEU B 172 -8.42 -45.36 14.01
N ASN B 173 -8.58 -45.84 12.77
CA ASN B 173 -9.87 -45.83 12.12
C ASN B 173 -10.91 -46.52 12.99
N LYS B 174 -12.12 -45.97 13.00
CA LYS B 174 -13.29 -46.54 13.65
C LYS B 174 -13.21 -46.51 15.16
N MET B 175 -12.09 -46.10 15.74
CA MET B 175 -11.91 -46.19 17.18
C MET B 175 -12.80 -45.21 17.91
N SER B 176 -13.42 -45.69 18.98
CA SER B 176 -14.31 -44.87 19.79
C SER B 176 -13.51 -43.79 20.50
N PRO B 177 -14.18 -42.70 20.90
CA PRO B 177 -13.45 -41.62 21.58
C PRO B 177 -12.62 -42.12 22.75
N TYR B 178 -13.22 -42.99 23.56
CA TYR B 178 -12.56 -43.49 24.74
C TYR B 178 -11.24 -44.17 24.39
N GLU B 179 -11.26 -45.00 23.35
CA GLU B 179 -10.04 -45.62 22.89
C GLU B 179 -9.03 -44.58 22.45
N LEU B 180 -9.51 -43.51 21.81
CA LEU B 180 -8.62 -42.45 21.37
C LEU B 180 -7.89 -41.85 22.54
N VAL B 181 -8.62 -41.61 23.63
CA VAL B 181 -7.98 -41.22 24.88
C VAL B 181 -6.85 -42.18 25.22
N GLN B 182 -7.15 -43.47 25.19
CA GLN B 182 -6.13 -44.47 25.45
C GLN B 182 -4.95 -44.33 24.50
N HIS B 183 -5.22 -44.00 23.24
CA HIS B 183 -4.17 -43.77 22.26
C HIS B 183 -3.63 -42.36 22.38
N LYS B 184 -4.12 -41.61 23.35
CA LYS B 184 -3.60 -40.30 23.68
C LYS B 184 -3.76 -39.30 22.56
N GLU B 185 -4.96 -39.17 22.03
CA GLU B 185 -5.27 -38.11 21.10
C GLU B 185 -6.53 -37.37 21.52
N GLU B 186 -6.85 -36.33 20.74
CA GLU B 186 -7.96 -35.47 21.10
C GLU B 186 -9.27 -36.25 21.06
N SER B 187 -10.17 -35.93 21.98
CA SER B 187 -11.41 -36.67 22.10
C SER B 187 -12.14 -36.78 20.77
N ASP B 188 -12.43 -35.64 20.16
CA ASP B 188 -13.23 -35.58 18.96
C ASP B 188 -12.37 -35.53 17.70
N GLU B 189 -11.08 -35.77 17.85
CA GLU B 189 -10.12 -35.45 16.81
C GLU B 189 -10.56 -35.93 15.44
N ILE B 190 -10.61 -35.00 14.50
CA ILE B 190 -11.06 -35.30 13.15
C ILE B 190 -9.92 -35.84 12.31
N GLY B 191 -8.69 -35.42 12.59
CA GLY B 191 -7.57 -35.86 11.78
C GLY B 191 -7.77 -35.51 10.32
N GLY B 192 -7.58 -36.53 9.49
CA GLY B 192 -7.76 -36.38 8.07
C GLY B 192 -6.73 -35.53 7.39
N TYR B 193 -5.45 -35.73 7.67
CA TYR B 193 -4.39 -34.97 7.06
C TYR B 193 -3.10 -35.76 7.13
N PHE B 194 -2.00 -35.09 6.82
CA PHE B 194 -0.71 -35.73 6.80
C PHE B 194 0.19 -35.14 7.87
N ILE B 195 1.16 -35.94 8.28
CA ILE B 195 2.18 -35.51 9.22
C ILE B 195 3.52 -35.81 8.59
N VAL B 196 4.35 -34.78 8.43
CA VAL B 196 5.67 -34.93 7.85
C VAL B 196 6.65 -34.14 8.69
N ASN B 197 7.74 -34.78 9.08
CA ASN B 197 8.71 -34.16 9.98
C ASN B 197 7.99 -33.63 11.22
N GLY B 198 6.98 -34.38 11.64
CA GLY B 198 6.10 -33.93 12.70
C GLY B 198 5.34 -32.66 12.41
N ILE B 199 5.08 -32.34 11.15
CA ILE B 199 4.36 -31.12 10.80
C ILE B 199 3.07 -31.51 10.12
N GLU B 200 1.99 -30.82 10.46
CA GLU B 200 0.68 -31.13 9.89
C GLU B 200 0.53 -30.39 8.58
N LYS B 201 0.36 -31.13 7.51
CA LYS B 201 0.10 -30.57 6.19
C LYS B 201 -1.16 -31.23 5.63
N LEU B 202 -1.78 -30.56 4.67
CA LEU B 202 -2.84 -31.17 3.90
C LEU B 202 -2.94 -30.48 2.55
N ILE B 203 -3.67 -31.11 1.66
CA ILE B 203 -3.81 -30.64 0.29
C ILE B 203 -5.13 -29.88 0.17
N ARG B 204 -5.04 -28.61 -0.19
CA ARG B 204 -6.26 -27.84 -0.37
C ARG B 204 -6.86 -28.11 -1.74
N MET B 205 -8.16 -27.87 -1.83
CA MET B 205 -8.91 -28.19 -3.04
C MET B 205 -8.73 -27.12 -4.10
N LEU B 206 -8.89 -27.52 -5.35
CA LEU B 206 -8.90 -26.59 -6.46
C LEU B 206 -10.22 -26.71 -7.20
N ILE B 207 -10.57 -25.67 -7.93
CA ILE B 207 -11.77 -25.68 -8.74
C ILE B 207 -11.35 -25.85 -10.20
N VAL B 208 -12.04 -26.73 -10.92
CA VAL B 208 -11.79 -26.89 -12.34
C VAL B 208 -13.10 -26.96 -13.10
N GLN B 209 -13.00 -27.08 -14.41
CA GLN B 209 -14.15 -27.15 -15.29
C GLN B 209 -14.78 -28.53 -15.13
N ARG B 210 -15.90 -28.78 -15.80
CA ARG B 210 -16.69 -29.99 -15.57
C ARG B 210 -16.05 -31.18 -16.26
N ARG B 211 -16.33 -32.37 -15.75
CA ARG B 211 -15.91 -33.59 -16.41
C ARG B 211 -16.74 -33.81 -17.65
N ASN B 212 -16.08 -34.07 -18.77
CA ASN B 212 -16.76 -34.58 -19.95
C ASN B 212 -17.91 -33.67 -20.36
N HIS B 213 -17.63 -32.39 -20.52
CA HIS B 213 -18.71 -31.54 -20.92
C HIS B 213 -18.26 -30.62 -22.05
N PRO B 214 -19.10 -30.42 -23.02
CA PRO B 214 -18.72 -29.61 -24.17
C PRO B 214 -19.03 -28.14 -24.01
N MET B 215 -18.17 -27.39 -23.33
CA MET B 215 -18.43 -25.97 -23.18
C MET B 215 -18.05 -25.21 -24.44
N ALA B 216 -18.70 -24.05 -24.62
CA ALA B 216 -18.36 -23.12 -25.68
C ALA B 216 -17.63 -21.94 -25.09
N ILE B 217 -16.57 -21.49 -25.75
CA ILE B 217 -15.66 -20.51 -25.19
C ILE B 217 -15.47 -19.38 -26.19
N ILE B 218 -15.28 -18.18 -25.67
CA ILE B 218 -14.77 -17.07 -26.46
C ILE B 218 -13.61 -16.47 -25.69
N ARG B 219 -12.41 -16.60 -26.23
CA ARG B 219 -11.27 -16.00 -25.56
C ARG B 219 -10.34 -15.37 -26.60
N PRO B 220 -9.82 -14.20 -26.31
CA PRO B 220 -8.94 -13.54 -27.27
C PRO B 220 -7.68 -14.33 -27.52
N SER B 221 -7.21 -15.03 -26.47
CA SER B 221 -6.00 -15.83 -26.60
C SER B 221 -6.08 -16.77 -27.79
N PHE B 222 -7.29 -17.16 -28.17
CA PHE B 222 -7.47 -18.00 -29.35
C PHE B 222 -6.82 -17.41 -30.59
N ALA B 223 -7.34 -16.31 -31.12
CA ALA B 223 -6.70 -15.69 -32.27
C ALA B 223 -5.23 -15.40 -32.02
N ASN B 224 -4.84 -15.14 -30.78
CA ASN B 224 -3.46 -14.95 -30.42
C ASN B 224 -2.60 -16.17 -30.72
N ARG B 225 -3.18 -17.35 -30.70
CA ARG B 225 -2.45 -18.54 -31.09
C ARG B 225 -1.96 -18.45 -32.52
N GLY B 226 -2.79 -17.96 -33.43
CA GLY B 226 -2.42 -17.75 -34.81
C GLY B 226 -3.53 -17.01 -35.54
N ALA B 227 -3.12 -16.30 -36.58
CA ALA B 227 -4.04 -15.45 -37.32
C ALA B 227 -5.20 -16.23 -37.91
N SER B 228 -4.96 -17.49 -38.27
CA SER B 228 -6.04 -18.38 -38.67
C SER B 228 -7.19 -18.40 -37.69
N TYR B 229 -6.90 -18.27 -36.40
CA TYR B 229 -7.89 -18.58 -35.39
C TYR B 229 -8.81 -17.42 -35.12
N SER B 230 -10.06 -17.73 -34.80
CA SER B 230 -10.98 -16.76 -34.25
C SER B 230 -10.74 -16.61 -32.76
N HIS B 231 -11.65 -15.92 -32.10
CA HIS B 231 -11.76 -15.96 -30.65
C HIS B 231 -12.80 -16.98 -30.20
N TYR B 232 -13.34 -17.73 -31.17
CA TYR B 232 -14.33 -18.75 -30.89
C TYR B 232 -13.64 -20.09 -30.74
N GLY B 233 -14.19 -20.93 -29.87
CA GLY B 233 -13.68 -22.28 -29.75
C GLY B 233 -14.53 -23.11 -28.80
N ILE B 234 -14.42 -24.42 -28.98
CA ILE B 234 -15.08 -25.39 -28.12
C ILE B 234 -14.01 -26.13 -27.33
N GLN B 235 -14.28 -26.35 -26.05
CA GLN B 235 -13.37 -27.07 -25.18
C GLN B 235 -14.14 -28.11 -24.41
N ILE B 236 -13.55 -29.27 -24.21
CA ILE B 236 -14.08 -30.28 -23.33
C ILE B 236 -12.92 -30.91 -22.56
N ARG B 237 -13.15 -31.18 -21.29
CA ARG B 237 -12.16 -31.76 -20.40
C ARG B 237 -12.64 -33.16 -20.07
N SER B 238 -11.95 -34.16 -20.60
CA SER B 238 -12.33 -35.55 -20.38
C SER B 238 -11.46 -36.14 -19.31
N VAL B 239 -12.03 -37.05 -18.54
CA VAL B 239 -11.35 -37.69 -17.44
C VAL B 239 -11.55 -39.20 -17.55
N ARG B 240 -10.48 -39.94 -17.51
CA ARG B 240 -10.56 -41.39 -17.63
C ARG B 240 -11.22 -41.95 -16.38
N PRO B 241 -11.50 -43.24 -16.34
CA PRO B 241 -12.07 -43.81 -15.11
C PRO B 241 -11.11 -43.76 -13.95
N ASP B 242 -9.81 -43.80 -14.21
CA ASP B 242 -8.82 -43.67 -13.16
C ASP B 242 -8.84 -42.29 -12.51
N GLN B 243 -9.63 -41.37 -13.06
CA GLN B 243 -9.79 -39.98 -12.65
C GLN B 243 -8.67 -39.10 -13.18
N THR B 244 -7.67 -39.66 -13.85
CA THR B 244 -6.80 -38.79 -14.62
C THR B 244 -7.59 -38.23 -15.80
N SER B 245 -7.23 -37.02 -16.21
CA SER B 245 -8.03 -36.28 -17.16
C SER B 245 -7.25 -36.05 -18.45
N GLN B 246 -8.00 -35.81 -19.53
CA GLN B 246 -7.41 -35.38 -20.78
C GLN B 246 -8.35 -34.37 -21.42
N THR B 247 -7.78 -33.34 -22.05
CA THR B 247 -8.57 -32.20 -22.48
C THR B 247 -8.42 -31.98 -23.97
N ASN B 248 -9.53 -31.68 -24.63
CA ASN B 248 -9.57 -31.47 -26.07
C ASN B 248 -10.14 -30.09 -26.39
N VAL B 249 -9.54 -29.44 -27.38
CA VAL B 249 -9.81 -28.05 -27.69
C VAL B 249 -9.94 -27.88 -29.19
N LEU B 250 -10.89 -27.04 -29.61
CA LEU B 250 -11.12 -26.77 -31.02
C LEU B 250 -11.04 -25.27 -31.27
N HIS B 251 -10.27 -24.89 -32.28
CA HIS B 251 -10.22 -23.51 -32.75
C HIS B 251 -10.82 -23.42 -34.13
N TYR B 252 -11.79 -22.53 -34.29
CA TYR B 252 -12.40 -22.28 -35.59
C TYR B 252 -11.49 -21.36 -36.38
N LEU B 253 -11.02 -21.85 -37.53
CA LEU B 253 -10.16 -21.04 -38.36
C LEU B 253 -10.98 -19.99 -39.07
N ASN B 254 -10.37 -18.80 -39.22
CA ASN B 254 -11.09 -17.69 -39.82
C ASN B 254 -11.50 -17.99 -41.26
N ASP B 255 -10.81 -18.93 -41.89
CA ASP B 255 -11.20 -19.34 -43.23
C ASP B 255 -12.35 -20.33 -43.23
N GLY B 256 -12.73 -20.85 -42.06
CA GLY B 256 -13.80 -21.81 -41.93
C GLY B 256 -13.36 -23.21 -41.59
N GLN B 257 -12.07 -23.52 -41.74
CA GLN B 257 -11.59 -24.81 -41.26
C GLN B 257 -11.67 -24.85 -39.75
N VAL B 258 -11.65 -26.06 -39.21
CA VAL B 258 -11.56 -26.26 -37.77
C VAL B 258 -10.50 -27.32 -37.54
N THR B 259 -9.44 -26.95 -36.84
CA THR B 259 -8.37 -27.88 -36.51
C THR B 259 -8.51 -28.34 -35.08
N PHE B 260 -8.30 -29.62 -34.87
CA PHE B 260 -8.33 -30.21 -33.54
C PHE B 260 -7.05 -29.81 -32.82
N ARG B 261 -7.12 -29.68 -31.51
CA ARG B 261 -5.95 -29.41 -30.71
C ARG B 261 -5.94 -30.25 -29.44
N PHE B 262 -4.83 -30.94 -29.22
CA PHE B 262 -4.50 -31.50 -27.93
C PHE B 262 -3.10 -31.03 -27.60
N SER B 263 -2.70 -31.24 -26.36
CA SER B 263 -1.30 -31.14 -25.99
C SER B 263 -0.85 -32.48 -25.45
N TRP B 264 0.45 -32.70 -25.51
CA TRP B 264 1.03 -33.93 -24.98
C TRP B 264 2.42 -33.58 -24.48
N ARG B 265 2.80 -34.14 -23.34
CA ARG B 265 4.05 -33.80 -22.69
C ARG B 265 4.21 -32.29 -22.59
N LYS B 266 3.10 -31.61 -22.34
CA LYS B 266 3.02 -30.15 -22.38
C LYS B 266 3.36 -29.60 -23.75
N ASN B 267 2.96 -30.27 -24.81
CA ASN B 267 3.31 -29.86 -26.15
C ASN B 267 2.11 -30.06 -27.07
N GLU B 268 1.74 -28.99 -27.77
CA GLU B 268 0.51 -28.98 -28.54
C GLU B 268 0.75 -29.41 -29.98
N TYR B 269 -0.25 -30.07 -30.55
CA TYR B 269 -0.27 -30.45 -31.94
C TYR B 269 -1.65 -30.18 -32.50
N LEU B 270 -1.73 -30.03 -33.81
CA LEU B 270 -2.96 -29.64 -34.47
C LEU B 270 -3.28 -30.66 -35.54
N VAL B 271 -4.57 -30.88 -35.77
CA VAL B 271 -4.98 -31.96 -36.66
C VAL B 271 -6.17 -31.52 -37.51
N PRO B 272 -6.23 -31.92 -38.77
CA PRO B 272 -7.48 -31.80 -39.51
C PRO B 272 -8.54 -32.69 -38.88
N VAL B 273 -9.69 -32.11 -38.59
CA VAL B 273 -10.72 -32.84 -37.87
C VAL B 273 -11.22 -34.02 -38.69
N VAL B 274 -11.43 -33.82 -40.00
CA VAL B 274 -11.93 -34.90 -40.85
C VAL B 274 -11.08 -36.13 -40.69
N MET B 275 -9.76 -35.98 -40.80
CA MET B 275 -8.86 -37.11 -40.66
C MET B 275 -9.19 -37.91 -39.41
N ILE B 276 -9.39 -37.21 -38.30
CA ILE B 276 -9.88 -37.88 -37.10
C ILE B 276 -11.20 -38.57 -37.39
N LEU B 277 -12.14 -37.85 -37.98
CA LEU B 277 -13.48 -38.39 -38.18
C LEU B 277 -13.44 -39.75 -38.86
N LYS B 278 -12.79 -39.81 -40.02
CA LYS B 278 -12.72 -41.06 -40.75
C LYS B 278 -11.90 -42.11 -40.03
N ALA B 279 -10.84 -41.71 -39.34
CA ALA B 279 -10.04 -42.64 -38.57
C ALA B 279 -10.86 -43.45 -37.58
N LEU B 280 -11.88 -42.83 -36.97
CA LEU B 280 -12.63 -43.49 -35.92
C LEU B 280 -13.26 -44.79 -36.39
N CYS B 281 -14.28 -44.69 -37.22
CA CYS B 281 -14.95 -45.85 -37.77
C CYS B 281 -14.94 -45.69 -39.28
N HIS B 282 -15.17 -46.78 -39.99
CA HIS B 282 -15.23 -46.67 -41.43
C HIS B 282 -16.57 -46.07 -41.82
N THR B 283 -16.53 -44.93 -42.50
CA THR B 283 -17.71 -44.10 -42.60
C THR B 283 -17.76 -43.42 -43.96
N SER B 284 -18.92 -42.87 -44.27
CA SER B 284 -19.17 -42.22 -45.55
C SER B 284 -19.46 -40.74 -45.33
N ASP B 285 -19.23 -39.98 -46.40
CA ASP B 285 -19.34 -38.54 -46.29
C ASP B 285 -20.75 -38.10 -45.94
N ARG B 286 -21.75 -38.77 -46.52
CA ARG B 286 -23.12 -38.48 -46.14
C ARG B 286 -23.34 -38.69 -44.66
N GLU B 287 -22.94 -39.85 -44.15
CA GLU B 287 -22.93 -40.05 -42.71
C GLU B 287 -22.26 -38.87 -42.03
N ILE B 288 -21.08 -38.48 -42.51
CA ILE B 288 -20.42 -37.30 -41.98
C ILE B 288 -21.31 -36.09 -42.14
N PHE B 289 -21.87 -35.91 -43.33
CA PHE B 289 -22.78 -34.80 -43.56
C PHE B 289 -24.04 -34.92 -42.73
N ASP B 290 -24.73 -36.05 -42.85
CA ASP B 290 -26.03 -36.20 -42.21
C ASP B 290 -25.94 -36.00 -40.71
N GLY B 291 -24.75 -36.20 -40.15
CA GLY B 291 -24.58 -35.97 -38.73
C GLY B 291 -24.75 -34.52 -38.36
N ILE B 292 -23.99 -33.63 -38.98
CA ILE B 292 -24.04 -32.22 -38.65
C ILE B 292 -25.36 -31.59 -39.04
N ILE B 293 -25.76 -31.76 -40.29
CA ILE B 293 -26.93 -31.06 -40.78
C ILE B 293 -28.22 -31.74 -40.36
N GLY B 294 -28.31 -33.05 -40.58
CA GLY B 294 -29.57 -33.72 -40.34
C GLY B 294 -30.69 -33.10 -41.15
N ASN B 295 -31.74 -32.66 -40.46
CA ASN B 295 -32.91 -32.09 -41.11
C ASN B 295 -32.73 -30.62 -41.43
N ASP B 296 -31.56 -30.06 -41.16
CA ASP B 296 -31.36 -28.61 -41.08
C ASP B 296 -30.99 -28.01 -42.44
N VAL B 297 -31.11 -28.86 -43.48
CA VAL B 297 -30.48 -28.61 -44.77
C VAL B 297 -30.68 -27.21 -45.33
N LYS B 298 -31.76 -26.52 -44.94
CA LYS B 298 -32.10 -25.26 -45.57
C LYS B 298 -31.07 -24.16 -45.35
N ASP B 299 -30.30 -24.18 -44.26
CA ASP B 299 -29.33 -23.11 -44.07
C ASP B 299 -28.17 -23.32 -45.03
N SER B 300 -27.93 -22.32 -45.84
CA SER B 300 -26.75 -22.34 -46.69
C SER B 300 -25.49 -22.12 -45.87
N PHE B 301 -25.57 -21.24 -44.87
CA PHE B 301 -24.40 -20.96 -44.03
C PHE B 301 -23.76 -22.24 -43.54
N LEU B 302 -24.57 -23.23 -43.23
CA LEU B 302 -24.02 -24.50 -42.80
C LEU B 302 -23.37 -25.22 -43.97
N THR B 303 -24.18 -25.55 -44.97
CA THR B 303 -23.70 -26.23 -46.16
C THR B 303 -22.45 -25.59 -46.70
N ASP B 304 -22.45 -24.26 -46.82
CA ASP B 304 -21.27 -23.55 -47.27
C ASP B 304 -20.05 -23.96 -46.47
N ARG B 305 -20.14 -23.85 -45.15
CA ARG B 305 -19.06 -24.32 -44.31
C ARG B 305 -18.74 -25.78 -44.59
N LEU B 306 -19.71 -26.66 -44.32
CA LEU B 306 -19.44 -28.10 -44.38
C LEU B 306 -18.79 -28.51 -45.68
N GLU B 307 -19.25 -27.98 -46.81
CA GLU B 307 -18.60 -28.32 -48.07
C GLU B 307 -17.14 -27.96 -48.04
N LEU B 308 -16.84 -26.71 -47.74
CA LEU B 308 -15.46 -26.25 -47.74
C LEU B 308 -14.59 -27.17 -46.90
N LEU B 309 -15.16 -27.72 -45.84
CA LEU B 309 -14.44 -28.67 -45.02
C LEU B 309 -13.94 -29.83 -45.83
N LEU B 310 -14.85 -30.54 -46.48
CA LEU B 310 -14.48 -31.79 -47.13
C LEU B 310 -13.52 -31.56 -48.29
N ARG B 311 -13.82 -30.57 -49.12
CA ARG B 311 -12.95 -30.27 -50.25
C ARG B 311 -11.52 -30.01 -49.81
N GLY B 312 -11.33 -29.29 -48.71
CA GLY B 312 -10.00 -29.13 -48.18
C GLY B 312 -9.34 -30.44 -47.83
N PHE B 313 -10.08 -31.34 -47.19
CA PHE B 313 -9.52 -32.65 -46.89
C PHE B 313 -9.16 -33.37 -48.18
N LYS B 314 -10.07 -33.34 -49.16
CA LYS B 314 -9.71 -33.81 -50.47
C LYS B 314 -8.55 -32.98 -51.00
N LYS B 315 -7.76 -33.60 -51.86
CA LYS B 315 -6.73 -32.90 -52.63
C LYS B 315 -5.55 -32.52 -51.76
N ARG B 316 -5.76 -32.42 -50.46
CA ARG B 316 -4.64 -32.46 -49.55
C ARG B 316 -4.23 -33.87 -49.21
N TYR B 317 -5.19 -34.77 -49.13
CA TYR B 317 -4.90 -36.19 -48.91
C TYR B 317 -5.81 -37.02 -49.80
N PRO B 318 -5.69 -36.86 -51.12
CA PRO B 318 -6.49 -37.70 -52.02
C PRO B 318 -6.09 -39.15 -51.98
N HIS B 319 -4.90 -39.46 -51.48
CA HIS B 319 -4.37 -40.81 -51.46
C HIS B 319 -5.00 -41.67 -50.39
N LEU B 320 -5.60 -41.08 -49.37
CA LEU B 320 -6.20 -41.88 -48.32
C LEU B 320 -7.69 -41.89 -48.59
N GLN B 321 -8.19 -42.98 -49.15
CA GLN B 321 -9.60 -43.24 -49.20
C GLN B 321 -10.05 -44.23 -48.14
N ASN B 322 -9.13 -44.82 -47.40
CA ASN B 322 -9.41 -45.94 -46.53
C ASN B 322 -9.10 -45.59 -45.09
N ARG B 323 -10.01 -46.03 -44.22
CA ARG B 323 -9.81 -45.88 -42.79
C ARG B 323 -8.43 -46.35 -42.38
N THR B 324 -8.00 -47.51 -42.86
CA THR B 324 -6.66 -47.99 -42.53
C THR B 324 -5.60 -47.09 -43.11
N GLN B 325 -5.70 -46.81 -44.41
CA GLN B 325 -4.71 -45.96 -45.07
C GLN B 325 -4.45 -44.71 -44.25
N VAL B 326 -5.53 -44.09 -43.76
CA VAL B 326 -5.37 -42.98 -42.83
C VAL B 326 -4.55 -43.41 -41.64
N LEU B 327 -5.00 -44.43 -40.93
CA LEU B 327 -4.30 -44.88 -39.73
C LEU B 327 -2.86 -45.23 -40.03
N GLN B 328 -2.62 -45.94 -41.14
CA GLN B 328 -1.27 -46.18 -41.60
C GLN B 328 -0.47 -44.87 -41.61
N TYR B 329 -1.04 -43.84 -42.21
CA TYR B 329 -0.39 -42.54 -42.28
C TYR B 329 -0.13 -41.97 -40.88
N LEU B 330 -1.08 -42.17 -39.98
CA LEU B 330 -1.04 -41.44 -38.72
C LEU B 330 0.07 -41.93 -37.83
N GLY B 331 0.09 -43.22 -37.53
CA GLY B 331 1.11 -43.76 -36.65
C GLY B 331 2.50 -43.41 -37.12
N ASP B 332 2.65 -43.20 -38.43
CA ASP B 332 3.93 -42.79 -38.97
C ASP B 332 4.37 -41.46 -38.38
N LYS B 333 3.49 -40.48 -38.37
CA LYS B 333 3.85 -39.15 -37.90
C LYS B 333 4.29 -39.14 -36.45
N PHE B 334 3.44 -39.62 -35.56
CA PHE B 334 3.59 -39.37 -34.12
C PHE B 334 4.30 -40.49 -33.39
N ARG B 335 4.84 -41.47 -34.12
CA ARG B 335 5.37 -42.66 -33.48
C ARG B 335 6.41 -42.33 -32.42
N VAL B 336 7.40 -41.52 -32.76
CA VAL B 336 8.45 -41.19 -31.79
C VAL B 336 7.89 -40.29 -30.70
N VAL B 337 6.90 -39.47 -31.04
CA VAL B 337 6.26 -38.65 -30.00
C VAL B 337 5.71 -39.53 -28.91
N PHE B 338 5.16 -40.68 -29.28
CA PHE B 338 4.79 -41.70 -28.32
C PHE B 338 5.87 -42.73 -28.13
N GLN B 339 7.01 -42.57 -28.82
CA GLN B 339 8.17 -43.42 -28.60
C GLN B 339 7.83 -44.89 -28.76
N ALA B 340 6.87 -45.16 -29.64
CA ALA B 340 6.38 -46.51 -29.86
C ALA B 340 7.52 -47.44 -30.23
N SER B 341 7.45 -48.66 -29.71
CA SER B 341 8.54 -49.59 -29.91
C SER B 341 8.65 -49.99 -31.37
N PRO B 342 9.88 -50.24 -31.85
CA PRO B 342 10.11 -50.49 -33.28
C PRO B 342 9.21 -51.55 -33.88
N ASP B 343 8.96 -52.64 -33.18
CA ASP B 343 8.04 -53.68 -33.63
C ASP B 343 6.68 -53.14 -34.03
N GLN B 344 6.20 -52.10 -33.38
CA GLN B 344 4.81 -51.69 -33.45
C GLN B 344 4.53 -51.01 -34.78
N SER B 345 3.61 -51.58 -35.56
CA SER B 345 3.25 -50.95 -36.81
C SER B 345 2.61 -49.60 -36.55
N ASP B 346 2.85 -48.66 -37.47
CA ASP B 346 2.21 -47.37 -37.37
C ASP B 346 0.71 -47.52 -37.24
N LEU B 347 0.14 -48.53 -37.93
CA LEU B 347 -1.26 -48.86 -37.73
C LEU B 347 -1.56 -49.06 -36.26
N GLU B 348 -0.78 -49.92 -35.60
CA GLU B 348 -0.89 -50.04 -34.15
C GLU B 348 -0.62 -48.69 -33.49
N VAL B 349 0.46 -48.03 -33.91
CA VAL B 349 0.81 -46.74 -33.32
C VAL B 349 -0.36 -45.77 -33.45
N GLY B 350 -1.00 -45.74 -34.62
CA GLY B 350 -2.19 -44.92 -34.76
C GLY B 350 -3.29 -45.36 -33.82
N GLN B 351 -3.52 -46.67 -33.74
CA GLN B 351 -4.52 -47.19 -32.81
C GLN B 351 -4.26 -46.68 -31.40
N GLU B 352 -2.99 -46.66 -30.99
CA GLU B 352 -2.63 -46.02 -29.74
C GLU B 352 -3.19 -44.60 -29.66
N VAL B 353 -2.94 -43.81 -30.69
CA VAL B 353 -3.18 -42.37 -30.61
C VAL B 353 -4.62 -42.09 -30.24
N LEU B 354 -5.56 -42.59 -31.04
CA LEU B 354 -6.97 -42.43 -30.72
C LEU B 354 -7.24 -42.88 -29.30
N ASP B 355 -6.55 -43.93 -28.86
CA ASP B 355 -6.78 -44.47 -27.53
C ASP B 355 -6.21 -43.55 -26.47
N ARG B 356 -4.95 -43.13 -26.62
CA ARG B 356 -4.34 -42.27 -25.62
C ARG B 356 -4.90 -40.87 -25.60
N ILE B 357 -5.76 -40.49 -26.52
CA ILE B 357 -6.01 -39.06 -26.64
C ILE B 357 -7.49 -38.73 -26.61
N VAL B 358 -8.22 -39.13 -27.63
CA VAL B 358 -9.48 -38.50 -27.95
C VAL B 358 -10.58 -39.07 -27.06
N LEU B 359 -11.23 -38.20 -26.30
CA LEU B 359 -12.46 -38.52 -25.59
C LEU B 359 -12.29 -39.74 -24.70
N VAL B 360 -11.06 -39.91 -24.22
CA VAL B 360 -10.67 -41.14 -23.56
C VAL B 360 -11.63 -41.54 -22.45
N HIS B 361 -12.39 -40.59 -21.92
CA HIS B 361 -13.41 -40.89 -20.93
C HIS B 361 -14.38 -41.96 -21.42
N LEU B 362 -14.54 -42.11 -22.73
CA LEU B 362 -15.46 -43.10 -23.26
C LEU B 362 -14.83 -44.48 -23.40
N GLY B 363 -13.57 -44.64 -23.03
CA GLY B 363 -12.89 -45.89 -23.19
C GLY B 363 -12.42 -46.09 -24.62
N LYS B 364 -11.90 -47.28 -24.88
CA LYS B 364 -11.30 -47.55 -26.18
C LYS B 364 -12.33 -47.94 -27.22
N ASP B 365 -13.39 -48.63 -26.83
CA ASP B 365 -14.27 -49.30 -27.78
C ASP B 365 -15.52 -48.50 -28.12
N GLY B 366 -15.67 -47.30 -27.58
CA GLY B 366 -16.87 -46.54 -27.82
C GLY B 366 -16.77 -45.70 -29.07
N SER B 367 -15.89 -46.13 -29.98
CA SER B 367 -15.53 -45.32 -31.14
C SER B 367 -16.76 -44.75 -31.82
N GLN B 368 -17.74 -45.61 -32.12
CA GLN B 368 -18.93 -45.13 -32.81
C GLN B 368 -19.65 -44.07 -32.00
N ASP B 369 -19.69 -44.24 -30.68
CA ASP B 369 -20.31 -43.22 -29.85
C ASP B 369 -19.40 -42.01 -29.70
N LYS B 370 -18.11 -42.23 -29.50
CA LYS B 370 -17.15 -41.14 -29.67
C LYS B 370 -17.41 -40.42 -30.97
N PHE B 371 -17.55 -41.17 -32.06
CA PHE B 371 -17.87 -40.57 -33.34
C PHE B 371 -19.12 -39.72 -33.21
N ARG B 372 -20.17 -40.27 -32.63
CA ARG B 372 -21.40 -39.49 -32.46
C ARG B 372 -21.13 -38.20 -31.71
N MET B 373 -20.53 -38.30 -30.52
CA MET B 373 -20.30 -37.10 -29.73
C MET B 373 -19.43 -36.10 -30.49
N LEU B 374 -18.31 -36.56 -31.02
CA LEU B 374 -17.39 -35.65 -31.67
C LEU B 374 -18.10 -34.80 -32.73
N LEU B 375 -19.04 -35.40 -33.44
CA LEU B 375 -19.89 -34.62 -34.32
C LEU B 375 -20.61 -33.54 -33.54
N PHE B 376 -21.29 -33.93 -32.47
CA PHE B 376 -22.22 -33.05 -31.78
C PHE B 376 -21.60 -31.69 -31.52
N MET B 377 -20.36 -31.68 -31.03
CA MET B 377 -19.69 -30.41 -30.79
C MET B 377 -19.69 -29.55 -32.04
N ILE B 378 -19.19 -30.12 -33.13
CA ILE B 378 -19.04 -29.39 -34.37
C ILE B 378 -20.35 -28.71 -34.73
N ARG B 379 -21.44 -29.47 -34.70
CA ARG B 379 -22.75 -28.86 -34.87
C ARG B 379 -22.91 -27.65 -33.98
N LYS B 380 -22.63 -27.82 -32.68
CA LYS B 380 -22.83 -26.71 -31.76
C LYS B 380 -21.73 -25.67 -31.92
N LEU B 381 -20.54 -26.10 -32.33
CA LEU B 381 -19.48 -25.15 -32.63
C LEU B 381 -19.95 -24.08 -33.60
N TYR B 382 -20.68 -24.48 -34.64
CA TYR B 382 -21.15 -23.49 -35.58
C TYR B 382 -22.19 -22.57 -34.98
N SER B 383 -23.16 -23.14 -34.26
CA SER B 383 -24.18 -22.30 -33.64
C SER B 383 -23.54 -21.18 -32.84
N LEU B 384 -22.41 -21.47 -32.19
CA LEU B 384 -21.60 -20.41 -31.61
C LEU B 384 -21.13 -19.46 -32.70
N VAL B 385 -20.40 -19.97 -33.67
CA VAL B 385 -19.92 -19.12 -34.76
C VAL B 385 -21.09 -18.40 -35.41
N ALA B 386 -22.21 -19.11 -35.58
CA ALA B 386 -23.43 -18.47 -36.04
C ALA B 386 -24.02 -17.53 -35.02
N GLY B 387 -23.53 -17.54 -33.79
CA GLY B 387 -24.07 -16.68 -32.77
C GLY B 387 -25.48 -17.01 -32.36
N GLU B 388 -26.05 -18.09 -32.87
CA GLU B 388 -27.37 -18.50 -32.43
C GLU B 388 -27.42 -18.68 -30.92
N CYS B 389 -26.33 -19.19 -30.34
CA CYS B 389 -26.30 -19.56 -28.95
C CYS B 389 -25.25 -18.75 -28.22
N SER B 390 -25.66 -18.17 -27.11
CA SER B 390 -24.83 -17.34 -26.26
C SER B 390 -23.64 -18.12 -25.72
N PRO B 391 -22.52 -17.46 -25.46
CA PRO B 391 -21.33 -18.17 -25.01
C PRO B 391 -21.41 -18.55 -23.55
N ASP B 392 -20.70 -19.60 -23.22
CA ASP B 392 -20.60 -20.05 -21.84
C ASP B 392 -19.59 -19.20 -21.12
N ASN B 393 -20.02 -18.52 -20.06
CA ASN B 393 -19.07 -17.84 -19.19
C ASN B 393 -18.17 -18.89 -18.56
N PRO B 394 -16.87 -18.88 -18.84
CA PRO B 394 -16.00 -19.90 -18.26
C PRO B 394 -15.98 -19.89 -16.76
N ASP B 395 -15.86 -18.72 -16.15
CA ASP B 395 -15.65 -18.66 -14.71
C ASP B 395 -16.96 -18.54 -13.94
N ALA B 396 -18.10 -18.59 -14.62
CA ALA B 396 -19.37 -18.70 -13.94
C ALA B 396 -19.36 -19.97 -13.10
N THR B 397 -20.00 -19.91 -11.94
CA THR B 397 -20.09 -21.10 -11.11
C THR B 397 -20.74 -22.25 -11.85
N GLN B 398 -21.62 -21.94 -12.80
CA GLN B 398 -22.39 -22.94 -13.53
C GLN B 398 -21.51 -24.08 -14.03
N HIS B 399 -20.37 -23.76 -14.60
CA HIS B 399 -19.48 -24.79 -15.09
C HIS B 399 -18.22 -24.72 -14.24
N GLN B 400 -18.18 -25.56 -13.22
CA GLN B 400 -17.03 -25.66 -12.33
C GLN B 400 -17.13 -26.96 -11.56
N GLU B 401 -16.02 -27.44 -11.03
CA GLU B 401 -16.13 -28.45 -10.00
C GLU B 401 -14.85 -28.45 -9.18
N VAL B 402 -14.78 -29.30 -8.18
CA VAL B 402 -13.67 -29.32 -7.26
C VAL B 402 -12.75 -30.46 -7.64
N LEU B 403 -11.46 -30.22 -7.68
CA LEU B 403 -10.51 -31.31 -7.76
C LEU B 403 -10.10 -31.67 -6.35
N LEU B 404 -10.51 -32.85 -5.90
CA LEU B 404 -10.26 -33.29 -4.54
C LEU B 404 -8.82 -33.75 -4.38
N GLY B 405 -8.33 -33.64 -3.14
CA GLY B 405 -6.94 -33.96 -2.89
C GLY B 405 -6.63 -35.43 -3.09
N GLY B 406 -7.34 -36.30 -2.39
CA GLY B 406 -7.07 -37.73 -2.47
C GLY B 406 -6.99 -38.22 -3.90
N PHE B 407 -7.88 -37.72 -4.77
CA PHE B 407 -7.80 -38.09 -6.17
C PHE B 407 -6.49 -37.62 -6.78
N LEU B 408 -6.15 -36.36 -6.57
CA LEU B 408 -4.87 -35.84 -7.04
C LEU B 408 -3.72 -36.65 -6.49
N TYR B 409 -3.85 -37.12 -5.25
CA TYR B 409 -2.74 -37.78 -4.59
C TYR B 409 -2.22 -38.94 -5.43
N GLY B 410 -3.09 -39.87 -5.79
CA GLY B 410 -2.65 -41.02 -6.57
C GLY B 410 -2.23 -40.64 -7.98
N MET B 411 -2.87 -39.61 -8.54
CA MET B 411 -2.46 -39.13 -9.86
C MET B 411 -0.97 -38.87 -9.86
N ILE B 412 -0.51 -38.09 -8.89
CA ILE B 412 0.92 -37.85 -8.72
C ILE B 412 1.65 -39.16 -8.58
N LEU B 413 1.18 -40.02 -7.68
CA LEU B 413 1.70 -41.36 -7.60
C LEU B 413 1.74 -42.03 -8.96
N LYS B 414 0.60 -42.04 -9.66
CA LYS B 414 0.51 -42.68 -10.96
C LYS B 414 1.66 -42.25 -11.85
N GLU B 415 1.96 -40.95 -11.88
CA GLU B 415 3.12 -40.49 -12.61
C GLU B 415 4.38 -41.21 -12.14
N LYS B 416 4.60 -41.22 -10.84
CA LYS B 416 5.88 -41.71 -10.34
C LYS B 416 6.05 -43.19 -10.57
N ILE B 417 4.97 -43.96 -10.42
CA ILE B 417 5.01 -45.35 -10.84
C ILE B 417 5.53 -45.44 -12.26
N ASP B 418 4.91 -44.69 -13.17
CA ASP B 418 5.27 -44.74 -14.58
C ASP B 418 6.75 -44.45 -14.78
N GLU B 419 7.18 -43.26 -14.35
CA GLU B 419 8.54 -42.84 -14.63
C GLU B 419 9.54 -43.86 -14.10
N TYR B 420 9.29 -44.37 -12.89
CA TYR B 420 10.09 -45.47 -12.39
C TYR B 420 10.16 -46.61 -13.39
N LEU B 421 9.00 -47.09 -13.83
CA LEU B 421 8.98 -48.22 -14.75
C LEU B 421 9.78 -47.91 -16.00
N GLN B 422 9.69 -46.69 -16.51
CA GLN B 422 10.56 -46.30 -17.60
C GLN B 422 12.02 -46.44 -17.22
N ASN B 423 12.38 -46.03 -16.01
CA ASN B 423 13.77 -46.05 -15.61
C ASN B 423 14.30 -47.47 -15.62
N ILE B 424 13.43 -48.45 -15.38
CA ILE B 424 13.80 -49.84 -15.53
C ILE B 424 14.41 -50.07 -16.91
N ILE B 425 13.76 -49.53 -17.93
CA ILE B 425 14.21 -49.73 -19.29
C ILE B 425 15.59 -49.14 -19.49
N ALA B 426 15.78 -47.90 -19.04
CA ALA B 426 17.03 -47.18 -19.28
C ALA B 426 18.23 -48.01 -18.86
N GLN B 427 18.21 -48.51 -17.62
CA GLN B 427 19.27 -49.40 -17.17
C GLN B 427 19.49 -50.52 -18.18
N VAL B 428 18.42 -51.27 -18.47
CA VAL B 428 18.52 -52.37 -19.41
C VAL B 428 19.07 -51.91 -20.75
N ARG B 429 18.54 -50.82 -21.30
CA ARG B 429 19.09 -50.31 -22.55
C ARG B 429 20.56 -49.98 -22.40
N MET B 430 20.89 -49.19 -21.38
CA MET B 430 22.29 -48.91 -21.11
C MET B 430 23.06 -50.21 -20.92
N ASP B 431 22.46 -51.18 -20.24
CA ASP B 431 23.06 -52.51 -20.18
C ASP B 431 23.29 -53.04 -21.58
N ILE B 432 22.23 -53.07 -22.39
CA ILE B 432 22.35 -53.55 -23.75
C ILE B 432 23.38 -52.73 -24.52
N ASN B 433 23.19 -51.41 -24.54
CA ASN B 433 24.07 -50.56 -25.32
C ASN B 433 25.52 -50.71 -24.88
N ARG B 434 25.75 -50.97 -23.60
CA ARG B 434 27.09 -51.30 -23.15
C ARG B 434 27.58 -52.62 -23.71
N GLY B 435 26.72 -53.38 -24.37
CA GLY B 435 27.10 -54.70 -24.79
C GLY B 435 27.12 -55.73 -23.69
N MET B 436 26.27 -55.57 -22.67
CA MET B 436 26.29 -56.47 -21.55
C MET B 436 25.76 -57.84 -21.96
N ALA B 437 26.38 -58.89 -21.41
CA ALA B 437 25.85 -60.24 -21.55
C ALA B 437 24.58 -60.33 -20.73
N ILE B 438 23.47 -60.72 -21.37
CA ILE B 438 22.15 -60.47 -20.83
C ILE B 438 21.26 -61.68 -21.12
N ASN B 439 20.38 -62.00 -20.19
CA ASN B 439 19.26 -62.90 -20.43
C ASN B 439 18.06 -62.31 -19.69
N PHE B 440 16.93 -62.21 -20.40
CA PHE B 440 15.70 -61.81 -19.74
C PHE B 440 15.34 -62.76 -18.60
N LYS B 441 15.72 -64.03 -18.71
CA LYS B 441 15.18 -65.06 -17.84
C LYS B 441 16.03 -65.34 -16.61
N ASP B 442 17.09 -64.57 -16.38
CA ASP B 442 17.83 -64.69 -15.13
C ASP B 442 17.24 -63.69 -14.13
N LYS B 443 16.56 -64.21 -13.12
CA LYS B 443 15.99 -63.34 -12.10
C LYS B 443 17.09 -62.64 -11.32
N ARG B 444 18.25 -63.29 -11.19
CA ARG B 444 19.40 -62.59 -10.64
C ARG B 444 19.77 -61.40 -11.48
N TYR B 445 19.91 -61.61 -12.80
CA TYR B 445 20.10 -60.48 -13.70
C TYR B 445 18.97 -59.47 -13.56
N MET B 446 17.72 -59.96 -13.54
CA MET B 446 16.61 -59.12 -13.14
C MET B 446 16.93 -58.37 -11.86
N SER B 447 17.15 -59.10 -10.77
CA SER B 447 17.54 -58.46 -9.53
C SER B 447 18.79 -57.61 -9.68
N ARG B 448 19.75 -58.06 -10.50
CA ARG B 448 20.93 -57.26 -10.77
C ARG B 448 20.55 -55.86 -11.22
N VAL B 449 19.48 -55.75 -11.98
CA VAL B 449 19.02 -54.43 -12.41
C VAL B 449 18.44 -53.67 -11.22
N LEU B 450 17.59 -54.34 -10.44
CA LEU B 450 16.85 -53.69 -9.36
C LEU B 450 17.78 -52.94 -8.42
N MET B 451 18.90 -53.55 -8.04
CA MET B 451 19.78 -52.96 -7.06
C MET B 451 20.35 -51.64 -7.54
N ARG B 452 20.24 -51.36 -8.83
CA ARG B 452 20.82 -50.16 -9.41
C ARG B 452 19.82 -49.03 -9.55
N VAL B 453 18.59 -49.20 -9.07
CA VAL B 453 17.52 -48.26 -9.32
C VAL B 453 16.86 -47.85 -8.02
N ASN B 454 16.61 -46.56 -7.85
CA ASN B 454 15.87 -46.06 -6.69
C ASN B 454 14.41 -46.47 -6.82
N GLU B 455 13.91 -47.20 -5.84
CA GLU B 455 12.51 -47.56 -5.81
C GLU B 455 11.69 -46.68 -4.88
N ASN B 456 12.29 -45.77 -4.12
CA ASN B 456 11.56 -45.17 -3.03
C ASN B 456 10.86 -43.91 -3.50
N ILE B 457 9.56 -44.05 -3.67
CA ILE B 457 8.72 -42.91 -4.02
C ILE B 457 8.24 -42.19 -2.77
N GLY B 458 7.95 -42.94 -1.71
CA GLY B 458 7.42 -42.34 -0.49
C GLY B 458 8.23 -41.14 -0.05
N SER B 459 9.56 -41.23 -0.21
CA SER B 459 10.41 -40.05 -0.06
C SER B 459 9.99 -38.95 -1.00
N LYS B 460 9.93 -39.26 -2.30
CA LYS B 460 9.48 -38.27 -3.27
C LYS B 460 8.10 -37.75 -2.91
N MET B 461 7.17 -38.67 -2.62
CA MET B 461 5.85 -38.25 -2.17
C MET B 461 5.95 -37.32 -0.97
N GLN B 462 6.72 -37.71 0.04
CA GLN B 462 7.06 -36.77 1.09
C GLN B 462 7.60 -35.49 0.51
N TYR B 463 8.62 -35.58 -0.36
CA TYR B 463 9.20 -34.40 -0.94
C TYR B 463 8.14 -33.51 -1.57
N PHE B 464 7.20 -34.12 -2.28
CA PHE B 464 6.03 -33.37 -2.71
C PHE B 464 5.32 -32.77 -1.52
N LEU B 465 4.89 -33.61 -0.59
CA LEU B 465 4.20 -33.13 0.58
C LEU B 465 5.03 -32.10 1.34
N SER B 466 6.34 -32.30 1.34
CA SER B 466 7.22 -31.30 1.91
C SER B 466 7.11 -29.97 1.17
N THR B 467 7.39 -29.98 -0.13
CA THR B 467 7.54 -28.75 -0.87
C THR B 467 6.26 -28.25 -1.53
N GLY B 468 5.21 -29.05 -1.57
CA GLY B 468 4.06 -28.66 -2.34
C GLY B 468 4.34 -28.49 -3.82
N ASN B 469 5.52 -28.88 -4.26
CA ASN B 469 5.94 -28.64 -5.63
C ASN B 469 5.34 -29.69 -6.53
N LEU B 470 4.71 -29.25 -7.62
CA LEU B 470 4.20 -30.16 -8.63
C LEU B 470 5.28 -30.34 -9.70
N VAL B 471 5.85 -31.53 -9.72
CA VAL B 471 6.95 -31.82 -10.63
C VAL B 471 6.61 -33.08 -11.42
N SER B 472 6.35 -32.91 -12.71
CA SER B 472 6.13 -34.06 -13.57
C SER B 472 6.37 -33.64 -15.01
N GLN B 473 6.58 -34.64 -15.85
CA GLN B 473 6.56 -34.47 -17.29
C GLN B 473 5.17 -34.11 -17.81
N SER B 474 4.14 -34.29 -17.00
CA SER B 474 2.76 -34.03 -17.38
C SER B 474 2.14 -32.99 -16.46
N GLY B 475 1.84 -31.83 -17.03
CA GLY B 475 1.20 -30.79 -16.27
C GLY B 475 -0.19 -31.13 -15.79
N LEU B 476 -0.75 -32.24 -16.26
CA LEU B 476 -2.06 -32.74 -15.86
C LEU B 476 -3.16 -31.72 -16.11
N ASP B 477 -2.99 -30.84 -17.09
CA ASP B 477 -3.93 -29.77 -17.37
C ASP B 477 -4.10 -28.91 -16.13
N LEU B 478 -2.99 -28.45 -15.56
CA LEU B 478 -3.00 -27.70 -14.33
C LEU B 478 -2.15 -26.44 -14.49
N GLN B 479 -2.46 -25.42 -13.69
CA GLN B 479 -1.99 -24.09 -13.97
C GLN B 479 -0.77 -23.66 -13.17
N GLN B 480 -0.26 -24.45 -12.23
CA GLN B 480 0.86 -23.97 -11.43
C GLN B 480 1.70 -25.14 -10.94
N VAL B 481 2.92 -24.81 -10.53
CA VAL B 481 3.91 -25.81 -10.16
C VAL B 481 3.96 -26.06 -8.66
N SER B 482 3.28 -25.27 -7.86
CA SER B 482 3.41 -25.40 -6.41
C SER B 482 2.17 -24.83 -5.73
N GLY B 483 2.26 -24.70 -4.41
CA GLY B 483 1.17 -24.13 -3.66
C GLY B 483 0.04 -25.09 -3.40
N TYR B 484 0.23 -26.37 -3.69
CA TYR B 484 -0.85 -27.33 -3.52
C TYR B 484 -1.04 -27.71 -2.07
N THR B 485 0.05 -27.80 -1.32
CA THR B 485 0.00 -28.11 0.10
C THR B 485 -0.47 -26.90 0.88
N VAL B 486 -0.62 -27.09 2.18
CA VAL B 486 -0.91 -26.01 3.11
C VAL B 486 -0.51 -26.49 4.48
N VAL B 487 -0.27 -25.56 5.39
CA VAL B 487 0.14 -25.95 6.73
C VAL B 487 -1.05 -25.85 7.66
N ALA B 488 -1.46 -26.98 8.23
CA ALA B 488 -2.60 -27.01 9.13
C ALA B 488 -2.35 -26.09 10.31
N GLU B 489 -3.38 -25.39 10.77
CA GLU B 489 -3.16 -24.43 11.83
C GLU B 489 -4.13 -24.64 12.98
N LYS B 490 -3.59 -25.05 14.12
CA LYS B 490 -4.37 -25.21 15.32
C LYS B 490 -4.39 -23.94 16.16
N ILE B 491 -3.89 -22.85 15.59
CA ILE B 491 -3.59 -21.61 16.31
C ILE B 491 -4.76 -21.26 17.21
N ASN B 492 -5.95 -21.14 16.64
CA ASN B 492 -7.16 -21.34 17.40
C ASN B 492 -7.82 -22.58 16.84
N PHE B 493 -9.02 -22.87 17.33
CA PHE B 493 -9.73 -23.96 16.70
C PHE B 493 -10.36 -23.54 15.39
N TYR B 494 -10.97 -22.37 15.33
CA TYR B 494 -11.74 -22.03 14.14
C TYR B 494 -10.84 -21.91 12.92
N ARG B 495 -9.66 -21.32 13.09
CA ARG B 495 -8.73 -21.34 11.96
C ARG B 495 -8.49 -22.75 11.49
N PHE B 496 -8.39 -23.69 12.43
CA PHE B 496 -8.12 -25.06 12.05
C PHE B 496 -9.21 -25.63 11.17
N ILE B 497 -10.44 -25.62 11.66
CA ILE B 497 -11.53 -26.20 10.91
C ILE B 497 -11.72 -25.48 9.58
N SER B 498 -11.36 -24.21 9.53
CA SER B 498 -11.63 -23.41 8.35
C SER B 498 -10.97 -23.99 7.12
N HIS B 499 -9.79 -24.56 7.29
CA HIS B 499 -9.00 -24.98 6.14
C HIS B 499 -9.78 -25.91 5.24
N PHE B 500 -10.52 -26.81 5.84
CA PHE B 500 -11.14 -27.89 5.10
C PHE B 500 -12.24 -27.43 4.16
N ARG B 501 -13.02 -26.42 4.56
CA ARG B 501 -14.10 -25.94 3.73
C ARG B 501 -13.59 -24.86 2.78
N MET B 502 -12.28 -24.66 2.72
CA MET B 502 -11.69 -23.54 2.00
C MET B 502 -11.08 -23.99 0.68
N VAL B 503 -11.37 -23.24 -0.38
CA VAL B 503 -10.96 -23.61 -1.73
C VAL B 503 -10.85 -22.34 -2.56
N HIS B 504 -10.07 -22.40 -3.64
CA HIS B 504 -9.85 -21.23 -4.46
C HIS B 504 -9.66 -21.62 -5.91
N ARG B 505 -9.34 -20.62 -6.72
CA ARG B 505 -9.25 -20.74 -8.16
C ARG B 505 -7.86 -21.00 -8.68
N GLY B 506 -6.88 -21.17 -7.80
CA GLY B 506 -5.51 -21.32 -8.24
C GLY B 506 -4.80 -19.99 -8.32
N SER B 507 -3.50 -19.98 -8.07
CA SER B 507 -2.72 -18.75 -7.98
C SER B 507 -2.60 -18.08 -9.34
N PHE B 508 -2.72 -18.87 -10.41
CA PHE B 508 -2.59 -18.33 -11.76
C PHE B 508 -3.60 -17.21 -12.00
N PHE B 509 -4.80 -17.36 -11.45
CA PHE B 509 -5.80 -16.33 -11.63
C PHE B 509 -5.55 -15.12 -10.77
N ALA B 510 -4.75 -15.25 -9.71
CA ALA B 510 -4.39 -14.11 -8.87
C ALA B 510 -3.68 -13.02 -9.64
N GLN B 511 -2.65 -13.36 -10.40
CA GLN B 511 -1.94 -12.40 -11.23
C GLN B 511 -2.87 -11.68 -12.20
N LEU B 512 -3.94 -12.32 -12.64
CA LEU B 512 -4.88 -11.70 -13.57
C LEU B 512 -5.40 -10.40 -12.97
N LYS B 513 -5.32 -9.33 -13.74
CA LYS B 513 -5.79 -8.03 -13.27
C LYS B 513 -7.30 -7.92 -13.35
N THR B 514 -7.93 -8.70 -14.21
CA THR B 514 -9.38 -8.67 -14.38
C THR B 514 -10.06 -8.90 -13.05
N THR B 515 -10.89 -7.95 -12.66
CA THR B 515 -11.53 -7.99 -11.36
C THR B 515 -12.75 -8.90 -11.33
N THR B 516 -13.43 -9.04 -12.47
CA THR B 516 -14.70 -9.75 -12.52
C THR B 516 -14.61 -11.12 -11.87
N VAL B 517 -13.42 -11.74 -11.94
CA VAL B 517 -13.21 -13.01 -11.27
C VAL B 517 -13.61 -12.98 -9.81
N ARG B 518 -13.57 -11.80 -9.20
CA ARG B 518 -13.86 -11.69 -7.79
C ARG B 518 -15.30 -11.30 -7.51
N LYS B 519 -16.12 -11.13 -8.55
CA LYS B 519 -17.52 -10.85 -8.34
C LYS B 519 -18.19 -11.97 -7.57
N LEU B 520 -19.20 -11.61 -6.78
CA LEU B 520 -20.12 -12.59 -6.26
C LEU B 520 -21.16 -12.87 -7.33
N LEU B 521 -21.61 -14.10 -7.43
CA LEU B 521 -22.57 -14.39 -8.47
C LEU B 521 -23.83 -15.02 -7.89
N PRO B 522 -24.98 -14.82 -8.52
CA PRO B 522 -26.20 -15.45 -8.02
C PRO B 522 -26.20 -16.96 -8.15
N GLU B 523 -25.29 -17.51 -8.94
CA GLU B 523 -25.15 -18.95 -9.05
C GLU B 523 -24.61 -19.59 -7.78
N SER B 524 -23.54 -19.04 -7.21
CA SER B 524 -22.95 -19.62 -6.02
C SER B 524 -23.89 -19.60 -4.83
N TRP B 525 -25.04 -18.99 -4.97
CA TRP B 525 -26.07 -19.04 -3.94
C TRP B 525 -26.26 -20.46 -3.47
N GLY B 526 -26.39 -20.62 -2.17
CA GLY B 526 -26.54 -21.92 -1.57
C GLY B 526 -25.27 -22.72 -1.46
N PHE B 527 -24.18 -22.30 -2.12
CA PHE B 527 -22.96 -23.08 -2.11
C PHE B 527 -21.81 -22.40 -1.41
N LEU B 528 -21.20 -21.40 -2.05
CA LEU B 528 -20.11 -20.69 -1.41
C LEU B 528 -20.65 -19.71 -0.39
N CYS B 529 -19.80 -19.38 0.56
CA CYS B 529 -20.17 -18.39 1.55
C CYS B 529 -19.96 -17.00 0.98
N PRO B 530 -21.03 -16.25 0.74
CA PRO B 530 -20.86 -14.84 0.36
C PRO B 530 -20.17 -14.05 1.44
N VAL B 531 -20.42 -14.38 2.69
CA VAL B 531 -19.86 -13.65 3.81
C VAL B 531 -18.41 -13.98 4.02
N HIS B 532 -18.11 -15.19 4.45
CA HIS B 532 -16.75 -15.49 4.84
C HIS B 532 -15.91 -15.66 3.59
N THR B 533 -14.97 -14.73 3.43
CA THR B 533 -13.95 -14.77 2.41
C THR B 533 -12.75 -14.01 2.94
N PRO B 534 -11.54 -14.32 2.49
CA PRO B 534 -10.40 -13.48 2.84
C PRO B 534 -10.57 -12.09 2.26
N ASP B 535 -9.87 -11.15 2.89
CA ASP B 535 -9.75 -9.80 2.37
C ASP B 535 -8.33 -9.61 1.83
N GLY B 536 -8.02 -8.41 1.36
CA GLY B 536 -6.67 -8.18 0.88
C GLY B 536 -6.45 -8.82 -0.47
N SER B 537 -5.20 -9.13 -0.76
CA SER B 537 -4.84 -9.72 -2.04
C SER B 537 -5.61 -11.00 -2.34
N PRO B 538 -5.75 -11.94 -1.40
CA PRO B 538 -6.51 -13.15 -1.71
C PRO B 538 -8.00 -12.93 -1.93
N CYS B 539 -8.51 -11.76 -1.58
CA CYS B 539 -9.95 -11.55 -1.50
C CYS B 539 -10.65 -11.97 -2.79
N GLY B 540 -11.69 -12.78 -2.63
CA GLY B 540 -12.50 -13.26 -3.72
C GLY B 540 -11.97 -14.52 -4.36
N LEU B 541 -10.68 -14.79 -4.27
CA LEU B 541 -10.13 -16.02 -4.81
C LEU B 541 -10.33 -17.21 -3.91
N LEU B 542 -10.00 -17.07 -2.63
CA LEU B 542 -10.18 -18.12 -1.65
C LEU B 542 -11.61 -18.02 -1.15
N ASN B 543 -12.30 -19.14 -1.05
CA ASN B 543 -13.70 -19.10 -0.70
C ASN B 543 -14.11 -20.37 0.00
N HIS B 544 -15.17 -20.25 0.80
CA HIS B 544 -15.62 -21.33 1.66
C HIS B 544 -17.02 -21.74 1.26
N PHE B 545 -17.31 -23.02 1.47
CA PHE B 545 -18.62 -23.56 1.20
C PHE B 545 -19.61 -23.13 2.25
N ALA B 546 -20.88 -23.14 1.90
CA ALA B 546 -21.90 -23.21 2.94
C ALA B 546 -21.72 -24.51 3.69
N HIS B 547 -22.09 -24.53 4.96
CA HIS B 547 -21.79 -25.69 5.78
C HIS B 547 -22.57 -26.91 5.35
N LYS B 548 -23.79 -26.72 4.86
CA LYS B 548 -24.59 -27.83 4.36
C LYS B 548 -24.02 -28.50 3.12
N CYS B 549 -22.97 -27.94 2.54
CA CYS B 549 -22.49 -28.45 1.26
C CYS B 549 -21.99 -29.88 1.38
N ARG B 550 -22.07 -30.61 0.27
CA ARG B 550 -21.53 -31.95 0.14
C ARG B 550 -20.70 -32.03 -1.13
N ILE B 551 -19.95 -33.11 -1.27
CA ILE B 551 -19.13 -33.34 -2.45
C ILE B 551 -19.34 -34.77 -2.91
N SER B 552 -19.50 -34.94 -4.23
CA SER B 552 -19.67 -36.28 -4.76
C SER B 552 -18.33 -36.97 -4.86
N THR B 553 -18.17 -38.03 -4.07
CA THR B 553 -16.92 -38.76 -4.02
C THR B 553 -16.93 -40.04 -4.85
N GLN B 554 -18.02 -40.36 -5.50
CA GLN B 554 -18.16 -41.66 -6.13
C GLN B 554 -18.68 -41.53 -7.56
N GLN B 555 -18.64 -42.65 -8.25
CA GLN B 555 -19.31 -42.81 -9.53
C GLN B 555 -20.59 -43.61 -9.28
N SER B 556 -21.73 -42.94 -9.36
CA SER B 556 -22.98 -43.67 -9.26
C SER B 556 -23.21 -44.46 -10.53
N ASP B 557 -24.05 -45.48 -10.42
CA ASP B 557 -24.31 -46.33 -11.58
C ASP B 557 -25.43 -45.75 -12.42
N VAL B 558 -25.13 -45.49 -13.69
CA VAL B 558 -26.10 -45.05 -14.66
C VAL B 558 -26.59 -46.19 -15.54
N SER B 559 -26.12 -47.42 -15.28
CA SER B 559 -26.37 -48.53 -16.19
C SER B 559 -27.81 -48.64 -16.61
N ARG B 560 -28.74 -48.62 -15.67
CA ARG B 560 -30.15 -48.81 -15.99
C ARG B 560 -30.83 -47.54 -16.50
N ILE B 561 -30.16 -46.40 -16.43
CA ILE B 561 -30.75 -45.16 -16.96
C ILE B 561 -31.18 -45.34 -18.40
N PRO B 562 -30.32 -45.74 -19.34
CA PRO B 562 -30.75 -45.80 -20.74
C PRO B 562 -32.01 -46.61 -20.93
N SER B 563 -32.08 -47.76 -20.28
CA SER B 563 -33.32 -48.55 -20.31
C SER B 563 -34.51 -47.68 -19.98
N ILE B 564 -34.42 -46.90 -18.90
CA ILE B 564 -35.53 -46.07 -18.50
C ILE B 564 -35.84 -45.05 -19.59
N LEU B 565 -34.79 -44.50 -20.20
CA LEU B 565 -34.98 -43.46 -21.21
C LEU B 565 -35.82 -43.97 -22.37
N TYR B 566 -35.43 -45.11 -22.94
CA TYR B 566 -36.20 -45.69 -24.02
C TYR B 566 -37.65 -45.89 -23.61
N SER B 567 -37.87 -46.32 -22.36
CA SER B 567 -39.24 -46.44 -21.88
C SER B 567 -39.98 -45.12 -21.88
N LEU B 568 -39.25 -44.01 -21.95
CA LEU B 568 -39.86 -42.70 -21.96
C LEU B 568 -40.10 -42.18 -23.37
N GLY B 569 -39.84 -42.99 -24.38
CA GLY B 569 -39.99 -42.58 -25.75
C GLY B 569 -38.77 -41.95 -26.36
N VAL B 570 -37.61 -42.10 -25.74
CA VAL B 570 -36.39 -41.55 -26.32
C VAL B 570 -36.00 -42.38 -27.53
N ALA B 571 -35.62 -41.71 -28.60
CA ALA B 571 -35.19 -42.41 -29.80
C ALA B 571 -33.71 -42.76 -29.67
N PRO B 572 -33.28 -43.92 -30.13
CA PRO B 572 -31.86 -44.25 -30.07
C PRO B 572 -31.05 -43.31 -30.93
N ALA B 573 -30.00 -42.73 -30.34
CA ALA B 573 -29.09 -41.90 -31.11
C ALA B 573 -28.36 -42.71 -32.16
N SER B 574 -28.43 -44.04 -32.05
CA SER B 574 -27.77 -44.88 -33.04
C SER B 574 -28.27 -44.61 -34.44
N HIS B 575 -29.49 -45.03 -34.75
CA HIS B 575 -30.00 -45.04 -36.12
C HIS B 575 -30.79 -43.78 -36.47
N THR B 576 -31.08 -42.92 -35.49
CA THR B 576 -31.91 -41.76 -35.71
C THR B 576 -31.00 -40.59 -36.09
N PHE B 577 -31.37 -39.86 -37.14
CA PHE B 577 -30.54 -38.78 -37.65
C PHE B 577 -31.22 -37.46 -37.37
N ALA B 578 -30.66 -36.72 -36.42
CA ALA B 578 -31.10 -35.38 -36.07
C ALA B 578 -29.89 -34.58 -35.66
N ALA B 579 -30.06 -33.28 -35.58
CA ALA B 579 -28.97 -32.37 -35.25
C ALA B 579 -29.54 -30.98 -35.09
N GLY B 580 -28.76 -30.11 -34.47
CA GLY B 580 -29.20 -28.77 -34.22
C GLY B 580 -29.94 -28.66 -32.92
N PRO B 581 -29.86 -27.49 -32.30
CA PRO B 581 -30.61 -27.22 -31.07
C PRO B 581 -32.12 -27.33 -31.22
N SER B 582 -32.61 -27.38 -32.46
CA SER B 582 -34.03 -27.37 -32.74
C SER B 582 -34.82 -28.32 -31.86
N LEU B 583 -34.27 -29.50 -31.56
CA LEU B 583 -34.96 -30.44 -30.70
C LEU B 583 -34.00 -30.87 -29.61
N CYS B 584 -34.57 -31.26 -28.46
CA CYS B 584 -33.81 -31.49 -27.25
C CYS B 584 -32.83 -32.63 -27.46
N CYS B 585 -31.55 -32.35 -27.24
CA CYS B 585 -30.53 -33.40 -27.17
C CYS B 585 -30.53 -34.01 -25.79
N VAL B 586 -30.04 -35.24 -25.69
CA VAL B 586 -29.97 -35.95 -24.43
C VAL B 586 -28.60 -36.61 -24.30
N GLN B 587 -27.97 -36.44 -23.15
CA GLN B 587 -26.69 -37.06 -22.88
C GLN B 587 -26.62 -37.55 -21.45
N ILE B 588 -25.65 -38.42 -21.19
CA ILE B 588 -25.31 -38.84 -19.84
C ILE B 588 -23.80 -38.83 -19.72
N ASP B 589 -23.28 -37.99 -18.84
CA ASP B 589 -21.87 -38.01 -18.47
C ASP B 589 -20.98 -38.14 -19.69
N GLY B 590 -21.26 -37.33 -20.70
CA GLY B 590 -20.52 -37.45 -21.92
C GLY B 590 -20.87 -38.67 -22.74
N LYS B 591 -22.12 -39.12 -22.70
CA LYS B 591 -22.60 -40.15 -23.60
C LYS B 591 -23.97 -39.76 -24.12
N ILE B 592 -24.09 -39.71 -25.45
CA ILE B 592 -25.33 -39.25 -26.08
C ILE B 592 -26.30 -40.41 -26.18
N ILE B 593 -27.46 -40.27 -25.57
CA ILE B 593 -28.49 -41.30 -25.62
C ILE B 593 -29.34 -41.21 -26.87
N GLY B 594 -29.76 -40.00 -27.25
CA GLY B 594 -30.76 -39.91 -28.30
C GLY B 594 -31.26 -38.48 -28.46
N TRP B 595 -32.47 -38.37 -28.97
CA TRP B 595 -33.01 -37.09 -29.38
C TRP B 595 -34.50 -37.05 -29.11
N VAL B 596 -34.98 -35.89 -28.68
CA VAL B 596 -36.40 -35.63 -28.49
C VAL B 596 -36.65 -34.16 -28.75
N SER B 597 -37.93 -33.82 -28.90
CA SER B 597 -38.30 -32.42 -28.92
C SER B 597 -38.13 -31.82 -27.53
N HIS B 598 -37.97 -30.50 -27.49
CA HIS B 598 -37.91 -29.81 -26.21
C HIS B 598 -39.17 -30.04 -25.42
N GLU B 599 -40.32 -29.84 -26.05
CA GLU B 599 -41.60 -30.01 -25.40
C GLU B 599 -41.73 -31.42 -24.83
N GLN B 600 -41.13 -32.38 -25.51
CA GLN B 600 -41.13 -33.72 -24.96
C GLN B 600 -40.12 -33.85 -23.83
N GLY B 601 -39.00 -33.14 -23.93
CA GLY B 601 -37.93 -33.33 -22.97
C GLY B 601 -38.29 -32.91 -21.57
N LYS B 602 -38.69 -31.65 -21.39
CA LYS B 602 -38.88 -31.13 -20.04
C LYS B 602 -39.88 -31.96 -19.25
N ILE B 603 -40.96 -32.39 -19.91
CA ILE B 603 -41.91 -33.28 -19.26
C ILE B 603 -41.18 -34.49 -18.68
N ILE B 604 -40.28 -35.06 -19.47
CA ILE B 604 -39.52 -36.21 -19.01
C ILE B 604 -38.68 -35.85 -17.81
N ALA B 605 -37.87 -34.79 -17.93
CA ALA B 605 -37.01 -34.39 -16.83
C ALA B 605 -37.79 -34.26 -15.54
N ASP B 606 -39.04 -33.82 -15.64
CA ASP B 606 -39.92 -33.80 -14.48
C ASP B 606 -40.08 -35.19 -13.91
N THR B 607 -40.52 -36.14 -14.75
CA THR B 607 -40.78 -37.48 -14.27
C THR B 607 -39.56 -38.05 -13.55
N LEU B 608 -38.39 -37.89 -14.16
CA LEU B 608 -37.17 -38.31 -13.51
C LEU B 608 -37.06 -37.68 -12.14
N ARG B 609 -37.05 -36.36 -12.13
CA ARG B 609 -37.06 -35.62 -10.88
C ARG B 609 -38.16 -36.14 -9.97
N TYR B 610 -39.32 -36.44 -10.54
CA TYR B 610 -40.40 -36.97 -9.73
C TYR B 610 -40.02 -38.32 -9.16
N TRP B 611 -39.29 -39.12 -9.94
CA TRP B 611 -38.94 -40.44 -9.45
C TRP B 611 -37.77 -40.38 -8.49
N LYS B 612 -36.78 -39.53 -8.79
CA LYS B 612 -35.59 -39.50 -7.94
C LYS B 612 -35.96 -39.10 -6.52
N VAL B 613 -36.84 -38.10 -6.38
CA VAL B 613 -37.48 -37.90 -5.10
C VAL B 613 -38.20 -39.15 -4.66
N GLU B 614 -39.15 -39.61 -5.48
CA GLU B 614 -39.94 -40.78 -5.14
C GLU B 614 -39.07 -41.94 -4.72
N GLY B 615 -37.96 -42.16 -5.43
CA GLY B 615 -36.97 -43.13 -5.00
C GLY B 615 -37.42 -44.56 -4.93
N LYS B 616 -38.61 -44.88 -5.43
CA LYS B 616 -39.08 -46.26 -5.46
C LYS B 616 -38.63 -46.99 -6.71
N THR B 617 -37.99 -46.31 -7.64
CA THR B 617 -37.58 -46.92 -8.89
C THR B 617 -36.09 -47.24 -8.84
N PRO B 618 -35.68 -48.47 -9.10
CA PRO B 618 -34.26 -48.81 -9.00
C PRO B 618 -33.44 -48.13 -10.08
N GLY B 619 -32.13 -48.14 -9.89
CA GLY B 619 -31.23 -47.49 -10.80
C GLY B 619 -31.19 -45.99 -10.64
N LEU B 620 -31.61 -45.47 -9.50
CA LEU B 620 -31.92 -44.05 -9.35
C LEU B 620 -31.32 -43.52 -8.06
N PRO B 621 -30.00 -43.34 -8.03
CA PRO B 621 -29.39 -42.68 -6.88
C PRO B 621 -29.78 -41.21 -6.84
N ILE B 622 -30.13 -40.75 -5.64
CA ILE B 622 -30.72 -39.41 -5.52
C ILE B 622 -29.68 -38.33 -5.75
N ASP B 623 -28.41 -38.70 -5.83
CA ASP B 623 -27.36 -37.75 -6.14
C ASP B 623 -27.40 -37.29 -7.59
N LEU B 624 -28.21 -37.94 -8.42
CA LEU B 624 -28.11 -37.74 -9.85
C LEU B 624 -28.64 -36.38 -10.27
N GLU B 625 -27.86 -35.66 -11.07
CA GLU B 625 -28.28 -34.36 -11.57
C GLU B 625 -29.18 -34.51 -12.78
N ILE B 626 -30.21 -33.69 -12.85
CA ILE B 626 -31.05 -33.63 -14.04
C ILE B 626 -30.91 -32.23 -14.63
N GLY B 627 -30.30 -32.14 -15.80
CA GLY B 627 -29.80 -30.88 -16.32
C GLY B 627 -30.60 -30.15 -17.37
N TYR B 628 -31.90 -30.36 -17.42
CA TYR B 628 -32.70 -29.84 -18.52
C TYR B 628 -32.54 -28.35 -18.71
N VAL B 629 -32.24 -27.96 -19.94
CA VAL B 629 -32.21 -26.55 -20.33
C VAL B 629 -33.32 -26.31 -21.33
N PRO B 630 -34.29 -25.45 -21.02
CA PRO B 630 -35.29 -25.12 -22.00
C PRO B 630 -34.64 -24.43 -23.18
N PRO B 631 -35.17 -24.61 -24.38
CA PRO B 631 -34.75 -23.78 -25.49
C PRO B 631 -35.13 -22.32 -25.23
N SER B 632 -34.39 -21.43 -25.87
CA SER B 632 -34.61 -19.99 -25.68
C SER B 632 -34.16 -19.28 -26.93
N THR B 633 -34.20 -17.96 -26.90
CA THR B 633 -33.74 -17.15 -28.01
C THR B 633 -32.35 -16.68 -27.65
N ARG B 634 -31.35 -17.27 -28.31
CA ARG B 634 -29.95 -16.93 -28.10
C ARG B 634 -29.55 -17.01 -26.64
N GLY B 635 -30.22 -17.84 -25.87
CA GLY B 635 -29.80 -18.13 -24.51
C GLY B 635 -28.75 -19.21 -24.51
N GLN B 636 -28.65 -19.91 -23.38
CA GLN B 636 -27.72 -21.01 -23.31
C GLN B 636 -28.22 -22.14 -24.21
N TYR B 637 -27.28 -22.92 -24.73
CA TYR B 637 -27.63 -23.96 -25.67
C TYR B 637 -28.52 -24.98 -24.98
N PRO B 638 -29.68 -25.30 -25.53
CA PRO B 638 -30.62 -26.16 -24.81
C PRO B 638 -30.08 -27.58 -24.73
N GLY B 639 -30.84 -28.42 -24.03
CA GLY B 639 -30.45 -29.80 -23.89
C GLY B 639 -30.86 -30.43 -22.58
N LEU B 640 -30.38 -31.64 -22.32
CA LEU B 640 -30.65 -32.37 -21.09
C LEU B 640 -29.37 -33.08 -20.69
N TYR B 641 -29.00 -32.96 -19.43
CA TYR B 641 -27.67 -33.35 -18.98
C TYR B 641 -27.81 -34.12 -17.67
N LEU B 642 -27.11 -35.26 -17.60
CA LEU B 642 -27.20 -36.12 -16.44
C LEU B 642 -25.82 -36.34 -15.87
N PHE B 643 -25.68 -36.18 -14.56
CA PHE B 643 -24.39 -36.29 -13.91
C PHE B 643 -24.48 -37.06 -12.62
N GLY B 644 -23.79 -38.20 -12.57
CA GLY B 644 -23.51 -38.87 -11.33
C GLY B 644 -22.02 -38.84 -11.00
N GLY B 645 -21.26 -38.08 -11.78
CA GLY B 645 -19.81 -38.10 -11.71
C GLY B 645 -19.27 -37.69 -10.35
N HIS B 646 -17.97 -37.89 -10.20
CA HIS B 646 -17.28 -37.47 -8.99
C HIS B 646 -17.23 -35.95 -8.91
N SER B 647 -16.95 -35.47 -7.70
CA SER B 647 -16.65 -34.06 -7.48
C SER B 647 -17.77 -33.16 -7.95
N ARG B 648 -18.94 -33.30 -7.34
CA ARG B 648 -20.08 -32.49 -7.74
C ARG B 648 -20.65 -31.85 -6.47
N MET B 649 -20.54 -30.54 -6.41
CA MET B 649 -21.15 -29.80 -5.32
C MET B 649 -22.63 -30.11 -5.24
N LEU B 650 -23.08 -30.53 -4.08
CA LEU B 650 -24.44 -30.99 -3.95
C LEU B 650 -24.98 -30.54 -2.61
N ARG B 651 -26.22 -30.07 -2.62
CA ARG B 651 -26.76 -29.52 -1.40
C ARG B 651 -28.24 -29.82 -1.29
N PRO B 652 -28.73 -29.97 -0.07
CA PRO B 652 -30.11 -30.42 0.12
C PRO B 652 -31.10 -29.31 -0.17
N VAL B 653 -32.23 -29.67 -0.75
CA VAL B 653 -33.36 -28.77 -0.88
C VAL B 653 -34.61 -29.55 -0.53
N ARG B 654 -35.50 -28.90 0.20
CA ARG B 654 -36.79 -29.48 0.52
C ARG B 654 -37.66 -29.36 -0.71
N TYR B 655 -38.39 -30.43 -1.03
CA TYR B 655 -39.26 -30.44 -2.20
C TYR B 655 -40.53 -29.64 -1.95
N LEU B 656 -41.60 -29.99 -2.66
CA LEU B 656 -42.87 -29.30 -2.53
C LEU B 656 -44.02 -30.28 -2.31
N PRO B 657 -44.04 -31.34 -3.10
CA PRO B 657 -45.09 -32.37 -3.00
C PRO B 657 -44.79 -33.36 -1.89
N LEU B 658 -44.39 -34.58 -2.25
CA LEU B 658 -44.07 -35.61 -1.27
C LEU B 658 -43.04 -35.09 -0.29
N ASP B 659 -43.15 -33.81 0.07
CA ASP B 659 -42.23 -33.19 0.99
C ASP B 659 -41.12 -34.16 1.34
N LYS B 660 -39.93 -33.90 0.80
CA LYS B 660 -38.75 -34.71 1.03
C LYS B 660 -37.51 -33.90 0.68
N GLU B 661 -36.39 -34.38 1.19
CA GLU B 661 -35.11 -33.80 0.85
C GLU B 661 -34.80 -34.08 -0.62
N ASP B 662 -33.94 -33.26 -1.20
CA ASP B 662 -33.49 -33.44 -2.56
C ASP B 662 -32.09 -32.87 -2.72
N ILE B 663 -31.36 -33.44 -3.67
CA ILE B 663 -29.99 -33.05 -3.95
C ILE B 663 -29.99 -32.21 -5.21
N VAL B 664 -29.17 -31.16 -5.24
CA VAL B 664 -29.14 -30.24 -6.37
C VAL B 664 -27.71 -29.87 -6.71
N GLY B 665 -27.36 -30.01 -7.98
CA GLY B 665 -26.12 -29.50 -8.48
C GLY B 665 -26.25 -28.04 -8.86
N PRO B 666 -25.18 -27.27 -8.70
CA PRO B 666 -25.25 -25.84 -9.02
C PRO B 666 -25.58 -25.59 -10.46
N PHE B 667 -24.97 -26.35 -11.35
CA PHE B 667 -25.32 -26.27 -12.76
C PHE B 667 -26.82 -26.35 -12.96
N GLU B 668 -27.40 -27.52 -12.68
CA GLU B 668 -28.81 -27.73 -12.94
C GLU B 668 -29.68 -26.78 -12.15
N GLN B 669 -29.13 -26.16 -11.10
CA GLN B 669 -29.90 -25.22 -10.32
C GLN B 669 -30.49 -24.11 -11.16
N VAL B 670 -29.73 -23.62 -12.13
CA VAL B 670 -29.92 -22.28 -12.67
C VAL B 670 -31.37 -21.96 -12.94
N TYR B 671 -32.09 -22.86 -13.57
CA TYR B 671 -33.43 -22.55 -14.01
C TYR B 671 -34.48 -22.84 -12.96
N MET B 672 -34.14 -23.56 -11.90
CA MET B 672 -35.12 -23.99 -10.91
C MET B 672 -35.70 -22.77 -10.22
N ASN B 673 -36.95 -22.86 -9.80
CA ASN B 673 -37.57 -21.78 -9.03
C ASN B 673 -37.57 -22.21 -7.58
N ILE B 674 -36.74 -21.55 -6.77
CA ILE B 674 -36.51 -21.96 -5.40
C ILE B 674 -37.17 -20.94 -4.50
N ALA B 675 -38.08 -21.40 -3.64
CA ALA B 675 -38.58 -20.51 -2.60
C ALA B 675 -37.72 -20.65 -1.37
N VAL B 676 -37.40 -19.53 -0.74
CA VAL B 676 -36.59 -19.60 0.47
C VAL B 676 -37.43 -19.97 1.68
N THR B 677 -38.56 -19.30 1.86
CA THR B 677 -39.36 -19.56 3.05
C THR B 677 -40.77 -19.94 2.64
N PRO B 678 -41.46 -20.71 3.48
CA PRO B 678 -42.81 -21.17 3.12
C PRO B 678 -43.77 -20.04 2.83
N GLN B 679 -43.50 -18.85 3.34
CA GLN B 679 -44.40 -17.74 3.13
C GLN B 679 -44.20 -17.12 1.76
N GLU B 680 -43.05 -17.35 1.15
CA GLU B 680 -42.74 -16.89 -0.19
C GLU B 680 -43.47 -17.68 -1.25
N ILE B 681 -44.04 -18.82 -0.88
CA ILE B 681 -44.49 -19.78 -1.87
C ILE B 681 -45.64 -19.19 -2.67
N GLN B 682 -45.53 -19.28 -3.98
CA GLN B 682 -46.62 -18.92 -4.88
C GLN B 682 -46.91 -20.10 -5.81
N ASN B 683 -48.18 -20.27 -6.12
CA ASN B 683 -48.59 -21.43 -6.90
C ASN B 683 -48.05 -21.34 -8.32
N ASN B 684 -47.67 -22.50 -8.85
CA ASN B 684 -47.14 -22.60 -10.21
C ASN B 684 -45.87 -21.77 -10.36
N VAL B 685 -45.13 -21.63 -9.26
CA VAL B 685 -43.92 -20.82 -9.31
C VAL B 685 -42.75 -21.67 -8.90
N HIS B 686 -42.67 -22.02 -7.62
CA HIS B 686 -41.52 -22.72 -7.09
C HIS B 686 -41.80 -24.21 -7.05
N THR B 687 -40.78 -25.00 -7.39
CA THR B 687 -40.82 -26.44 -7.14
C THR B 687 -40.06 -26.87 -5.91
N HIS B 688 -39.34 -25.96 -5.26
CA HIS B 688 -38.46 -26.33 -4.17
C HIS B 688 -38.34 -25.20 -3.17
N VAL B 689 -38.11 -25.58 -1.92
CA VAL B 689 -37.88 -24.62 -0.86
C VAL B 689 -36.66 -25.05 -0.07
N GLU B 690 -35.89 -24.05 0.35
CA GLU B 690 -34.76 -24.31 1.23
C GLU B 690 -35.25 -24.74 2.60
N PHE B 691 -34.51 -25.65 3.23
CA PHE B 691 -34.85 -26.06 4.59
C PHE B 691 -34.76 -24.88 5.53
N THR B 692 -33.58 -24.26 5.62
CA THR B 692 -33.42 -23.08 6.43
C THR B 692 -32.63 -22.07 5.63
N PRO B 693 -33.00 -20.79 5.69
CA PRO B 693 -32.19 -19.79 4.98
C PRO B 693 -30.77 -19.78 5.45
N THR B 694 -30.54 -20.11 6.72
CA THR B 694 -29.20 -20.24 7.25
C THR B 694 -28.33 -21.12 6.37
N ASN B 695 -28.93 -22.14 5.75
CA ASN B 695 -28.15 -23.12 5.00
C ASN B 695 -27.25 -22.48 3.96
N ILE B 696 -27.63 -21.33 3.42
CA ILE B 696 -26.78 -20.68 2.43
C ILE B 696 -25.52 -20.12 3.06
N LEU B 697 -25.48 -19.94 4.36
CA LEU B 697 -24.33 -19.34 5.00
C LEU B 697 -23.38 -20.42 5.47
N SER B 698 -22.34 -20.00 6.15
CA SER B 698 -21.30 -20.94 6.55
C SER B 698 -21.09 -20.84 8.05
N ILE B 699 -20.18 -21.62 8.61
CA ILE B 699 -20.11 -21.75 10.06
C ILE B 699 -19.82 -20.41 10.71
N LEU B 700 -18.67 -19.83 10.41
CA LEU B 700 -18.37 -18.52 10.95
C LEU B 700 -19.47 -17.54 10.61
N ALA B 701 -20.04 -17.66 9.41
CA ALA B 701 -21.21 -16.86 9.10
C ALA B 701 -22.34 -17.13 10.06
N ASN B 702 -22.47 -18.37 10.54
CA ASN B 702 -23.55 -18.67 11.47
C ASN B 702 -23.21 -18.28 12.90
N LEU B 703 -21.94 -18.13 13.22
CA LEU B 703 -21.56 -17.85 14.59
C LEU B 703 -21.99 -16.47 15.05
N THR B 704 -21.60 -15.43 14.33
CA THR B 704 -21.82 -14.06 14.76
C THR B 704 -23.29 -13.82 15.08
N PRO B 705 -23.61 -13.37 16.28
CA PRO B 705 -25.00 -13.14 16.63
C PRO B 705 -25.59 -12.01 15.81
N PHE B 706 -26.78 -12.24 15.29
CA PHE B 706 -27.61 -11.17 14.75
C PHE B 706 -26.92 -10.41 13.64
N SER B 707 -25.98 -11.07 12.95
CA SER B 707 -25.21 -10.38 11.93
C SER B 707 -26.11 -9.63 10.96
N ASP B 708 -27.29 -10.17 10.70
CA ASP B 708 -28.27 -9.59 9.80
C ASP B 708 -28.60 -8.20 10.14
N PHE B 709 -28.29 -7.74 11.35
CA PHE B 709 -28.42 -6.33 11.67
C PHE B 709 -27.15 -5.55 11.38
N ASN B 710 -26.12 -6.18 10.86
CA ASN B 710 -24.83 -5.50 10.79
C ASN B 710 -24.31 -5.46 9.36
N GLN B 711 -23.78 -4.31 8.99
CA GLN B 711 -23.35 -4.06 7.62
C GLN B 711 -22.28 -5.04 7.18
N SER B 712 -22.45 -5.56 5.97
CA SER B 712 -21.70 -6.72 5.54
C SER B 712 -20.19 -6.60 5.67
N PRO B 713 -19.54 -5.53 5.22
CA PRO B 713 -18.08 -5.50 5.31
C PRO B 713 -17.59 -5.81 6.69
N ARG B 714 -18.34 -5.43 7.71
CA ARG B 714 -18.07 -5.94 9.04
C ARG B 714 -18.09 -7.46 9.04
N ASN B 715 -19.23 -8.06 8.70
CA ASN B 715 -19.36 -9.51 8.76
C ASN B 715 -18.17 -10.20 8.14
N MET B 716 -17.78 -9.77 6.94
CA MET B 716 -16.51 -10.23 6.40
C MET B 716 -15.40 -10.06 7.42
N TYR B 717 -15.12 -8.81 7.77
CA TYR B 717 -14.02 -8.51 8.67
C TYR B 717 -14.06 -9.38 9.91
N GLN B 718 -15.22 -9.45 10.55
CA GLN B 718 -15.38 -10.31 11.71
C GLN B 718 -14.88 -11.72 11.44
N CYS B 719 -15.39 -12.34 10.39
CA CYS B 719 -15.05 -13.73 10.13
C CYS B 719 -13.56 -13.96 10.14
N GLN B 720 -12.79 -13.00 9.68
CA GLN B 720 -11.35 -13.19 9.76
C GLN B 720 -10.87 -13.05 11.19
N MET B 721 -11.51 -12.16 11.96
CA MET B 721 -11.04 -11.91 13.31
C MET B 721 -11.04 -13.19 14.13
N GLY B 722 -12.16 -13.88 14.15
CA GLY B 722 -12.23 -15.14 14.87
C GLY B 722 -11.07 -16.05 14.56
N LYS B 723 -10.71 -16.13 13.29
CA LYS B 723 -9.58 -16.98 12.92
C LYS B 723 -8.26 -16.44 13.42
N GLN B 724 -8.19 -15.19 13.84
CA GLN B 724 -6.97 -14.66 14.42
C GLN B 724 -7.01 -14.63 15.94
N THR B 725 -8.10 -15.02 16.55
CA THR B 725 -8.22 -14.97 18.00
C THR B 725 -7.31 -15.99 18.65
N MET B 726 -7.06 -15.78 19.93
CA MET B 726 -6.35 -16.77 20.73
C MET B 726 -7.40 -17.70 21.30
N GLY B 727 -7.42 -18.93 20.81
CA GLY B 727 -8.47 -19.87 21.18
C GLY B 727 -8.01 -21.02 22.04
N THR B 728 -8.83 -22.05 22.11
CA THR B 728 -8.49 -23.28 22.79
C THR B 728 -7.96 -24.25 21.76
N PRO B 729 -6.64 -24.47 21.68
CA PRO B 729 -6.11 -25.31 20.60
C PRO B 729 -6.47 -26.77 20.70
N GLY B 730 -6.48 -27.35 21.89
CA GLY B 730 -6.79 -28.75 22.04
C GLY B 730 -6.25 -29.29 23.36
N VAL B 731 -6.62 -30.53 23.64
CA VAL B 731 -6.26 -31.16 24.90
C VAL B 731 -4.99 -32.00 24.81
N ALA B 732 -4.40 -32.17 23.63
CA ALA B 732 -3.25 -33.05 23.46
C ALA B 732 -1.95 -32.38 23.89
N LEU B 733 -2.06 -31.18 24.45
CA LEU B 733 -0.89 -30.34 24.73
C LEU B 733 0.24 -31.10 25.38
N CYS B 734 -0.05 -31.82 26.46
CA CYS B 734 0.96 -32.60 27.17
C CYS B 734 1.78 -33.49 26.25
N HIS B 735 1.14 -34.20 25.32
CA HIS B 735 1.87 -35.05 24.40
C HIS B 735 2.25 -34.34 23.12
N ARG B 736 1.74 -33.13 22.92
CA ARG B 736 1.85 -32.45 21.65
C ARG B 736 3.20 -31.78 21.50
N SER B 737 3.86 -32.06 20.38
CA SER B 737 5.23 -31.63 20.09
C SER B 737 5.25 -30.37 19.22
N ASP B 738 4.08 -29.78 18.99
CA ASP B 738 3.97 -28.76 17.95
C ASP B 738 4.83 -27.54 18.26
N ASN B 739 5.18 -26.81 17.21
CA ASN B 739 6.20 -25.79 17.30
C ASN B 739 5.78 -24.63 18.20
N LYS B 740 4.64 -24.03 17.92
CA LYS B 740 4.24 -22.83 18.65
C LYS B 740 2.74 -22.88 18.86
N LEU B 741 2.29 -22.45 20.03
CA LEU B 741 0.88 -22.50 20.39
C LEU B 741 0.55 -21.39 21.35
N TYR B 742 -0.74 -21.09 21.45
CA TYR B 742 -1.26 -20.07 22.34
C TYR B 742 -2.45 -20.64 23.10
N ARG B 743 -2.48 -20.39 24.40
CA ARG B 743 -3.50 -20.97 25.24
C ARG B 743 -4.19 -19.88 26.03
N LEU B 744 -5.46 -19.67 25.74
CA LEU B 744 -6.32 -18.96 26.68
C LEU B 744 -6.26 -19.65 28.04
N GLN B 745 -6.13 -18.86 29.08
CA GLN B 745 -6.25 -19.45 30.40
C GLN B 745 -7.65 -19.95 30.66
N THR B 746 -8.65 -19.08 30.51
CA THR B 746 -10.01 -19.42 30.91
C THR B 746 -11.01 -18.86 29.91
N GLY B 747 -11.87 -19.74 29.39
CA GLY B 747 -12.98 -19.33 28.56
C GLY B 747 -14.31 -19.41 29.26
N GLN B 748 -15.31 -18.84 28.64
CA GLN B 748 -16.69 -18.95 29.09
C GLN B 748 -17.56 -19.31 27.90
N THR B 749 -18.79 -19.68 28.18
CA THR B 749 -19.73 -19.86 27.10
C THR B 749 -20.42 -18.55 26.78
N PRO B 750 -20.29 -18.04 25.57
CA PRO B 750 -21.05 -16.86 25.18
C PRO B 750 -22.53 -17.11 25.39
N ILE B 751 -23.17 -16.17 26.09
CA ILE B 751 -24.57 -16.38 26.44
C ILE B 751 -25.44 -16.45 25.20
N VAL B 752 -25.43 -15.39 24.41
CA VAL B 752 -26.22 -15.34 23.19
C VAL B 752 -25.45 -16.10 22.14
N LYS B 753 -26.15 -16.84 21.30
CA LYS B 753 -25.52 -17.95 20.61
C LYS B 753 -26.52 -18.56 19.65
N ALA B 754 -26.02 -19.31 18.68
CA ALA B 754 -26.90 -19.97 17.74
C ALA B 754 -26.79 -21.48 17.86
N ASN B 755 -27.93 -22.15 17.67
CA ASN B 755 -28.00 -23.59 17.92
C ASN B 755 -26.91 -24.34 17.20
N LEU B 756 -26.49 -23.86 16.04
CA LEU B 756 -25.40 -24.49 15.31
C LEU B 756 -24.14 -24.59 16.14
N TYR B 757 -23.99 -23.73 17.14
CA TYR B 757 -22.86 -23.85 18.05
C TYR B 757 -22.87 -25.21 18.72
N ASP B 758 -23.96 -25.51 19.43
CA ASP B 758 -24.07 -26.80 20.10
C ASP B 758 -24.03 -27.93 19.10
N ASP B 759 -24.59 -27.70 17.92
CA ASP B 759 -24.60 -28.72 16.89
C ASP B 759 -23.19 -29.19 16.59
N TYR B 760 -22.23 -28.28 16.60
CA TYR B 760 -20.84 -28.66 16.68
C TYR B 760 -20.33 -28.73 18.10
N GLY B 761 -21.10 -28.23 19.06
CA GLY B 761 -20.68 -28.27 20.45
C GLY B 761 -19.31 -27.68 20.67
N MET B 762 -19.10 -26.45 20.23
CA MET B 762 -17.82 -25.80 20.44
C MET B 762 -17.53 -25.56 21.90
N ASP B 763 -18.48 -25.86 22.80
CA ASP B 763 -18.19 -25.81 24.22
C ASP B 763 -16.86 -26.44 24.53
N ASN B 764 -16.51 -27.50 23.83
CA ASN B 764 -15.18 -28.06 23.93
C ASN B 764 -14.10 -27.01 23.78
N PHE B 765 -14.26 -26.03 22.89
CA PHE B 765 -13.19 -25.10 22.56
C PHE B 765 -13.67 -23.67 22.70
N PRO B 766 -13.74 -23.16 23.93
CA PRO B 766 -14.14 -21.76 24.11
C PRO B 766 -13.09 -20.83 23.55
N ASN B 767 -13.55 -19.83 22.79
CA ASN B 767 -12.64 -18.84 22.22
C ASN B 767 -12.61 -17.52 22.99
N GLY B 768 -13.41 -17.36 24.02
CA GLY B 768 -13.53 -16.05 24.65
C GLY B 768 -14.35 -16.12 25.91
N PHE B 769 -14.89 -14.97 26.28
CA PHE B 769 -15.50 -14.80 27.59
C PHE B 769 -16.58 -13.74 27.51
N ASN B 770 -17.49 -13.80 28.48
CA ASN B 770 -18.55 -12.82 28.61
C ASN B 770 -18.10 -11.81 29.64
N ALA B 771 -18.46 -10.54 29.42
CA ALA B 771 -18.07 -9.46 30.32
C ALA B 771 -19.08 -8.32 30.27
N VAL B 772 -19.03 -7.46 31.28
CA VAL B 772 -19.92 -6.31 31.37
C VAL B 772 -19.25 -5.16 30.63
N VAL B 773 -20.01 -4.48 29.77
CA VAL B 773 -19.48 -3.37 28.99
C VAL B 773 -20.50 -2.25 28.98
N ALA B 774 -20.03 -1.03 29.18
CA ALA B 774 -20.85 0.16 29.19
C ALA B 774 -20.46 1.03 28.00
N VAL B 775 -21.46 1.63 27.37
CA VAL B 775 -21.23 2.48 26.20
C VAL B 775 -21.35 3.91 26.72
N ILE B 776 -20.21 4.60 26.80
CA ILE B 776 -20.21 5.90 27.44
C ILE B 776 -18.99 6.69 27.02
N SER B 777 -19.06 8.00 27.17
CA SER B 777 -17.95 8.91 26.89
C SER B 777 -17.45 9.48 28.20
N TYR B 778 -16.26 9.07 28.64
CA TYR B 778 -15.86 9.43 29.99
C TYR B 778 -14.44 9.96 30.06
N THR B 779 -13.45 9.12 29.79
CA THR B 779 -12.08 9.57 29.98
C THR B 779 -11.55 10.31 28.76
N GLY B 780 -12.28 10.30 27.66
CA GLY B 780 -11.77 10.85 26.45
C GLY B 780 -10.66 10.04 25.82
N TYR B 781 -10.19 9.01 26.49
CA TYR B 781 -9.28 8.05 25.88
C TYR B 781 -10.00 7.13 24.91
N ASP B 782 -11.27 6.80 25.17
CA ASP B 782 -12.01 5.88 24.32
C ASP B 782 -12.11 6.39 22.89
N MET B 783 -11.79 7.65 22.68
CA MET B 783 -11.76 8.21 21.35
C MET B 783 -10.84 7.39 20.46
N ASP B 784 -11.17 7.36 19.17
CA ASP B 784 -10.38 6.64 18.17
C ASP B 784 -10.43 5.14 18.45
N ASP B 785 -11.54 4.68 19.00
CA ASP B 785 -11.88 3.28 19.15
C ASP B 785 -11.02 2.57 20.17
N ALA B 786 -10.05 3.26 20.75
CA ALA B 786 -9.31 2.69 21.86
C ALA B 786 -10.29 2.25 22.93
N MET B 787 -9.99 1.14 23.57
CA MET B 787 -10.90 0.54 24.53
C MET B 787 -10.29 0.60 25.92
N ILE B 788 -11.17 0.57 26.91
CA ILE B 788 -10.80 0.83 28.28
C ILE B 788 -10.91 -0.45 29.09
N ILE B 789 -9.99 -0.62 30.03
CA ILE B 789 -9.94 -1.81 30.87
C ILE B 789 -10.09 -1.41 32.32
N ASN B 790 -11.13 -1.92 32.96
CA ASN B 790 -11.19 -1.75 34.40
C ASN B 790 -9.98 -2.43 35.00
N LYS B 791 -9.17 -1.67 35.72
CA LYS B 791 -7.85 -2.16 36.08
C LYS B 791 -7.90 -3.29 37.09
N SER B 792 -8.89 -3.28 37.98
CA SER B 792 -8.94 -4.32 39.01
C SER B 792 -9.19 -5.69 38.41
N ALA B 793 -10.19 -5.81 37.53
CA ALA B 793 -10.54 -7.10 36.97
C ALA B 793 -9.31 -7.78 36.38
N ASP B 794 -8.40 -6.99 35.81
CA ASP B 794 -7.14 -7.57 35.38
C ASP B 794 -6.41 -8.21 36.55
N GLU B 795 -6.16 -7.44 37.61
CA GLU B 795 -5.59 -8.06 38.80
C GLU B 795 -6.41 -9.23 39.27
N ARG B 796 -7.72 -9.20 39.08
CA ARG B 796 -8.53 -10.31 39.52
C ARG B 796 -8.48 -11.45 38.52
N GLY B 797 -7.63 -11.34 37.51
CA GLY B 797 -7.27 -12.44 36.65
C GLY B 797 -8.01 -12.46 35.35
N PHE B 798 -8.83 -11.46 35.09
CA PHE B 798 -9.61 -11.41 33.88
C PHE B 798 -8.74 -11.44 32.63
N GLY B 799 -9.18 -12.20 31.63
CA GLY B 799 -8.45 -12.31 30.38
C GLY B 799 -7.05 -12.86 30.56
N TYR B 800 -6.95 -13.97 31.27
CA TYR B 800 -5.66 -14.61 31.51
C TYR B 800 -5.26 -15.50 30.33
N GLY B 801 -4.03 -15.35 29.88
CA GLY B 801 -3.54 -16.13 28.76
C GLY B 801 -2.14 -16.68 28.97
N THR B 802 -1.64 -17.42 27.98
CA THR B 802 -0.32 -18.01 28.06
C THR B 802 0.06 -18.64 26.71
N MET B 803 1.35 -18.58 26.40
CA MET B 803 1.90 -19.11 25.17
C MET B 803 2.85 -20.25 25.47
N TYR B 804 2.88 -21.24 24.58
CA TYR B 804 3.87 -22.29 24.63
C TYR B 804 4.77 -22.21 23.42
N LYS B 805 5.97 -22.73 23.55
CA LYS B 805 6.88 -22.93 22.42
C LYS B 805 7.60 -24.24 22.60
N THR B 806 8.46 -24.56 21.63
CA THR B 806 9.31 -25.73 21.70
C THR B 806 10.53 -25.48 20.84
N GLU B 807 11.64 -26.11 21.20
CA GLU B 807 12.91 -25.94 20.51
C GLU B 807 13.59 -27.28 20.39
N LYS B 808 13.93 -27.67 19.17
CA LYS B 808 14.62 -28.93 18.91
C LYS B 808 16.09 -28.73 19.17
N VAL B 809 16.67 -29.60 20.00
CA VAL B 809 18.09 -29.55 20.30
C VAL B 809 18.72 -30.88 19.90
N ASP B 810 19.60 -30.81 18.90
CA ASP B 810 20.41 -31.96 18.46
C ASP B 810 21.81 -31.42 18.12
N LEU B 811 22.81 -32.04 18.72
CA LEU B 811 24.19 -31.75 18.36
C LEU B 811 24.64 -32.52 17.12
N ALA B 812 23.96 -33.60 16.78
CA ALA B 812 24.45 -34.55 15.79
C ALA B 812 24.13 -34.13 14.36
N LEU B 813 23.54 -32.95 14.17
CA LEU B 813 23.35 -32.44 12.81
C LEU B 813 24.64 -32.49 12.01
N ASN B 814 25.70 -31.88 12.54
CA ASN B 814 27.01 -31.91 11.88
C ASN B 814 27.46 -33.34 11.63
N ARG B 815 27.19 -34.22 12.59
CA ARG B 815 27.53 -35.62 12.45
C ARG B 815 26.77 -36.22 11.27
N ASN B 816 27.50 -36.91 10.40
CA ASN B 816 26.97 -37.37 9.13
C ASN B 816 27.39 -38.81 8.91
N ARG B 817 26.49 -39.60 8.32
CA ARG B 817 26.80 -40.99 7.97
C ARG B 817 27.16 -41.80 9.21
N GLY B 818 26.68 -41.38 10.36
CA GLY B 818 27.05 -42.04 11.60
C GLY B 818 28.52 -41.86 11.94
N ASP B 819 29.03 -40.63 11.86
CA ASP B 819 30.38 -40.35 12.30
C ASP B 819 30.52 -40.68 13.78
N PRO B 820 31.73 -40.97 14.25
CA PRO B 820 31.93 -41.19 15.68
C PRO B 820 31.43 -40.00 16.47
N ILE B 821 30.66 -40.29 17.52
CA ILE B 821 29.94 -39.23 18.21
C ILE B 821 30.92 -38.20 18.75
N THR B 822 30.75 -36.95 18.35
CA THR B 822 31.65 -35.90 18.77
C THR B 822 31.37 -35.42 20.18
N GLN B 823 30.12 -35.12 20.49
CA GLN B 823 29.77 -34.47 21.74
C GLN B 823 28.74 -35.30 22.49
N HIS B 824 28.70 -35.13 23.79
CA HIS B 824 27.90 -35.99 24.65
C HIS B 824 27.21 -35.14 25.70
N PHE B 825 25.89 -35.23 25.74
CA PHE B 825 25.13 -34.46 26.70
C PHE B 825 25.60 -34.82 28.10
N GLY B 826 26.08 -33.84 28.82
CA GLY B 826 26.67 -34.09 30.10
C GLY B 826 27.81 -33.15 30.33
N PHE B 827 28.66 -33.51 31.28
CA PHE B 827 29.88 -32.78 31.55
C PHE B 827 31.07 -33.70 31.38
N GLY B 828 32.14 -33.17 30.80
CA GLY B 828 33.43 -33.81 30.88
C GLY B 828 34.08 -33.57 32.23
N ASN B 829 35.36 -33.87 32.28
CA ASN B 829 36.16 -33.64 33.47
C ASN B 829 36.68 -32.21 33.56
N ASP B 830 36.37 -31.37 32.58
CA ASP B 830 36.99 -30.06 32.49
C ASP B 830 36.48 -29.16 33.61
N GLU B 831 37.04 -27.96 33.65
CA GLU B 831 36.61 -26.94 34.60
C GLU B 831 35.59 -26.05 33.93
N TRP B 832 34.60 -25.63 34.68
CA TRP B 832 33.52 -24.83 34.14
C TRP B 832 32.93 -23.94 35.21
N PRO B 833 32.31 -22.83 34.82
CA PRO B 833 31.91 -21.81 35.81
C PRO B 833 31.12 -22.33 36.99
N LYS B 834 30.51 -23.51 36.87
CA LYS B 834 29.79 -24.21 37.93
C LYS B 834 28.45 -23.57 38.22
N GLU B 835 28.24 -22.32 37.82
CA GLU B 835 26.96 -21.69 38.09
C GLU B 835 25.86 -22.33 37.26
N TRP B 836 26.28 -23.13 36.29
CA TRP B 836 25.37 -23.82 35.39
C TRP B 836 24.57 -24.84 36.18
N LEU B 837 25.18 -25.40 37.22
CA LEU B 837 24.49 -26.33 38.12
C LEU B 837 23.14 -25.80 38.57
N GLU B 838 23.06 -24.53 38.90
CA GLU B 838 21.78 -23.95 39.27
C GLU B 838 20.75 -24.18 38.19
N LYS B 839 21.11 -23.87 36.95
CA LYS B 839 20.25 -24.13 35.81
C LYS B 839 20.12 -25.60 35.47
N LEU B 840 21.25 -26.29 35.27
CA LEU B 840 21.27 -27.58 34.62
C LEU B 840 21.53 -28.68 35.62
N ASP B 841 20.97 -29.85 35.36
CA ASP B 841 21.39 -31.02 36.09
C ASP B 841 22.73 -31.51 35.53
N GLU B 842 23.30 -32.53 36.17
CA GLU B 842 24.60 -33.02 35.74
C GLU B 842 24.51 -33.74 34.41
N ASP B 843 23.33 -34.26 34.09
CA ASP B 843 23.12 -34.93 32.82
C ASP B 843 23.38 -34.04 31.62
N GLY B 844 23.40 -32.73 31.80
CA GLY B 844 23.44 -31.80 30.70
C GLY B 844 22.11 -31.12 30.45
N LEU B 845 21.06 -31.62 31.03
CA LEU B 845 19.73 -31.09 30.87
C LEU B 845 19.43 -30.08 31.95
N PRO B 846 18.53 -29.15 31.69
CA PRO B 846 18.02 -28.29 32.76
C PRO B 846 16.99 -29.02 33.60
N TYR B 847 16.83 -28.55 34.83
CA TYR B 847 15.80 -29.09 35.69
C TYR B 847 14.43 -28.67 35.17
N ILE B 848 13.40 -29.39 35.60
CA ILE B 848 12.05 -29.02 35.24
C ILE B 848 11.71 -27.70 35.91
N GLY B 849 10.82 -26.94 35.27
CA GLY B 849 10.26 -25.73 35.85
C GLY B 849 11.27 -24.63 36.10
N THR B 850 12.42 -24.68 35.46
CA THR B 850 13.42 -23.65 35.64
C THR B 850 12.97 -22.35 35.00
N TYR B 851 12.91 -21.28 35.80
CA TYR B 851 12.80 -19.97 35.21
C TYR B 851 14.06 -19.65 34.43
N VAL B 852 13.90 -19.00 33.29
CA VAL B 852 15.02 -18.70 32.42
C VAL B 852 14.80 -17.33 31.82
N GLU B 853 15.87 -16.61 31.56
CA GLU B 853 15.87 -15.47 30.68
C GLU B 853 16.96 -15.67 29.64
N GLU B 854 17.16 -14.71 28.75
CA GLU B 854 18.06 -14.93 27.64
C GLU B 854 19.50 -15.00 28.12
N GLY B 855 20.34 -15.72 27.36
CA GLY B 855 21.70 -15.95 27.72
C GLY B 855 21.89 -17.04 28.75
N ASP B 856 20.82 -17.56 29.30
CA ASP B 856 20.94 -18.57 30.33
C ASP B 856 21.21 -19.93 29.71
N PRO B 857 21.96 -20.78 30.41
CA PRO B 857 22.28 -22.09 29.85
C PRO B 857 21.03 -22.93 29.66
N ILE B 858 20.83 -23.42 28.44
CA ILE B 858 19.75 -24.35 28.15
C ILE B 858 20.23 -25.79 28.08
N CYS B 859 21.54 -26.02 28.02
CA CYS B 859 22.01 -27.38 27.76
C CYS B 859 23.44 -27.52 28.23
N ALA B 860 23.87 -28.77 28.43
CA ALA B 860 25.26 -29.06 28.72
C ALA B 860 25.66 -30.35 28.01
N TYR B 861 26.83 -30.32 27.41
CA TYR B 861 27.36 -31.43 26.65
C TYR B 861 28.86 -31.32 26.68
N PHE B 862 29.54 -32.45 26.57
CA PHE B 862 30.98 -32.45 26.52
C PHE B 862 31.45 -32.70 25.11
N ASP B 863 32.07 -31.68 24.51
CA ASP B 863 32.79 -31.83 23.26
C ASP B 863 34.02 -32.68 23.51
N ASP B 864 34.22 -33.68 22.66
CA ASP B 864 35.42 -34.49 22.76
C ASP B 864 36.59 -33.81 22.07
N THR B 865 36.35 -33.16 20.92
CA THR B 865 37.42 -32.51 20.18
C THR B 865 38.16 -31.47 20.98
N LEU B 866 37.52 -30.35 21.30
CA LEU B 866 38.12 -29.34 22.16
C LEU B 866 38.41 -29.85 23.55
N ASN B 867 37.96 -31.06 23.88
CA ASN B 867 38.09 -31.61 25.21
C ASN B 867 37.39 -30.70 26.22
N LYS B 868 36.32 -30.06 25.76
CA LYS B 868 35.60 -29.08 26.56
C LYS B 868 34.16 -29.54 26.73
N THR B 869 33.65 -29.36 27.94
CA THR B 869 32.21 -29.39 28.16
C THR B 869 31.69 -28.03 27.73
N LYS B 870 30.83 -28.01 26.72
CA LYS B 870 30.36 -26.75 26.18
C LYS B 870 28.85 -26.65 26.34
N ILE B 871 28.31 -25.53 25.88
CA ILE B 871 27.05 -25.03 26.41
C ILE B 871 26.17 -24.47 25.30
N LYS B 872 24.86 -24.53 25.50
CA LYS B 872 23.93 -23.78 24.67
C LYS B 872 23.14 -22.84 25.54
N THR B 873 22.64 -21.76 24.96
CA THR B 873 21.90 -20.76 25.73
C THR B 873 20.59 -20.39 25.06
N TYR B 874 19.70 -19.84 25.86
CA TYR B 874 18.40 -19.39 25.37
C TYR B 874 18.56 -18.06 24.68
N HIS B 875 18.27 -18.02 23.39
CA HIS B 875 18.55 -16.84 22.59
C HIS B 875 17.35 -15.96 22.33
N SER B 876 16.18 -16.32 22.84
CA SER B 876 15.02 -15.45 22.67
C SER B 876 15.02 -14.36 23.73
N SER B 877 14.45 -13.22 23.36
CA SER B 877 14.50 -12.03 24.19
C SER B 877 13.67 -12.14 25.46
N GLU B 878 12.50 -12.77 25.41
CA GLU B 878 11.54 -12.69 26.50
C GLU B 878 11.88 -13.70 27.57
N PRO B 879 11.67 -13.40 28.85
CA PRO B 879 11.88 -14.41 29.89
C PRO B 879 10.88 -15.54 29.74
N ALA B 880 11.21 -16.68 30.36
CA ALA B 880 10.44 -17.90 30.10
C ALA B 880 10.63 -18.89 31.23
N TYR B 881 10.09 -20.08 31.01
CA TYR B 881 10.16 -21.19 31.95
C TYR B 881 10.26 -22.49 31.19
N ILE B 882 10.96 -23.44 31.80
CA ILE B 882 11.00 -24.79 31.24
C ILE B 882 9.75 -25.53 31.63
N GLU B 883 9.21 -26.31 30.70
CA GLU B 883 8.06 -27.13 31.03
C GLU B 883 8.36 -28.59 30.75
N GLU B 884 8.40 -28.96 29.49
CA GLU B 884 8.68 -30.34 29.11
C GLU B 884 10.00 -30.41 28.39
N VAL B 885 10.74 -31.46 28.65
CA VAL B 885 11.95 -31.79 27.92
C VAL B 885 11.92 -33.29 27.68
N ASN B 886 12.02 -33.69 26.42
CA ASN B 886 11.68 -35.04 26.04
C ASN B 886 12.86 -35.71 25.35
N LEU B 887 13.11 -36.96 25.72
CA LEU B 887 14.33 -37.65 25.33
C LEU B 887 14.05 -38.40 24.04
N ILE B 888 14.74 -38.02 22.97
CA ILE B 888 14.39 -38.49 21.64
C ILE B 888 15.43 -39.51 21.21
N GLY B 889 15.06 -40.79 21.24
CA GLY B 889 15.96 -41.81 20.76
C GLY B 889 15.83 -41.99 19.27
N ASP B 890 16.97 -42.19 18.62
CA ASP B 890 16.99 -42.66 17.24
C ASP B 890 16.88 -44.18 17.22
N GLU B 891 16.17 -44.68 16.21
CA GLU B 891 15.89 -46.09 16.05
C GLU B 891 17.07 -46.95 15.57
N SER B 892 17.07 -47.27 14.28
CA SER B 892 18.10 -48.13 13.66
C SER B 892 18.20 -49.48 14.36
N ASN B 893 18.99 -49.55 15.42
CA ASN B 893 19.16 -50.77 16.19
C ASN B 893 19.64 -50.41 17.59
N LYS B 894 19.07 -49.34 18.13
CA LYS B 894 19.43 -48.81 19.45
C LYS B 894 20.94 -48.65 19.51
N PHE B 895 21.56 -49.21 20.55
CA PHE B 895 23.01 -49.14 20.64
C PHE B 895 23.50 -47.70 20.72
N GLN B 896 22.58 -46.75 20.54
CA GLN B 896 22.98 -45.35 20.48
C GLN B 896 22.67 -44.66 21.79
N GLU B 897 23.56 -43.76 22.19
CA GLU B 897 23.21 -42.86 23.28
C GLU B 897 22.19 -41.86 22.78
N LEU B 898 21.80 -40.95 23.67
CA LEU B 898 20.79 -39.98 23.29
C LEU B 898 21.46 -38.82 22.57
N GLN B 899 21.15 -38.69 21.28
CA GLN B 899 21.70 -37.61 20.47
C GLN B 899 20.80 -36.40 20.32
N THR B 900 19.53 -36.47 20.71
CA THR B 900 18.59 -35.43 20.34
C THR B 900 17.53 -35.30 21.42
N VAL B 901 17.13 -34.07 21.70
CA VAL B 901 16.17 -33.78 22.74
C VAL B 901 15.24 -32.67 22.25
N SER B 902 14.07 -32.57 22.86
CA SER B 902 13.16 -31.47 22.64
C SER B 902 12.91 -30.77 23.97
N ILE B 903 12.44 -29.53 23.91
CA ILE B 903 12.27 -28.70 25.10
C ILE B 903 11.00 -27.90 24.95
N LYS B 904 10.17 -27.88 25.99
CA LYS B 904 8.97 -27.05 26.01
C LYS B 904 9.15 -25.88 26.95
N TYR B 905 9.27 -24.69 26.39
CA TYR B 905 9.22 -23.45 27.13
C TYR B 905 7.79 -23.12 27.49
N ARG B 906 7.61 -22.25 28.47
CA ARG B 906 6.31 -21.65 28.74
C ARG B 906 6.51 -20.16 28.98
N ILE B 907 5.63 -19.34 28.40
CA ILE B 907 5.71 -17.89 28.52
C ILE B 907 4.34 -17.36 28.86
N ARG B 908 4.26 -16.58 29.94
CA ARG B 908 3.00 -16.00 30.38
C ARG B 908 2.74 -14.65 29.72
N ARG B 909 1.72 -14.59 28.88
CA ARG B 909 1.34 -13.37 28.19
C ARG B 909 0.07 -12.80 28.78
N THR B 910 0.20 -11.74 29.57
CA THR B 910 -0.95 -11.12 30.21
C THR B 910 -1.37 -9.81 29.52
N PRO B 911 -2.59 -9.38 29.80
CA PRO B 911 -3.14 -8.15 29.22
C PRO B 911 -2.17 -7.01 29.49
N GLN B 912 -1.89 -6.24 28.44
CA GLN B 912 -0.98 -5.11 28.56
C GLN B 912 -1.60 -3.91 27.91
N ILE B 913 -0.88 -2.78 27.99
CA ILE B 913 -1.33 -1.61 27.27
C ILE B 913 -1.25 -1.89 25.79
N GLY B 914 -2.24 -1.41 25.04
CA GLY B 914 -2.28 -1.60 23.62
C GLY B 914 -2.46 -3.04 23.18
N ASP B 915 -3.52 -3.71 23.62
CA ASP B 915 -3.75 -5.09 23.24
C ASP B 915 -5.10 -5.24 22.57
N LYS B 916 -5.12 -5.99 21.48
CA LYS B 916 -6.28 -6.03 20.61
C LYS B 916 -7.35 -6.95 21.16
N PHE B 917 -8.49 -6.38 21.48
CA PHE B 917 -9.67 -7.16 21.86
C PHE B 917 -10.77 -6.87 20.88
N SER B 918 -11.76 -7.74 20.84
CA SER B 918 -12.83 -7.51 19.89
C SER B 918 -14.10 -8.20 20.33
N SER B 919 -15.21 -7.72 19.78
CA SER B 919 -16.49 -8.38 19.93
C SER B 919 -16.72 -9.31 18.75
N ARG B 920 -17.87 -9.97 18.77
CA ARG B 920 -18.29 -10.75 17.61
C ARG B 920 -18.93 -9.87 16.55
N HIS B 921 -19.04 -8.57 16.79
CA HIS B 921 -19.61 -7.65 15.83
C HIS B 921 -18.55 -7.02 14.96
N GLY B 922 -17.31 -7.46 15.08
CA GLY B 922 -16.29 -6.92 14.21
C GLY B 922 -15.68 -5.64 14.70
N GLN B 923 -16.01 -5.21 15.90
CA GLN B 923 -15.36 -4.02 16.46
C GLN B 923 -14.00 -4.47 16.94
N LYS B 924 -12.97 -3.93 16.33
CA LYS B 924 -11.62 -4.12 16.83
C LYS B 924 -11.27 -2.94 17.69
N GLY B 925 -10.53 -3.19 18.75
CA GLY B 925 -10.12 -2.13 19.65
C GLY B 925 -8.75 -2.40 20.19
N VAL B 926 -8.15 -1.37 20.76
CA VAL B 926 -6.80 -1.45 21.31
C VAL B 926 -6.87 -0.97 22.74
N CYS B 927 -6.20 -1.70 23.62
CA CYS B 927 -6.07 -1.27 24.99
C CYS B 927 -5.42 0.10 25.04
N SER B 928 -5.82 0.92 26.00
CA SER B 928 -5.20 2.21 26.21
C SER B 928 -4.79 2.45 27.65
N ARG B 929 -5.76 2.58 28.55
CA ARG B 929 -5.45 2.86 29.94
C ARG B 929 -6.07 1.82 30.83
N LYS B 930 -5.23 1.09 31.53
CA LYS B 930 -5.71 0.26 32.63
C LYS B 930 -6.13 1.27 33.68
N TRP B 931 -7.37 1.20 34.07
CA TRP B 931 -7.97 2.36 34.68
C TRP B 931 -8.29 2.07 36.14
N PRO B 932 -7.62 2.72 37.08
CA PRO B 932 -7.82 2.41 38.50
C PRO B 932 -9.28 2.52 38.90
N THR B 933 -9.75 1.50 39.62
CA THR B 933 -11.19 1.27 39.70
C THR B 933 -11.91 2.32 40.51
N ILE B 934 -11.26 2.92 41.50
CA ILE B 934 -11.93 3.95 42.27
C ILE B 934 -12.42 5.05 41.34
N ASP B 935 -11.76 5.23 40.21
CA ASP B 935 -12.14 6.21 39.22
C ASP B 935 -13.29 5.74 38.35
N MET B 936 -13.46 4.44 38.20
CA MET B 936 -14.50 3.94 37.34
C MET B 936 -15.86 4.39 37.84
N PRO B 937 -16.57 5.12 37.00
CA PRO B 937 -17.98 5.39 37.29
C PRO B 937 -18.69 4.09 37.55
N PHE B 938 -19.68 4.13 38.41
CA PHE B 938 -20.29 2.93 38.95
C PHE B 938 -21.79 3.00 38.83
N SER B 939 -22.41 1.83 38.75
CA SER B 939 -23.84 1.73 38.59
C SER B 939 -24.58 2.21 39.82
N GLU B 940 -25.86 2.47 39.63
CA GLU B 940 -26.78 2.51 40.75
C GLU B 940 -26.61 1.28 41.63
N THR B 941 -26.50 0.11 41.03
CA THR B 941 -26.27 -1.13 41.75
C THR B 941 -24.85 -1.21 42.31
N GLY B 942 -24.02 -0.24 41.95
CA GLY B 942 -22.64 -0.20 42.42
C GLY B 942 -21.77 -1.24 41.73
N ILE B 943 -21.76 -1.20 40.41
CA ILE B 943 -20.97 -2.14 39.62
C ILE B 943 -19.99 -1.40 38.71
N GLN B 944 -18.70 -1.73 38.83
CA GLN B 944 -17.67 -1.11 38.02
C GLN B 944 -17.55 -1.78 36.65
N PRO B 945 -17.96 -1.07 35.61
CA PRO B 945 -17.90 -1.61 34.25
C PRO B 945 -16.53 -2.16 33.92
N ASP B 946 -16.54 -3.24 33.16
CA ASP B 946 -15.29 -3.90 32.82
C ASP B 946 -14.55 -3.13 31.74
N ILE B 947 -15.26 -2.81 30.67
CA ILE B 947 -14.67 -2.29 29.46
C ILE B 947 -15.57 -1.19 28.92
N ILE B 948 -14.98 -0.07 28.55
CA ILE B 948 -15.72 1.10 28.10
C ILE B 948 -15.49 1.28 26.61
N ILE B 949 -16.53 1.70 25.91
CA ILE B 949 -16.49 1.91 24.48
C ILE B 949 -16.96 3.33 24.17
N ASN B 950 -16.41 3.90 23.13
CA ASN B 950 -16.82 5.23 22.68
C ASN B 950 -17.94 5.11 21.67
N PRO B 951 -19.11 5.68 21.96
CA PRO B 951 -20.23 5.52 21.02
C PRO B 951 -19.93 6.02 19.64
N HIS B 952 -18.90 6.84 19.49
CA HIS B 952 -18.61 7.41 18.18
C HIS B 952 -18.18 6.36 17.16
N ALA B 953 -17.96 5.12 17.56
CA ALA B 953 -17.64 4.09 16.57
C ALA B 953 -18.86 3.69 15.76
N PHE B 954 -20.01 3.55 16.43
CA PHE B 954 -21.19 3.02 15.76
C PHE B 954 -21.65 3.84 14.57
N PRO B 955 -21.98 5.13 14.69
CA PRO B 955 -22.54 5.84 13.54
C PRO B 955 -21.67 5.77 12.32
N SER B 956 -20.38 5.49 12.48
CA SER B 956 -19.57 5.19 11.31
C SER B 956 -19.78 3.77 10.83
N ARG B 957 -19.33 2.78 11.59
CA ARG B 957 -19.43 1.38 11.21
C ARG B 957 -20.85 0.91 11.05
N MET B 958 -21.80 1.53 11.73
CA MET B 958 -23.21 1.22 11.58
C MET B 958 -23.47 -0.26 11.85
N THR B 959 -23.05 -0.73 13.02
CA THR B 959 -23.32 -2.10 13.39
C THR B 959 -24.28 -2.10 14.58
N ILE B 960 -25.54 -2.42 14.28
CA ILE B 960 -26.58 -2.24 15.27
C ILE B 960 -26.71 -3.42 16.21
N GLY B 961 -26.64 -4.64 15.67
CA GLY B 961 -26.82 -5.81 16.49
C GLY B 961 -25.94 -5.81 17.72
N MET B 962 -24.80 -5.13 17.65
CA MET B 962 -23.98 -4.96 18.84
C MET B 962 -24.80 -4.35 19.96
N PHE B 963 -25.48 -3.23 19.69
CA PHE B 963 -26.43 -2.73 20.66
C PHE B 963 -27.42 -3.81 21.06
N VAL B 964 -27.93 -4.55 20.08
CA VAL B 964 -28.95 -5.55 20.38
C VAL B 964 -28.39 -6.62 21.29
N GLU B 965 -27.26 -7.22 20.90
CA GLU B 965 -26.64 -8.24 21.72
C GLU B 965 -26.46 -7.76 23.14
N SER B 966 -26.05 -6.51 23.32
CA SER B 966 -25.90 -5.97 24.64
C SER B 966 -27.14 -6.18 25.48
N LEU B 967 -28.30 -5.89 24.90
CA LEU B 967 -29.55 -6.06 25.63
C LEU B 967 -29.68 -7.48 26.16
N ALA B 968 -29.83 -8.45 25.25
CA ALA B 968 -30.04 -9.83 25.66
C ALA B 968 -29.02 -10.25 26.70
N GLY B 969 -27.77 -9.83 26.53
CA GLY B 969 -26.76 -10.14 27.51
C GLY B 969 -27.24 -9.86 28.92
N LYS B 970 -27.80 -8.68 29.13
CA LYS B 970 -28.40 -8.42 30.44
C LYS B 970 -29.69 -9.20 30.62
N ALA B 971 -30.43 -9.42 29.53
CA ALA B 971 -31.69 -10.11 29.66
C ALA B 971 -31.51 -11.53 30.16
N GLY B 972 -30.72 -12.33 29.43
CA GLY B 972 -30.54 -13.70 29.84
C GLY B 972 -29.97 -13.82 31.23
N ALA B 973 -28.88 -13.10 31.49
CA ALA B 973 -28.18 -13.26 32.76
C ALA B 973 -29.07 -12.94 33.95
N LEU B 974 -30.10 -12.12 33.75
CA LEU B 974 -30.98 -11.87 34.88
C LEU B 974 -31.95 -13.01 35.09
N HIS B 975 -32.43 -13.62 34.01
CA HIS B 975 -33.28 -14.77 34.15
C HIS B 975 -32.54 -16.09 34.03
N GLY B 976 -31.24 -16.05 33.75
CA GLY B 976 -30.48 -17.28 33.62
C GLY B 976 -30.98 -18.12 32.46
N ILE B 977 -30.99 -17.54 31.26
CA ILE B 977 -31.56 -18.18 30.09
C ILE B 977 -30.68 -17.89 28.88
N ALA B 978 -30.35 -18.92 28.13
CA ALA B 978 -29.59 -18.75 26.91
C ALA B 978 -30.45 -18.09 25.83
N GLN B 979 -29.94 -17.03 25.24
CA GLN B 979 -30.65 -16.29 24.21
C GLN B 979 -30.06 -16.67 22.86
N ASP B 980 -30.91 -16.86 21.86
CA ASP B 980 -30.46 -17.45 20.61
C ASP B 980 -30.14 -16.38 19.57
N SER B 981 -29.05 -16.58 18.85
CA SER B 981 -28.50 -15.58 17.93
C SER B 981 -28.88 -15.84 16.47
N THR B 982 -29.68 -16.86 16.20
CA THR B 982 -29.85 -17.29 14.83
C THR B 982 -30.46 -16.18 13.98
N PRO B 983 -29.84 -15.83 12.86
CA PRO B 983 -30.38 -14.76 12.03
C PRO B 983 -31.75 -15.12 11.46
N TRP B 984 -32.48 -14.09 11.08
CA TRP B 984 -33.79 -14.19 10.46
C TRP B 984 -34.80 -14.94 11.30
N ILE B 985 -34.57 -15.04 12.61
CA ILE B 985 -35.62 -15.62 13.44
C ILE B 985 -36.67 -14.57 13.78
N PHE B 986 -36.38 -13.32 13.49
CA PHE B 986 -37.37 -12.26 13.64
C PHE B 986 -37.92 -11.84 12.29
N ASN B 987 -38.76 -10.82 12.34
CA ASN B 987 -39.21 -10.12 11.16
C ASN B 987 -39.33 -8.66 11.54
N GLU B 988 -39.66 -7.80 10.58
CA GLU B 988 -39.80 -6.39 10.93
C GLU B 988 -41.01 -6.14 11.79
N ASP B 989 -41.99 -7.02 11.76
CA ASP B 989 -43.15 -6.90 12.61
C ASP B 989 -42.85 -7.28 14.05
N ASP B 990 -41.95 -8.24 14.26
CA ASP B 990 -41.56 -8.58 15.61
C ASP B 990 -40.10 -8.15 15.78
N THR B 991 -39.91 -7.08 16.51
CA THR B 991 -38.57 -6.54 16.65
C THR B 991 -37.91 -7.11 17.90
N PRO B 992 -36.61 -7.38 17.82
CA PRO B 992 -35.88 -7.70 19.04
C PRO B 992 -36.12 -6.69 20.14
N ALA B 993 -36.07 -5.41 19.80
CA ALA B 993 -36.30 -4.38 20.81
C ALA B 993 -37.60 -4.62 21.56
N ASP B 994 -38.67 -4.92 20.84
CA ASP B 994 -39.90 -5.28 21.51
C ASP B 994 -39.70 -6.51 22.38
N TYR B 995 -38.87 -7.43 21.92
CA TYR B 995 -38.78 -8.72 22.59
C TYR B 995 -38.15 -8.59 23.96
N PHE B 996 -36.94 -8.02 24.02
CA PHE B 996 -36.20 -8.05 25.27
C PHE B 996 -36.75 -7.08 26.30
N GLY B 997 -36.86 -5.81 25.95
CA GLY B 997 -37.28 -4.81 26.93
C GLY B 997 -38.54 -5.22 27.65
N GLU B 998 -39.43 -5.91 26.94
CA GLU B 998 -40.55 -6.57 27.59
C GLU B 998 -40.08 -7.35 28.80
N GLN B 999 -38.99 -8.10 28.65
CA GLN B 999 -38.47 -8.86 29.77
C GLN B 999 -37.82 -7.94 30.79
N LEU B 1000 -36.94 -7.05 30.33
CA LEU B 1000 -36.24 -6.18 31.26
C LEU B 1000 -37.22 -5.34 32.07
N ALA B 1001 -38.35 -4.99 31.46
CA ALA B 1001 -39.44 -4.44 32.25
C ALA B 1001 -39.86 -5.42 33.33
N LYS B 1002 -40.21 -6.65 32.93
CA LYS B 1002 -40.51 -7.67 33.92
C LYS B 1002 -39.37 -7.85 34.89
N ALA B 1003 -38.14 -7.65 34.43
CA ALA B 1003 -36.99 -7.71 35.31
C ALA B 1003 -36.95 -6.57 36.31
N GLY B 1004 -37.74 -5.52 36.07
CA GLY B 1004 -37.72 -4.36 36.93
C GLY B 1004 -36.64 -3.36 36.62
N TYR B 1005 -35.98 -3.51 35.47
CA TYR B 1005 -34.93 -2.58 35.06
C TYR B 1005 -35.42 -1.66 33.96
N ASN B 1006 -34.58 -0.69 33.59
CA ASN B 1006 -34.92 0.26 32.54
C ASN B 1006 -35.33 -0.45 31.26
N TYR B 1007 -36.45 -0.04 30.68
CA TYR B 1007 -36.94 -0.65 29.45
C TYR B 1007 -35.87 -0.62 28.37
N HIS B 1008 -35.27 0.54 28.17
CA HIS B 1008 -34.22 0.71 27.18
C HIS B 1008 -32.85 0.31 27.70
N GLY B 1009 -32.76 -0.09 28.97
CA GLY B 1009 -31.48 -0.49 29.50
C GLY B 1009 -30.53 0.64 29.83
N ASN B 1010 -30.86 1.87 29.46
CA ASN B 1010 -30.11 2.98 30.01
C ASN B 1010 -30.28 3.02 31.52
N GLU B 1011 -29.16 3.15 32.22
CA GLU B 1011 -29.24 3.03 33.65
C GLU B 1011 -28.46 4.12 34.35
N PRO B 1012 -28.94 4.61 35.48
CA PRO B 1012 -28.25 5.69 36.17
C PRO B 1012 -26.86 5.28 36.57
N MET B 1013 -25.96 6.26 36.63
CA MET B 1013 -24.61 6.05 37.09
C MET B 1013 -24.13 7.27 37.85
N TYR B 1014 -23.11 7.07 38.67
CA TYR B 1014 -22.42 8.17 39.32
C TYR B 1014 -20.97 8.17 38.91
N SER B 1015 -20.47 9.34 38.53
CA SER B 1015 -19.11 9.45 38.05
C SER B 1015 -18.12 9.12 39.15
N GLY B 1016 -16.89 8.80 38.76
CA GLY B 1016 -15.87 8.50 39.73
C GLY B 1016 -15.27 9.71 40.43
N ALA B 1017 -14.93 10.75 39.68
CA ALA B 1017 -14.23 11.88 40.27
C ALA B 1017 -15.15 12.71 41.14
N THR B 1018 -16.14 13.36 40.54
CA THR B 1018 -17.06 14.17 41.32
C THR B 1018 -18.03 13.33 42.13
N GLY B 1019 -18.31 12.10 41.70
CA GLY B 1019 -19.33 11.31 42.32
C GLY B 1019 -20.73 11.79 42.04
N GLU B 1020 -20.88 12.90 41.35
CA GLU B 1020 -22.16 13.52 41.10
C GLU B 1020 -22.99 12.66 40.15
N GLU B 1021 -24.30 12.85 40.22
CA GLU B 1021 -25.19 12.17 39.30
C GLU B 1021 -24.87 12.58 37.89
N LEU B 1022 -24.81 11.61 37.00
CA LEU B 1022 -24.49 11.93 35.62
C LEU B 1022 -25.67 12.59 34.94
N ARG B 1023 -25.38 13.24 33.80
CA ARG B 1023 -26.40 14.01 33.10
C ARG B 1023 -27.62 13.17 32.80
N ALA B 1024 -27.44 12.04 32.16
CA ALA B 1024 -28.55 11.16 31.83
C ALA B 1024 -28.09 9.72 31.91
N ASP B 1025 -29.06 8.81 32.05
CA ASP B 1025 -28.73 7.40 32.14
C ASP B 1025 -28.00 6.97 30.89
N ILE B 1026 -27.17 5.96 31.02
CA ILE B 1026 -26.39 5.50 29.89
C ILE B 1026 -26.57 4.01 29.74
N TYR B 1027 -26.10 3.50 28.62
CA TYR B 1027 -26.47 2.18 28.14
C TYR B 1027 -25.39 1.19 28.48
N VAL B 1028 -25.76 0.13 29.21
CA VAL B 1028 -24.80 -0.85 29.70
C VAL B 1028 -25.36 -2.25 29.47
N GLY B 1029 -24.50 -3.15 29.03
CA GLY B 1029 -24.96 -4.49 28.73
C GLY B 1029 -23.84 -5.50 28.83
N VAL B 1030 -24.17 -6.73 28.48
CA VAL B 1030 -23.28 -7.87 28.65
C VAL B 1030 -22.99 -8.41 27.26
N VAL B 1031 -21.71 -8.57 26.93
CA VAL B 1031 -21.30 -8.93 25.59
C VAL B 1031 -20.12 -9.88 25.67
N TYR B 1032 -20.15 -10.91 24.83
CA TYR B 1032 -19.03 -11.83 24.71
C TYR B 1032 -17.93 -11.19 23.88
N TYR B 1033 -16.70 -11.64 24.05
CA TYR B 1033 -15.57 -11.04 23.34
C TYR B 1033 -14.52 -12.06 22.97
N GLN B 1034 -13.42 -11.54 22.47
CA GLN B 1034 -12.30 -12.34 22.03
C GLN B 1034 -11.02 -11.52 22.03
N ARG B 1035 -9.90 -12.20 22.20
CA ARG B 1035 -8.59 -11.57 22.31
C ARG B 1035 -7.72 -12.07 21.18
N LEU B 1036 -7.40 -11.20 20.26
CA LEU B 1036 -6.48 -11.55 19.19
C LEU B 1036 -5.14 -11.91 19.77
N ARG B 1037 -4.48 -12.88 19.17
CA ARG B 1037 -3.05 -12.99 19.32
C ARG B 1037 -2.40 -11.88 18.53
N HIS B 1038 -1.16 -11.58 18.84
CA HIS B 1038 -0.44 -10.64 18.02
C HIS B 1038 -0.34 -11.13 16.59
N MET B 1039 -0.79 -10.29 15.66
CA MET B 1039 -0.36 -10.37 14.29
C MET B 1039 0.90 -9.55 14.04
N VAL B 1040 1.26 -8.69 14.99
CA VAL B 1040 2.38 -7.77 14.85
C VAL B 1040 3.25 -7.91 16.09
N ASN B 1041 4.54 -7.63 15.94
CA ASN B 1041 5.45 -7.67 17.08
C ASN B 1041 5.43 -6.27 17.69
N ASP B 1042 4.84 -6.16 18.88
CA ASP B 1042 4.72 -4.86 19.51
C ASP B 1042 6.06 -4.37 20.00
N LYS B 1043 7.05 -5.27 20.02
CA LYS B 1043 8.36 -4.93 20.55
C LYS B 1043 8.91 -3.72 19.85
N PHE B 1044 9.30 -2.73 20.64
CA PHE B 1044 9.98 -1.59 20.09
C PHE B 1044 11.40 -1.97 19.70
N GLN B 1045 12.09 -1.02 19.09
CA GLN B 1045 13.51 -1.14 18.93
C GLN B 1045 14.11 0.25 19.05
N VAL B 1046 15.14 0.36 19.87
CA VAL B 1046 15.73 1.63 20.24
C VAL B 1046 17.24 1.54 20.20
N ARG B 1047 17.85 2.44 19.45
CA ARG B 1047 19.31 2.51 19.41
C ARG B 1047 19.78 3.94 19.44
N SER B 1048 20.56 4.28 20.48
CA SER B 1048 21.39 5.48 20.44
C SER B 1048 22.58 5.18 19.56
N THR B 1049 23.39 4.21 19.98
CA THR B 1049 24.52 3.67 19.23
C THR B 1049 24.61 2.17 19.49
N GLY B 1050 25.67 1.54 18.98
CA GLY B 1050 25.88 0.13 19.13
C GLY B 1050 26.87 -0.41 18.11
N PRO B 1051 26.81 -1.70 17.82
CA PRO B 1051 27.64 -2.24 16.74
C PRO B 1051 27.20 -1.69 15.40
N VAL B 1052 28.15 -1.50 14.50
CA VAL B 1052 27.89 -0.85 13.22
C VAL B 1052 28.27 -1.79 12.10
N ASN B 1053 27.77 -1.48 10.91
CA ASN B 1053 28.16 -2.19 9.71
C ASN B 1053 29.65 -2.04 9.48
N SER B 1054 30.28 -3.12 9.03
CA SER B 1054 31.69 -3.07 8.64
C SER B 1054 31.87 -2.42 7.28
N LEU B 1055 30.99 -2.74 6.33
CA LEU B 1055 31.05 -2.12 5.01
C LEU B 1055 31.00 -0.61 5.10
N THR B 1056 29.87 -0.08 5.53
CA THR B 1056 29.56 1.33 5.41
C THR B 1056 29.86 2.13 6.67
N MET B 1057 30.41 1.51 7.71
CA MET B 1057 30.55 2.15 9.02
C MET B 1057 29.25 2.81 9.45
N GLN B 1058 28.14 2.14 9.19
CA GLN B 1058 26.82 2.65 9.47
C GLN B 1058 26.11 1.72 10.42
N PRO B 1059 25.05 2.18 11.09
CA PRO B 1059 24.29 1.30 11.96
C PRO B 1059 23.82 0.06 11.22
N VAL B 1060 24.13 -1.10 11.78
CA VAL B 1060 23.73 -2.37 11.21
C VAL B 1060 22.24 -2.61 11.45
N LYS B 1061 21.67 -3.56 10.72
CA LYS B 1061 20.33 -4.02 11.01
C LYS B 1061 20.36 -4.61 12.42
N ILE B 1069 17.87 2.32 12.68
CA ILE B 1069 16.62 2.40 11.94
C ILE B 1069 16.88 3.05 10.58
N ARG B 1070 16.21 2.55 9.54
CA ARG B 1070 16.42 3.04 8.18
C ARG B 1070 15.59 4.28 7.91
N VAL B 1071 16.25 5.34 7.49
CA VAL B 1071 15.60 6.56 7.05
C VAL B 1071 15.63 6.59 5.52
N GLY B 1072 14.47 6.40 4.90
CA GLY B 1072 14.36 6.32 3.46
C GLY B 1072 14.41 7.68 2.79
N GLU B 1073 14.22 7.66 1.46
CA GLU B 1073 14.30 8.89 0.68
C GLU B 1073 13.25 9.90 1.12
N MET B 1074 11.98 9.52 1.05
CA MET B 1074 10.90 10.46 1.33
C MET B 1074 11.05 11.07 2.72
N GLU B 1075 11.51 10.28 3.67
CA GLU B 1075 11.88 10.80 4.99
C GLU B 1075 12.90 11.91 4.86
N ARG B 1076 14.03 11.61 4.24
CA ARG B 1076 15.00 12.63 3.88
C ARG B 1076 14.35 13.80 3.17
N ASP B 1077 13.36 13.50 2.34
CA ASP B 1077 12.78 14.54 1.48
C ASP B 1077 12.01 15.57 2.29
N ALA B 1078 11.50 15.18 3.45
CA ALA B 1078 10.65 16.09 4.22
C ALA B 1078 11.45 17.27 4.73
N LEU B 1079 12.60 17.01 5.35
CA LEU B 1079 13.43 18.07 5.89
C LEU B 1079 13.66 19.15 4.86
N ILE B 1080 13.74 18.76 3.60
CA ILE B 1080 14.02 19.68 2.52
C ILE B 1080 12.90 20.70 2.39
N GLY B 1081 11.67 20.25 2.26
CA GLY B 1081 10.56 21.18 2.28
C GLY B 1081 10.56 22.07 3.49
N HIS B 1082 10.93 21.53 4.65
CA HIS B 1082 11.10 22.36 5.82
C HIS B 1082 12.27 23.31 5.67
N GLY B 1083 13.20 23.02 4.77
CA GLY B 1083 14.39 23.83 4.68
C GLY B 1083 15.28 23.78 5.90
N THR B 1084 15.31 22.65 6.62
CA THR B 1084 16.14 22.52 7.80
C THR B 1084 17.39 21.74 7.40
N SER B 1085 18.49 22.47 7.30
CA SER B 1085 19.69 21.88 6.77
C SER B 1085 20.40 21.02 7.80
N PHE B 1086 20.69 21.57 8.98
CA PHE B 1086 21.57 20.89 9.91
C PHE B 1086 20.89 19.71 10.57
N LEU B 1087 19.55 19.75 10.69
CA LEU B 1087 18.83 18.51 10.96
C LEU B 1087 19.16 17.46 9.92
N LEU B 1088 19.00 17.79 8.64
CA LEU B 1088 19.30 16.83 7.60
C LEU B 1088 20.78 16.43 7.64
N GLN B 1089 21.64 17.41 7.93
CA GLN B 1089 23.04 17.09 8.22
C GLN B 1089 23.13 16.12 9.39
N ASP B 1090 22.39 16.39 10.47
CA ASP B 1090 22.40 15.49 11.61
C ASP B 1090 21.97 14.10 11.21
N ARG B 1091 20.84 14.00 10.52
CA ARG B 1091 20.32 12.71 10.10
C ARG B 1091 21.32 11.94 9.27
N LEU B 1092 21.50 12.36 8.03
CA LEU B 1092 22.31 11.60 7.09
C LEU B 1092 23.75 11.51 7.56
N LEU B 1093 24.46 12.64 7.50
CA LEU B 1093 25.90 12.65 7.76
C LEU B 1093 26.26 12.48 9.22
N ASN B 1094 25.73 13.34 10.08
CA ASN B 1094 26.35 13.56 11.37
C ASN B 1094 26.23 12.33 12.27
N SER B 1095 25.09 11.66 12.22
CA SER B 1095 24.77 10.62 13.18
C SER B 1095 25.04 9.22 12.67
N SER B 1096 25.44 9.06 11.41
CA SER B 1096 25.59 7.71 10.89
C SER B 1096 26.97 7.41 10.33
N ASP B 1097 27.22 7.91 9.11
CA ASP B 1097 28.42 7.57 8.37
C ASP B 1097 29.54 8.59 8.56
N TYR B 1098 29.37 9.53 9.47
CA TYR B 1098 30.31 10.63 9.62
C TYR B 1098 31.73 10.07 9.79
N THR B 1099 32.62 10.47 8.89
CA THR B 1099 33.96 9.94 8.88
C THR B 1099 34.95 11.02 8.48
N GLN B 1100 35.99 11.20 9.29
CA GLN B 1100 37.12 12.05 8.93
C GLN B 1100 38.13 11.22 8.16
N ALA B 1101 38.66 11.78 7.08
CA ALA B 1101 39.64 11.10 6.25
C ALA B 1101 40.49 12.13 5.52
N SER B 1102 41.61 11.66 4.98
CA SER B 1102 42.54 12.53 4.27
C SER B 1102 42.41 12.37 2.77
N VAL B 1103 42.51 13.49 2.07
CA VAL B 1103 42.54 13.52 0.61
C VAL B 1103 43.90 14.05 0.22
N CYS B 1104 44.33 13.74 -1.00
CA CYS B 1104 45.61 14.25 -1.47
C CYS B 1104 45.34 15.60 -2.12
N ARG B 1105 45.85 16.65 -1.49
CA ARG B 1105 45.85 17.95 -2.14
C ARG B 1105 46.43 17.87 -3.52
N GLU B 1106 47.60 17.26 -3.65
CA GLU B 1106 48.37 17.26 -4.88
C GLU B 1106 47.61 16.61 -6.03
N CYS B 1107 47.25 15.34 -5.90
CA CYS B 1107 46.57 14.66 -6.99
C CYS B 1107 45.06 14.64 -6.85
N GLY B 1108 44.51 15.27 -5.80
CA GLY B 1108 43.07 15.28 -5.65
C GLY B 1108 42.47 13.91 -5.41
N SER B 1109 43.13 13.07 -4.64
CA SER B 1109 42.66 11.71 -4.40
C SER B 1109 42.61 11.39 -2.92
N ILE B 1110 41.61 10.59 -2.57
CA ILE B 1110 41.46 9.96 -1.27
C ILE B 1110 42.29 8.69 -1.15
N LEU B 1111 42.44 7.95 -2.24
CA LEU B 1111 42.83 6.56 -2.19
C LEU B 1111 44.28 6.32 -1.80
N THR B 1112 45.25 6.91 -2.49
CA THR B 1112 46.66 6.67 -2.23
C THR B 1112 47.06 7.03 -0.81
N THR B 1113 46.23 7.81 -0.12
CA THR B 1113 46.49 8.18 1.26
C THR B 1113 46.67 6.94 2.13
N GLN B 1114 47.80 6.92 2.84
CA GLN B 1114 48.06 5.89 3.82
C GLN B 1114 49.10 6.43 4.78
N GLN B 1115 49.21 5.78 5.93
CA GLN B 1115 50.19 6.21 6.92
C GLN B 1115 51.58 5.75 6.57
N SER B 1116 52.54 6.65 6.73
CA SER B 1116 53.93 6.30 6.65
C SER B 1116 54.32 5.40 7.83
N VAL B 1117 55.40 4.67 7.65
CA VAL B 1117 56.03 3.91 8.73
C VAL B 1117 57.30 4.66 9.13
N PRO B 1118 57.31 5.33 10.26
CA PRO B 1118 58.43 6.23 10.57
C PRO B 1118 59.62 5.50 11.15
N ARG B 1119 60.67 6.26 11.43
CA ARG B 1119 61.78 5.75 12.21
C ARG B 1119 61.37 5.64 13.67
N ILE B 1120 62.11 4.84 14.42
CA ILE B 1120 61.91 4.81 15.86
C ILE B 1120 62.33 6.15 16.45
N GLY B 1121 61.43 6.77 17.20
CA GLY B 1121 61.64 8.13 17.65
C GLY B 1121 61.04 9.12 16.69
N SER B 1122 60.71 8.64 15.49
CA SER B 1122 60.04 9.46 14.49
C SER B 1122 58.57 9.11 14.42
N ILE B 1123 57.75 10.12 14.13
CA ILE B 1123 56.30 10.00 14.11
C ILE B 1123 55.84 9.72 12.68
N SER B 1124 54.81 8.90 12.54
CA SER B 1124 54.26 8.58 11.24
C SER B 1124 53.46 9.75 10.67
N THR B 1125 53.22 9.70 9.36
CA THR B 1125 52.41 10.67 8.67
C THR B 1125 51.83 10.03 7.40
N VAL B 1126 51.24 10.87 6.55
CA VAL B 1126 50.58 10.42 5.34
C VAL B 1126 51.39 10.88 4.13
N CYS B 1127 51.50 10.00 3.14
CA CYS B 1127 52.07 10.36 1.85
C CYS B 1127 51.31 9.62 0.75
N CYS B 1128 51.39 10.17 -0.46
CA CYS B 1128 50.59 9.71 -1.59
C CYS B 1128 51.43 8.84 -2.51
N ARG B 1129 51.12 7.55 -2.53
CA ARG B 1129 51.85 6.62 -3.39
C ARG B 1129 51.79 7.02 -4.85
N ARG B 1130 50.68 7.61 -5.30
CA ARG B 1130 50.70 8.29 -6.59
C ARG B 1130 51.74 9.40 -6.62
N CYS B 1131 51.66 10.32 -5.67
CA CYS B 1131 52.48 11.52 -5.67
C CYS B 1131 53.84 11.31 -5.02
N SER B 1132 54.12 10.12 -4.52
CA SER B 1132 55.43 9.79 -3.99
C SER B 1132 56.16 8.90 -4.98
N MET B 1133 57.48 9.02 -5.03
CA MET B 1133 58.29 8.33 -6.01
C MET B 1133 59.23 7.33 -5.34
N ARG B 1134 59.51 6.25 -6.06
CA ARG B 1134 60.53 5.30 -5.61
C ARG B 1134 61.84 6.04 -5.38
N PHE B 1135 62.39 5.87 -4.19
CA PHE B 1135 63.59 6.62 -3.81
C PHE B 1135 64.78 6.24 -4.67
N GLU B 1136 64.73 5.04 -5.28
CA GLU B 1136 65.82 4.59 -6.12
C GLU B 1136 65.98 5.48 -7.35
N ASP B 1137 64.89 5.73 -8.07
CA ASP B 1137 64.97 6.56 -9.27
C ASP B 1137 65.01 8.03 -8.92
N ALA B 1138 64.82 8.36 -7.63
CA ALA B 1138 64.81 9.75 -7.19
C ALA B 1138 66.18 10.38 -7.30
N LYS B 1139 67.21 9.59 -7.59
CA LYS B 1139 68.57 10.09 -7.63
C LYS B 1139 69.29 9.63 -8.88
N ILE B 1151 72.61 18.37 -6.34
CA ILE B 1151 71.19 18.19 -6.06
C ILE B 1151 71.03 17.31 -4.82
N PHE B 1152 70.61 17.92 -3.72
CA PHE B 1152 70.56 17.27 -2.42
C PHE B 1152 69.12 17.06 -1.99
N ILE B 1153 68.89 16.03 -1.19
CA ILE B 1153 67.56 15.60 -0.79
C ILE B 1153 67.43 15.80 0.71
N ASP B 1154 66.36 16.45 1.15
CA ASP B 1154 66.15 16.68 2.57
C ASP B 1154 65.46 15.48 3.22
N ASP B 1155 65.86 15.17 4.45
CA ASP B 1155 65.32 14.03 5.17
C ASP B 1155 63.81 14.08 5.30
N SER B 1156 63.26 15.27 5.55
CA SER B 1156 61.81 15.42 5.67
C SER B 1156 61.06 14.79 4.50
N GLN B 1157 61.56 14.93 3.28
CA GLN B 1157 60.96 14.31 2.11
C GLN B 1157 60.98 12.80 2.18
N ILE B 1158 62.02 12.20 2.78
CA ILE B 1158 62.16 10.76 2.87
C ILE B 1158 61.20 10.24 3.92
N TRP B 1159 60.58 9.11 3.62
CA TRP B 1159 59.76 8.37 4.56
C TRP B 1159 59.73 6.92 4.08
N GLU B 1160 59.40 6.02 4.98
CA GLU B 1160 59.36 4.60 4.64
C GLU B 1160 57.99 4.02 4.91
N ASP B 1161 57.64 3.04 4.09
CA ASP B 1161 56.44 2.26 4.25
C ASP B 1161 56.74 1.05 5.12
N GLY B 1162 55.76 0.15 5.26
CA GLY B 1162 56.00 -1.09 5.97
C GLY B 1162 56.99 -1.98 5.23
N GLN B 1163 57.01 -1.86 3.90
CA GLN B 1163 58.04 -2.54 3.12
C GLN B 1163 59.39 -1.87 3.30
N GLY B 1164 59.43 -0.75 4.02
CA GLY B 1164 60.68 -0.07 4.29
C GLY B 1164 61.14 0.75 3.10
N ASN B 1165 60.38 0.67 2.02
CA ASN B 1165 60.72 1.41 0.81
C ASN B 1165 60.66 2.90 1.09
N LYS B 1166 61.76 3.58 0.80
CA LYS B 1166 61.83 5.02 0.97
C LYS B 1166 61.13 5.69 -0.20
N PHE B 1167 60.59 6.89 0.05
CA PHE B 1167 59.93 7.66 -0.99
C PHE B 1167 60.09 9.14 -0.70
N VAL B 1168 59.83 9.93 -1.72
CA VAL B 1168 59.85 11.39 -1.63
C VAL B 1168 58.56 11.91 -2.27
N GLY B 1169 57.85 12.76 -1.56
CA GLY B 1169 56.65 13.36 -2.10
C GLY B 1169 55.38 12.75 -1.54
N GLY B 1170 54.27 13.16 -2.14
CA GLY B 1170 52.96 12.73 -1.68
C GLY B 1170 52.50 13.42 -0.42
N ASN B 1171 53.12 14.54 -0.06
CA ASN B 1171 52.89 15.20 1.22
C ASN B 1171 51.85 16.31 1.16
N GLU B 1172 51.16 16.49 0.04
CA GLU B 1172 50.09 17.50 -0.02
C GLU B 1172 48.74 16.83 0.18
N THR B 1173 48.21 17.04 1.38
CA THR B 1173 47.01 16.40 1.86
C THR B 1173 46.40 17.24 2.97
N THR B 1174 45.10 17.05 3.18
CA THR B 1174 44.41 17.50 4.39
C THR B 1174 43.36 16.46 4.75
N THR B 1175 42.65 16.72 5.84
CA THR B 1175 41.57 15.86 6.30
C THR B 1175 40.25 16.60 6.16
N VAL B 1176 39.19 15.86 5.84
CA VAL B 1176 37.84 16.39 5.80
C VAL B 1176 36.89 15.30 6.30
N ALA B 1177 35.68 15.72 6.63
CA ALA B 1177 34.62 14.81 7.07
C ALA B 1177 33.81 14.42 5.84
N ILE B 1178 33.65 13.11 5.63
CA ILE B 1178 32.96 12.64 4.42
C ILE B 1178 32.04 11.50 4.79
N PRO B 1179 31.02 11.27 3.97
CA PRO B 1179 30.27 10.01 4.10
C PRO B 1179 31.19 8.84 3.85
N PHE B 1180 31.16 7.89 4.78
CA PHE B 1180 32.15 6.83 4.78
C PHE B 1180 32.02 5.95 3.54
N VAL B 1181 30.79 5.65 3.14
CA VAL B 1181 30.55 4.73 2.05
C VAL B 1181 31.31 5.10 0.79
N LEU B 1182 31.60 6.40 0.61
CA LEU B 1182 32.40 6.84 -0.53
C LEU B 1182 33.68 6.05 -0.65
N LYS B 1183 34.32 5.74 0.48
CA LYS B 1183 35.50 4.88 0.45
C LYS B 1183 35.20 3.59 -0.28
N TYR B 1184 34.19 2.85 0.16
CA TYR B 1184 33.75 1.69 -0.59
C TYR B 1184 33.44 2.08 -2.03
N LEU B 1185 32.85 3.26 -2.22
CA LEU B 1185 32.40 3.65 -3.55
C LEU B 1185 33.58 3.86 -4.50
N ASP B 1186 34.49 4.77 -4.15
CA ASP B 1186 35.54 5.15 -5.09
C ASP B 1186 36.42 3.95 -5.42
N SER B 1187 36.55 3.01 -4.48
CA SER B 1187 37.34 1.82 -4.72
C SER B 1187 36.72 0.97 -5.83
N GLU B 1188 35.40 0.99 -5.95
CA GLU B 1188 34.76 0.17 -6.97
C GLU B 1188 34.95 0.74 -8.36
N LEU B 1189 35.16 2.06 -8.46
CA LEU B 1189 35.36 2.65 -9.77
C LEU B 1189 36.77 2.39 -10.28
N SER B 1190 37.72 2.25 -9.36
CA SER B 1190 39.01 1.71 -9.73
C SER B 1190 38.89 0.37 -10.42
N ALA B 1191 37.95 -0.47 -10.00
CA ALA B 1191 37.70 -1.72 -10.70
C ALA B 1191 37.27 -1.45 -12.14
N MET B 1192 36.61 -0.32 -12.38
CA MET B 1192 36.34 0.12 -13.73
C MET B 1192 37.44 1.01 -14.28
N GLY B 1193 38.52 1.18 -13.54
CA GLY B 1193 39.62 2.03 -13.98
C GLY B 1193 39.26 3.46 -14.19
N ILE B 1194 38.52 4.07 -13.27
CA ILE B 1194 38.01 5.42 -13.43
C ILE B 1194 38.50 6.27 -12.27
N ARG B 1195 39.02 7.45 -12.59
CA ARG B 1195 39.59 8.35 -11.60
C ARG B 1195 38.57 9.39 -11.22
N LEU B 1196 38.32 9.53 -9.93
CA LEU B 1196 37.54 10.64 -9.42
C LEU B 1196 38.48 11.66 -8.81
N ARG B 1197 38.66 12.78 -9.50
CA ARG B 1197 39.53 13.84 -8.99
C ARG B 1197 38.67 14.76 -8.15
N TYR B 1198 39.17 15.09 -6.96
CA TYR B 1198 38.40 15.88 -6.00
C TYR B 1198 39.06 17.25 -5.87
N ASN B 1199 38.26 18.30 -5.95
CA ASN B 1199 38.78 19.66 -5.87
C ASN B 1199 38.47 20.22 -4.49
N VAL B 1200 39.52 20.62 -3.77
CA VAL B 1200 39.45 20.92 -2.35
C VAL B 1200 40.03 22.29 -2.08
N GLU B 1201 39.31 23.08 -1.31
CA GLU B 1201 39.81 24.38 -0.88
C GLU B 1201 39.93 24.44 0.64
N PRO B 1202 40.79 25.33 1.16
CA PRO B 1202 41.61 26.34 0.48
C PRO B 1202 42.68 25.77 -0.46
N LYS B 1203 42.83 26.36 -1.64
CA LYS B 1203 43.84 25.96 -2.60
C LYS B 1203 45.23 26.43 -2.17
N TRP C 31 -21.32 30.66 57.26
CA TRP C 31 -21.48 29.28 57.70
C TRP C 31 -20.44 28.90 58.75
N ASN C 32 -20.81 27.96 59.62
CA ASN C 32 -19.91 27.48 60.67
C ASN C 32 -20.12 25.98 60.83
N VAL C 33 -19.10 25.32 61.40
CA VAL C 33 -19.11 23.86 61.53
C VAL C 33 -20.32 23.41 62.34
N GLU C 34 -20.65 24.14 63.40
CA GLU C 34 -21.74 23.73 64.27
C GLU C 34 -23.04 23.63 63.51
N LYS C 35 -23.25 24.52 62.54
CA LYS C 35 -24.39 24.39 61.65
C LYS C 35 -24.48 22.98 61.09
N PHE C 36 -23.39 22.53 60.47
CA PHE C 36 -23.32 21.15 60.01
C PHE C 36 -23.48 20.17 61.16
N LYS C 37 -22.63 20.32 62.19
CA LYS C 37 -22.68 19.41 63.33
C LYS C 37 -24.10 19.26 63.86
N LYS C 38 -24.82 20.36 63.92
CA LYS C 38 -26.24 20.27 64.26
C LYS C 38 -27.03 19.57 63.16
N ASP C 39 -26.96 20.09 61.94
CA ASP C 39 -27.81 19.62 60.85
C ASP C 39 -27.52 18.19 60.44
N PHE C 40 -26.25 17.78 60.47
CA PHE C 40 -25.90 16.48 59.95
C PHE C 40 -26.62 15.36 60.68
N GLU C 41 -26.83 14.25 59.99
CA GLU C 41 -27.64 13.19 60.52
C GLU C 41 -27.20 11.85 59.94
N VAL C 42 -27.49 10.77 60.67
CA VAL C 42 -27.20 9.41 60.26
C VAL C 42 -28.44 8.56 60.49
N ASN C 43 -28.64 7.55 59.66
CA ASN C 43 -29.62 6.51 59.91
C ASN C 43 -29.02 5.16 59.58
N ILE C 44 -29.30 4.18 60.44
CA ILE C 44 -28.85 2.81 60.23
C ILE C 44 -30.05 2.04 59.70
N SER C 45 -29.97 1.61 58.44
CA SER C 45 -31.03 0.76 57.92
C SER C 45 -30.99 -0.62 58.57
N SER C 46 -29.87 -1.31 58.42
CA SER C 46 -29.70 -2.63 59.03
C SER C 46 -28.21 -2.94 59.09
N LEU C 47 -27.84 -3.91 59.90
CA LEU C 47 -26.44 -4.31 60.04
C LEU C 47 -26.32 -5.82 59.95
N ASP C 48 -25.17 -6.25 59.43
CA ASP C 48 -24.80 -7.66 59.42
C ASP C 48 -23.29 -7.75 59.60
N ALA C 49 -22.85 -8.91 60.09
CA ALA C 49 -21.41 -9.18 60.17
C ALA C 49 -20.73 -8.95 58.83
N ARG C 50 -21.37 -9.35 57.75
CA ARG C 50 -20.83 -9.12 56.41
C ARG C 50 -21.21 -7.78 55.83
N GLU C 51 -22.50 -7.49 55.68
CA GLU C 51 -22.94 -6.29 54.99
C GLU C 51 -23.47 -5.29 55.99
N ALA C 52 -23.38 -4.02 55.63
CA ALA C 52 -23.96 -2.94 56.39
C ALA C 52 -24.68 -1.98 55.45
N ASN C 53 -25.85 -1.55 55.88
CA ASN C 53 -26.68 -0.65 55.09
C ASN C 53 -27.18 0.45 56.01
N PHE C 54 -27.07 1.69 55.57
CA PHE C 54 -27.33 2.82 56.44
C PHE C 54 -27.44 4.09 55.61
N ASP C 55 -27.64 5.20 56.29
CA ASP C 55 -27.98 6.46 55.65
C ASP C 55 -27.21 7.62 56.24
N LEU C 56 -26.99 8.64 55.40
CA LEU C 56 -26.36 9.89 55.80
C LEU C 56 -27.15 11.03 55.20
N ILE C 57 -27.39 12.08 55.98
CA ILE C 57 -28.29 13.15 55.61
C ILE C 57 -27.58 14.47 55.85
N ASN C 58 -27.88 15.47 55.02
CA ASN C 58 -27.37 16.82 55.18
C ASN C 58 -25.84 16.84 55.17
N ILE C 59 -25.27 16.61 54.00
CA ILE C 59 -23.82 16.48 53.89
C ILE C 59 -23.40 16.87 52.49
N ASP C 60 -22.13 17.27 52.37
CA ASP C 60 -21.52 17.50 51.08
C ASP C 60 -21.29 16.21 50.33
N THR C 61 -21.57 16.23 49.03
CA THR C 61 -21.34 15.04 48.22
C THR C 61 -19.86 14.76 48.05
N SER C 62 -19.04 15.81 47.88
CA SER C 62 -17.62 15.56 47.70
C SER C 62 -17.00 14.99 48.97
N ILE C 63 -17.72 15.08 50.08
CA ILE C 63 -17.31 14.31 51.25
C ILE C 63 -17.48 12.82 51.01
N ALA C 64 -18.70 12.40 50.65
CA ALA C 64 -18.99 10.98 50.55
C ALA C 64 -18.08 10.31 49.54
N ASN C 65 -18.01 10.84 48.33
CA ASN C 65 -17.26 10.17 47.26
C ASN C 65 -15.81 9.97 47.66
N ALA C 66 -15.35 10.68 48.68
CA ALA C 66 -14.07 10.33 49.27
C ALA C 66 -14.14 8.94 49.88
N PHE C 67 -15.17 8.69 50.67
CA PHE C 67 -15.28 7.43 51.40
C PHE C 67 -15.18 6.24 50.47
N ARG C 68 -16.17 6.08 49.58
CA ARG C 68 -16.17 4.93 48.69
C ARG C 68 -14.83 4.80 48.01
N ARG C 69 -14.19 5.93 47.72
CA ARG C 69 -12.84 5.88 47.19
C ARG C 69 -11.88 5.36 48.24
N ILE C 70 -11.92 5.94 49.44
CA ILE C 70 -11.12 5.46 50.55
C ILE C 70 -11.42 3.99 50.83
N MET C 71 -12.65 3.72 51.26
CA MET C 71 -13.00 2.43 51.81
C MET C 71 -12.51 1.30 50.94
N ILE C 72 -12.66 1.43 49.64
CA ILE C 72 -12.15 0.39 48.77
C ILE C 72 -10.64 0.42 48.74
N SER C 73 -10.08 1.47 48.18
CA SER C 73 -8.67 1.52 47.87
C SER C 73 -7.75 1.41 49.07
N GLU C 74 -7.86 2.31 50.04
CA GLU C 74 -6.74 2.64 50.90
C GLU C 74 -6.77 1.95 52.27
N VAL C 75 -7.76 1.13 52.55
CA VAL C 75 -7.74 0.34 53.78
C VAL C 75 -6.69 -0.74 53.65
N PRO C 76 -5.92 -1.03 54.68
CA PRO C 76 -4.93 -2.09 54.57
C PRO C 76 -5.55 -3.46 54.76
N SER C 77 -4.74 -4.50 54.58
CA SER C 77 -5.11 -5.89 54.81
C SER C 77 -3.95 -6.79 54.44
N VAL C 78 -4.04 -8.06 54.81
CA VAL C 78 -2.96 -9.01 54.57
C VAL C 78 -3.36 -9.91 53.41
N ALA C 79 -2.39 -10.24 52.57
CA ALA C 79 -2.62 -11.18 51.49
C ALA C 79 -1.29 -11.80 51.11
N ALA C 80 -1.36 -12.88 50.34
CA ALA C 80 -0.15 -13.60 49.96
C ALA C 80 0.73 -12.72 49.10
N GLU C 81 2.03 -13.02 49.10
CA GLU C 81 2.99 -12.21 48.37
C GLU C 81 3.96 -13.01 47.52
N TYR C 82 4.76 -13.88 48.11
CA TYR C 82 5.61 -14.76 47.34
C TYR C 82 5.30 -16.21 47.68
N VAL C 83 5.36 -17.06 46.67
CA VAL C 83 5.13 -18.48 46.81
C VAL C 83 6.45 -19.19 46.63
N TYR C 84 6.67 -20.22 47.43
CA TYR C 84 7.85 -21.06 47.30
C TYR C 84 7.38 -22.47 46.97
N PHE C 85 7.64 -22.91 45.75
CA PHE C 85 7.32 -24.27 45.38
C PHE C 85 8.54 -25.17 45.53
N PHE C 86 8.41 -26.17 46.37
CA PHE C 86 9.38 -27.23 46.34
C PHE C 86 9.09 -28.27 45.27
N ASN C 87 7.84 -28.70 45.12
CA ASN C 87 7.53 -29.46 43.92
C ASN C 87 6.05 -29.34 43.61
N ASN C 88 5.73 -29.36 42.31
CA ASN C 88 4.35 -29.52 41.86
C ASN C 88 4.35 -30.46 40.66
N THR C 89 3.59 -31.54 40.76
CA THR C 89 3.40 -32.44 39.64
C THR C 89 2.09 -32.20 38.90
N SER C 90 1.35 -31.15 39.28
CA SER C 90 -0.01 -31.00 38.79
C SER C 90 -0.02 -30.63 37.32
N VAL C 91 -1.23 -30.54 36.77
CA VAL C 91 -1.39 -30.04 35.41
C VAL C 91 -1.35 -28.53 35.37
N ILE C 92 -1.90 -27.87 36.37
CA ILE C 92 -1.97 -26.41 36.39
C ILE C 92 -0.56 -25.86 36.44
N GLN C 93 -0.27 -24.94 35.52
CA GLN C 93 0.95 -24.15 35.65
C GLN C 93 0.89 -23.31 36.93
N ASP C 94 1.93 -23.47 37.74
CA ASP C 94 1.86 -23.16 39.16
C ASP C 94 1.45 -21.73 39.42
N GLU C 95 2.08 -20.80 38.71
CA GLU C 95 1.83 -19.39 38.93
C GLU C 95 0.35 -19.07 38.98
N VAL C 96 -0.45 -19.79 38.19
CA VAL C 96 -1.91 -19.68 38.32
C VAL C 96 -2.32 -19.91 39.77
N LEU C 97 -1.93 -21.06 40.31
CA LEU C 97 -2.15 -21.33 41.73
C LEU C 97 -1.61 -20.18 42.56
N ALA C 98 -0.32 -19.89 42.39
CA ALA C 98 0.29 -18.77 43.09
C ALA C 98 -0.57 -17.52 42.92
N HIS C 99 -1.04 -17.29 41.71
CA HIS C 99 -2.00 -16.22 41.52
C HIS C 99 -3.27 -16.46 42.29
N ARG C 100 -3.93 -17.59 42.05
CA ARG C 100 -5.21 -17.84 42.70
C ARG C 100 -5.07 -17.82 44.21
N ILE C 101 -3.99 -18.40 44.73
CA ILE C 101 -3.74 -18.29 46.16
C ILE C 101 -3.67 -16.84 46.57
N GLY C 102 -2.95 -16.02 45.79
CA GLY C 102 -2.89 -14.61 46.10
C GLY C 102 -4.25 -13.97 46.26
N LEU C 103 -5.28 -14.57 45.68
CA LEU C 103 -6.60 -14.00 45.77
C LEU C 103 -7.36 -14.46 47.00
N VAL C 104 -6.78 -15.34 47.79
CA VAL C 104 -7.54 -16.02 48.83
C VAL C 104 -7.81 -15.08 50.00
N PRO C 105 -9.06 -14.99 50.48
CA PRO C 105 -9.36 -14.19 51.67
C PRO C 105 -8.85 -14.87 52.93
N LEU C 106 -8.60 -14.08 53.97
CA LEU C 106 -8.14 -14.60 55.25
C LEU C 106 -8.91 -13.90 56.35
N LYS C 107 -9.26 -14.64 57.40
CA LYS C 107 -9.89 -14.00 58.55
C LYS C 107 -8.79 -13.71 59.56
N VAL C 108 -8.48 -12.41 59.68
CA VAL C 108 -7.30 -11.94 60.39
C VAL C 108 -7.59 -10.55 60.94
N ASP C 109 -7.00 -10.24 62.09
CA ASP C 109 -6.88 -8.84 62.48
C ASP C 109 -5.72 -8.21 61.74
N PRO C 110 -5.97 -7.22 60.88
CA PRO C 110 -4.85 -6.52 60.24
C PRO C 110 -3.94 -5.83 61.22
N ASP C 111 -4.41 -5.58 62.44
CA ASP C 111 -3.58 -4.89 63.42
C ASP C 111 -2.44 -5.78 63.91
N MET C 112 -2.54 -7.08 63.69
CA MET C 112 -1.60 -8.00 64.31
C MET C 112 -0.32 -8.18 63.53
N LEU C 113 -0.15 -7.50 62.40
CA LEU C 113 1.10 -7.55 61.66
C LEU C 113 1.55 -6.13 61.39
N THR C 114 2.84 -5.95 61.15
CA THR C 114 3.35 -4.62 60.87
C THR C 114 3.65 -4.46 59.39
N TRP C 115 3.98 -3.22 59.04
CA TRP C 115 4.37 -2.88 57.69
C TRP C 115 5.80 -3.34 57.41
N VAL C 116 6.13 -3.41 56.14
CA VAL C 116 7.38 -3.97 55.71
C VAL C 116 8.09 -3.01 54.77
N ASP C 117 9.40 -2.93 54.90
CA ASP C 117 10.23 -2.17 53.98
C ASP C 117 10.47 -3.00 52.72
N SER C 118 10.60 -2.32 51.59
CA SER C 118 11.05 -2.93 50.35
C SER C 118 12.57 -3.06 50.30
N ASN C 119 13.30 -2.04 50.71
CA ASN C 119 14.75 -2.00 50.57
C ASN C 119 15.47 -3.13 51.30
N LEU C 120 14.86 -3.75 52.17
CA LEU C 120 15.62 -4.71 52.93
C LEU C 120 15.68 -6.04 52.21
N PRO C 121 16.83 -6.72 52.25
CA PRO C 121 16.87 -8.10 51.77
C PRO C 121 15.90 -8.95 52.58
N ASP C 122 15.42 -10.02 51.94
CA ASP C 122 14.31 -10.78 52.48
C ASP C 122 14.57 -11.22 53.92
N ASP C 123 15.74 -11.77 54.17
CA ASP C 123 16.15 -12.12 55.52
C ASP C 123 15.86 -10.97 56.48
N GLU C 124 16.28 -9.77 56.12
CA GLU C 124 15.84 -8.60 56.86
C GLU C 124 14.36 -8.32 56.62
N LYS C 125 13.95 -8.35 55.36
CA LYS C 125 12.63 -7.86 54.98
C LYS C 125 11.54 -8.64 55.69
N PHE C 126 11.84 -9.86 56.13
CA PHE C 126 10.87 -10.72 56.77
C PHE C 126 11.20 -10.85 58.24
N THR C 127 10.17 -10.74 59.07
CA THR C 127 10.19 -11.03 60.50
C THR C 127 8.90 -11.73 60.85
N ASP C 128 8.75 -12.08 62.13
CA ASP C 128 7.47 -12.59 62.57
C ASP C 128 6.38 -11.53 62.47
N GLU C 129 6.72 -10.27 62.67
CA GLU C 129 5.74 -9.19 62.57
C GLU C 129 5.76 -8.49 61.22
N ASN C 130 6.68 -8.88 60.34
CA ASN C 130 6.55 -8.54 58.93
C ASN C 130 5.55 -9.43 58.22
N THR C 131 5.50 -10.70 58.60
CA THR C 131 5.10 -11.73 57.67
C THR C 131 4.23 -12.76 58.37
N ILE C 132 3.33 -13.35 57.60
CA ILE C 132 2.68 -14.59 57.99
C ILE C 132 3.07 -15.63 56.94
N VAL C 133 3.32 -16.84 57.39
CA VAL C 133 3.84 -17.90 56.53
C VAL C 133 2.84 -19.04 56.50
N LEU C 134 2.56 -19.53 55.31
CA LEU C 134 1.71 -20.69 55.10
C LEU C 134 2.37 -21.65 54.14
N SER C 135 2.04 -22.93 54.26
CA SER C 135 2.56 -23.97 53.41
C SER C 135 1.48 -25.00 53.14
N LEU C 136 1.61 -25.67 52.00
CA LEU C 136 0.64 -26.70 51.65
C LEU C 136 1.35 -27.86 50.97
N ASN C 137 1.06 -29.07 51.43
CA ASN C 137 1.63 -30.27 50.83
C ASN C 137 0.52 -31.31 50.71
N VAL C 138 0.28 -31.76 49.49
CA VAL C 138 -0.78 -32.70 49.18
C VAL C 138 -0.29 -33.64 48.09
N LYS C 139 -0.73 -34.89 48.15
CA LYS C 139 -0.51 -35.87 47.11
C LYS C 139 -1.79 -36.66 46.86
N CYS C 140 -2.17 -36.77 45.59
CA CYS C 140 -3.33 -37.54 45.21
C CYS C 140 -2.88 -38.94 44.83
N THR C 141 -3.65 -39.93 45.25
CA THR C 141 -3.35 -41.33 44.97
C THR C 141 -4.62 -42.08 44.63
N ARG C 142 -4.44 -43.28 44.10
CA ARG C 142 -5.55 -44.15 43.75
C ARG C 142 -6.28 -44.63 45.00
N ASN C 143 -7.60 -44.58 44.95
CA ASN C 143 -8.40 -45.24 45.96
C ASN C 143 -8.65 -46.66 45.49
N PRO C 144 -8.06 -47.67 46.14
CA PRO C 144 -8.24 -49.05 45.67
C PRO C 144 -9.66 -49.55 45.82
N ASP C 145 -10.47 -48.85 46.60
CA ASP C 145 -11.76 -49.36 47.03
C ASP C 145 -12.86 -49.02 46.04
N ALA C 146 -12.47 -48.51 44.88
CA ALA C 146 -13.43 -47.91 43.96
C ALA C 146 -14.56 -48.88 43.65
N PRO C 147 -15.79 -48.52 43.96
CA PRO C 147 -16.94 -49.36 43.64
C PRO C 147 -17.31 -49.27 42.16
N LYS C 148 -16.70 -50.14 41.35
CA LYS C 148 -16.72 -50.02 39.90
C LYS C 148 -18.13 -49.71 39.39
N GLY C 149 -18.19 -48.85 38.38
CA GLY C 149 -19.39 -48.08 38.14
C GLY C 149 -19.39 -46.91 39.09
N SER C 150 -18.22 -46.30 39.25
CA SER C 150 -18.00 -45.20 40.16
C SER C 150 -17.51 -43.97 39.39
N THR C 151 -18.36 -42.95 39.34
CA THR C 151 -18.03 -41.69 38.70
C THR C 151 -17.20 -40.76 39.58
N ASP C 152 -17.55 -40.64 40.85
CA ASP C 152 -16.91 -39.67 41.73
C ASP C 152 -15.42 -39.93 41.89
N PRO C 153 -14.55 -39.03 41.44
CA PRO C 153 -13.11 -39.21 41.65
C PRO C 153 -12.73 -39.27 43.12
N LYS C 154 -13.44 -38.56 43.98
CA LYS C 154 -13.16 -38.62 45.41
C LYS C 154 -13.13 -40.06 45.89
N GLU C 155 -14.19 -40.81 45.64
CA GLU C 155 -14.15 -42.22 45.94
C GLU C 155 -13.26 -43.00 44.99
N LEU C 156 -12.98 -42.46 43.81
CA LEU C 156 -12.04 -43.10 42.93
C LEU C 156 -10.61 -42.87 43.39
N TYR C 157 -10.38 -41.83 44.18
CA TYR C 157 -9.03 -41.37 44.44
C TYR C 157 -8.85 -41.01 45.90
N ASN C 158 -7.72 -40.41 46.19
CA ASN C 158 -7.38 -39.96 47.53
C ASN C 158 -6.87 -38.53 47.42
N ASN C 159 -7.58 -37.59 48.04
CA ASN C 159 -7.26 -36.18 47.91
C ASN C 159 -7.34 -35.74 46.46
N ALA C 160 -8.56 -35.68 45.93
CA ALA C 160 -8.74 -35.27 44.54
C ALA C 160 -8.59 -33.77 44.37
N HIS C 161 -9.15 -32.99 45.30
CA HIS C 161 -9.27 -31.55 45.14
C HIS C 161 -8.51 -30.87 46.25
N VAL C 162 -8.26 -29.57 46.07
CA VAL C 162 -7.61 -28.75 47.08
C VAL C 162 -8.61 -27.70 47.52
N TYR C 163 -8.71 -27.48 48.83
CA TYR C 163 -9.70 -26.60 49.39
C TYR C 163 -9.05 -25.54 50.26
N ALA C 164 -9.82 -24.48 50.54
CA ALA C 164 -9.30 -23.42 51.38
C ALA C 164 -8.90 -23.95 52.75
N ARG C 165 -9.78 -24.71 53.39
CA ARG C 165 -9.48 -25.32 54.67
C ARG C 165 -8.18 -26.10 54.63
N ASP C 166 -7.79 -26.60 53.47
CA ASP C 166 -6.66 -27.50 53.37
C ASP C 166 -5.35 -26.84 53.75
N LEU C 167 -5.34 -25.53 53.95
CA LEU C 167 -4.10 -24.80 54.23
C LEU C 167 -3.84 -24.82 55.73
N LYS C 168 -2.57 -24.94 56.10
CA LYS C 168 -2.18 -24.99 57.50
C LYS C 168 -1.16 -23.91 57.79
N PHE C 169 -1.03 -23.56 59.06
CA PHE C 169 -0.28 -22.37 59.46
C PHE C 169 1.03 -22.73 60.14
N GLU C 170 2.04 -21.90 59.90
CA GLU C 170 3.33 -22.06 60.55
C GLU C 170 3.59 -20.87 61.46
N PRO C 171 3.62 -21.05 62.77
CA PRO C 171 3.99 -19.94 63.66
C PRO C 171 5.47 -19.63 63.57
N GLN C 172 5.82 -18.40 63.88
CA GLN C 172 7.22 -18.00 64.09
C GLN C 172 7.33 -17.13 65.32
N GLY C 173 8.07 -17.61 66.31
CA GLY C 173 8.24 -16.85 67.53
C GLY C 173 6.92 -16.49 68.14
N ARG C 174 6.74 -15.19 68.41
CA ARG C 174 5.51 -14.70 69.00
C ARG C 174 4.27 -15.12 68.24
N GLN C 175 4.39 -15.34 66.93
CA GLN C 175 3.26 -15.83 66.17
C GLN C 175 2.70 -17.10 66.78
N SER C 176 3.58 -17.95 67.31
CA SER C 176 3.11 -19.05 68.14
C SER C 176 2.30 -18.51 69.32
N THR C 177 2.82 -17.51 70.01
CA THR C 177 2.14 -16.98 71.18
C THR C 177 0.95 -16.13 70.80
N THR C 178 1.20 -15.03 70.09
CA THR C 178 0.14 -14.08 69.75
C THR C 178 -1.05 -14.78 69.11
N PHE C 179 -0.78 -15.62 68.12
CA PHE C 179 -1.83 -16.22 67.31
C PHE C 179 -2.38 -17.48 67.93
N ALA C 180 -1.77 -17.94 69.04
CA ALA C 180 -2.36 -19.04 69.78
C ALA C 180 -3.81 -18.75 70.12
N ASP C 181 -4.13 -17.50 70.42
CA ASP C 181 -5.50 -17.10 70.68
C ASP C 181 -6.30 -16.92 69.39
N CYS C 182 -5.65 -16.50 68.32
CA CYS C 182 -6.35 -16.17 67.09
C CYS C 182 -5.85 -17.03 65.94
N PRO C 183 -6.49 -18.16 65.71
CA PRO C 183 -6.04 -19.05 64.63
C PRO C 183 -6.14 -18.41 63.26
N VAL C 184 -5.23 -18.77 62.38
CA VAL C 184 -5.22 -18.29 61.00
C VAL C 184 -6.26 -19.09 60.21
N VAL C 185 -7.26 -18.40 59.68
CA VAL C 185 -8.33 -19.12 58.99
C VAL C 185 -8.66 -18.45 57.66
N PRO C 186 -8.86 -19.22 56.59
CA PRO C 186 -9.40 -18.62 55.37
C PRO C 186 -10.90 -18.40 55.49
N ALA C 187 -11.43 -17.57 54.59
CA ALA C 187 -12.84 -17.22 54.65
C ALA C 187 -13.76 -18.42 54.49
N ASP C 188 -13.68 -19.13 53.37
CA ASP C 188 -14.61 -20.22 53.06
C ASP C 188 -13.83 -21.51 52.86
N PRO C 189 -13.72 -22.31 53.92
CA PRO C 189 -12.84 -23.49 53.88
C PRO C 189 -13.01 -24.34 52.64
N ASP C 190 -14.22 -24.38 52.09
CA ASP C 190 -14.52 -25.22 50.94
C ASP C 190 -14.24 -24.53 49.63
N ILE C 191 -13.65 -23.34 49.65
CA ILE C 191 -13.18 -22.75 48.42
C ILE C 191 -12.26 -23.73 47.73
N LEU C 192 -12.56 -24.04 46.49
CA LEU C 192 -11.75 -24.98 45.73
C LEU C 192 -10.49 -24.28 45.26
N LEU C 193 -9.42 -25.04 45.11
CA LEU C 193 -8.14 -24.54 44.64
C LEU C 193 -7.66 -25.27 43.41
N ALA C 194 -7.44 -26.58 43.51
CA ALA C 194 -7.07 -27.37 42.34
C ALA C 194 -7.45 -28.82 42.56
N LYS C 195 -7.54 -29.55 41.45
CA LYS C 195 -7.93 -30.96 41.44
C LYS C 195 -6.73 -31.80 41.06
N LEU C 196 -6.72 -33.04 41.54
CA LEU C 196 -5.55 -33.89 41.35
C LEU C 196 -5.93 -35.32 41.04
N ARG C 197 -4.95 -36.02 40.47
CA ARG C 197 -5.02 -37.41 40.06
C ARG C 197 -3.91 -38.18 40.77
N PRO C 198 -4.02 -39.49 40.86
CA PRO C 198 -2.97 -40.27 41.52
C PRO C 198 -1.60 -40.04 40.91
N GLY C 199 -0.56 -40.24 41.72
CA GLY C 199 0.80 -40.03 41.29
C GLY C 199 1.19 -38.57 41.25
N GLN C 200 0.48 -37.70 41.95
CA GLN C 200 0.74 -36.28 41.91
C GLN C 200 1.10 -35.73 43.27
N GLU C 201 1.79 -34.58 43.28
CA GLU C 201 2.18 -33.92 44.52
C GLU C 201 2.22 -32.41 44.34
N ILE C 202 2.05 -31.71 45.46
CA ILE C 202 2.19 -30.28 45.51
C ILE C 202 2.98 -29.91 46.76
N SER C 203 4.13 -29.27 46.57
CA SER C 203 4.98 -28.95 47.70
C SER C 203 5.30 -27.46 47.64
N LEU C 204 4.80 -26.72 48.62
CA LEU C 204 4.91 -25.27 48.53
C LEU C 204 4.90 -24.63 49.90
N LYS C 205 5.38 -23.39 49.95
CA LYS C 205 5.27 -22.52 51.11
C LYS C 205 4.94 -21.12 50.62
N ALA C 206 4.26 -20.34 51.46
CA ALA C 206 3.74 -19.05 51.06
C ALA C 206 3.88 -18.03 52.18
N HIS C 207 4.03 -16.76 51.79
CA HIS C 207 4.07 -15.65 52.71
C HIS C 207 2.86 -14.75 52.49
N CYS C 208 2.31 -14.21 53.57
CA CYS C 208 1.23 -13.25 53.52
C CYS C 208 1.60 -12.01 54.30
N ILE C 209 1.43 -10.84 53.71
CA ILE C 209 1.90 -9.59 54.27
C ILE C 209 0.81 -8.53 54.12
N LEU C 210 1.07 -7.36 54.70
CA LEU C 210 0.12 -6.27 54.65
C LEU C 210 0.12 -5.56 53.31
N GLY C 211 -0.95 -4.82 53.05
CA GLY C 211 -1.02 -3.93 51.90
C GLY C 211 -2.41 -3.34 51.84
N ILE C 212 -2.52 -2.25 51.09
CA ILE C 212 -3.80 -1.60 50.86
C ILE C 212 -4.26 -1.91 49.44
N GLY C 213 -5.57 -2.03 49.28
CA GLY C 213 -6.12 -2.38 47.98
C GLY C 213 -5.88 -1.32 46.93
N GLY C 214 -5.57 -0.09 47.37
CA GLY C 214 -5.27 0.97 46.43
C GLY C 214 -4.23 0.56 45.41
N ASP C 215 -3.13 -0.03 45.85
CA ASP C 215 -2.15 -0.51 44.90
C ASP C 215 -2.62 -1.79 44.21
N HIS C 216 -3.03 -2.77 45.00
CA HIS C 216 -3.42 -4.04 44.40
C HIS C 216 -4.75 -4.50 44.96
N ALA C 217 -5.66 -4.84 44.06
CA ALA C 217 -7.05 -5.11 44.43
C ALA C 217 -7.19 -6.18 45.48
N LYS C 218 -6.42 -7.25 45.39
CA LYS C 218 -6.53 -8.36 46.31
C LYS C 218 -6.42 -7.92 47.75
N PHE C 219 -5.87 -6.75 47.99
CA PHE C 219 -5.90 -6.17 49.31
C PHE C 219 -7.19 -5.47 49.66
N SER C 220 -8.12 -5.30 48.74
CA SER C 220 -9.38 -4.69 49.11
C SER C 220 -10.08 -5.50 50.19
N PRO C 221 -10.28 -4.93 51.35
CA PRO C 221 -11.02 -5.64 52.39
C PRO C 221 -12.50 -5.75 52.06
N VAL C 222 -13.03 -4.78 51.34
CA VAL C 222 -14.43 -4.79 51.00
C VAL C 222 -14.62 -5.62 49.76
N SER C 223 -15.75 -6.31 49.70
CA SER C 223 -16.20 -6.82 48.42
C SER C 223 -16.47 -5.68 47.46
N THR C 224 -17.38 -4.79 47.83
CA THR C 224 -17.83 -3.72 46.96
C THR C 224 -17.87 -2.36 47.65
N ALA C 225 -18.67 -2.28 48.70
CA ALA C 225 -19.31 -1.07 49.20
C ALA C 225 -20.12 -0.42 48.08
N SER C 226 -20.42 0.87 48.22
CA SER C 226 -21.18 1.59 47.21
C SER C 226 -22.05 2.67 47.85
N TYR C 227 -22.63 3.52 47.02
CA TYR C 227 -23.48 4.60 47.52
C TYR C 227 -24.43 5.11 46.43
N ARG C 228 -25.67 5.37 46.81
CA ARG C 228 -26.68 5.87 45.90
C ARG C 228 -27.47 6.97 46.56
N LEU C 229 -28.25 7.69 45.75
CA LEU C 229 -28.94 8.87 46.20
C LEU C 229 -30.39 8.55 46.52
N LEU C 230 -30.87 9.08 47.63
CA LEU C 230 -32.28 8.98 47.93
C LEU C 230 -33.04 9.55 46.75
N PRO C 231 -33.86 8.78 46.09
CA PRO C 231 -34.61 9.33 44.96
C PRO C 231 -35.70 10.23 45.45
N GLN C 232 -36.38 10.88 44.52
CA GLN C 232 -37.47 11.77 44.89
C GLN C 232 -38.49 11.80 43.77
N ILE C 233 -39.76 11.87 44.14
CA ILE C 233 -40.85 11.86 43.18
C ILE C 233 -41.89 12.86 43.66
N ASN C 234 -42.35 13.70 42.75
CA ASN C 234 -43.36 14.70 43.05
C ASN C 234 -44.48 14.61 42.04
N ILE C 235 -45.70 14.58 42.52
CA ILE C 235 -46.88 14.48 41.68
C ILE C 235 -47.31 15.89 41.31
N LEU C 236 -47.31 16.19 40.02
CA LEU C 236 -47.65 17.52 39.57
C LEU C 236 -49.12 17.84 39.74
N GLN C 237 -49.97 16.83 39.89
CA GLN C 237 -51.41 17.04 40.02
C GLN C 237 -52.07 15.70 40.24
N PRO C 238 -53.21 15.68 40.95
CA PRO C 238 -53.75 14.43 41.48
C PRO C 238 -54.00 13.38 40.42
N ILE C 239 -53.92 12.12 40.85
CA ILE C 239 -54.08 10.95 39.99
C ILE C 239 -54.80 9.90 40.81
N LYS C 240 -55.74 9.17 40.19
CA LYS C 240 -56.56 8.26 40.94
C LYS C 240 -57.23 7.25 40.02
N GLY C 241 -58.12 6.46 40.62
CA GLY C 241 -58.86 5.49 39.86
C GLY C 241 -57.92 4.49 39.21
N GLU C 242 -58.35 3.97 38.07
CA GLU C 242 -57.54 3.06 37.30
C GLU C 242 -56.14 3.59 37.06
N SER C 243 -56.02 4.90 36.87
CA SER C 243 -54.70 5.51 36.69
C SER C 243 -53.79 5.17 37.86
N ALA C 244 -54.20 5.52 39.08
CA ALA C 244 -53.38 5.27 40.26
C ALA C 244 -52.91 3.83 40.29
N ARG C 245 -53.85 2.89 40.13
CA ARG C 245 -53.47 1.49 40.07
C ARG C 245 -52.45 1.26 38.97
N ARG C 246 -52.82 1.58 37.73
CA ARG C 246 -51.87 1.53 36.63
C ARG C 246 -50.58 2.25 37.01
N PHE C 247 -50.73 3.45 37.56
CA PHE C 247 -49.55 4.19 37.99
C PHE C 247 -48.78 3.40 39.04
N GLN C 248 -49.47 2.99 40.10
CA GLN C 248 -48.77 2.26 41.16
C GLN C 248 -48.09 1.02 40.61
N LYS C 249 -48.75 0.32 39.70
CA LYS C 249 -48.18 -0.84 39.04
C LYS C 249 -46.87 -0.52 38.34
N CYS C 250 -46.68 0.72 37.91
CA CYS C 250 -45.45 1.09 37.23
C CYS C 250 -44.23 1.01 38.13
N PHE C 251 -44.40 0.80 39.42
CA PHE C 251 -43.31 0.74 40.38
C PHE C 251 -43.29 -0.58 41.11
N PRO C 252 -42.17 -0.94 41.72
CA PRO C 252 -42.17 -2.08 42.63
C PRO C 252 -43.16 -1.87 43.74
N PRO C 253 -43.60 -2.94 44.39
CA PRO C 253 -44.62 -2.81 45.43
C PRO C 253 -44.23 -1.82 46.52
N GLY C 254 -45.21 -1.13 47.06
CA GLY C 254 -45.02 -0.24 48.19
C GLY C 254 -44.42 1.10 47.84
N VAL C 255 -43.91 1.28 46.62
CA VAL C 255 -43.33 2.56 46.26
C VAL C 255 -44.40 3.65 46.28
N ILE C 256 -45.60 3.31 45.81
CA ILE C 256 -46.71 4.25 45.77
C ILE C 256 -47.84 3.71 46.62
N GLY C 257 -48.33 4.53 47.55
CA GLY C 257 -49.58 4.27 48.22
C GLY C 257 -50.71 4.92 47.44
N ILE C 258 -51.88 4.30 47.47
CA ILE C 258 -53.10 4.92 46.96
C ILE C 258 -53.95 5.29 48.16
N ASP C 259 -54.10 6.59 48.39
CA ASP C 259 -54.87 7.04 49.53
C ASP C 259 -56.35 6.73 49.34
N GLU C 260 -56.97 6.26 50.40
CA GLU C 260 -58.38 5.88 50.35
C GLU C 260 -59.25 7.09 50.64
N GLY C 261 -60.38 7.17 49.94
CA GLY C 261 -61.32 8.25 50.10
C GLY C 261 -60.95 9.40 49.19
N SER C 262 -59.66 9.52 48.89
CA SER C 262 -59.23 10.29 47.74
C SER C 262 -59.26 9.48 46.47
N ASP C 263 -59.18 8.14 46.58
CA ASP C 263 -58.99 7.25 45.45
C ASP C 263 -57.61 7.49 44.83
N GLU C 264 -56.89 8.47 45.37
CA GLU C 264 -55.70 8.97 44.75
C GLU C 264 -54.44 8.33 45.31
N ALA C 265 -53.48 8.12 44.42
CA ALA C 265 -52.18 7.61 44.80
C ALA C 265 -51.43 8.65 45.62
N TYR C 266 -50.47 8.17 46.39
CA TYR C 266 -49.53 9.04 47.09
C TYR C 266 -48.20 8.33 47.16
N VAL C 267 -47.14 9.11 47.27
CA VAL C 267 -45.81 8.54 47.46
C VAL C 267 -45.78 7.93 48.84
N LYS C 268 -45.47 6.64 48.90
CA LYS C 268 -45.40 5.95 50.18
C LYS C 268 -43.98 6.05 50.71
N ASP C 269 -43.03 5.46 50.00
CA ASP C 269 -41.61 5.68 50.23
C ASP C 269 -40.86 5.57 48.91
N ALA C 270 -39.84 6.39 48.73
CA ALA C 270 -39.02 6.28 47.52
C ALA C 270 -37.83 5.37 47.75
N ARG C 271 -37.61 4.94 49.00
CA ARG C 271 -36.41 4.19 49.31
C ARG C 271 -36.26 2.95 48.46
N LYS C 272 -37.36 2.33 48.07
CA LYS C 272 -37.32 1.03 47.40
C LYS C 272 -37.18 1.13 45.88
N ASP C 273 -37.43 2.30 45.29
CA ASP C 273 -37.54 2.35 43.83
C ASP C 273 -36.17 2.42 43.17
N THR C 274 -36.09 1.87 41.96
CA THR C 274 -34.86 1.83 41.19
C THR C 274 -34.77 2.93 40.14
N VAL C 275 -35.81 3.76 40.00
CA VAL C 275 -35.86 4.79 38.96
C VAL C 275 -35.75 4.13 37.60
N SER C 276 -36.81 3.41 37.20
CA SER C 276 -36.81 2.78 35.88
C SER C 276 -37.45 3.65 34.81
N ARG C 277 -38.10 4.74 35.20
CA ARG C 277 -38.77 5.65 34.28
C ARG C 277 -39.82 4.96 33.44
N GLU C 278 -40.31 3.82 33.90
CA GLU C 278 -41.34 3.12 33.15
C GLU C 278 -42.58 3.98 33.00
N VAL C 279 -42.86 4.80 34.00
CA VAL C 279 -43.96 5.75 33.91
C VAL C 279 -43.89 6.51 32.61
N LEU C 280 -42.69 6.91 32.20
CA LEU C 280 -42.53 7.73 31.02
C LEU C 280 -43.01 7.04 29.75
N ARG C 281 -42.97 5.72 29.71
CA ARG C 281 -43.49 5.02 28.54
C ARG C 281 -44.99 5.18 28.43
N TYR C 282 -45.61 5.77 29.45
CA TYR C 282 -47.05 5.99 29.41
C TYR C 282 -47.33 7.48 29.34
N GLU C 283 -47.85 7.90 28.19
CA GLU C 283 -48.08 9.31 27.93
C GLU C 283 -48.88 9.97 29.04
N GLU C 284 -49.98 9.33 29.45
CA GLU C 284 -50.85 9.91 30.45
C GLU C 284 -50.08 10.36 31.69
N PHE C 285 -49.33 9.47 32.32
CA PHE C 285 -48.67 9.77 33.57
C PHE C 285 -47.42 10.62 33.39
N ALA C 286 -46.83 10.56 32.19
CA ALA C 286 -45.63 11.34 31.92
C ALA C 286 -45.85 12.82 32.20
N ASP C 287 -47.09 13.28 32.13
CA ASP C 287 -47.35 14.67 32.48
C ASP C 287 -47.24 14.94 33.97
N LYS C 288 -47.94 14.17 34.79
CA LYS C 288 -48.39 14.63 36.09
C LYS C 288 -47.38 14.41 37.20
N VAL C 289 -46.19 13.93 36.87
CA VAL C 289 -45.16 13.64 37.87
C VAL C 289 -43.81 13.99 37.29
N LYS C 290 -42.89 14.43 38.15
CA LYS C 290 -41.50 14.59 37.80
C LYS C 290 -40.65 13.71 38.71
N LEU C 291 -39.45 13.40 38.27
CA LEU C 291 -38.52 12.58 39.03
C LEU C 291 -37.50 13.50 39.67
N GLY C 292 -37.03 13.12 40.85
CA GLY C 292 -36.16 14.01 41.58
C GLY C 292 -35.18 13.33 42.50
N ARG C 293 -34.42 14.17 43.21
CA ARG C 293 -33.34 13.73 44.07
C ARG C 293 -33.21 14.68 45.24
N VAL C 294 -32.86 14.13 46.40
CA VAL C 294 -32.50 14.95 47.54
C VAL C 294 -30.99 15.10 47.53
N ARG C 295 -30.51 16.32 47.30
CA ARG C 295 -29.09 16.50 47.05
C ARG C 295 -28.25 16.12 48.25
N ASN C 296 -28.78 16.29 49.45
CA ASN C 296 -27.97 16.03 50.63
C ASN C 296 -27.94 14.54 50.95
N HIS C 297 -29.08 13.87 50.88
CA HIS C 297 -29.29 12.60 51.54
C HIS C 297 -28.81 11.45 50.67
N PHE C 298 -27.93 10.62 51.23
CA PHE C 298 -27.34 9.52 50.49
C PHE C 298 -27.70 8.21 51.17
N ILE C 299 -27.48 7.09 50.47
CA ILE C 299 -27.68 5.77 51.03
C ILE C 299 -26.43 4.96 50.72
N PHE C 300 -25.89 4.29 51.74
CA PHE C 300 -24.72 3.43 51.56
C PHE C 300 -25.09 1.98 51.76
N ASN C 301 -24.34 1.11 51.10
CA ASN C 301 -24.36 -0.32 51.37
C ASN C 301 -22.95 -0.84 51.23
N VAL C 302 -22.47 -1.58 52.23
CA VAL C 302 -21.10 -2.08 52.23
C VAL C 302 -21.13 -3.52 52.71
N GLU C 303 -20.37 -4.38 52.02
CA GLU C 303 -20.33 -5.80 52.29
C GLU C 303 -18.91 -6.24 52.57
N SER C 304 -18.70 -6.82 53.74
CA SER C 304 -17.39 -7.33 54.10
C SER C 304 -17.02 -8.52 53.22
N ALA C 305 -15.76 -8.54 52.77
CA ALA C 305 -15.24 -9.75 52.20
C ALA C 305 -15.09 -10.84 53.24
N GLY C 306 -15.33 -10.52 54.51
CA GLY C 306 -15.19 -11.50 55.58
C GLY C 306 -14.01 -11.20 56.46
N ALA C 307 -13.18 -10.25 56.07
CA ALA C 307 -12.03 -9.87 56.89
C ALA C 307 -12.46 -9.14 58.15
N MET C 308 -13.32 -8.14 58.00
CA MET C 308 -13.68 -7.25 59.09
C MET C 308 -15.12 -6.80 58.96
N THR C 309 -15.79 -6.69 60.10
CA THR C 309 -17.13 -6.16 60.12
C THR C 309 -17.14 -4.77 59.49
N PRO C 310 -18.22 -4.41 58.80
CA PRO C 310 -18.16 -3.23 57.94
C PRO C 310 -17.79 -1.95 58.68
N GLU C 311 -18.48 -1.68 59.78
CA GLU C 311 -18.22 -0.48 60.57
C GLU C 311 -16.78 -0.45 61.05
N GLU C 312 -16.27 -1.60 61.49
CA GLU C 312 -14.87 -1.72 61.86
C GLU C 312 -14.00 -1.13 60.78
N ILE C 313 -14.25 -1.52 59.53
CA ILE C 313 -13.53 -0.92 58.41
C ILE C 313 -13.85 0.56 58.35
N PHE C 314 -15.12 0.92 58.52
CA PHE C 314 -15.54 2.29 58.32
C PHE C 314 -14.79 3.26 59.22
N PHE C 315 -14.73 2.97 60.53
CA PHE C 315 -13.99 3.84 61.43
C PHE C 315 -12.63 4.17 60.88
N LYS C 316 -11.89 3.14 60.46
CA LYS C 316 -10.55 3.34 59.95
C LYS C 316 -10.56 4.39 58.85
N SER C 317 -11.49 4.27 57.90
CA SER C 317 -11.60 5.22 56.81
C SER C 317 -11.59 6.66 57.32
N VAL C 318 -12.65 7.05 58.03
CA VAL C 318 -12.72 8.39 58.59
C VAL C 318 -11.45 8.73 59.31
N ARG C 319 -11.00 7.83 60.17
CA ARG C 319 -9.76 8.04 60.90
C ARG C 319 -8.61 8.32 59.95
N ILE C 320 -8.36 7.40 59.02
CA ILE C 320 -7.30 7.58 58.04
C ILE C 320 -7.40 8.95 57.40
N LEU C 321 -8.60 9.29 56.92
CA LEU C 321 -8.79 10.59 56.31
C LEU C 321 -8.34 11.70 57.24
N LYS C 322 -8.92 11.75 58.43
CA LYS C 322 -8.48 12.69 59.44
C LYS C 322 -6.97 12.67 59.59
N ASN C 323 -6.39 11.48 59.66
CA ASN C 323 -4.95 11.38 59.88
C ASN C 323 -4.16 12.06 58.78
N LYS C 324 -4.68 12.03 57.56
CA LYS C 324 -3.96 12.65 56.45
C LYS C 324 -3.73 14.12 56.72
N ALA C 325 -4.81 14.91 56.71
CA ALA C 325 -4.69 16.32 57.01
C ALA C 325 -3.93 16.54 58.30
N GLU C 326 -4.28 15.77 59.33
CA GLU C 326 -3.47 15.72 60.54
C GLU C 326 -1.99 15.64 60.20
N TYR C 327 -1.58 14.52 59.59
CA TYR C 327 -0.21 14.45 59.09
C TYR C 327 0.13 15.63 58.22
N LEU C 328 -0.73 15.94 57.25
CA LEU C 328 -0.47 17.06 56.35
C LEU C 328 -0.29 18.36 57.11
N LYS C 329 -1.28 18.74 57.92
CA LYS C 329 -1.33 20.08 58.49
C LYS C 329 -0.06 20.40 59.26
N ASN C 330 0.65 19.38 59.72
CA ASN C 330 1.90 19.58 60.42
C ASN C 330 3.11 19.45 59.53
N CYS C 331 2.93 19.13 58.26
CA CYS C 331 4.09 18.97 57.41
C CYS C 331 4.78 20.31 57.19
N PRO C 332 6.11 20.33 57.15
CA PRO C 332 6.82 21.58 56.90
C PRO C 332 6.56 22.08 55.49
N ILE C 333 6.23 23.36 55.38
CA ILE C 333 5.90 23.97 54.10
C ILE C 333 7.17 24.64 53.59
N THR C 334 7.71 24.10 52.50
CA THR C 334 8.90 24.69 51.90
C THR C 334 8.52 25.42 50.63
N GLN C 335 9.24 26.49 50.33
CA GLN C 335 8.96 27.29 49.14
C GLN C 335 9.17 26.49 47.86
N GLU D 4 -16.58 28.04 -58.46
CA GLU D 4 -16.93 28.07 -57.05
C GLU D 4 -15.67 28.38 -56.24
N ASN D 5 -14.81 29.20 -56.82
CA ASN D 5 -13.59 29.64 -56.16
C ASN D 5 -13.85 30.81 -55.23
N GLU D 6 -15.11 31.24 -55.14
CA GLU D 6 -15.46 32.34 -54.24
C GLU D 6 -14.92 32.09 -52.84
N ARG D 7 -14.98 30.84 -52.38
CA ARG D 7 -14.32 30.49 -51.14
C ARG D 7 -12.85 30.85 -51.19
N ASN D 8 -12.15 30.32 -52.20
CA ASN D 8 -10.76 30.67 -52.40
C ASN D 8 -10.58 32.18 -52.47
N ILE D 9 -11.50 32.85 -53.16
CA ILE D 9 -11.52 34.30 -53.17
C ILE D 9 -11.61 34.82 -51.74
N SER D 10 -12.65 34.41 -51.01
CA SER D 10 -12.78 34.78 -49.61
C SER D 10 -11.53 34.41 -48.83
N ARG D 11 -11.08 33.17 -48.98
CA ARG D 11 -9.83 32.76 -48.36
C ARG D 11 -8.70 33.69 -48.70
N LEU D 12 -8.46 33.92 -49.99
CA LEU D 12 -7.44 34.88 -50.37
C LEU D 12 -7.70 36.24 -49.77
N TRP D 13 -8.90 36.78 -50.00
CA TRP D 13 -9.26 38.05 -49.42
C TRP D 13 -8.96 38.09 -47.93
N ARG D 14 -9.32 37.04 -47.22
CA ARG D 14 -9.01 37.00 -45.80
C ARG D 14 -7.52 36.86 -45.55
N ALA D 15 -6.90 35.83 -46.12
CA ALA D 15 -5.46 35.65 -45.92
C ALA D 15 -4.71 36.93 -46.27
N PHE D 16 -5.16 37.64 -47.29
CA PHE D 16 -4.67 38.98 -47.56
C PHE D 16 -4.79 39.86 -46.33
N ARG D 17 -5.97 39.88 -45.72
CA ARG D 17 -6.21 40.71 -44.55
C ARG D 17 -5.19 40.41 -43.46
N THR D 18 -4.85 39.13 -43.28
CA THR D 18 -3.90 38.75 -42.25
C THR D 18 -2.59 39.49 -42.40
N VAL D 19 -2.08 39.58 -43.62
CA VAL D 19 -0.68 39.94 -43.83
C VAL D 19 -0.39 41.32 -43.28
N LYS D 20 -1.13 42.31 -43.77
CA LYS D 20 -0.93 43.69 -43.32
C LYS D 20 -0.85 43.74 -41.81
N GLU D 21 -1.80 43.10 -41.15
CA GLU D 21 -1.86 43.06 -39.70
C GLU D 21 -0.51 42.69 -39.12
N MET D 22 0.09 41.61 -39.63
CA MET D 22 1.42 41.22 -39.18
C MET D 22 2.42 42.33 -39.45
N VAL D 23 2.41 42.85 -40.67
CA VAL D 23 3.32 43.94 -41.00
C VAL D 23 3.03 45.15 -40.14
N LYS D 24 1.76 45.51 -40.03
CA LYS D 24 1.38 46.71 -39.28
C LYS D 24 1.92 46.66 -37.86
N ASP D 25 2.02 45.45 -37.30
CA ASP D 25 2.54 45.32 -35.95
C ASP D 25 4.02 44.97 -35.97
N ARG D 26 4.60 44.81 -37.15
CA ARG D 26 6.04 44.69 -37.22
C ARG D 26 6.74 46.02 -37.44
N GLY D 27 6.02 47.13 -37.36
CA GLY D 27 6.65 48.44 -37.36
C GLY D 27 6.48 49.27 -38.60
N TYR D 28 5.71 48.82 -39.59
CA TYR D 28 5.64 49.55 -40.84
C TYR D 28 4.35 50.37 -40.93
N PHE D 29 4.48 51.53 -41.55
CA PHE D 29 3.36 52.47 -41.63
C PHE D 29 2.30 51.94 -42.58
N ILE D 30 1.08 51.83 -42.08
CA ILE D 30 -0.06 51.38 -42.85
C ILE D 30 -1.27 52.17 -42.40
N THR D 31 -2.05 52.66 -43.35
CA THR D 31 -3.33 53.25 -42.99
C THR D 31 -4.26 52.18 -42.47
N GLN D 32 -5.00 52.53 -41.42
CA GLN D 32 -5.83 51.54 -40.75
C GLN D 32 -6.86 50.95 -41.70
N GLU D 33 -7.54 51.79 -42.46
CA GLU D 33 -8.59 51.34 -43.36
C GLU D 33 -8.04 50.39 -44.41
N GLU D 34 -6.76 50.54 -44.76
CA GLU D 34 -6.13 49.65 -45.71
C GLU D 34 -6.26 48.19 -45.28
N VAL D 35 -6.25 47.95 -43.97
CA VAL D 35 -6.46 46.60 -43.46
C VAL D 35 -7.94 46.28 -43.41
N GLU D 36 -8.77 47.33 -43.40
CA GLU D 36 -10.19 47.19 -43.13
C GLU D 36 -10.96 46.80 -44.39
N LEU D 37 -10.24 46.55 -45.47
CA LEU D 37 -10.83 46.44 -46.80
C LEU D 37 -11.92 45.37 -46.88
N PRO D 38 -13.13 45.74 -47.26
CA PRO D 38 -14.16 44.72 -47.55
C PRO D 38 -13.88 43.99 -48.84
N LEU D 39 -14.57 42.86 -49.01
CA LEU D 39 -14.32 41.97 -50.14
C LEU D 39 -14.57 42.65 -51.47
N GLU D 40 -15.70 43.32 -51.60
CA GLU D 40 -16.16 43.79 -52.91
C GLU D 40 -15.16 44.71 -53.56
N ASP D 41 -14.60 45.62 -52.77
CA ASP D 41 -13.58 46.51 -53.29
C ASP D 41 -12.35 45.71 -53.69
N PHE D 42 -11.93 44.80 -52.82
CA PHE D 42 -10.88 43.86 -53.18
C PHE D 42 -11.24 43.14 -54.48
N LYS D 43 -12.48 42.66 -54.58
CA LYS D 43 -12.96 42.14 -55.85
C LYS D 43 -12.89 43.21 -56.94
N ALA D 44 -13.40 44.40 -56.63
CA ALA D 44 -13.28 45.50 -57.58
C ALA D 44 -11.82 45.76 -57.91
N LYS D 45 -10.94 45.61 -56.92
CA LYS D 45 -9.52 45.87 -57.17
C LYS D 45 -8.80 44.66 -57.72
N TYR D 46 -8.51 43.69 -56.87
CA TYR D 46 -7.57 42.64 -57.24
C TYR D 46 -8.21 41.51 -58.02
N CYS D 47 -9.52 41.31 -57.91
CA CYS D 47 -10.22 40.40 -58.80
C CYS D 47 -10.48 41.12 -60.11
N ASP D 48 -10.30 40.40 -61.20
CA ASP D 48 -10.55 40.97 -62.51
C ASP D 48 -12.04 40.88 -62.85
N SER D 49 -12.38 41.40 -64.03
CA SER D 49 -13.74 41.26 -64.54
C SER D 49 -14.03 39.79 -64.80
N MET D 50 -12.99 39.05 -65.20
CA MET D 50 -13.06 37.61 -65.29
C MET D 50 -13.42 36.94 -63.97
N GLY D 51 -13.21 37.60 -62.84
CA GLY D 51 -13.46 37.00 -61.55
C GLY D 51 -12.25 36.39 -60.90
N ARG D 52 -11.05 36.79 -61.30
CA ARG D 52 -9.85 36.16 -60.77
C ARG D 52 -8.92 37.20 -60.15
N PRO D 53 -8.34 36.87 -59.02
CA PRO D 53 -7.41 37.80 -58.37
C PRO D 53 -6.04 37.77 -59.01
N GLN D 54 -5.31 38.87 -58.94
CA GLN D 54 -3.97 38.96 -59.53
C GLN D 54 -2.97 39.26 -58.43
N ARG D 55 -2.11 38.28 -58.15
CA ARG D 55 -1.09 38.45 -57.13
C ARG D 55 -0.20 39.65 -57.44
N LYS D 56 0.04 39.88 -58.73
CA LYS D 56 1.01 40.89 -59.12
C LYS D 56 0.44 42.29 -58.97
N MET D 57 -0.88 42.41 -58.89
CA MET D 57 -1.46 43.65 -58.38
C MET D 57 -1.38 43.73 -56.87
N MET D 58 -1.30 42.60 -56.20
CA MET D 58 -1.42 42.57 -54.74
C MET D 58 -0.14 43.03 -54.06
N SER D 59 1.01 42.86 -54.71
CA SER D 59 2.29 43.08 -54.05
C SER D 59 2.57 44.57 -53.86
N PHE D 60 3.22 44.90 -52.75
CA PHE D 60 3.50 46.29 -52.42
C PHE D 60 4.67 46.38 -51.44
N GLN D 61 5.16 47.60 -51.25
CA GLN D 61 6.29 47.90 -50.40
C GLN D 61 5.83 48.57 -49.10
N ALA D 62 6.59 48.32 -48.03
CA ALA D 62 6.28 48.86 -46.70
C ALA D 62 7.46 49.66 -46.18
N ASN D 63 7.19 50.59 -45.24
CA ASN D 63 8.18 51.51 -44.71
C ASN D 63 8.00 51.73 -43.21
N PRO D 64 9.09 51.92 -42.48
CA PRO D 64 9.01 52.04 -41.01
C PRO D 64 8.27 53.28 -40.56
N THR D 65 7.92 53.29 -39.28
CA THR D 65 7.27 54.44 -38.66
C THR D 65 8.24 55.18 -37.74
N GLU D 66 7.75 56.26 -37.13
CA GLU D 66 8.59 57.09 -36.27
C GLU D 66 9.17 56.30 -35.11
N GLU D 67 8.31 55.87 -34.19
CA GLU D 67 8.77 55.07 -33.08
C GLU D 67 9.61 53.91 -33.56
N SER D 68 9.18 53.28 -34.66
CA SER D 68 10.03 52.31 -35.34
C SER D 68 11.39 52.92 -35.64
N ILE D 69 11.38 54.05 -36.36
CA ILE D 69 12.64 54.76 -36.62
C ILE D 69 13.35 55.07 -35.32
N SER D 70 12.66 55.72 -34.40
CA SER D 70 13.33 56.17 -33.19
C SER D 70 13.89 54.98 -32.40
N LYS D 71 13.02 54.08 -31.97
CA LYS D 71 13.48 52.95 -31.17
C LYS D 71 14.36 52.02 -31.95
N PHE D 72 14.03 51.74 -33.19
CA PHE D 72 14.74 50.76 -34.02
C PHE D 72 15.21 51.48 -35.27
N PRO D 73 16.25 52.31 -35.15
CA PRO D 73 16.75 53.02 -36.34
C PRO D 73 17.19 52.10 -37.45
N ASP D 74 17.43 50.83 -37.14
CA ASP D 74 17.92 49.86 -38.10
C ASP D 74 16.80 49.32 -38.99
N MET D 75 15.56 49.65 -38.67
CA MET D 75 14.43 49.14 -39.45
C MET D 75 14.41 49.80 -40.82
N GLY D 76 14.45 49.00 -41.86
CA GLY D 76 14.38 49.48 -43.23
C GLY D 76 13.06 49.19 -43.89
N SER D 77 13.00 49.48 -45.18
CA SER D 77 11.80 49.23 -45.97
C SER D 77 11.53 47.75 -46.10
N LEU D 78 10.29 47.42 -46.44
CA LEU D 78 9.85 46.05 -46.58
C LEU D 78 9.10 45.88 -47.89
N TRP D 79 9.31 44.74 -48.56
CA TRP D 79 8.57 44.41 -49.75
C TRP D 79 7.62 43.26 -49.47
N VAL D 80 6.46 43.29 -50.09
CA VAL D 80 5.46 42.24 -50.00
C VAL D 80 5.28 41.64 -51.38
N GLU D 81 5.27 40.31 -51.46
CA GLU D 81 5.13 39.63 -52.75
C GLU D 81 4.30 38.36 -52.58
N PHE D 82 3.75 37.87 -53.69
CA PHE D 82 2.82 36.75 -53.69
C PHE D 82 3.24 35.79 -54.79
N CYS D 83 2.74 34.56 -54.72
CA CYS D 83 2.92 33.63 -55.83
C CYS D 83 1.63 33.53 -56.62
N ASP D 84 1.71 33.83 -57.91
CA ASP D 84 0.59 33.56 -58.79
C ASP D 84 0.57 32.11 -59.24
N GLU D 85 1.72 31.50 -59.43
CA GLU D 85 1.97 30.14 -59.85
C GLU D 85 1.46 29.17 -58.80
N PRO D 86 1.00 27.99 -59.18
CA PRO D 86 0.60 26.99 -58.17
C PRO D 86 1.75 26.64 -57.25
N SER D 87 2.91 26.35 -57.80
CA SER D 87 4.08 25.95 -57.03
C SER D 87 5.23 26.89 -57.33
N VAL D 88 6.24 26.83 -56.48
CA VAL D 88 7.36 27.77 -56.52
C VAL D 88 8.57 27.09 -57.12
N GLY D 89 9.13 27.71 -58.16
CA GLY D 89 10.38 27.25 -58.73
C GLY D 89 11.55 28.15 -58.36
N VAL D 90 12.74 27.65 -58.66
CA VAL D 90 13.98 28.38 -58.39
C VAL D 90 14.06 29.69 -59.13
N LYS D 91 13.62 29.73 -60.39
CA LYS D 91 13.74 30.95 -61.19
C LYS D 91 13.05 32.12 -60.51
N THR D 92 11.75 31.98 -60.24
CA THR D 92 11.06 33.01 -59.49
C THR D 92 11.70 33.21 -58.13
N MET D 93 12.06 32.11 -57.46
CA MET D 93 12.81 32.22 -56.21
C MET D 93 14.08 33.05 -56.42
N LYS D 94 14.80 32.78 -57.51
CA LYS D 94 15.94 33.61 -57.84
C LYS D 94 15.49 35.02 -58.21
N THR D 95 14.44 35.12 -59.02
CA THR D 95 13.90 36.43 -59.37
C THR D 95 13.59 37.24 -58.12
N PHE D 96 12.98 36.60 -57.14
CA PHE D 96 12.59 37.30 -55.91
C PHE D 96 13.81 37.72 -55.11
N VAL D 97 14.79 36.81 -54.97
CA VAL D 97 16.03 37.15 -54.29
C VAL D 97 16.65 38.39 -54.93
N ILE D 98 16.76 38.39 -56.25
CA ILE D 98 17.37 39.52 -56.94
C ILE D 98 16.52 40.77 -56.80
N HIS D 99 15.24 40.65 -57.18
CA HIS D 99 14.36 41.82 -57.20
C HIS D 99 14.41 42.57 -55.89
N ILE D 100 14.46 41.85 -54.77
CA ILE D 100 14.68 42.49 -53.49
C ILE D 100 16.07 43.11 -53.44
N GLN D 101 17.08 42.34 -53.82
CA GLN D 101 18.45 42.85 -53.78
C GLN D 101 18.62 44.01 -54.75
N GLU D 102 17.79 44.03 -55.81
CA GLU D 102 17.82 45.13 -56.75
C GLU D 102 17.58 46.46 -56.04
N LYS D 103 16.39 46.65 -55.50
CA LYS D 103 16.00 47.92 -54.90
C LYS D 103 16.56 48.08 -53.50
N ASN D 104 17.25 47.06 -53.00
CA ASN D 104 17.82 47.05 -51.67
C ASN D 104 16.73 47.26 -50.61
N PHE D 105 15.82 46.30 -50.55
CA PHE D 105 14.88 46.20 -49.44
C PHE D 105 15.62 45.65 -48.22
N GLN D 106 15.37 46.26 -47.07
CA GLN D 106 15.89 45.69 -45.84
C GLN D 106 15.44 44.26 -45.64
N THR D 107 14.18 43.98 -45.96
CA THR D 107 13.64 42.64 -45.87
C THR D 107 12.65 42.42 -47.01
N GLY D 108 12.76 41.27 -47.65
CA GLY D 108 11.72 40.84 -48.56
C GLY D 108 10.76 39.90 -47.89
N ILE D 109 9.52 39.86 -48.38
CA ILE D 109 8.54 38.89 -47.94
C ILE D 109 7.75 38.42 -49.15
N PHE D 110 7.62 37.12 -49.28
CA PHE D 110 6.95 36.49 -50.41
C PHE D 110 5.81 35.64 -49.87
N VAL D 111 4.81 35.41 -50.71
CA VAL D 111 3.72 34.51 -50.36
C VAL D 111 3.68 33.44 -51.45
N TYR D 112 4.04 32.22 -51.08
CA TYR D 112 3.82 31.10 -51.97
C TYR D 112 2.38 30.62 -51.83
N GLN D 113 1.89 29.99 -52.89
CA GLN D 113 0.58 29.38 -52.78
C GLN D 113 0.62 28.07 -52.00
N ASN D 114 1.32 27.05 -52.50
CA ASN D 114 1.47 25.85 -51.69
C ASN D 114 2.91 25.36 -51.64
N ASN D 115 3.48 25.00 -52.79
CA ASN D 115 4.65 24.13 -52.85
C ASN D 115 5.87 24.93 -53.26
N ILE D 116 7.03 24.53 -52.74
CA ILE D 116 8.31 25.14 -53.06
C ILE D 116 9.29 24.03 -53.37
N THR D 117 10.13 24.23 -54.37
CA THR D 117 11.18 23.27 -54.66
C THR D 117 12.24 23.33 -53.58
N PRO D 118 12.74 22.20 -53.08
CA PRO D 118 13.77 22.22 -52.04
C PRO D 118 15.05 22.90 -52.47
N SER D 119 15.30 23.01 -53.77
CA SER D 119 16.48 23.74 -54.23
C SER D 119 16.27 25.24 -54.10
N ALA D 120 15.11 25.73 -54.50
CA ALA D 120 14.74 27.10 -54.21
C ALA D 120 14.80 27.38 -52.70
N MET D 121 14.50 26.36 -51.90
CA MET D 121 14.71 26.46 -50.46
C MET D 121 16.17 26.70 -50.11
N LYS D 122 17.09 26.43 -51.02
CA LYS D 122 18.48 26.72 -50.75
C LYS D 122 18.87 28.06 -51.36
N LEU D 123 17.94 28.70 -52.07
CA LEU D 123 18.14 30.11 -52.38
C LEU D 123 17.75 30.97 -51.25
N VAL D 124 17.30 30.34 -50.17
CA VAL D 124 16.94 31.05 -48.97
C VAL D 124 18.18 31.67 -48.33
N PRO D 125 19.31 30.94 -48.16
CA PRO D 125 20.48 31.59 -47.58
C PRO D 125 21.28 32.35 -48.63
N SER D 126 20.59 33.13 -49.47
CA SER D 126 21.28 33.75 -50.60
C SER D 126 22.00 35.04 -50.21
N ILE D 127 21.31 35.97 -49.56
CA ILE D 127 21.79 37.35 -49.54
C ILE D 127 21.71 37.98 -48.15
N PRO D 128 22.58 37.59 -47.21
CA PRO D 128 22.73 38.39 -45.99
C PRO D 128 23.25 39.77 -46.34
N PRO D 129 23.04 40.77 -45.47
CA PRO D 129 22.30 40.77 -44.22
C PRO D 129 20.78 40.73 -44.38
N ALA D 130 20.27 41.26 -45.48
CA ALA D 130 18.83 41.32 -45.69
C ALA D 130 18.22 39.93 -45.64
N THR D 131 16.98 39.86 -45.18
CA THR D 131 16.32 38.58 -44.96
C THR D 131 15.08 38.45 -45.83
N ILE D 132 14.68 37.21 -46.07
CA ILE D 132 13.68 36.85 -47.06
C ILE D 132 12.67 35.91 -46.42
N GLU D 133 11.40 36.06 -46.77
CA GLU D 133 10.34 35.26 -46.17
C GLU D 133 9.29 34.87 -47.20
N THR D 134 8.85 33.62 -47.11
CA THR D 134 7.81 33.06 -47.96
C THR D 134 6.84 32.27 -47.09
N PHE D 135 5.55 32.62 -47.18
CA PHE D 135 4.59 32.08 -46.22
C PHE D 135 3.44 31.38 -46.91
N ASN D 136 2.73 30.57 -46.13
CA ASN D 136 1.61 29.80 -46.64
C ASN D 136 0.35 30.63 -46.65
N GLU D 137 -0.37 30.55 -47.77
CA GLU D 137 -1.66 31.20 -47.89
C GLU D 137 -2.65 30.63 -46.88
N ALA D 138 -2.87 29.31 -46.94
CA ALA D 138 -3.81 28.68 -46.03
C ALA D 138 -3.48 28.96 -44.58
N ALA D 139 -2.23 28.79 -44.18
CA ALA D 139 -1.80 29.08 -42.82
C ALA D 139 -2.15 30.49 -42.40
N LEU D 140 -2.16 31.44 -43.33
CA LEU D 140 -2.48 32.81 -43.00
C LEU D 140 -3.96 33.12 -43.09
N VAL D 141 -4.80 32.13 -43.35
CA VAL D 141 -6.23 32.38 -43.39
C VAL D 141 -6.77 32.62 -41.98
N VAL D 142 -5.94 32.43 -40.96
CA VAL D 142 -6.37 32.62 -39.58
C VAL D 142 -5.28 33.35 -38.81
N ASN D 143 -5.68 34.40 -38.09
CA ASN D 143 -4.78 35.15 -37.22
C ASN D 143 -4.57 34.36 -35.93
N ILE D 144 -3.32 34.06 -35.60
CA ILE D 144 -3.04 33.49 -34.30
C ILE D 144 -2.98 34.54 -33.22
N THR D 145 -2.51 35.76 -33.55
CA THR D 145 -2.38 36.80 -32.55
C THR D 145 -3.69 37.20 -31.95
N HIS D 146 -4.81 36.77 -32.52
CA HIS D 146 -6.04 36.87 -31.78
C HIS D 146 -6.48 35.45 -31.45
N HIS D 147 -6.27 35.04 -30.21
CA HIS D 147 -6.89 33.87 -29.65
C HIS D 147 -6.88 34.04 -28.14
N GLU D 148 -7.91 33.53 -27.48
CA GLU D 148 -8.04 33.82 -26.06
C GLU D 148 -6.94 33.16 -25.25
N LEU D 149 -6.22 32.23 -25.86
CA LEU D 149 -5.07 31.62 -25.21
C LEU D 149 -3.76 32.27 -25.61
N VAL D 150 -3.79 33.22 -26.53
CA VAL D 150 -2.55 33.76 -27.07
C VAL D 150 -2.16 35.05 -26.35
N PRO D 151 -1.01 35.07 -25.69
CA PRO D 151 -0.57 36.30 -25.05
C PRO D 151 -0.01 37.28 -26.08
N LYS D 152 0.08 38.53 -25.65
CA LYS D 152 0.64 39.57 -26.49
C LYS D 152 2.15 39.40 -26.53
N HIS D 153 2.80 39.97 -27.55
CA HIS D 153 4.25 39.87 -27.70
C HIS D 153 4.80 41.15 -28.29
N ILE D 154 5.88 41.67 -27.70
CA ILE D 154 6.52 42.90 -28.17
C ILE D 154 8.03 42.74 -28.11
N ARG D 155 8.70 43.09 -29.22
CA ARG D 155 10.14 43.00 -29.29
C ARG D 155 10.79 44.11 -28.48
N LEU D 156 12.02 43.87 -28.05
CA LEU D 156 12.68 44.77 -27.12
C LEU D 156 13.88 45.43 -27.76
N SER D 157 14.18 46.65 -27.32
CA SER D 157 15.40 47.31 -27.77
C SER D 157 16.59 46.82 -26.93
N SER D 158 17.78 46.91 -27.55
CA SER D 158 18.98 46.38 -26.92
C SER D 158 19.25 47.03 -25.57
N ASP D 159 19.00 48.33 -25.46
CA ASP D 159 19.24 49.01 -24.20
C ASP D 159 18.36 48.43 -23.11
N GLU D 160 17.07 48.31 -23.39
CA GLU D 160 16.17 47.55 -22.52
C GLU D 160 16.80 46.23 -22.15
N LYS D 161 17.31 45.51 -23.15
CA LYS D 161 17.94 44.22 -22.92
C LYS D 161 19.11 44.34 -21.97
N ARG D 162 20.10 45.18 -22.31
CA ARG D 162 21.31 45.27 -21.50
C ARG D 162 20.97 45.69 -20.07
N GLU D 163 19.97 46.55 -19.92
CA GLU D 163 19.51 46.93 -18.60
C GLU D 163 18.97 45.73 -17.85
N LEU D 164 18.06 45.01 -18.49
CA LEU D 164 17.36 43.92 -17.82
C LEU D 164 18.34 42.91 -17.28
N LEU D 165 19.34 42.53 -18.08
CA LEU D 165 20.42 41.69 -17.58
C LEU D 165 21.08 42.33 -16.37
N LYS D 166 21.60 43.54 -16.55
CA LYS D 166 22.16 44.28 -15.42
C LYS D 166 21.19 44.32 -14.26
N ARG D 167 19.91 44.47 -14.54
CA ARG D 167 18.93 44.58 -13.46
C ARG D 167 18.84 43.29 -12.68
N TYR D 168 18.84 42.15 -13.36
CA TYR D 168 18.82 40.87 -12.68
C TYR D 168 20.20 40.23 -12.59
N ARG D 169 21.23 40.85 -13.14
CA ARG D 169 22.58 40.30 -13.11
C ARG D 169 22.61 38.89 -13.69
N LEU D 170 22.32 38.79 -14.98
CA LEU D 170 22.11 37.49 -15.62
C LEU D 170 22.84 37.36 -16.94
N LYS D 171 23.25 36.14 -17.24
CA LYS D 171 23.83 35.81 -18.53
C LYS D 171 22.75 35.69 -19.60
N GLU D 172 23.19 35.76 -20.86
CA GLU D 172 22.30 35.57 -22.00
C GLU D 172 21.47 34.31 -21.85
N SER D 173 22.14 33.19 -21.61
CA SER D 173 21.49 31.88 -21.65
C SER D 173 20.71 31.56 -20.40
N GLN D 174 20.97 32.21 -19.28
CA GLN D 174 20.23 31.94 -18.05
C GLN D 174 18.77 32.27 -18.17
N LEU D 175 18.36 32.89 -19.28
CA LEU D 175 17.01 33.38 -19.43
C LEU D 175 16.10 32.31 -20.00
N PRO D 176 14.79 32.46 -19.86
CA PRO D 176 13.86 31.49 -20.45
C PRO D 176 13.94 31.53 -21.97
N ARG D 177 13.99 30.34 -22.54
CA ARG D 177 14.24 30.12 -23.95
C ARG D 177 12.94 29.91 -24.71
N ILE D 178 12.90 30.40 -25.95
CA ILE D 178 11.82 30.09 -26.88
C ILE D 178 12.45 29.65 -28.21
N GLN D 179 11.87 28.64 -28.84
CA GLN D 179 12.43 28.13 -30.07
C GLN D 179 12.04 29.01 -31.24
N ARG D 180 12.94 29.10 -32.23
CA ARG D 180 12.76 30.07 -33.30
C ARG D 180 11.74 29.61 -34.33
N ALA D 181 11.53 28.30 -34.46
CA ALA D 181 10.54 27.76 -35.37
C ALA D 181 9.12 28.16 -35.00
N ASP D 182 8.94 28.78 -33.85
CA ASP D 182 7.62 29.22 -33.41
C ASP D 182 6.97 30.07 -34.49
N PRO D 183 5.78 29.70 -34.95
CA PRO D 183 5.02 30.60 -35.83
C PRO D 183 4.92 32.00 -35.28
N VAL D 184 4.66 32.12 -33.98
CA VAL D 184 4.64 33.43 -33.34
C VAL D 184 5.93 34.17 -33.60
N ALA D 185 7.06 33.54 -33.28
CA ALA D 185 8.35 34.13 -33.62
C ALA D 185 8.41 34.45 -35.10
N LEU D 186 8.06 33.47 -35.93
CA LEU D 186 7.94 33.72 -37.36
C LEU D 186 6.96 34.86 -37.62
N TYR D 187 5.94 35.00 -36.79
CA TYR D 187 4.95 36.04 -37.04
C TYR D 187 5.55 37.42 -36.82
N LEU D 188 6.49 37.53 -35.89
CA LEU D 188 7.15 38.82 -35.73
C LEU D 188 8.47 38.91 -36.46
N GLY D 189 8.91 37.84 -37.10
CA GLY D 189 10.15 37.90 -37.84
C GLY D 189 11.34 38.21 -36.96
N LEU D 190 11.58 37.38 -35.95
CA LEU D 190 12.54 37.76 -34.93
C LEU D 190 13.86 37.01 -35.10
N LYS D 191 14.95 37.74 -35.00
CA LYS D 191 16.28 37.17 -35.09
C LYS D 191 16.68 36.53 -33.77
N ARG D 192 17.62 35.59 -33.86
CA ARG D 192 18.14 34.93 -32.67
C ARG D 192 18.74 35.96 -31.73
N GLY D 193 18.70 35.64 -30.43
CA GLY D 193 19.22 36.52 -29.41
C GLY D 193 18.28 37.62 -28.98
N GLU D 194 17.24 37.88 -29.75
CA GLU D 194 16.28 38.90 -29.38
C GLU D 194 15.41 38.40 -28.24
N VAL D 195 14.93 39.34 -27.44
CA VAL D 195 14.03 39.05 -26.33
C VAL D 195 12.81 39.93 -26.50
N VAL D 196 11.68 39.49 -26.00
CA VAL D 196 10.41 40.15 -26.24
C VAL D 196 9.64 40.26 -24.95
N LYS D 197 8.94 41.38 -24.77
CA LYS D 197 8.03 41.53 -23.66
C LYS D 197 6.88 40.56 -23.84
N ILE D 198 6.41 40.01 -22.74
CA ILE D 198 5.37 39.00 -22.75
C ILE D 198 4.36 39.37 -21.69
N ILE D 199 3.11 39.51 -22.09
CA ILE D 199 2.05 39.84 -21.16
C ILE D 199 1.21 38.59 -20.97
N ARG D 200 1.30 38.01 -19.78
CA ARG D 200 0.38 36.98 -19.37
C ARG D 200 -0.59 37.58 -18.39
N LYS D 201 -1.84 37.21 -18.50
CA LYS D 201 -2.80 37.57 -17.47
C LYS D 201 -2.87 36.41 -16.48
N SER D 202 -2.37 36.63 -15.28
CA SER D 202 -2.62 35.69 -14.21
C SER D 202 -4.11 35.67 -13.92
N GLU D 203 -4.60 34.52 -13.47
CA GLU D 203 -5.95 34.48 -12.93
C GLU D 203 -5.98 35.00 -11.51
N THR D 204 -4.96 34.67 -10.72
CA THR D 204 -4.85 35.26 -9.39
C THR D 204 -4.41 36.71 -9.51
N SER D 205 -3.18 36.92 -9.93
CA SER D 205 -2.68 38.27 -10.13
C SER D 205 -3.29 38.87 -11.38
N GLY D 206 -2.95 40.12 -11.64
CA GLY D 206 -3.45 40.77 -12.83
C GLY D 206 -2.54 40.45 -13.98
N ARG D 207 -2.45 41.38 -14.93
CA ARG D 207 -1.50 41.23 -16.02
C ARG D 207 -0.10 41.00 -15.46
N TYR D 208 0.54 39.96 -15.96
CA TYR D 208 1.85 39.57 -15.44
C TYR D 208 2.84 39.56 -16.58
N ALA D 209 3.86 40.40 -16.48
CA ALA D 209 4.87 40.52 -17.51
C ALA D 209 5.80 39.32 -17.45
N SER D 210 6.51 39.08 -18.56
CA SER D 210 7.52 38.04 -18.63
C SER D 210 8.33 38.20 -19.91
N TYR D 211 9.28 37.31 -20.11
CA TYR D 211 10.20 37.43 -21.24
C TYR D 211 10.69 36.06 -21.68
N ARG D 212 10.99 35.96 -22.97
CA ARG D 212 11.67 34.82 -23.55
C ARG D 212 12.71 35.35 -24.52
N ILE D 213 13.72 34.55 -24.78
CA ILE D 213 14.80 34.94 -25.68
C ILE D 213 14.68 34.11 -26.95
N CYS D 214 14.76 34.79 -28.08
CA CYS D 214 14.65 34.14 -29.38
C CYS D 214 15.80 33.17 -29.55
N MET D 215 15.48 31.92 -29.84
CA MET D 215 16.48 30.89 -30.07
C MET D 215 16.10 30.00 -31.24
N ASP E 57 53.81 34.49 -6.14
CA ASP E 57 52.73 33.85 -6.88
C ASP E 57 51.69 33.24 -5.95
N PHE E 58 52.15 32.55 -4.89
CA PHE E 58 51.28 32.20 -3.78
C PHE E 58 50.57 33.44 -3.24
N GLN E 59 51.29 34.56 -3.17
CA GLN E 59 50.66 35.82 -2.82
C GLN E 59 49.77 36.32 -3.94
N GLN E 60 50.25 36.22 -5.19
CA GLN E 60 49.39 36.48 -6.34
C GLN E 60 48.16 35.60 -6.29
N HIS E 61 48.34 34.32 -5.98
CA HIS E 61 47.21 33.42 -5.78
C HIS E 61 46.24 34.00 -4.76
N GLU E 62 46.75 34.74 -3.78
CA GLU E 62 45.89 35.40 -2.81
C GLU E 62 45.31 36.69 -3.38
N GLN E 63 46.01 37.31 -4.32
CA GLN E 63 45.58 38.62 -4.83
C GLN E 63 44.25 38.54 -5.55
N ILE E 64 44.12 37.61 -6.49
CA ILE E 64 42.89 37.50 -7.28
C ILE E 64 41.71 37.20 -6.36
N ARG E 65 41.96 36.50 -5.26
CA ARG E 65 40.90 36.17 -4.31
C ARG E 65 40.21 37.44 -3.79
N ARG E 66 40.99 38.32 -3.17
CA ARG E 66 40.38 39.48 -2.52
C ARG E 66 39.85 40.48 -3.54
N LYS E 67 40.36 40.44 -4.76
CA LYS E 67 39.83 41.31 -5.81
C LYS E 67 38.43 40.87 -6.22
N THR E 68 38.29 39.61 -6.60
CA THR E 68 36.96 39.10 -6.91
C THR E 68 36.05 39.18 -5.70
N LEU E 69 36.62 39.04 -4.49
CA LEU E 69 35.91 39.42 -3.28
C LEU E 69 35.38 40.84 -3.38
N LYS E 70 36.22 41.76 -3.88
CA LYS E 70 35.80 43.15 -3.97
C LYS E 70 34.82 43.35 -5.12
N GLU E 71 34.69 42.35 -6.00
CA GLU E 71 33.79 42.49 -7.14
C GLU E 71 32.33 42.23 -6.74
N LYS E 72 32.09 41.19 -5.96
CA LYS E 72 30.73 40.72 -5.71
C LYS E 72 30.14 41.25 -4.40
N ALA E 73 30.88 42.11 -3.70
CA ALA E 73 30.38 42.75 -2.49
C ALA E 73 29.76 44.08 -2.90
N ILE E 74 28.44 44.16 -2.80
CA ILE E 74 27.70 45.35 -3.21
C ILE E 74 27.72 46.35 -2.07
N PRO E 75 28.01 47.63 -2.33
CA PRO E 75 28.11 48.60 -1.23
C PRO E 75 26.79 48.76 -0.50
N LYS E 76 26.91 49.09 0.78
CA LYS E 76 25.77 49.13 1.69
C LYS E 76 24.64 49.97 1.13
N ASP E 77 24.96 51.14 0.58
CA ASP E 77 23.98 52.05 0.00
C ASP E 77 23.14 51.41 -1.09
N GLN E 78 23.68 50.44 -1.81
CA GLN E 78 23.01 49.84 -2.95
C GLN E 78 22.25 48.59 -2.58
N ARG E 79 22.20 48.24 -1.30
CA ARG E 79 21.56 46.99 -0.93
C ARG E 79 20.05 47.07 -1.15
N ALA E 80 19.55 46.17 -2.00
CA ALA E 80 18.15 46.20 -2.41
C ALA E 80 17.24 45.20 -1.70
N THR E 81 17.75 44.36 -0.80
CA THR E 81 16.88 43.38 -0.17
C THR E 81 16.07 44.03 0.94
N THR E 82 15.22 43.24 1.56
CA THR E 82 14.31 43.79 2.56
C THR E 82 14.97 43.77 3.94
N PRO E 83 14.68 44.74 4.79
CA PRO E 83 15.16 44.70 6.17
C PRO E 83 14.51 43.62 7.02
N TYR E 84 13.41 43.04 6.57
CA TYR E 84 12.78 41.94 7.29
C TYR E 84 13.71 40.73 7.29
N MET E 85 13.47 39.82 8.24
CA MET E 85 14.31 38.65 8.37
C MET E 85 13.51 37.38 8.10
N THR E 86 14.11 36.46 7.36
CA THR E 86 13.44 35.22 7.05
C THR E 86 13.33 34.35 8.29
N LYS E 87 12.24 33.60 8.34
CA LYS E 87 12.15 32.53 9.32
C LYS E 87 13.37 31.64 9.29
N TYR E 88 13.89 31.34 8.10
CA TYR E 88 15.13 30.57 8.03
C TYR E 88 16.23 31.22 8.84
N GLU E 89 16.68 32.39 8.39
CA GLU E 89 17.92 32.95 8.91
C GLU E 89 17.80 33.24 10.39
N ARG E 90 16.72 33.88 10.80
CA ARG E 90 16.47 34.07 12.22
C ARG E 90 16.68 32.77 12.98
N ALA E 91 16.06 31.70 12.50
CA ALA E 91 16.26 30.40 13.13
C ALA E 91 17.73 30.03 13.18
N ARG E 92 18.38 30.05 12.03
CA ARG E 92 19.77 29.59 11.99
C ARG E 92 20.64 30.41 12.93
N ILE E 93 20.42 31.73 12.97
CA ILE E 93 21.19 32.58 13.87
C ILE E 93 21.18 32.02 15.28
N LEU E 94 19.99 31.78 15.80
CA LEU E 94 19.86 31.49 17.22
C LEU E 94 20.67 30.26 17.59
N GLY E 95 20.37 29.13 16.97
CA GLY E 95 21.15 27.93 17.23
C GLY E 95 22.63 28.18 17.06
N THR E 96 22.99 28.85 15.98
CA THR E 96 24.38 29.20 15.78
C THR E 96 24.92 29.98 16.97
N ARG E 97 24.25 31.08 17.32
CA ARG E 97 24.66 31.85 18.48
C ARG E 97 24.75 30.96 19.71
N ALA E 98 23.81 30.03 19.86
CA ALA E 98 23.84 29.15 21.02
C ALA E 98 25.12 28.34 21.08
N LEU E 99 25.47 27.69 19.97
CA LEU E 99 26.69 26.87 19.96
C LEU E 99 27.89 27.66 20.42
N GLN E 100 27.93 28.96 20.10
CA GLN E 100 28.95 29.80 20.68
C GLN E 100 28.86 29.80 22.20
N ILE E 101 27.68 30.09 22.73
CA ILE E 101 27.51 30.14 24.18
C ILE E 101 27.97 28.84 24.80
N SER E 102 27.70 27.72 24.15
CA SER E 102 28.14 26.41 24.61
C SER E 102 29.65 26.34 24.77
N MET E 103 30.39 27.17 24.04
CA MET E 103 31.84 27.21 24.13
C MET E 103 32.27 28.19 25.20
N ASN E 104 31.31 28.68 25.97
CA ASN E 104 31.55 29.62 27.06
C ASN E 104 32.01 30.98 26.54
N ALA E 105 31.43 31.40 25.43
CA ALA E 105 31.70 32.74 24.93
C ALA E 105 31.08 33.76 25.88
N PRO E 106 31.68 34.95 26.01
CA PRO E 106 31.08 35.99 26.84
C PRO E 106 29.68 36.35 26.34
N VAL E 107 28.88 36.93 27.24
CA VAL E 107 27.47 37.16 26.97
C VAL E 107 27.15 38.62 27.26
N PHE E 108 26.24 39.19 26.47
CA PHE E 108 25.79 40.56 26.64
C PHE E 108 24.58 40.67 27.55
N VAL E 109 24.12 39.55 28.11
CA VAL E 109 22.90 39.53 28.91
C VAL E 109 23.14 38.60 30.09
N ASP E 110 22.23 38.62 31.05
CA ASP E 110 22.41 37.88 32.29
C ASP E 110 21.56 36.61 32.28
N LEU E 111 22.06 35.57 32.94
CA LEU E 111 21.46 34.25 32.82
C LEU E 111 20.06 34.18 33.40
N GLU E 112 19.84 34.77 34.56
CA GLU E 112 18.62 34.52 35.34
C GLU E 112 18.51 33.02 35.64
N GLY E 113 19.65 32.38 35.77
CA GLY E 113 19.70 30.95 36.00
C GLY E 113 19.16 30.10 34.87
N GLU E 114 19.02 30.66 33.67
CA GLU E 114 18.55 29.85 32.56
C GLU E 114 19.62 28.87 32.14
N THR E 115 19.29 27.59 32.20
CA THR E 115 20.22 26.54 31.79
C THR E 115 20.07 26.12 30.35
N ASP E 116 19.01 26.54 29.67
CA ASP E 116 18.85 26.21 28.27
C ASP E 116 19.64 27.19 27.43
N PRO E 117 20.72 26.77 26.78
CA PRO E 117 21.39 27.66 25.84
C PRO E 117 20.44 28.19 24.78
N LEU E 118 19.43 27.41 24.40
CA LEU E 118 18.44 27.88 23.44
C LEU E 118 17.74 29.14 23.94
N ARG E 119 17.08 29.05 25.09
CA ARG E 119 16.34 30.20 25.58
C ARG E 119 17.26 31.38 25.82
N ILE E 120 18.49 31.11 26.22
CA ILE E 120 19.46 32.16 26.48
C ILE E 120 19.62 33.05 25.25
N ALA E 121 19.94 32.45 24.10
CA ALA E 121 20.15 33.25 22.90
C ALA E 121 18.88 34.01 22.54
N MET E 122 17.72 33.40 22.75
CA MET E 122 16.46 34.11 22.52
C MET E 122 16.43 35.41 23.30
N LYS E 123 17.00 35.42 24.49
CA LYS E 123 16.98 36.62 25.32
C LYS E 123 17.84 37.71 24.69
N GLU E 124 19.03 37.35 24.20
CA GLU E 124 19.82 38.31 23.45
C GLU E 124 19.08 38.81 22.24
N LEU E 125 18.42 37.89 21.51
CA LEU E 125 17.59 38.29 20.39
C LEU E 125 16.59 39.35 20.81
N ALA E 126 15.99 39.17 21.99
CA ALA E 126 15.09 40.19 22.51
C ALA E 126 15.82 41.51 22.71
N GLU E 127 17.12 41.46 22.96
CA GLU E 127 17.91 42.66 23.18
C GLU E 127 18.62 43.15 21.93
N LYS E 128 18.53 42.42 20.82
CA LYS E 128 19.20 42.79 19.59
C LYS E 128 20.71 42.87 19.81
N LYS E 129 21.19 42.15 20.81
CA LYS E 129 22.60 42.21 21.20
C LYS E 129 23.39 41.07 20.58
N ILE E 130 22.75 40.23 19.78
CA ILE E 130 23.41 39.12 19.11
C ILE E 130 24.42 39.71 18.13
N PRO E 131 25.70 39.50 18.33
CA PRO E 131 26.75 40.23 17.59
C PRO E 131 27.25 39.51 16.34
N LEU E 132 26.48 39.59 15.25
CA LEU E 132 26.94 39.08 13.97
C LEU E 132 26.38 39.90 12.82
N VAL E 133 26.73 39.47 11.61
CA VAL E 133 26.31 40.13 10.38
C VAL E 133 25.91 39.03 9.41
N ILE E 134 25.06 39.36 8.44
CA ILE E 134 24.44 38.38 7.57
C ILE E 134 24.83 38.69 6.13
N ARG E 135 25.11 37.65 5.36
CA ARG E 135 25.39 37.79 3.93
C ARG E 135 24.42 36.90 3.18
N ARG E 136 24.07 37.33 1.98
CA ARG E 136 23.07 36.67 1.17
C ARG E 136 23.58 36.60 -0.26
N TYR E 137 23.79 35.40 -0.78
CA TYR E 137 24.30 35.26 -2.14
C TYR E 137 23.17 35.48 -3.13
N LEU E 138 23.32 36.48 -3.97
CA LEU E 138 22.61 36.41 -5.22
C LEU E 138 23.16 35.24 -6.01
N PRO E 139 22.32 34.61 -6.84
CA PRO E 139 22.77 33.42 -7.57
C PRO E 139 24.04 33.62 -8.38
N ASP E 140 24.38 34.85 -8.77
CA ASP E 140 25.55 35.13 -9.57
C ASP E 140 26.83 35.19 -8.74
N GLY E 141 26.74 34.99 -7.44
CA GLY E 141 27.86 35.18 -6.56
C GLY E 141 27.92 36.55 -5.93
N SER E 142 27.26 37.55 -6.51
CA SER E 142 27.12 38.82 -5.84
C SER E 142 26.29 38.64 -4.58
N PHE E 143 26.50 39.54 -3.62
CA PHE E 143 25.90 39.38 -2.31
C PHE E 143 25.82 40.72 -1.61
N GLU E 144 25.00 40.75 -0.55
CA GLU E 144 24.86 41.89 0.33
C GLU E 144 25.34 41.48 1.71
N ASP E 145 25.63 42.47 2.55
CA ASP E 145 25.94 42.20 3.95
C ASP E 145 25.03 43.01 4.84
N TRP E 146 24.49 42.37 5.86
CA TRP E 146 23.49 42.96 6.75
C TRP E 146 23.84 42.64 8.19
N SER E 147 24.07 43.68 8.98
CA SER E 147 24.25 43.49 10.41
C SER E 147 22.95 43.03 11.03
N VAL E 148 23.05 42.28 12.13
CA VAL E 148 21.86 41.82 12.84
C VAL E 148 20.94 42.98 13.15
N GLU E 149 21.49 44.03 13.74
CA GLU E 149 20.65 45.10 14.27
C GLU E 149 19.83 45.78 13.20
N GLU E 150 20.41 46.05 12.03
CA GLU E 150 19.70 46.85 11.04
C GLU E 150 18.49 46.14 10.46
N LEU E 151 18.41 44.84 10.59
CA LEU E 151 17.30 44.09 10.02
C LEU E 151 16.07 44.11 10.92
N ILE E 152 14.90 43.95 10.29
CA ILE E 152 13.65 43.80 11.02
C ILE E 152 13.56 42.34 11.47
N VAL E 153 12.95 42.11 12.64
CA VAL E 153 12.75 40.77 13.16
C VAL E 153 11.31 40.64 13.62
N ASP E 154 10.60 39.67 13.05
CA ASP E 154 9.20 39.45 13.37
C ASP E 154 8.97 38.00 13.77
N ASN F 3 -28.36 54.00 38.80
CA ASN F 3 -29.63 54.69 38.63
C ASN F 3 -30.47 53.96 37.59
N THR F 4 -31.78 54.16 37.64
CA THR F 4 -32.68 53.46 36.75
C THR F 4 -32.60 54.05 35.35
N LEU F 5 -32.20 53.21 34.41
CA LEU F 5 -32.20 53.58 33.01
C LEU F 5 -33.54 53.39 32.33
N PHE F 6 -34.21 52.27 32.56
CA PHE F 6 -35.51 52.02 31.95
C PHE F 6 -36.34 51.05 32.77
N ASP F 7 -37.67 51.18 32.68
CA ASP F 7 -38.57 50.28 33.38
C ASP F 7 -39.93 50.31 32.71
N ASP F 8 -40.76 49.32 33.04
CA ASP F 8 -42.15 49.29 32.62
C ASP F 8 -42.82 48.06 33.18
N ILE F 9 -44.14 48.02 33.05
CA ILE F 9 -44.95 46.87 33.40
C ILE F 9 -45.42 46.20 32.11
N PHE F 10 -45.31 44.87 32.06
CA PHE F 10 -45.70 44.10 30.90
C PHE F 10 -46.71 43.04 31.31
N GLN F 11 -47.35 42.44 30.32
CA GLN F 11 -48.10 41.21 30.53
C GLN F 11 -47.59 40.16 29.56
N VAL F 12 -47.54 38.92 30.04
CA VAL F 12 -46.97 37.84 29.24
C VAL F 12 -47.93 37.46 28.12
N SER F 13 -47.46 37.56 26.89
CA SER F 13 -48.18 37.00 25.76
C SER F 13 -47.97 35.49 25.68
N GLU F 14 -46.72 35.06 25.81
CA GLU F 14 -46.38 33.66 25.61
C GLU F 14 -45.19 33.27 26.49
N VAL F 15 -45.22 32.03 26.97
CA VAL F 15 -44.06 31.40 27.58
C VAL F 15 -43.85 30.10 26.82
N ASP F 16 -42.74 29.99 26.11
CA ASP F 16 -42.48 28.81 25.31
C ASP F 16 -41.34 28.02 25.89
N PRO F 17 -41.56 26.76 26.29
CA PRO F 17 -40.45 25.91 26.72
C PRO F 17 -39.53 25.49 25.59
N GLY F 18 -40.03 25.43 24.37
CA GLY F 18 -39.21 25.01 23.25
C GLY F 18 -38.59 23.66 23.52
N ARG F 19 -37.40 23.46 22.95
CA ARG F 19 -36.67 22.22 23.16
C ARG F 19 -36.04 22.13 24.53
N TYR F 20 -36.14 23.18 25.33
CA TYR F 20 -35.46 23.20 26.60
C TYR F 20 -36.44 22.90 27.73
N ASN F 21 -35.93 22.16 28.71
CA ASN F 21 -36.63 22.00 29.97
C ASN F 21 -36.43 23.21 30.88
N LYS F 22 -35.19 23.66 31.03
CA LYS F 22 -34.88 24.75 31.95
C LYS F 22 -35.19 26.13 31.43
N VAL F 23 -35.03 26.39 30.14
CA VAL F 23 -35.14 27.74 29.59
C VAL F 23 -36.50 27.87 28.92
N CYS F 24 -37.08 29.06 29.00
CA CYS F 24 -38.31 29.35 28.29
C CYS F 24 -38.15 30.61 27.47
N ARG F 25 -38.74 30.59 26.28
CA ARG F 25 -38.83 31.78 25.46
C ARG F 25 -40.14 32.48 25.76
N ILE F 26 -40.06 33.72 26.20
CA ILE F 26 -41.17 34.41 26.83
C ILE F 26 -41.43 35.73 26.14
N GLU F 27 -42.69 36.08 25.96
CA GLU F 27 -43.12 37.21 25.17
C GLU F 27 -44.00 38.12 26.01
N ALA F 28 -43.83 39.42 25.83
CA ALA F 28 -44.68 40.37 26.54
C ALA F 28 -44.71 41.69 25.77
N ALA F 29 -45.73 42.48 26.07
CA ALA F 29 -45.86 43.82 25.52
C ALA F 29 -46.20 44.79 26.64
N SER F 30 -45.80 46.04 26.44
CA SER F 30 -46.18 47.05 27.41
C SER F 30 -47.70 47.11 27.54
N THR F 31 -48.16 46.99 28.78
CA THR F 31 -49.56 47.19 29.07
C THR F 31 -50.04 48.59 28.74
N THR F 32 -49.11 49.53 28.53
CA THR F 32 -49.45 50.90 28.14
C THR F 32 -48.86 51.30 26.81
N GLN F 33 -47.54 51.39 26.69
CA GLN F 33 -46.86 51.74 25.45
C GLN F 33 -47.23 50.73 24.38
N ASP F 34 -47.71 51.21 23.25
CA ASP F 34 -48.06 50.29 22.19
C ASP F 34 -46.91 50.05 21.22
N GLN F 35 -45.85 50.83 21.30
CA GLN F 35 -44.62 50.51 20.59
C GLN F 35 -43.73 49.57 21.38
N CYS F 36 -44.00 49.39 22.67
CA CYS F 36 -43.10 48.68 23.56
C CYS F 36 -43.62 47.27 23.79
N LYS F 37 -42.89 46.30 23.28
CA LYS F 37 -43.13 44.89 23.56
C LYS F 37 -41.79 44.22 23.76
N LEU F 38 -41.81 43.07 24.45
CA LEU F 38 -40.57 42.38 24.71
C LEU F 38 -40.78 40.89 24.63
N THR F 39 -39.90 40.23 23.87
CA THR F 39 -39.74 38.80 23.93
C THR F 39 -38.42 38.53 24.61
N LEU F 40 -38.41 37.58 25.55
CA LEU F 40 -37.21 37.36 26.32
C LEU F 40 -37.02 35.88 26.60
N ASP F 41 -35.76 35.47 26.69
CA ASP F 41 -35.39 34.11 26.99
C ASP F 41 -34.94 34.01 28.45
N ILE F 42 -35.55 33.09 29.19
CA ILE F 42 -35.43 33.10 30.65
C ILE F 42 -35.32 31.67 31.16
N ASN F 43 -34.55 31.50 32.24
CA ASN F 43 -34.60 30.25 33.00
C ASN F 43 -35.85 30.29 33.86
N VAL F 44 -36.77 29.37 33.57
CA VAL F 44 -38.05 29.40 34.27
C VAL F 44 -37.96 28.76 35.64
N GLU F 45 -37.08 27.78 35.81
CA GLU F 45 -37.06 27.02 37.06
C GLU F 45 -36.99 27.94 38.26
N LEU F 46 -36.00 28.82 38.30
CA LEU F 46 -35.82 29.66 39.46
C LEU F 46 -36.87 30.75 39.55
N PHE F 47 -37.55 31.05 38.45
CA PHE F 47 -38.51 32.15 38.42
C PHE F 47 -39.68 31.71 37.56
N PRO F 48 -40.53 30.82 38.09
CA PRO F 48 -41.58 30.21 37.25
C PRO F 48 -42.61 31.24 36.82
N VAL F 49 -43.02 31.13 35.57
CA VAL F 49 -43.92 32.11 34.96
C VAL F 49 -44.90 31.38 34.05
N ALA F 50 -46.12 31.90 33.96
CA ALA F 50 -47.13 31.42 33.04
C ALA F 50 -47.60 32.57 32.15
N ALA F 51 -48.30 32.21 31.08
CA ALA F 51 -48.82 33.23 30.18
C ALA F 51 -49.82 34.13 30.91
N GLN F 52 -49.99 35.34 30.40
CA GLN F 52 -50.88 36.37 30.91
C GLN F 52 -50.37 37.00 32.19
N ASP F 53 -49.26 36.53 32.75
CA ASP F 53 -48.71 37.16 33.93
C ASP F 53 -48.27 38.59 33.60
N SER F 54 -48.48 39.48 34.56
CA SER F 54 -48.06 40.88 34.41
C SER F 54 -46.95 41.14 35.41
N LEU F 55 -45.90 41.82 34.95
CA LEU F 55 -44.63 41.85 35.66
C LEU F 55 -44.05 43.25 35.75
N THR F 56 -43.31 43.49 36.83
CA THR F 56 -42.48 44.68 36.95
C THR F 56 -41.10 44.38 36.41
N VAL F 57 -40.62 45.24 35.54
CA VAL F 57 -39.34 45.04 34.86
C VAL F 57 -38.60 46.36 34.86
N THR F 58 -37.29 46.30 35.04
CA THR F 58 -36.46 47.48 35.07
C THR F 58 -35.06 47.14 34.59
N ILE F 59 -34.41 48.10 33.93
CA ILE F 59 -32.98 48.03 33.65
C ILE F 59 -32.35 49.31 34.16
N ALA F 60 -31.37 49.16 35.04
CA ALA F 60 -30.75 50.29 35.70
C ALA F 60 -29.25 50.29 35.46
N SER F 61 -28.65 51.44 35.72
CA SER F 61 -27.21 51.55 35.55
C SER F 61 -26.46 50.75 36.62
N SER F 62 -26.90 50.82 37.87
CA SER F 62 -26.17 50.17 38.96
C SER F 62 -27.13 49.87 40.10
N LEU F 63 -26.56 49.52 41.24
CA LEU F 63 -27.31 49.15 42.43
C LEU F 63 -26.79 49.93 43.63
N ASN F 64 -27.69 50.62 44.31
CA ASN F 64 -27.35 51.31 45.55
C ASN F 64 -28.45 51.12 46.59
N SER F 78 -15.11 45.12 41.79
CA SER F 78 -16.00 44.32 40.95
C SER F 78 -17.06 43.63 41.80
N TRP F 79 -17.54 42.50 41.32
CA TRP F 79 -18.51 41.75 42.09
C TRP F 79 -17.82 40.85 43.11
N ARG F 80 -18.48 40.66 44.24
CA ARG F 80 -17.98 39.81 45.32
C ARG F 80 -19.18 39.09 45.92
N PRO F 81 -18.99 37.88 46.43
CA PRO F 81 -20.08 37.21 47.13
C PRO F 81 -20.63 38.11 48.23
N PRO F 82 -21.94 38.08 48.41
CA PRO F 82 -22.57 38.96 49.41
C PRO F 82 -22.05 38.72 50.81
N GLN F 83 -22.13 39.72 51.66
CA GLN F 83 -21.70 39.63 53.04
C GLN F 83 -22.81 40.13 53.94
N ALA F 84 -22.55 40.19 55.24
CA ALA F 84 -23.57 40.59 56.19
C ALA F 84 -23.98 42.04 55.97
N GLY F 85 -25.29 42.29 55.91
CA GLY F 85 -25.78 43.65 55.86
C GLY F 85 -25.70 44.31 54.51
N ASP F 86 -25.05 43.67 53.54
CA ASP F 86 -24.90 44.25 52.21
C ASP F 86 -26.27 44.44 51.58
N ARG F 87 -26.50 45.61 51.00
CA ARG F 87 -27.80 45.95 50.43
C ARG F 87 -27.62 46.68 49.12
N SER F 88 -28.67 46.70 48.32
CA SER F 88 -28.62 47.38 47.03
C SER F 88 -30.05 47.64 46.58
N LEU F 89 -30.16 48.19 45.38
CA LEU F 89 -31.47 48.26 44.74
C LEU F 89 -32.02 46.88 44.43
N ALA F 90 -31.13 45.90 44.24
CA ALA F 90 -31.57 44.56 43.85
C ALA F 90 -32.50 43.95 44.89
N ASP F 91 -32.58 44.57 46.07
CA ASP F 91 -33.37 43.98 47.15
C ASP F 91 -34.84 43.92 46.79
N ASP F 92 -35.27 44.65 45.76
CA ASP F 92 -36.67 44.75 45.40
C ASP F 92 -37.06 43.81 44.28
N TYR F 93 -36.14 42.99 43.78
CA TYR F 93 -36.35 42.28 42.54
C TYR F 93 -35.94 40.82 42.68
N ASP F 94 -36.90 39.96 42.42
CA ASP F 94 -36.67 38.53 42.52
C ASP F 94 -35.64 38.04 41.52
N TYR F 95 -35.92 38.19 40.24
CA TYR F 95 -35.09 37.64 39.18
C TYR F 95 -34.16 38.73 38.71
N VAL F 96 -32.86 38.52 38.86
CA VAL F 96 -31.89 39.57 38.64
C VAL F 96 -30.74 39.02 37.80
N MET F 97 -30.42 39.72 36.71
CA MET F 97 -29.32 39.30 35.86
C MET F 97 -28.45 40.48 35.48
N TYR F 98 -27.30 40.16 34.90
CA TYR F 98 -26.36 41.14 34.40
C TYR F 98 -25.99 40.79 32.98
N GLY F 99 -25.88 41.81 32.13
CA GLY F 99 -25.65 41.55 30.73
C GLY F 99 -25.31 42.81 29.96
N THR F 100 -25.45 42.71 28.64
CA THR F 100 -25.02 43.78 27.74
C THR F 100 -25.91 43.83 26.51
N ALA F 101 -26.22 45.04 26.06
CA ALA F 101 -26.78 45.22 24.74
C ALA F 101 -25.65 45.16 23.73
N TYR F 102 -25.70 44.18 22.84
CA TYR F 102 -24.69 44.03 21.80
C TYR F 102 -25.07 44.64 20.46
N LYS F 103 -26.33 45.02 20.25
CA LYS F 103 -26.67 45.51 18.92
C LYS F 103 -27.79 46.53 19.00
N PHE F 104 -27.69 47.53 18.13
CA PHE F 104 -28.73 48.51 17.89
C PHE F 104 -29.23 48.37 16.47
N GLU F 105 -30.47 48.76 16.25
CA GLU F 105 -31.02 48.70 14.91
C GLU F 105 -32.15 49.70 14.80
N GLU F 106 -32.37 50.20 13.59
CA GLU F 106 -33.55 51.00 13.32
C GLU F 106 -34.60 50.15 12.64
N VAL F 107 -35.67 49.87 13.37
CA VAL F 107 -36.82 49.20 12.80
C VAL F 107 -37.68 50.17 12.00
N SER F 108 -37.97 51.32 12.59
CA SER F 108 -38.71 52.38 11.91
C SER F 108 -38.30 53.71 12.53
N LYS F 109 -38.93 54.78 12.06
CA LYS F 109 -38.70 56.09 12.63
C LYS F 109 -38.99 56.13 14.12
N ASP F 110 -40.26 55.98 14.50
CA ASP F 110 -40.69 56.24 15.86
C ASP F 110 -40.28 55.15 16.84
N LEU F 111 -40.05 53.93 16.39
CA LEU F 111 -39.68 52.84 17.26
C LEU F 111 -38.39 52.19 16.79
N ILE F 112 -37.58 51.77 17.75
CA ILE F 112 -36.26 51.21 17.52
C ILE F 112 -36.08 50.00 18.43
N ALA F 113 -35.37 48.99 17.95
CA ALA F 113 -35.21 47.78 18.74
C ALA F 113 -33.76 47.57 19.12
N VAL F 114 -33.53 46.78 20.16
CA VAL F 114 -32.20 46.57 20.72
C VAL F 114 -32.00 45.08 20.93
N TYR F 115 -30.75 44.73 21.23
CA TYR F 115 -30.35 43.34 21.35
C TYR F 115 -29.41 43.18 22.54
N TYR F 116 -29.77 42.25 23.42
CA TYR F 116 -29.01 42.00 24.63
C TYR F 116 -28.52 40.58 24.69
N SER F 117 -27.42 40.39 25.40
CA SER F 117 -26.88 39.08 25.70
C SER F 117 -26.70 38.95 27.20
N PHE F 118 -27.45 38.03 27.80
CA PHE F 118 -27.23 37.63 29.17
C PHE F 118 -26.79 36.17 29.07
N GLY F 119 -25.50 35.92 29.24
CA GLY F 119 -24.98 34.57 29.14
C GLY F 119 -25.51 33.81 27.95
N GLY F 120 -25.68 34.50 26.83
CA GLY F 120 -26.25 33.91 25.63
C GLY F 120 -27.76 34.03 25.57
N LEU F 121 -28.42 34.18 26.71
CA LEU F 121 -29.85 34.51 26.69
C LEU F 121 -30.01 35.85 26.01
N LEU F 122 -31.10 36.01 25.26
CA LEU F 122 -31.22 37.12 24.35
C LEU F 122 -32.44 37.96 24.66
N MET F 123 -32.30 39.27 24.46
CA MET F 123 -33.38 40.22 24.64
C MET F 123 -33.48 41.11 23.41
N ARG F 124 -34.61 41.02 22.73
CA ARG F 124 -34.96 42.00 21.70
C ARG F 124 -36.06 42.87 22.27
N LEU F 125 -35.73 44.11 22.57
CA LEU F 125 -36.67 45.04 23.17
C LEU F 125 -36.93 46.15 22.16
N GLU F 126 -38.17 46.62 22.11
CA GLU F 126 -38.63 47.53 21.08
C GLU F 126 -39.52 48.60 21.70
N GLY F 127 -39.51 49.79 21.10
CA GLY F 127 -40.37 50.86 21.57
C GLY F 127 -39.90 52.19 21.03
N ASN F 128 -40.54 53.25 21.54
CA ASN F 128 -40.16 54.61 21.18
C ASN F 128 -38.69 54.86 21.45
N TYR F 129 -37.97 55.27 20.41
CA TYR F 129 -36.57 55.63 20.61
C TYR F 129 -36.41 56.74 21.64
N ARG F 130 -37.34 57.69 21.69
CA ARG F 130 -37.35 58.66 22.77
C ARG F 130 -37.49 57.98 24.12
N ASN F 131 -38.52 57.15 24.27
CA ASN F 131 -38.65 56.39 25.50
C ASN F 131 -37.46 55.47 25.72
N LEU F 132 -36.78 55.09 24.66
CA LEU F 132 -35.60 54.23 24.73
C LEU F 132 -34.31 55.04 24.68
N ASN F 133 -34.42 56.37 24.57
CA ASN F 133 -33.25 57.20 24.40
C ASN F 133 -32.23 56.98 25.51
N ASN F 134 -32.71 56.89 26.76
CA ASN F 134 -31.85 56.77 27.92
C ASN F 134 -30.78 55.71 27.75
N LEU F 135 -31.15 54.55 27.21
CA LEU F 135 -30.22 53.45 27.12
C LEU F 135 -29.15 53.73 26.08
N LYS F 136 -28.02 53.04 26.20
CA LYS F 136 -26.90 53.15 25.29
C LYS F 136 -26.27 51.78 25.14
N GLN F 137 -25.11 51.75 24.49
CA GLN F 137 -24.47 50.47 24.21
C GLN F 137 -23.38 50.26 25.24
N GLU F 138 -23.67 49.37 26.17
CA GLU F 138 -22.96 49.29 27.45
C GLU F 138 -23.34 47.95 28.10
N ASN F 139 -22.71 47.65 29.22
CA ASN F 139 -23.17 46.57 30.07
C ASN F 139 -24.30 47.05 30.95
N ALA F 140 -25.13 46.13 31.41
CA ALA F 140 -26.27 46.57 32.22
C ALA F 140 -26.73 45.45 33.14
N TYR F 141 -27.40 45.85 34.21
CA TYR F 141 -28.10 44.95 35.09
C TYR F 141 -29.51 44.73 34.59
N LEU F 142 -30.02 43.51 34.78
CA LEU F 142 -31.41 43.22 34.49
C LEU F 142 -32.13 42.86 35.77
N LEU F 143 -33.17 43.64 36.08
CA LEU F 143 -33.84 43.60 37.37
C LEU F 143 -35.29 43.24 37.14
N ILE F 144 -35.77 42.24 37.87
CA ILE F 144 -37.15 41.80 37.79
C ILE F 144 -37.68 41.42 39.15
N ARG F 145 -38.80 42.00 39.52
CA ARG F 145 -39.69 41.39 40.49
C ARG F 145 -40.97 41.09 39.76
N ARG F 146 -41.73 40.13 40.27
CA ARG F 146 -43.01 39.81 39.67
C ARG F 146 -43.90 41.03 39.75
N SER G 2 -27.74 -38.01 -53.15
CA SER G 2 -27.27 -37.34 -54.35
C SER G 2 -27.24 -35.83 -54.17
N VAL G 3 -28.13 -35.13 -54.87
CA VAL G 3 -28.09 -33.67 -54.89
C VAL G 3 -28.60 -33.15 -53.56
N VAL G 4 -27.75 -32.46 -52.82
CA VAL G 4 -28.17 -31.74 -51.63
C VAL G 4 -27.44 -30.41 -51.57
N GLY G 5 -28.19 -29.32 -51.61
CA GLY G 5 -27.66 -28.01 -51.32
C GLY G 5 -26.37 -27.68 -52.04
N SER G 6 -26.38 -27.80 -53.37
CA SER G 6 -25.26 -27.58 -54.27
C SER G 6 -24.29 -28.75 -54.30
N LEU G 7 -24.50 -29.80 -53.52
CA LEU G 7 -23.58 -30.93 -53.49
C LEU G 7 -24.31 -32.19 -53.92
N ILE G 8 -23.56 -33.12 -54.49
CA ILE G 8 -24.14 -34.34 -55.05
C ILE G 8 -23.31 -35.52 -54.58
N PHE G 9 -23.98 -36.60 -54.23
CA PHE G 9 -23.34 -37.79 -53.69
C PHE G 9 -23.64 -39.00 -54.55
N CYS G 10 -22.70 -39.94 -54.54
CA CYS G 10 -22.94 -41.20 -55.25
C CYS G 10 -24.06 -41.96 -54.56
N LEU G 11 -24.97 -42.50 -55.36
CA LEU G 11 -26.06 -43.26 -54.77
C LEU G 11 -25.58 -44.59 -54.23
N ASP G 12 -24.39 -45.03 -54.62
CA ASP G 12 -23.85 -46.28 -54.10
C ASP G 12 -23.22 -46.04 -52.73
N CYS G 13 -22.05 -45.43 -52.72
CA CYS G 13 -21.36 -45.07 -51.49
C CYS G 13 -22.02 -43.83 -50.91
N GLY G 14 -21.40 -43.25 -49.89
CA GLY G 14 -21.79 -41.95 -49.38
C GLY G 14 -20.88 -40.83 -49.81
N ASP G 15 -20.11 -41.00 -50.87
CA ASP G 15 -19.06 -40.04 -51.20
C ASP G 15 -19.65 -38.80 -51.86
N LEU G 16 -19.02 -37.67 -51.59
CA LEU G 16 -19.33 -36.45 -52.31
C LEU G 16 -18.84 -36.58 -53.75
N LEU G 17 -19.73 -36.32 -54.70
CA LEU G 17 -19.32 -36.35 -56.08
C LEU G 17 -18.66 -35.04 -56.46
N GLU G 18 -17.65 -35.13 -57.32
CA GLU G 18 -16.85 -33.99 -57.70
C GLU G 18 -17.68 -33.00 -58.52
N ASN G 19 -17.20 -31.77 -58.58
CA ASN G 19 -17.88 -30.74 -59.37
C ASN G 19 -17.81 -31.10 -60.85
N PRO G 20 -18.94 -31.20 -61.54
CA PRO G 20 -18.91 -31.45 -62.98
C PRO G 20 -18.11 -30.40 -63.72
N ASN G 21 -18.27 -29.14 -63.31
CA ASN G 21 -17.47 -28.07 -63.88
C ASN G 21 -15.98 -28.33 -63.69
N ALA G 22 -15.62 -28.92 -62.57
CA ALA G 22 -14.26 -29.41 -62.38
C ALA G 22 -13.96 -30.64 -63.21
N VAL G 23 -14.97 -31.46 -63.49
CA VAL G 23 -14.81 -32.69 -64.25
C VAL G 23 -14.49 -32.33 -65.69
N LEU G 24 -13.41 -32.91 -66.23
CA LEU G 24 -13.00 -32.60 -67.59
C LEU G 24 -13.85 -33.34 -68.62
N GLY G 25 -14.11 -34.62 -68.40
CA GLY G 25 -14.91 -35.40 -69.32
C GLY G 25 -16.37 -35.02 -69.26
N SER G 26 -17.20 -35.84 -69.90
CA SER G 26 -18.64 -35.62 -69.96
C SER G 26 -19.40 -36.38 -68.89
N ASN G 27 -18.71 -37.11 -68.01
CA ASN G 27 -19.38 -37.91 -67.01
C ASN G 27 -18.62 -37.85 -65.70
N VAL G 28 -19.32 -38.20 -64.63
CA VAL G 28 -18.78 -38.16 -63.29
C VAL G 28 -18.84 -39.57 -62.72
N GLU G 29 -17.68 -40.10 -62.35
CA GLU G 29 -17.58 -41.43 -61.75
C GLU G 29 -16.96 -41.32 -60.36
N CYS G 30 -17.54 -42.03 -59.41
CA CYS G 30 -17.00 -42.10 -58.06
C CYS G 30 -15.57 -42.62 -58.13
N SER G 31 -14.64 -41.89 -57.52
CA SER G 31 -13.26 -42.34 -57.47
C SER G 31 -13.16 -43.58 -56.59
N GLN G 32 -14.23 -43.90 -55.87
CA GLN G 32 -14.22 -45.03 -54.96
C GLN G 32 -15.04 -46.20 -55.48
N CYS G 33 -16.36 -46.13 -55.42
CA CYS G 33 -17.19 -47.24 -55.84
C CYS G 33 -17.33 -47.29 -57.35
N LYS G 34 -16.73 -46.33 -58.06
CA LYS G 34 -16.64 -46.34 -59.51
C LYS G 34 -17.99 -46.32 -60.19
N ALA G 35 -18.93 -45.55 -59.66
CA ALA G 35 -20.21 -45.37 -60.31
C ALA G 35 -20.19 -44.11 -61.18
N ILE G 36 -20.32 -44.32 -62.48
CA ILE G 36 -20.30 -43.24 -63.46
C ILE G 36 -21.68 -42.58 -63.47
N TYR G 37 -21.70 -41.25 -63.60
CA TYR G 37 -22.94 -40.51 -63.68
C TYR G 37 -22.88 -39.54 -64.86
N PRO G 38 -23.97 -39.35 -65.58
CA PRO G 38 -23.99 -38.32 -66.63
C PRO G 38 -23.80 -36.93 -66.04
N LYS G 39 -22.89 -36.17 -66.64
CA LYS G 39 -22.73 -34.79 -66.23
C LYS G 39 -24.03 -34.01 -66.42
N SER G 40 -24.63 -34.13 -67.60
CA SER G 40 -25.82 -33.35 -67.92
C SER G 40 -27.00 -33.71 -67.02
N GLN G 41 -26.86 -34.79 -66.25
CA GLN G 41 -27.94 -35.20 -65.36
C GLN G 41 -28.31 -34.08 -64.40
N PHE G 42 -27.35 -33.20 -64.08
CA PHE G 42 -27.60 -32.03 -63.25
C PHE G 42 -26.66 -30.90 -63.66
N SER G 43 -27.15 -29.66 -63.63
CA SER G 43 -26.32 -28.51 -63.90
C SER G 43 -26.97 -27.25 -63.36
N ASN G 44 -26.16 -26.20 -63.21
CA ASN G 44 -26.64 -24.83 -63.00
C ASN G 44 -27.55 -24.72 -61.78
N LEU G 45 -27.02 -25.15 -60.65
CA LEU G 45 -27.62 -24.85 -59.36
C LEU G 45 -27.36 -23.40 -59.00
N LYS G 46 -28.14 -22.86 -58.08
CA LYS G 46 -27.88 -21.53 -57.54
C LYS G 46 -28.06 -21.55 -56.03
N VAL G 47 -27.40 -20.60 -55.37
CA VAL G 47 -27.46 -20.47 -53.92
C VAL G 47 -27.65 -19.00 -53.59
N VAL G 48 -28.62 -18.72 -52.73
CA VAL G 48 -28.90 -17.36 -52.26
C VAL G 48 -28.73 -17.36 -50.75
N THR G 49 -28.07 -16.33 -50.23
CA THR G 49 -27.79 -16.23 -48.81
C THR G 49 -28.15 -14.83 -48.32
N THR G 50 -28.19 -14.70 -47.00
CA THR G 50 -28.45 -13.43 -46.33
C THR G 50 -27.40 -13.21 -45.26
N THR G 51 -27.10 -11.95 -45.01
CA THR G 51 -26.17 -11.60 -43.94
C THR G 51 -26.84 -11.73 -42.57
N ALA G 52 -26.01 -11.83 -41.54
CA ALA G 52 -26.50 -11.78 -40.17
C ALA G 52 -27.05 -10.39 -39.86
N ASP G 53 -27.90 -10.31 -38.83
CA ASP G 53 -28.60 -9.07 -38.57
C ASP G 53 -27.72 -8.07 -37.83
N ASP G 54 -26.65 -8.56 -37.18
CA ASP G 54 -25.78 -7.72 -36.38
C ASP G 54 -24.52 -7.30 -37.12
N ALA G 55 -24.33 -7.76 -38.35
CA ALA G 55 -23.02 -7.65 -39.00
C ALA G 55 -22.62 -6.19 -39.20
N PHE G 56 -23.59 -5.27 -39.19
CA PHE G 56 -23.32 -3.86 -39.46
C PHE G 56 -24.15 -3.02 -38.50
N PRO G 57 -23.66 -2.83 -37.28
CA PRO G 57 -24.38 -1.97 -36.34
C PRO G 57 -24.40 -0.53 -36.84
N SER G 58 -25.47 0.18 -36.49
CA SER G 58 -25.57 1.59 -36.83
C SER G 58 -26.56 2.23 -35.88
N SER G 59 -26.71 3.55 -36.01
CA SER G 59 -27.74 4.24 -35.24
C SER G 59 -29.12 3.86 -35.73
N LEU G 60 -29.26 3.62 -37.04
CA LEU G 60 -30.55 3.23 -37.58
C LEU G 60 -31.06 1.96 -36.92
N ARG G 61 -30.14 1.05 -36.60
CA ARG G 61 -30.49 -0.12 -35.80
C ARG G 61 -31.30 0.27 -34.59
N ALA G 62 -30.82 1.27 -33.83
CA ALA G 62 -31.53 1.70 -32.63
C ALA G 62 -32.93 2.18 -32.97
N LYS G 63 -33.03 3.11 -33.92
CA LYS G 63 -34.33 3.62 -34.32
C LYS G 63 -35.20 2.54 -34.93
N LYS G 64 -34.61 1.48 -35.46
CA LYS G 64 -35.39 0.33 -35.89
C LYS G 64 -35.82 -0.53 -34.71
N SER G 65 -35.08 -0.52 -33.62
CA SER G 65 -35.41 -1.30 -32.44
C SER G 65 -36.69 -0.78 -31.81
N VAL G 66 -37.33 -1.65 -31.02
CA VAL G 66 -38.63 -1.33 -30.45
C VAL G 66 -38.55 -0.74 -29.05
N VAL G 67 -37.35 -0.51 -28.54
CA VAL G 67 -37.16 -0.14 -27.15
C VAL G 67 -36.27 1.09 -27.07
N LYS G 68 -36.16 1.65 -25.87
CA LYS G 68 -35.50 2.93 -25.71
C LYS G 68 -34.01 2.72 -25.43
N THR G 69 -33.20 3.07 -26.43
CA THR G 69 -31.74 3.00 -26.32
C THR G 69 -31.11 4.35 -26.05
N SER G 70 -31.90 5.41 -25.90
CA SER G 70 -31.36 6.76 -25.90
C SER G 70 -31.69 7.46 -24.59
N LEU G 71 -30.99 8.55 -24.33
CA LEU G 71 -31.06 9.25 -23.06
C LEU G 71 -31.13 10.76 -23.29
N LYS G 72 -32.08 11.39 -22.59
CA LYS G 72 -32.19 12.85 -22.59
C LYS G 72 -31.50 13.42 -21.34
N LYS G 73 -31.69 14.71 -21.10
CA LYS G 73 -30.93 15.37 -20.05
C LYS G 73 -31.49 15.11 -18.66
N ASN G 74 -32.82 15.14 -18.49
CA ASN G 74 -33.37 15.16 -17.14
C ASN G 74 -33.34 13.77 -16.51
N GLU G 75 -33.38 12.72 -17.32
CA GLU G 75 -33.29 11.37 -16.77
C GLU G 75 -31.97 11.13 -16.07
N LEU G 76 -30.98 11.99 -16.31
CA LEU G 76 -29.63 11.87 -15.79
C LEU G 76 -29.52 12.12 -14.30
N LYS G 77 -30.63 12.45 -13.63
CA LYS G 77 -30.63 12.65 -12.17
C LYS G 77 -30.04 11.40 -11.53
N ASP G 78 -28.99 11.58 -10.73
CA ASP G 78 -28.26 10.45 -10.17
C ASP G 78 -28.38 10.39 -8.66
N GLY G 79 -29.06 9.37 -8.16
CA GLY G 79 -29.20 9.18 -6.73
C GLY G 79 -30.30 10.02 -6.13
N ALA G 80 -30.81 9.55 -4.99
CA ALA G 80 -31.80 10.33 -4.27
C ALA G 80 -31.18 11.62 -3.77
N THR G 81 -32.03 12.60 -3.54
CA THR G 81 -31.59 13.91 -3.08
C THR G 81 -31.78 14.01 -1.58
N ILE G 82 -30.87 14.75 -0.95
CA ILE G 82 -30.91 14.95 0.49
C ILE G 82 -30.66 16.44 0.73
N LYS G 83 -31.09 16.93 1.89
CA LYS G 83 -30.94 18.35 2.17
C LYS G 83 -29.50 18.66 2.47
N GLU G 84 -28.90 19.51 1.64
CA GLU G 84 -27.48 19.75 1.73
C GLU G 84 -27.16 21.22 1.44
N LYS G 85 -26.44 21.88 2.35
CA LYS G 85 -26.08 23.26 2.10
C LYS G 85 -24.90 23.33 1.14
N CYS G 86 -25.12 23.96 -0.01
CA CYS G 86 -24.06 24.05 -1.00
C CYS G 86 -23.00 25.04 -0.52
N PRO G 87 -21.79 24.59 -0.20
CA PRO G 87 -20.77 25.54 0.24
C PRO G 87 -20.41 26.54 -0.83
N GLN G 88 -20.77 26.30 -2.09
CA GLN G 88 -20.59 27.33 -3.11
C GLN G 88 -21.78 28.29 -3.14
N CYS G 89 -22.92 27.82 -3.64
CA CYS G 89 -24.04 28.72 -3.87
C CYS G 89 -25.02 28.80 -2.72
N GLY G 90 -24.81 28.04 -1.66
CA GLY G 90 -25.76 28.02 -0.56
C GLY G 90 -27.05 27.28 -0.87
N ASN G 91 -27.08 26.47 -1.92
CA ASN G 91 -28.26 25.66 -2.19
C ASN G 91 -28.51 24.73 -1.01
N GLU G 92 -29.78 24.36 -0.84
CA GLU G 92 -30.14 23.47 0.25
C GLU G 92 -30.22 22.01 -0.18
N GLU G 93 -30.03 21.71 -1.45
CA GLU G 93 -30.14 20.35 -1.94
C GLU G 93 -28.93 19.94 -2.75
N MET G 94 -28.36 18.79 -2.40
CA MET G 94 -27.28 18.23 -3.18
C MET G 94 -27.42 16.72 -3.29
N ASN G 95 -27.29 16.23 -4.51
CA ASN G 95 -27.21 14.81 -4.79
C ASN G 95 -25.84 14.29 -4.38
N TYR G 96 -25.76 12.97 -4.20
CA TYR G 96 -24.60 12.38 -3.59
C TYR G 96 -24.46 10.93 -4.00
N HIS G 97 -23.25 10.40 -3.83
CA HIS G 97 -23.00 8.98 -3.95
C HIS G 97 -21.92 8.62 -2.93
N THR G 98 -21.72 7.32 -2.74
CA THR G 98 -20.89 6.84 -1.64
C THR G 98 -19.80 5.91 -2.15
N LEU G 99 -18.82 5.67 -1.30
CA LEU G 99 -17.81 4.65 -1.54
C LEU G 99 -17.50 3.89 -0.26
N ALA G 108 -16.50 4.60 3.88
CA ALA G 108 -17.65 5.47 3.70
C ALA G 108 -17.23 6.81 3.15
N THR G 109 -17.12 6.90 1.83
CA THR G 109 -16.70 8.13 1.17
C THR G 109 -17.89 8.72 0.43
N VAL G 110 -18.37 9.86 0.90
CA VAL G 110 -19.67 10.39 0.51
C VAL G 110 -19.49 11.57 -0.44
N PHE G 111 -20.00 11.41 -1.65
CA PHE G 111 -19.98 12.44 -2.68
C PHE G 111 -21.04 13.48 -2.35
N TYR G 112 -20.93 14.66 -2.97
CA TYR G 112 -21.99 15.65 -2.95
C TYR G 112 -21.98 16.39 -4.28
N THR G 113 -23.17 16.72 -4.77
CA THR G 113 -23.31 17.45 -6.03
C THR G 113 -24.45 18.45 -5.89
N CYS G 114 -24.18 19.72 -6.16
CA CYS G 114 -25.19 20.74 -5.97
C CYS G 114 -26.34 20.57 -6.93
N THR G 115 -27.55 20.88 -6.46
CA THR G 115 -28.71 20.83 -7.34
C THR G 115 -28.77 22.07 -8.21
N SER G 116 -28.40 23.23 -7.66
CA SER G 116 -28.49 24.50 -8.37
C SER G 116 -27.31 24.75 -9.29
N CYS G 117 -26.14 25.05 -8.73
CA CYS G 117 -24.97 25.35 -9.54
C CYS G 117 -24.21 24.10 -9.95
N GLY G 118 -24.70 22.91 -9.60
CA GLY G 118 -23.98 21.69 -9.91
C GLY G 118 -22.67 21.54 -9.20
N TYR G 119 -22.32 22.43 -8.28
CA TYR G 119 -21.11 22.33 -7.49
C TYR G 119 -21.03 20.98 -6.79
N LYS G 120 -19.82 20.45 -6.71
CA LYS G 120 -19.58 19.17 -6.05
C LYS G 120 -18.55 19.30 -4.95
N PHE G 121 -18.64 18.39 -3.98
CA PHE G 121 -17.55 18.08 -3.09
C PHE G 121 -17.81 16.69 -2.54
N ARG G 122 -16.77 16.09 -1.97
CA ARG G 122 -16.91 14.76 -1.40
C ARG G 122 -16.55 14.79 0.08
N THR G 123 -17.09 13.82 0.81
CA THR G 123 -16.78 13.71 2.23
C THR G 123 -16.44 12.27 2.58
N ASN G 124 -15.20 12.05 2.99
CA ASN G 124 -14.78 10.77 3.56
C ASN G 124 -15.16 10.65 5.02
N ASN G 125 -14.97 11.70 5.82
CA ASN G 125 -15.29 11.69 7.24
C ASN G 125 -16.75 11.35 7.48
N MET H 1 -11.20 -22.69 32.38
CA MET H 1 -10.41 -23.81 32.85
C MET H 1 -10.96 -24.34 34.17
N ILE H 2 -10.63 -23.66 35.26
CA ILE H 2 -11.09 -24.03 36.58
C ILE H 2 -11.79 -22.84 37.20
N VAL H 3 -12.73 -23.14 38.10
CA VAL H 3 -13.61 -22.13 38.68
C VAL H 3 -12.81 -20.96 39.22
N PRO H 4 -13.07 -19.74 38.76
CA PRO H 4 -12.34 -18.58 39.27
C PRO H 4 -12.78 -18.22 40.67
N VAL H 5 -11.94 -17.40 41.31
CA VAL H 5 -12.14 -17.10 42.72
C VAL H 5 -13.23 -16.06 42.91
N ARG H 6 -13.14 -14.97 42.17
CA ARG H 6 -13.88 -13.75 42.48
C ARG H 6 -14.61 -13.24 41.26
N CYS H 7 -15.76 -12.63 41.48
CA CYS H 7 -16.43 -11.91 40.40
C CYS H 7 -15.50 -10.83 39.87
N PHE H 8 -15.22 -10.87 38.57
CA PHE H 8 -14.22 -9.95 38.03
C PHE H 8 -14.50 -8.51 38.38
N SER H 9 -15.74 -8.07 38.23
CA SER H 9 -16.04 -6.72 38.67
C SER H 9 -16.33 -6.62 40.15
N CYS H 10 -17.22 -7.45 40.69
CA CYS H 10 -17.58 -7.30 42.10
C CYS H 10 -16.41 -7.61 42.99
N GLY H 11 -15.50 -8.45 42.54
CA GLY H 11 -14.48 -9.00 43.39
C GLY H 11 -15.02 -10.00 44.39
N LYS H 12 -16.33 -10.13 44.48
CA LYS H 12 -16.92 -11.02 45.46
C LYS H 12 -16.48 -12.44 45.17
N VAL H 13 -16.27 -13.22 46.23
CA VAL H 13 -15.67 -14.52 46.05
C VAL H 13 -16.72 -15.48 45.54
N VAL H 14 -16.50 -15.99 44.32
CA VAL H 14 -17.47 -16.88 43.69
C VAL H 14 -17.08 -18.34 43.79
N GLY H 15 -15.90 -18.69 44.28
CA GLY H 15 -15.37 -20.02 44.01
C GLY H 15 -16.19 -21.15 44.62
N ASP H 16 -16.36 -21.17 45.93
CA ASP H 16 -16.88 -22.34 46.63
C ASP H 16 -18.23 -22.82 46.10
N LYS H 17 -19.09 -21.91 45.66
CA LYS H 17 -20.45 -22.26 45.27
C LYS H 17 -20.50 -23.27 44.14
N TRP H 18 -19.45 -23.35 43.33
CA TRP H 18 -19.46 -24.20 42.15
C TRP H 18 -19.97 -25.60 42.46
N GLU H 19 -19.21 -26.35 43.26
CA GLU H 19 -19.62 -27.69 43.62
C GLU H 19 -21.06 -27.70 44.12
N SER H 20 -21.35 -26.86 45.11
CA SER H 20 -22.71 -26.77 45.60
C SER H 20 -23.68 -26.42 44.48
N TYR H 21 -23.26 -25.54 43.57
CA TYR H 21 -24.17 -25.17 42.49
C TYR H 21 -24.48 -26.36 41.59
N LEU H 22 -23.44 -27.06 41.16
CA LEU H 22 -23.67 -28.27 40.36
C LEU H 22 -24.70 -29.15 41.03
N ASN H 23 -24.50 -29.41 42.32
CA ASN H 23 -25.46 -30.18 43.10
C ASN H 23 -26.88 -29.64 42.93
N LEU H 24 -27.04 -28.33 42.96
CA LEU H 24 -28.38 -27.75 42.87
C LEU H 24 -29.09 -28.22 41.60
N LEU H 25 -28.47 -27.99 40.45
CA LEU H 25 -29.07 -28.48 39.22
C LEU H 25 -29.12 -30.00 39.22
N GLN H 26 -28.22 -30.63 39.97
CA GLN H 26 -28.18 -32.07 39.95
C GLN H 26 -29.30 -32.65 40.78
N GLU H 27 -29.23 -32.50 42.09
CA GLU H 27 -30.26 -33.06 42.96
C GLU H 27 -31.55 -32.25 42.86
N ASP H 28 -31.46 -30.96 43.11
CA ASP H 28 -32.66 -30.13 43.16
C ASP H 28 -33.27 -29.93 41.79
N GLU H 29 -32.46 -29.96 40.75
CA GLU H 29 -32.94 -29.98 39.37
C GLU H 29 -33.69 -28.69 39.05
N LEU H 30 -33.35 -27.64 39.79
CA LEU H 30 -34.09 -26.40 39.71
C LEU H 30 -33.72 -25.63 38.44
N ASP H 31 -34.22 -24.41 38.36
CA ASP H 31 -33.75 -23.51 37.32
C ASP H 31 -32.33 -23.07 37.66
N GLU H 32 -31.79 -22.19 36.83
CA GLU H 32 -30.60 -21.47 37.24
C GLU H 32 -30.97 -20.29 38.11
N GLY H 33 -32.08 -19.61 37.79
CA GLY H 33 -32.43 -18.39 38.50
C GLY H 33 -32.60 -18.60 39.98
N THR H 34 -33.52 -19.47 40.38
CA THR H 34 -33.70 -19.73 41.80
C THR H 34 -32.45 -20.35 42.39
N ALA H 35 -31.74 -21.17 41.60
CA ALA H 35 -30.49 -21.73 42.07
C ALA H 35 -29.52 -20.66 42.49
N LEU H 36 -29.17 -19.77 41.57
CA LEU H 36 -28.29 -18.66 41.93
C LEU H 36 -28.95 -17.78 42.98
N SER H 37 -30.27 -17.62 42.88
CA SER H 37 -31.00 -16.95 43.95
C SER H 37 -30.77 -17.66 45.26
N ARG H 38 -30.91 -18.98 45.27
CA ARG H 38 -30.60 -19.74 46.47
C ARG H 38 -29.13 -19.56 46.86
N LEU H 39 -28.24 -19.48 45.88
CA LEU H 39 -26.87 -19.09 46.17
C LEU H 39 -26.75 -17.62 46.54
N GLY H 40 -27.84 -16.86 46.42
CA GLY H 40 -27.79 -15.45 46.77
C GLY H 40 -26.84 -14.63 45.94
N LEU H 41 -26.98 -14.64 44.63
CA LEU H 41 -26.20 -13.73 43.79
C LEU H 41 -27.18 -12.73 43.19
N LYS H 42 -27.13 -11.50 43.67
CA LYS H 42 -28.06 -10.46 43.26
C LYS H 42 -27.57 -9.79 41.98
N ARG H 43 -26.44 -9.10 42.05
CA ARG H 43 -25.88 -8.51 40.85
C ARG H 43 -25.64 -9.58 39.81
N TYR H 44 -26.18 -9.36 38.61
CA TYR H 44 -25.81 -10.24 37.51
C TYR H 44 -24.31 -10.21 37.30
N CYS H 45 -23.67 -9.12 37.72
CA CYS H 45 -22.23 -8.99 37.66
C CYS H 45 -21.57 -10.24 38.19
N CYS H 46 -22.10 -10.79 39.27
CA CYS H 46 -21.62 -12.08 39.73
C CYS H 46 -22.23 -13.24 38.97
N ARG H 47 -23.51 -13.14 38.62
CA ARG H 47 -24.18 -14.24 37.94
C ARG H 47 -23.45 -14.65 36.67
N ARG H 48 -22.89 -13.67 35.95
CA ARG H 48 -22.16 -13.98 34.73
C ARG H 48 -20.98 -14.89 34.99
N MET H 49 -20.49 -14.89 36.23
CA MET H 49 -19.30 -15.67 36.53
C MET H 49 -19.64 -17.15 36.56
N ILE H 50 -20.69 -17.51 37.29
CA ILE H 50 -21.15 -18.88 37.36
C ILE H 50 -21.67 -19.39 36.03
N LEU H 51 -22.67 -18.72 35.48
CA LEU H 51 -23.55 -19.37 34.51
C LEU H 51 -22.78 -19.84 33.29
N THR H 52 -21.78 -19.09 32.87
CA THR H 52 -21.05 -19.38 31.65
C THR H 52 -19.78 -20.18 31.90
N HIS H 53 -19.55 -20.61 33.13
CA HIS H 53 -18.31 -21.29 33.45
C HIS H 53 -18.20 -22.60 32.71
N VAL H 54 -16.98 -23.08 32.53
CA VAL H 54 -16.69 -24.36 31.93
C VAL H 54 -15.72 -25.10 32.84
N ASP H 55 -15.91 -26.41 32.98
CA ASP H 55 -15.12 -27.25 33.87
C ASP H 55 -13.89 -27.79 33.14
N LEU H 56 -13.60 -27.12 32.02
CA LEU H 56 -12.67 -27.64 31.02
C LEU H 56 -11.39 -28.21 31.61
N ILE H 57 -11.00 -27.76 32.81
CA ILE H 57 -9.88 -28.41 33.49
C ILE H 57 -10.05 -29.93 33.45
N GLU H 58 -11.29 -30.40 33.60
CA GLU H 58 -11.56 -31.83 33.59
C GLU H 58 -10.85 -32.57 32.49
N LYS H 59 -11.21 -32.30 31.25
CA LYS H 59 -10.73 -33.12 30.14
C LYS H 59 -9.20 -33.24 30.17
N PHE H 60 -8.52 -32.24 30.75
CA PHE H 60 -7.09 -32.37 30.95
C PHE H 60 -6.76 -33.55 31.82
N LEU H 61 -7.53 -33.74 32.90
CA LEU H 61 -7.20 -34.80 33.84
C LEU H 61 -7.13 -36.16 33.18
N ARG H 62 -7.78 -36.33 32.05
CA ARG H 62 -7.78 -37.62 31.37
C ARG H 62 -6.41 -38.01 30.87
N TYR H 63 -5.45 -37.10 30.83
CA TYR H 63 -4.10 -37.47 30.42
C TYR H 63 -3.18 -37.26 31.62
N ASN H 64 -2.79 -38.34 32.25
CA ASN H 64 -1.76 -38.32 33.28
C ASN H 64 -0.60 -39.23 32.92
N PRO H 65 0.56 -38.69 32.57
CA PRO H 65 1.74 -39.56 32.43
C PRO H 65 2.22 -40.12 33.75
N LEU H 66 1.83 -39.54 34.87
CA LEU H 66 2.33 -39.94 36.18
C LEU H 66 1.80 -41.31 36.59
N GLU H 67 0.91 -41.88 35.80
CA GLU H 67 0.36 -43.18 36.13
C GLU H 67 0.17 -43.98 34.85
N LYS H 68 0.45 -45.28 34.92
CA LYS H 68 0.22 -46.19 33.81
C LYS H 68 -1.26 -46.54 33.75
N ARG H 69 -1.87 -46.31 32.60
CA ARG H 69 -3.29 -46.56 32.45
C ARG H 69 -3.57 -48.04 32.26
N PRO I 42 9.54 15.17 60.04
CA PRO I 42 8.62 15.94 59.20
C PRO I 42 9.06 15.96 57.74
N ASP I 43 8.18 15.55 56.83
CA ASP I 43 8.56 15.44 55.42
C ASP I 43 8.39 16.81 54.78
N ARG I 44 9.49 17.34 54.26
CA ARG I 44 9.43 18.52 53.43
C ARG I 44 8.80 18.25 52.07
N GLU I 45 9.08 17.10 51.47
CA GLU I 45 8.55 16.80 50.15
C GLU I 45 7.10 16.38 50.17
N LYS I 46 6.49 16.21 51.34
CA LYS I 46 5.07 15.90 51.39
C LYS I 46 4.27 17.00 50.70
N ILE I 47 4.68 18.25 50.87
CA ILE I 47 4.00 19.38 50.29
C ILE I 47 5.01 20.50 50.08
N LYS I 48 4.81 21.28 49.04
CA LYS I 48 5.61 22.49 48.89
C LYS I 48 4.90 23.50 48.01
N LEU I 49 5.41 24.72 48.08
CA LEU I 49 4.78 25.86 47.43
C LEU I 49 5.26 25.98 45.99
N LEU I 50 4.37 26.39 45.10
CA LEU I 50 4.72 26.61 43.70
C LEU I 50 4.79 28.12 43.48
N THR I 51 6.02 28.63 43.38
CA THR I 51 6.29 30.04 43.62
C THR I 51 5.77 30.95 42.54
N GLN I 52 6.15 30.71 41.30
CA GLN I 52 5.92 31.64 40.20
C GLN I 52 4.50 32.15 40.14
N ALA I 53 3.52 31.27 40.38
CA ALA I 53 2.13 31.72 40.30
C ALA I 53 1.61 32.23 41.64
N THR I 54 2.36 32.09 42.72
CA THR I 54 2.00 32.67 44.00
C THR I 54 2.08 34.17 43.91
N SER I 55 1.13 34.87 44.51
CA SER I 55 1.28 36.30 44.62
C SER I 55 2.33 36.63 45.67
N GLU I 56 2.69 37.90 45.77
CA GLU I 56 3.62 38.30 46.81
C GLU I 56 2.90 38.54 48.13
N ASP I 57 1.74 39.18 48.08
CA ASP I 57 0.93 39.39 49.27
C ASP I 57 0.35 38.11 49.83
N GLY I 58 0.51 36.99 49.13
CA GLY I 58 -0.06 35.74 49.61
C GLY I 58 -1.53 35.58 49.34
N THR I 59 -2.15 36.52 48.65
CA THR I 59 -3.57 36.40 48.30
C THR I 59 -3.79 35.48 47.13
N SER I 60 -2.73 35.02 46.49
CA SER I 60 -2.85 33.97 45.48
C SER I 60 -1.62 33.10 45.57
N ALA I 61 -1.80 31.78 45.49
CA ALA I 61 -0.66 30.90 45.70
C ALA I 61 -0.94 29.56 45.03
N SER I 62 0.14 28.83 44.78
CA SER I 62 0.10 27.55 44.13
C SER I 62 0.84 26.53 44.97
N PHE I 63 0.21 25.38 45.19
CA PHE I 63 0.80 24.34 46.02
C PHE I 63 1.00 23.07 45.21
N GLN I 64 2.08 22.37 45.51
CA GLN I 64 2.36 21.07 44.93
C GLN I 64 2.24 20.03 46.02
N ILE I 65 1.59 18.93 45.71
CA ILE I 65 1.35 17.86 46.67
C ILE I 65 1.53 16.54 45.95
N VAL I 66 2.24 15.62 46.56
CA VAL I 66 2.43 14.31 45.94
C VAL I 66 1.44 13.35 46.56
N GLU I 67 1.38 12.12 46.04
CA GLU I 67 0.63 11.02 46.66
C GLU I 67 -0.86 11.30 46.72
N GLU I 68 -1.36 12.07 45.75
CA GLU I 68 -2.73 12.56 45.86
C GLU I 68 -3.45 12.48 44.54
N ASP I 69 -4.75 12.73 44.60
CA ASP I 69 -5.74 12.52 43.58
C ASP I 69 -6.98 13.32 43.96
N HIS I 70 -8.10 13.08 43.27
CA HIS I 70 -9.35 13.75 43.62
C HIS I 70 -9.62 13.66 45.11
N THR I 71 -9.22 12.56 45.72
CA THR I 71 -9.77 12.08 47.00
C THR I 71 -9.91 13.22 47.98
N LEU I 72 -8.78 13.70 48.46
CA LEU I 72 -8.79 14.80 49.40
C LEU I 72 -9.16 16.11 48.72
N GLY I 73 -8.53 16.40 47.59
CA GLY I 73 -8.80 17.64 46.89
C GLY I 73 -10.27 17.85 46.64
N ASN I 74 -10.93 16.85 46.06
CA ASN I 74 -12.36 16.98 45.79
C ASN I 74 -13.12 17.35 47.05
N ALA I 75 -12.71 16.82 48.19
CA ALA I 75 -13.31 17.26 49.44
C ALA I 75 -12.68 18.57 49.90
N LEU I 76 -11.36 18.66 49.83
CA LEU I 76 -10.65 19.81 50.39
C LEU I 76 -11.23 21.12 49.90
N ARG I 77 -11.41 21.24 48.60
CA ARG I 77 -12.02 22.44 48.04
C ARG I 77 -13.29 22.81 48.79
N TYR I 78 -14.10 21.83 49.18
CA TYR I 78 -15.37 22.13 49.80
C TYR I 78 -15.19 22.86 51.13
N VAL I 79 -14.07 22.61 51.80
CA VAL I 79 -13.82 23.29 53.07
C VAL I 79 -13.33 24.71 52.81
N ILE I 80 -12.36 24.85 51.91
CA ILE I 80 -11.83 26.16 51.58
C ILE I 80 -12.95 27.10 51.17
N MET I 81 -13.89 26.60 50.38
CA MET I 81 -15.05 27.38 50.00
C MET I 81 -15.82 27.92 51.20
N LYS I 82 -15.83 27.21 52.32
CA LYS I 82 -16.53 27.72 53.48
C LYS I 82 -15.99 29.05 53.95
N ASN I 83 -14.70 29.26 53.82
CA ASN I 83 -14.12 30.52 54.24
C ASN I 83 -14.69 31.67 53.42
N PRO I 84 -15.34 32.64 54.05
CA PRO I 84 -15.75 33.83 53.30
C PRO I 84 -14.60 34.56 52.67
N ASP I 85 -13.50 34.77 53.40
CA ASP I 85 -12.39 35.56 52.89
C ASP I 85 -11.78 35.00 51.61
N VAL I 86 -11.84 33.71 51.40
CA VAL I 86 -11.16 33.13 50.25
C VAL I 86 -11.86 33.62 49.00
N GLU I 87 -11.12 34.33 48.15
CA GLU I 87 -11.66 34.89 46.94
C GLU I 87 -11.75 33.89 45.80
N PHE I 88 -10.73 33.04 45.65
CA PHE I 88 -10.75 32.06 44.59
C PHE I 88 -10.05 30.79 45.06
N CYS I 89 -10.60 29.65 44.67
CA CYS I 89 -10.03 28.37 45.06
C CYS I 89 -9.95 27.50 43.82
N GLY I 90 -9.21 26.39 43.91
CA GLY I 90 -9.21 25.42 42.85
C GLY I 90 -8.04 24.47 42.98
N TYR I 91 -8.13 23.36 42.25
CA TYR I 91 -7.10 22.33 42.27
C TYR I 91 -7.13 21.54 40.98
N SER I 92 -6.00 20.91 40.68
CA SER I 92 -5.86 20.18 39.43
C SER I 92 -5.09 18.91 39.66
N ILE I 93 -5.12 18.03 38.66
CA ILE I 93 -4.30 16.84 38.63
C ILE I 93 -3.58 16.81 37.29
N PRO I 94 -2.39 17.37 37.20
CA PRO I 94 -1.71 17.50 35.91
C PRO I 94 -1.63 16.20 35.15
N HIS I 95 -1.44 15.09 35.84
CA HIS I 95 -1.48 13.87 35.08
C HIS I 95 -2.07 12.76 35.92
N PRO I 96 -2.82 11.85 35.31
CA PRO I 96 -3.39 10.74 36.08
C PRO I 96 -2.33 9.86 36.69
N SER I 97 -1.33 9.46 35.90
CA SER I 97 -0.37 8.46 36.32
C SER I 97 0.38 8.81 37.60
N GLU I 98 1.28 9.77 37.56
CA GLU I 98 1.98 10.25 38.74
C GLU I 98 0.96 10.94 39.64
N ASN I 99 1.28 11.08 40.91
CA ASN I 99 0.35 11.73 41.83
C ASN I 99 0.88 13.11 42.16
N LEU I 100 0.24 14.11 41.57
CA LEU I 100 0.50 15.49 41.90
C LEU I 100 -0.83 16.22 41.99
N LEU I 101 -1.14 16.73 43.17
CA LEU I 101 -2.37 17.47 43.33
C LEU I 101 -2.01 18.91 43.63
N ASN I 102 -2.23 19.78 42.66
CA ASN I 102 -1.89 21.19 42.78
C ASN I 102 -3.06 21.93 43.42
N ILE I 103 -2.75 22.92 44.24
CA ILE I 103 -3.77 23.69 44.94
C ILE I 103 -3.60 25.17 44.63
N ARG I 104 -4.73 25.82 44.37
CA ARG I 104 -4.79 27.24 44.10
C ARG I 104 -5.83 27.87 44.99
N ILE I 105 -5.39 28.81 45.82
CA ILE I 105 -6.27 29.51 46.73
C ILE I 105 -6.02 30.99 46.62
N GLN I 106 -7.09 31.77 46.54
CA GLN I 106 -6.98 33.21 46.46
C GLN I 106 -7.97 33.85 47.43
N THR I 107 -7.55 34.96 48.01
CA THR I 107 -8.32 35.64 49.03
C THR I 107 -8.42 37.12 48.72
N TYR I 108 -9.30 37.79 49.45
CA TYR I 108 -9.49 39.22 49.28
C TYR I 108 -8.48 40.06 50.04
N GLY I 109 -7.51 39.45 50.69
CA GLY I 109 -6.43 40.18 51.31
C GLY I 109 -6.45 40.23 52.81
N GLU I 110 -7.51 39.75 53.45
CA GLU I 110 -7.50 39.68 54.91
C GLU I 110 -6.32 38.87 55.42
N THR I 111 -6.15 37.67 54.89
CA THR I 111 -5.07 36.78 55.24
C THR I 111 -4.51 36.16 53.98
N THR I 112 -3.36 35.52 54.11
CA THR I 112 -2.85 34.79 52.96
C THR I 112 -3.54 33.44 52.87
N ALA I 113 -3.21 32.71 51.81
CA ALA I 113 -3.82 31.40 51.61
C ALA I 113 -3.30 30.41 52.62
N VAL I 114 -2.01 30.49 52.93
CA VAL I 114 -1.40 29.61 53.93
C VAL I 114 -2.25 29.61 55.19
N ASP I 115 -2.78 30.77 55.56
CA ASP I 115 -3.64 30.85 56.72
C ASP I 115 -4.89 30.01 56.52
N ALA I 116 -5.64 30.30 55.46
CA ALA I 116 -6.83 29.52 55.15
C ALA I 116 -6.49 28.06 54.99
N LEU I 117 -5.32 27.77 54.42
CA LEU I 117 -4.88 26.39 54.27
C LEU I 117 -4.99 25.63 55.57
N GLN I 118 -4.31 26.10 56.61
CA GLN I 118 -4.41 25.40 57.87
C GLN I 118 -5.76 25.65 58.52
N LYS I 119 -6.33 26.82 58.30
CA LYS I 119 -7.73 27.02 58.67
C LYS I 119 -8.59 25.92 58.07
N GLY I 120 -8.44 25.67 56.76
CA GLY I 120 -9.22 24.62 56.14
C GLY I 120 -8.95 23.26 56.74
N LEU I 121 -7.67 22.85 56.73
CA LEU I 121 -7.31 21.55 57.27
C LEU I 121 -7.88 21.36 58.66
N LYS I 122 -7.66 22.34 59.54
CA LYS I 122 -8.15 22.23 60.90
C LYS I 122 -9.62 21.84 60.93
N ASP I 123 -10.45 22.57 60.19
CA ASP I 123 -11.87 22.28 60.20
C ASP I 123 -12.13 20.91 59.62
N LEU I 124 -11.46 20.57 58.52
CA LEU I 124 -11.66 19.28 57.89
C LEU I 124 -11.48 18.15 58.88
N MET I 125 -10.32 18.13 59.54
CA MET I 125 -10.09 17.17 60.61
C MET I 125 -11.22 17.22 61.61
N ASP I 126 -11.53 18.41 62.11
CA ASP I 126 -12.59 18.55 63.10
C ASP I 126 -13.90 18.01 62.57
N LEU I 127 -14.15 18.20 61.28
CA LEU I 127 -15.41 17.75 60.71
C LEU I 127 -15.52 16.24 60.77
N CYS I 128 -14.39 15.54 60.57
CA CYS I 128 -14.41 14.08 60.59
C CYS I 128 -15.07 13.57 61.85
N ASP I 129 -14.60 14.01 63.00
CA ASP I 129 -14.99 13.39 64.27
C ASP I 129 -16.47 13.62 64.53
N VAL I 130 -17.02 14.70 64.00
CA VAL I 130 -18.44 14.98 64.18
C VAL I 130 -19.27 13.77 63.78
N VAL I 131 -19.09 13.32 62.55
CA VAL I 131 -19.83 12.15 62.11
C VAL I 131 -19.36 10.92 62.84
N GLU I 132 -18.04 10.73 62.92
CA GLU I 132 -17.51 9.53 63.57
C GLU I 132 -18.00 9.45 65.00
N SER I 133 -18.23 10.60 65.63
CA SER I 133 -19.00 10.57 66.87
C SER I 133 -20.40 10.05 66.62
N LYS I 134 -21.17 10.74 65.76
CA LYS I 134 -22.51 10.28 65.40
C LYS I 134 -22.51 8.80 65.08
N PHE I 135 -21.61 8.40 64.20
CA PHE I 135 -21.55 7.01 63.76
C PHE I 135 -21.46 6.06 64.94
N THR I 136 -20.50 6.29 65.83
CA THR I 136 -20.43 5.50 67.05
C THR I 136 -21.70 5.65 67.86
N GLU I 137 -22.15 6.89 68.04
CA GLU I 137 -23.41 7.15 68.71
C GLU I 137 -24.53 6.33 68.10
N LYS I 138 -24.51 6.20 66.77
CA LYS I 138 -25.56 5.44 66.10
C LYS I 138 -25.47 3.95 66.41
N ILE I 139 -24.27 3.38 66.41
CA ILE I 139 -24.13 1.94 66.63
C ILE I 139 -24.70 1.56 67.98
N LYS I 140 -24.20 2.17 69.04
CA LYS I 140 -24.70 1.87 70.37
C LYS I 140 -26.19 2.11 70.46
N SER I 141 -26.67 3.18 69.82
CA SER I 141 -28.10 3.43 69.78
C SER I 141 -28.84 2.30 69.09
N MET I 142 -28.22 1.64 68.12
CA MET I 142 -28.83 0.49 67.49
C MET I 142 -28.91 -0.64 68.51
N LEU J 27 16.41 -41.55 39.89
CA LEU J 27 15.28 -41.78 38.99
C LEU J 27 14.92 -40.51 38.24
N LYS J 28 15.68 -40.23 37.18
CA LYS J 28 15.51 -38.97 36.49
C LYS J 28 14.39 -39.02 35.47
N TYR J 29 13.94 -40.21 35.11
CA TYR J 29 13.22 -40.37 33.87
C TYR J 29 11.97 -41.22 34.07
N ILE J 30 11.09 -41.14 33.08
CA ILE J 30 9.91 -42.00 33.03
C ILE J 30 9.65 -42.38 31.59
N CYS J 31 9.33 -43.66 31.38
CA CYS J 31 8.89 -44.12 30.08
C CYS J 31 7.72 -43.30 29.59
N ALA J 32 7.75 -42.94 28.31
CA ALA J 32 6.71 -42.12 27.74
C ALA J 32 5.38 -42.84 27.62
N GLU J 33 5.32 -44.14 27.89
CA GLU J 33 4.08 -44.88 27.71
C GLU J 33 3.67 -45.69 28.92
N CYS J 34 4.42 -46.73 29.27
CA CYS J 34 4.08 -47.52 30.43
C CYS J 34 4.19 -46.73 31.72
N SER J 35 4.68 -45.50 31.66
CA SER J 35 4.74 -44.58 32.77
C SER J 35 5.73 -45.08 33.81
N SER J 36 6.34 -46.23 33.59
CA SER J 36 7.27 -46.81 34.55
C SER J 36 8.44 -45.88 34.80
N LYS J 37 8.82 -45.77 36.07
CA LYS J 37 9.93 -44.92 36.46
C LYS J 37 11.23 -45.67 36.25
N LEU J 38 12.24 -44.96 35.76
CA LEU J 38 13.56 -45.57 35.71
C LEU J 38 14.60 -44.47 35.61
N SER J 39 15.85 -44.86 35.83
CA SER J 39 16.99 -43.99 35.65
C SER J 39 17.97 -44.66 34.71
N LEU J 40 18.94 -43.89 34.24
CA LEU J 40 19.88 -44.36 33.23
C LEU J 40 21.31 -44.29 33.75
N SER J 41 22.23 -44.72 32.88
CA SER J 41 23.65 -44.58 33.09
C SER J 41 24.24 -44.06 31.80
N ARG J 42 25.56 -43.90 31.77
CA ARG J 42 26.24 -43.52 30.55
C ARG J 42 26.20 -44.71 29.59
N THR J 43 26.25 -44.42 28.29
CA THR J 43 26.17 -45.41 27.24
C THR J 43 24.96 -46.32 27.42
N ASP J 44 23.78 -45.75 27.56
CA ASP J 44 22.56 -46.56 27.58
C ASP J 44 21.81 -46.38 26.27
N ALA J 45 21.53 -47.49 25.59
CA ALA J 45 20.72 -47.42 24.39
C ALA J 45 19.30 -47.03 24.77
N VAL J 46 18.84 -45.92 24.23
CA VAL J 46 17.64 -45.28 24.74
C VAL J 46 16.43 -46.13 24.39
N ARG J 47 15.67 -46.53 25.41
CA ARG J 47 14.43 -47.26 25.22
C ARG J 47 13.79 -47.51 26.57
N CYS J 48 12.51 -47.82 26.54
CA CYS J 48 11.88 -48.37 27.73
C CYS J 48 12.33 -49.80 27.90
N LYS J 49 12.94 -50.10 29.04
CA LYS J 49 13.39 -51.46 29.33
C LYS J 49 12.30 -52.48 29.07
N ASP J 50 11.05 -52.11 29.27
CA ASP J 50 9.92 -52.96 29.00
C ASP J 50 9.37 -52.71 27.60
N CYS J 51 8.83 -51.51 27.38
CA CYS J 51 8.19 -51.21 26.11
C CYS J 51 9.19 -51.09 24.98
N GLY J 52 10.20 -50.25 25.15
CA GLY J 52 11.15 -50.01 24.08
C GLY J 52 11.00 -48.69 23.37
N HIS J 53 10.07 -47.86 23.80
CA HIS J 53 9.93 -46.54 23.22
C HIS J 53 11.24 -45.79 23.33
N ARG J 54 11.71 -45.27 22.22
CA ARG J 54 12.90 -44.43 22.22
C ARG J 54 12.56 -43.00 22.59
N ILE J 55 11.31 -42.76 22.96
CA ILE J 55 10.86 -41.52 23.55
C ILE J 55 10.88 -41.67 25.06
N LEU J 56 11.53 -40.74 25.75
CA LEU J 56 11.64 -40.79 27.20
C LEU J 56 11.46 -39.40 27.80
N LEU J 57 11.03 -39.39 29.06
CA LEU J 57 10.56 -38.18 29.72
C LEU J 57 11.38 -37.93 30.97
N LYS J 58 11.99 -36.76 31.06
CA LYS J 58 12.69 -36.36 32.27
C LYS J 58 11.67 -36.10 33.37
N ALA J 59 11.93 -36.68 34.54
CA ALA J 59 11.03 -36.50 35.65
C ALA J 59 11.20 -35.11 36.25
N ARG J 60 10.18 -34.67 36.98
CA ARG J 60 10.28 -33.45 37.76
C ARG J 60 10.56 -33.82 39.21
N THR J 61 11.46 -33.08 39.85
CA THR J 61 11.93 -33.40 41.19
C THR J 61 11.66 -32.22 42.12
N LYS J 62 11.77 -32.50 43.42
CA LYS J 62 11.71 -31.41 44.39
C LYS J 62 12.84 -30.43 44.15
N ARG J 63 12.49 -29.17 43.96
CA ARG J 63 13.51 -28.13 43.82
C ARG J 63 12.89 -26.83 44.27
N LEU J 64 13.72 -25.97 44.86
CA LEU J 64 13.22 -24.71 45.39
C LEU J 64 12.83 -23.82 44.22
N VAL J 65 11.69 -23.15 44.36
CA VAL J 65 11.13 -22.28 43.32
C VAL J 65 10.54 -21.07 44.03
N GLN J 66 10.51 -19.93 43.34
CA GLN J 66 9.83 -18.74 43.84
C GLN J 66 8.98 -18.11 42.75
N PHE J 67 7.82 -17.59 43.15
CA PHE J 67 7.03 -16.70 42.32
C PHE J 67 6.54 -15.52 43.14
N GLU J 68 6.01 -14.53 42.45
CA GLU J 68 5.26 -13.44 43.06
C GLU J 68 3.79 -13.81 43.03
N ALA J 69 3.16 -13.81 44.20
CA ALA J 69 1.82 -14.37 44.35
C ALA J 69 0.78 -13.60 43.55
N ARG J 70 1.18 -12.47 42.98
CA ARG J 70 0.29 -11.70 42.13
C ARG J 70 -0.05 -12.49 40.87
N SER K 8 -58.55 -43.42 -33.42
CA SER K 8 -59.63 -44.02 -32.64
C SER K 8 -59.47 -45.54 -32.47
N GLU K 9 -60.21 -46.33 -33.27
CA GLU K 9 -60.15 -47.79 -33.16
C GLU K 9 -59.64 -48.50 -34.42
N ILE K 10 -58.75 -49.46 -34.23
CA ILE K 10 -58.17 -50.25 -35.32
C ILE K 10 -58.11 -51.74 -34.97
N GLU K 11 -58.70 -52.58 -35.82
CA GLU K 11 -58.75 -54.03 -35.64
C GLU K 11 -57.47 -54.71 -36.18
N ILE K 12 -57.01 -55.74 -35.49
CA ILE K 12 -55.78 -56.44 -35.89
C ILE K 12 -56.08 -57.77 -36.60
N GLU K 13 -55.98 -57.76 -37.93
CA GLU K 13 -56.27 -58.97 -38.73
C GLU K 13 -55.38 -60.14 -38.34
N SER K 14 -54.07 -59.97 -38.51
CA SER K 14 -53.12 -61.06 -38.24
C SER K 14 -51.87 -60.54 -37.57
N VAL K 15 -51.20 -61.42 -36.83
CA VAL K 15 -49.89 -61.10 -36.26
C VAL K 15 -48.89 -62.24 -36.47
N GLN K 16 -47.89 -61.97 -37.30
CA GLN K 16 -46.84 -62.94 -37.61
C GLN K 16 -45.71 -62.98 -36.57
N ASP K 17 -45.35 -64.18 -36.14
CA ASP K 17 -44.41 -64.35 -35.04
C ASP K 17 -43.07 -64.78 -35.58
N GLN K 18 -43.06 -65.15 -36.85
CA GLN K 18 -41.91 -65.77 -37.49
C GLN K 18 -41.13 -64.78 -38.35
N PRO K 19 -39.84 -65.04 -38.59
CA PRO K 19 -39.09 -64.19 -39.52
C PRO K 19 -39.79 -64.07 -40.87
N SER K 20 -40.16 -62.83 -41.19
CA SER K 20 -40.80 -62.48 -42.45
C SER K 20 -40.00 -61.38 -43.13
N VAL K 21 -40.14 -60.15 -42.64
CA VAL K 21 -39.37 -59.03 -43.16
C VAL K 21 -38.33 -58.55 -42.16
N ALA K 22 -37.44 -57.67 -42.62
CA ALA K 22 -36.42 -57.06 -41.78
C ALA K 22 -36.32 -55.58 -42.07
N VAL K 23 -35.72 -54.84 -41.15
CA VAL K 23 -35.57 -53.40 -41.30
C VAL K 23 -34.12 -53.00 -41.10
N GLY K 24 -33.59 -52.22 -42.04
CA GLY K 24 -32.21 -51.82 -41.99
C GLY K 24 -32.09 -50.32 -42.04
N SER K 25 -31.28 -49.77 -41.14
CA SER K 25 -30.98 -48.37 -41.21
C SER K 25 -29.58 -48.22 -41.77
N PHE K 26 -29.49 -47.63 -42.96
CA PHE K 26 -28.21 -47.41 -43.58
C PHE K 26 -27.85 -45.95 -43.49
N PHE K 27 -28.57 -45.14 -44.27
CA PHE K 27 -28.49 -43.70 -44.21
C PHE K 27 -29.60 -43.14 -45.05
N LYS K 28 -29.73 -41.82 -45.09
CA LYS K 28 -30.83 -41.22 -45.84
C LYS K 28 -30.64 -41.33 -47.35
N GLY K 29 -31.73 -41.67 -48.05
CA GLY K 29 -31.68 -41.74 -49.50
C GLY K 29 -30.99 -43.00 -49.99
N PHE K 30 -30.76 -43.92 -49.06
CA PHE K 30 -30.09 -45.18 -49.38
C PHE K 30 -30.88 -46.01 -50.38
N ARG K 31 -30.18 -46.54 -51.38
CA ARG K 31 -30.73 -47.58 -52.24
C ARG K 31 -29.63 -48.52 -52.69
N ALA K 32 -30.05 -49.65 -53.24
CA ALA K 32 -29.11 -50.61 -53.75
C ALA K 32 -29.58 -50.96 -55.14
N PRO K 33 -28.65 -51.32 -56.01
CA PRO K 33 -28.91 -51.79 -57.37
C PRO K 33 -30.03 -52.85 -57.42
N SER K 34 -30.70 -52.97 -58.57
CA SER K 34 -31.87 -53.85 -58.75
C SER K 34 -31.66 -55.27 -58.24
N ASP K 35 -30.56 -55.88 -58.68
CA ASP K 35 -30.26 -57.28 -58.38
C ASP K 35 -30.10 -57.58 -56.88
N THR K 36 -29.34 -56.75 -56.19
CA THR K 36 -28.97 -56.93 -54.77
C THR K 36 -29.94 -57.72 -53.88
N THR K 37 -29.39 -58.64 -53.12
CA THR K 37 -30.20 -59.57 -52.33
C THR K 37 -29.51 -59.83 -51.00
N PHE K 38 -30.33 -59.94 -49.94
CA PHE K 38 -29.83 -59.93 -48.56
C PHE K 38 -30.14 -61.20 -47.79
N ASP K 39 -29.09 -61.83 -47.24
CA ASP K 39 -29.26 -63.05 -46.46
C ASP K 39 -29.36 -62.71 -44.98
N LEU K 40 -30.44 -63.17 -44.36
CA LEU K 40 -30.71 -62.91 -42.93
C LEU K 40 -30.32 -64.13 -42.07
N TYR K 41 -29.82 -63.87 -40.87
CA TYR K 41 -29.36 -64.95 -39.99
C TYR K 41 -29.87 -64.74 -38.57
N LYS K 42 -30.14 -65.83 -37.85
CA LYS K 42 -30.80 -65.76 -36.53
C LYS K 42 -30.28 -66.71 -35.45
N LYS K 43 -30.03 -66.18 -34.26
CA LYS K 43 -29.53 -66.95 -33.11
C LYS K 43 -30.50 -66.86 -31.93
N LYS K 44 -30.69 -67.95 -31.19
CA LYS K 44 -31.63 -67.92 -30.06
C LYS K 44 -30.97 -67.74 -28.68
N LYS K 45 -30.56 -66.51 -28.36
CA LYS K 45 -29.85 -66.19 -27.12
C LYS K 45 -30.80 -65.79 -25.98
N SER K 46 -30.95 -66.66 -24.98
CA SER K 46 -31.95 -66.49 -23.92
C SER K 46 -33.35 -66.50 -24.53
N GLU K 47 -34.24 -65.66 -24.01
CA GLU K 47 -35.54 -65.44 -24.62
C GLU K 47 -35.53 -64.13 -25.44
N LYS K 48 -34.39 -63.87 -26.07
CA LYS K 48 -34.22 -62.75 -26.98
C LYS K 48 -33.72 -63.27 -28.32
N ASP K 49 -34.18 -62.65 -29.41
CA ASP K 49 -33.75 -63.08 -30.74
C ASP K 49 -32.77 -62.10 -31.37
N GLU K 50 -31.55 -62.56 -31.62
CA GLU K 50 -30.53 -61.76 -32.29
C GLU K 50 -30.53 -62.02 -33.81
N PHE K 51 -30.25 -60.98 -34.59
CA PHE K 51 -30.23 -61.10 -36.03
C PHE K 51 -28.97 -60.53 -36.64
N VAL K 52 -28.51 -61.13 -37.73
CA VAL K 52 -27.38 -60.58 -38.48
C VAL K 52 -27.72 -60.57 -39.97
N LEU K 53 -27.35 -59.48 -40.65
CA LEU K 53 -27.64 -59.30 -42.05
C LEU K 53 -26.39 -59.30 -42.91
N HIS K 54 -26.44 -60.01 -44.03
CA HIS K 54 -25.33 -60.01 -44.98
C HIS K 54 -25.86 -60.01 -46.41
N GLY K 55 -25.52 -58.95 -47.14
CA GLY K 55 -25.94 -58.79 -48.51
C GLY K 55 -24.74 -58.68 -49.41
N GLU K 56 -24.95 -58.96 -50.68
CA GLU K 56 -23.85 -59.07 -51.61
C GLU K 56 -24.32 -58.67 -52.99
N ASN K 57 -23.62 -57.74 -53.60
CA ASN K 57 -23.75 -57.57 -55.03
C ASN K 57 -22.38 -57.49 -55.70
N GLU K 58 -22.35 -57.12 -56.97
CA GLU K 58 -21.13 -57.26 -57.77
C GLU K 58 -19.94 -56.47 -57.19
N ARG K 59 -20.17 -55.25 -56.73
CA ARG K 59 -19.08 -54.43 -56.22
C ARG K 59 -19.34 -53.75 -54.88
N LEU K 60 -20.32 -54.27 -54.13
CA LEU K 60 -20.61 -53.78 -52.79
C LEU K 60 -20.97 -54.91 -51.86
N GLU K 61 -20.59 -54.78 -50.60
CA GLU K 61 -21.08 -55.67 -49.57
C GLU K 61 -22.02 -54.89 -48.66
N TYR K 62 -22.93 -55.60 -48.01
CA TYR K 62 -23.84 -54.98 -47.07
C TYR K 62 -23.87 -55.82 -45.79
N GLU K 63 -23.63 -55.21 -44.64
CA GLU K 63 -23.73 -55.95 -43.37
C GLU K 63 -24.59 -55.23 -42.36
N GLY K 64 -25.14 -55.97 -41.40
CA GLY K 64 -26.04 -55.40 -40.41
C GLY K 64 -26.23 -56.26 -39.16
N TYR K 65 -26.32 -55.62 -38.00
CA TYR K 65 -26.55 -56.35 -36.75
C TYR K 65 -27.68 -55.75 -35.92
N THR K 66 -28.22 -56.54 -35.01
CA THR K 66 -29.22 -56.01 -34.12
C THR K 66 -28.51 -55.45 -32.90
N ASP K 67 -28.95 -54.27 -32.44
CA ASP K 67 -28.32 -53.64 -31.28
C ASP K 67 -28.62 -54.43 -30.02
N SER K 68 -27.57 -54.98 -29.41
CA SER K 68 -27.68 -55.82 -28.22
C SER K 68 -28.38 -55.09 -27.06
N SER K 69 -28.19 -53.78 -26.97
CA SER K 69 -28.71 -53.02 -25.86
C SER K 69 -30.19 -52.64 -26.00
N SER K 70 -30.60 -52.21 -27.20
CA SER K 70 -31.97 -51.77 -27.36
C SER K 70 -32.94 -52.95 -27.39
N GLN K 71 -32.51 -54.09 -27.95
CA GLN K 71 -33.36 -55.27 -28.09
C GLN K 71 -33.73 -55.90 -26.75
N ALA K 72 -33.05 -55.44 -25.70
CA ALA K 72 -33.39 -55.83 -24.35
C ALA K 72 -34.68 -55.16 -23.88
N SER K 73 -35.07 -54.05 -24.51
CA SER K 73 -36.27 -53.34 -24.07
C SER K 73 -37.17 -52.81 -25.20
N ASN K 74 -36.71 -52.93 -26.44
CA ASN K 74 -37.53 -52.57 -27.60
C ASN K 74 -37.83 -53.76 -28.52
N GLN K 75 -39.10 -53.91 -28.88
CA GLN K 75 -39.53 -54.93 -29.85
C GLN K 75 -40.09 -54.19 -31.04
N TYR K 76 -39.73 -54.60 -32.24
CA TYR K 76 -40.17 -53.87 -33.41
C TYR K 76 -41.08 -54.68 -34.33
N VAL K 77 -42.05 -54.00 -34.94
CA VAL K 77 -43.11 -54.63 -35.70
C VAL K 77 -43.52 -53.78 -36.89
N VAL K 78 -43.52 -54.38 -38.08
CA VAL K 78 -43.96 -53.71 -39.30
C VAL K 78 -45.44 -53.93 -39.50
N GLY K 79 -46.17 -52.89 -39.91
CA GLY K 79 -47.60 -52.99 -40.06
C GLY K 79 -48.13 -52.61 -41.44
N LEU K 80 -49.07 -53.41 -41.93
CA LEU K 80 -49.74 -53.12 -43.20
C LEU K 80 -51.13 -52.65 -42.86
N PHE K 81 -51.48 -51.47 -43.37
CA PHE K 81 -52.71 -50.78 -42.95
C PHE K 81 -53.74 -50.71 -44.07
N ASN K 82 -54.96 -51.11 -43.75
CA ASN K 82 -56.08 -51.02 -44.67
C ASN K 82 -57.05 -49.95 -44.17
N PRO K 83 -56.99 -48.74 -44.76
CA PRO K 83 -57.85 -47.62 -44.38
C PRO K 83 -59.28 -47.73 -44.90
N GLU K 84 -59.52 -48.59 -45.89
CA GLU K 84 -60.88 -48.94 -46.30
C GLU K 84 -61.28 -50.17 -45.48
N LYS K 85 -61.21 -50.00 -44.17
CA LYS K 85 -61.35 -51.06 -43.16
C LYS K 85 -60.80 -50.39 -41.90
N LYS K 86 -61.03 -50.98 -40.75
CA LYS K 86 -60.37 -50.50 -39.54
C LYS K 86 -59.27 -51.49 -39.18
N SER K 87 -58.64 -52.08 -40.20
CA SER K 87 -57.76 -53.24 -39.98
C SER K 87 -56.28 -52.98 -40.26
N ILE K 88 -55.43 -53.75 -39.61
CA ILE K 88 -53.98 -53.66 -39.79
C ILE K 88 -53.36 -55.06 -39.64
N GLN K 89 -52.28 -55.31 -40.38
CA GLN K 89 -51.59 -56.60 -40.33
C GLN K 89 -50.17 -56.43 -39.83
N LEU K 90 -49.88 -56.99 -38.66
CA LEU K 90 -48.58 -56.81 -38.01
C LEU K 90 -47.67 -58.00 -38.24
N TYR K 91 -46.41 -57.70 -38.59
CA TYR K 91 -45.37 -58.69 -38.75
C TYR K 91 -44.17 -58.28 -37.87
N LYS K 92 -43.59 -59.24 -37.15
CA LYS K 92 -42.42 -58.92 -36.34
C LYS K 92 -41.19 -58.81 -37.23
N ALA K 93 -40.33 -57.86 -36.89
CA ALA K 93 -39.19 -57.55 -37.70
C ALA K 93 -38.07 -57.10 -36.81
N PRO K 94 -36.84 -57.54 -37.11
CA PRO K 94 -35.71 -56.97 -36.39
C PRO K 94 -35.30 -55.65 -37.05
N VAL K 95 -34.78 -54.71 -36.27
CA VAL K 95 -34.16 -53.52 -36.83
C VAL K 95 -32.66 -53.68 -36.76
N LEU K 96 -31.99 -53.67 -37.91
CA LEU K 96 -30.55 -53.88 -37.95
C LEU K 96 -29.76 -52.62 -38.28
N VAL K 97 -28.70 -52.40 -37.51
CA VAL K 97 -27.77 -51.32 -37.78
C VAL K 97 -26.81 -51.76 -38.87
N SER K 98 -26.85 -51.09 -40.01
CA SER K 98 -26.20 -51.62 -41.20
C SER K 98 -25.30 -50.61 -41.92
N LYS K 99 -24.31 -51.13 -42.62
CA LYS K 99 -23.40 -50.29 -43.39
C LYS K 99 -23.29 -50.83 -44.81
N VAL K 100 -22.79 -50.01 -45.71
CA VAL K 100 -22.48 -50.43 -47.07
C VAL K 100 -20.99 -50.33 -47.24
N VAL K 101 -20.36 -51.42 -47.66
CA VAL K 101 -18.91 -51.43 -47.84
C VAL K 101 -18.56 -51.59 -49.30
N SER K 102 -17.61 -50.78 -49.76
CA SER K 102 -17.16 -50.87 -51.14
C SER K 102 -16.12 -51.97 -51.27
N LYS K 103 -16.38 -52.95 -52.12
CA LYS K 103 -15.43 -54.03 -52.37
C LYS K 103 -14.16 -53.46 -52.96
N SER K 104 -14.32 -52.36 -53.69
CA SER K 104 -13.21 -51.69 -54.34
C SER K 104 -12.13 -51.25 -53.35
N SER L 24 -19.41 -64.27 -43.59
CA SER L 24 -18.70 -64.89 -42.45
C SER L 24 -19.58 -65.03 -41.18
N ILE L 25 -20.62 -65.86 -41.33
CA ILE L 25 -21.53 -66.25 -40.26
C ILE L 25 -20.87 -66.43 -38.90
N PRO L 26 -21.40 -65.76 -37.86
CA PRO L 26 -20.93 -65.89 -36.48
C PRO L 26 -21.50 -67.11 -35.77
N ASP L 27 -20.99 -67.40 -34.57
CA ASP L 27 -21.37 -68.59 -33.81
C ASP L 27 -22.82 -68.60 -33.35
N GLY L 28 -23.58 -69.60 -33.80
CA GLY L 28 -24.91 -69.80 -33.27
C GLY L 28 -26.06 -69.35 -34.15
N PHE L 29 -25.75 -68.66 -35.24
CA PHE L 29 -26.77 -68.17 -36.17
C PHE L 29 -26.99 -69.16 -37.32
N LYS L 30 -28.25 -69.44 -37.64
CA LYS L 30 -28.58 -70.24 -38.81
C LYS L 30 -29.41 -69.42 -39.79
N LYS L 31 -29.12 -69.57 -41.09
CA LYS L 31 -29.81 -68.78 -42.11
C LYS L 31 -31.32 -68.99 -42.05
N CYS L 32 -32.06 -67.88 -42.09
CA CYS L 32 -33.50 -67.94 -42.01
C CYS L 32 -34.07 -68.56 -43.28
N LYS L 33 -34.39 -69.84 -43.19
CA LYS L 33 -34.73 -70.63 -44.38
C LYS L 33 -36.05 -70.21 -45.00
N HIS L 34 -37.17 -70.51 -44.34
CA HIS L 34 -38.48 -70.28 -44.93
C HIS L 34 -39.17 -69.00 -44.45
N LEU L 35 -39.01 -67.94 -45.21
CA LEU L 35 -39.56 -66.64 -44.85
C LEU L 35 -41.07 -66.55 -45.09
N LYS L 36 -41.80 -66.13 -44.07
CA LYS L 36 -43.25 -66.00 -44.18
C LYS L 36 -43.67 -64.85 -45.10
N ASN L 37 -44.96 -64.78 -45.43
CA ASN L 37 -45.45 -63.92 -46.50
C ASN L 37 -45.78 -62.47 -46.11
N PHE L 38 -45.60 -61.55 -47.05
CA PHE L 38 -45.79 -60.13 -46.75
C PHE L 38 -46.57 -59.38 -47.84
N PRO L 39 -47.92 -59.43 -47.78
CA PRO L 39 -48.85 -58.85 -48.75
C PRO L 39 -48.74 -57.34 -48.98
N LEU L 40 -47.94 -56.92 -49.95
CA LEU L 40 -47.74 -55.50 -50.25
C LEU L 40 -48.70 -54.98 -51.33
N ASN L 41 -48.33 -53.91 -52.03
CA ASN L 41 -49.17 -53.31 -53.06
C ASN L 41 -48.42 -52.42 -54.05
N LYS L 49 -57.73 -43.68 -52.17
CA LYS L 49 -57.08 -43.90 -50.88
C LYS L 49 -56.48 -45.31 -50.83
N GLN L 50 -55.14 -45.37 -50.81
CA GLN L 50 -54.43 -46.64 -50.93
C GLN L 50 -53.92 -47.12 -49.56
N GLN L 51 -53.17 -48.22 -49.55
CA GLN L 51 -52.70 -48.80 -48.27
C GLN L 51 -51.41 -48.18 -47.79
N GLN L 52 -51.14 -48.30 -46.49
CA GLN L 52 -49.97 -47.69 -45.88
C GLN L 52 -49.11 -48.70 -45.09
N VAL L 53 -47.80 -48.42 -45.01
CA VAL L 53 -46.90 -49.28 -44.26
C VAL L 53 -46.36 -48.54 -43.02
N TRP L 54 -46.53 -49.14 -41.85
CA TRP L 54 -46.15 -48.51 -40.59
C TRP L 54 -45.05 -49.27 -39.89
N LEU L 55 -44.25 -48.56 -39.09
CA LEU L 55 -43.33 -49.19 -38.14
C LEU L 55 -43.78 -48.85 -36.75
N ILE L 56 -43.84 -49.85 -35.88
CA ILE L 56 -44.33 -49.65 -34.52
C ILE L 56 -43.38 -50.28 -33.51
N LYS L 57 -42.99 -49.50 -32.50
CA LYS L 57 -42.23 -50.01 -31.35
C LYS L 57 -43.15 -50.36 -30.17
N PHE L 58 -43.02 -51.58 -29.66
CA PHE L 58 -43.71 -52.04 -28.47
C PHE L 58 -42.62 -52.38 -27.46
N PRO L 59 -42.96 -52.34 -26.16
CA PRO L 59 -42.03 -52.84 -25.14
C PRO L 59 -41.78 -54.31 -25.38
N SER L 60 -40.55 -54.76 -25.19
CA SER L 60 -40.17 -56.13 -25.50
C SER L 60 -40.95 -57.17 -24.70
N ASN L 61 -41.41 -56.77 -23.52
CA ASN L 61 -42.18 -57.64 -22.63
C ASN L 61 -43.66 -57.83 -23.02
N VAL L 62 -44.08 -57.18 -24.10
CA VAL L 62 -45.47 -57.24 -24.54
C VAL L 62 -45.69 -58.34 -25.60
N ASP L 63 -46.58 -59.27 -25.28
CA ASP L 63 -47.01 -60.28 -26.23
C ASP L 63 -47.90 -59.60 -27.27
N ILE L 64 -47.36 -59.39 -28.45
CA ILE L 64 -48.08 -58.70 -29.52
C ILE L 64 -49.11 -59.61 -30.13
N SER L 65 -48.87 -60.91 -30.04
CA SER L 65 -49.72 -61.92 -30.69
C SER L 65 -51.15 -61.92 -30.18
N LYS L 66 -51.41 -61.21 -29.10
CA LYS L 66 -52.78 -61.14 -28.59
C LYS L 66 -53.25 -59.73 -28.25
N LEU L 67 -53.57 -58.97 -29.29
CA LEU L 67 -54.15 -57.64 -29.11
C LEU L 67 -55.40 -57.50 -29.98
N LYS L 68 -56.02 -56.33 -29.93
CA LYS L 68 -57.21 -56.06 -30.74
C LYS L 68 -57.24 -54.62 -31.21
N SER L 69 -57.24 -53.68 -30.26
CA SER L 69 -57.36 -52.25 -30.57
C SER L 69 -56.05 -51.57 -30.97
N LEU L 70 -56.15 -50.27 -31.24
CA LEU L 70 -55.06 -49.44 -31.71
C LEU L 70 -55.64 -48.07 -32.10
N PRO L 71 -55.13 -46.99 -31.50
CA PRO L 71 -55.66 -45.64 -31.76
C PRO L 71 -54.93 -44.86 -32.83
N VAL L 72 -55.52 -43.74 -33.27
CA VAL L 72 -54.94 -42.81 -34.25
C VAL L 72 -54.64 -41.41 -33.66
N THR L 78 -51.99 -40.07 -28.54
CA THR L 78 -52.77 -40.26 -27.30
C THR L 78 -52.42 -41.53 -26.52
N THR L 79 -53.45 -42.14 -25.96
CA THR L 79 -53.29 -43.17 -24.96
C THR L 79 -53.93 -44.49 -25.36
N MET L 80 -53.34 -45.58 -24.89
CA MET L 80 -53.92 -46.90 -25.05
C MET L 80 -53.52 -47.81 -23.91
N THR L 81 -54.33 -48.82 -23.65
CA THR L 81 -53.98 -49.81 -22.66
C THR L 81 -53.82 -51.17 -23.35
N ILE L 82 -52.81 -51.92 -22.92
CA ILE L 82 -52.61 -53.27 -23.41
C ILE L 82 -52.46 -54.18 -22.17
N ASP L 83 -53.30 -55.20 -22.09
CA ASP L 83 -53.39 -56.08 -20.92
C ASP L 83 -53.61 -55.28 -19.63
N LYS L 84 -54.62 -54.42 -19.65
CA LYS L 84 -55.03 -53.59 -18.51
C LYS L 84 -53.97 -52.59 -18.00
N HIS L 85 -52.73 -52.72 -18.46
CA HIS L 85 -51.71 -51.74 -18.15
C HIS L 85 -51.77 -50.65 -19.22
N ASP L 86 -51.53 -49.40 -18.84
CA ASP L 86 -51.64 -48.30 -19.81
C ASP L 86 -50.33 -47.69 -20.35
N TYR L 87 -50.35 -47.45 -21.66
CA TYR L 87 -49.21 -46.95 -22.40
C TYR L 87 -49.60 -45.69 -23.15
N LYS L 88 -48.64 -45.14 -23.88
CA LYS L 88 -48.85 -43.94 -24.66
C LYS L 88 -48.31 -44.16 -26.09
N ILE L 89 -49.11 -43.80 -27.09
CA ILE L 89 -48.68 -43.89 -28.49
C ILE L 89 -48.21 -42.54 -29.01
N MET L 90 -46.97 -42.48 -29.49
CA MET L 90 -46.43 -41.23 -29.99
C MET L 90 -46.11 -41.34 -31.47
N ASP L 91 -46.37 -40.25 -32.20
CA ASP L 91 -46.11 -40.19 -33.64
C ASP L 91 -44.68 -39.72 -33.88
N ASP L 92 -43.75 -40.67 -33.81
CA ASP L 92 -42.34 -40.34 -33.97
C ASP L 92 -41.92 -40.35 -35.44
N THR L 93 -42.83 -40.04 -36.33
CA THR L 93 -42.50 -40.02 -37.75
C THR L 93 -41.45 -38.96 -38.07
N ASP L 94 -41.53 -37.78 -37.44
CA ASP L 94 -40.57 -36.70 -37.73
C ASP L 94 -39.15 -36.94 -37.21
N ILE L 95 -38.95 -38.06 -36.52
CA ILE L 95 -37.63 -38.48 -36.03
C ILE L 95 -37.02 -39.49 -37.01
N GLU L 96 -37.85 -40.41 -37.50
CA GLU L 96 -37.41 -41.40 -38.48
C GLU L 96 -37.28 -40.78 -39.86
N SER L 97 -38.05 -39.72 -40.13
CA SER L 97 -38.03 -39.09 -41.44
C SER L 97 -38.42 -37.62 -41.36
N SER L 98 -38.48 -36.95 -42.51
CA SER L 98 -38.98 -35.57 -42.56
C SER L 98 -40.45 -35.52 -42.92
N LEU L 99 -41.19 -34.64 -42.24
CA LEU L 99 -42.59 -34.46 -42.57
C LEU L 99 -42.76 -33.53 -43.77
N THR L 100 -41.84 -32.57 -43.92
CA THR L 100 -41.94 -31.55 -44.97
C THR L 100 -41.25 -31.93 -46.29
N GLN L 101 -40.29 -32.85 -46.23
CA GLN L 101 -39.54 -33.18 -47.43
C GLN L 101 -39.37 -34.69 -47.63
N ASP L 102 -39.47 -35.12 -48.89
CA ASP L 102 -39.32 -36.53 -49.25
C ASP L 102 -37.87 -37.06 -49.22
N ASN L 103 -37.74 -38.38 -49.13
CA ASN L 103 -36.46 -39.08 -49.24
C ASN L 103 -35.51 -38.82 -48.07
N LEU L 104 -36.04 -38.37 -46.96
CA LEU L 104 -35.22 -38.17 -45.77
C LEU L 104 -35.45 -39.23 -44.72
N SER L 105 -35.69 -40.47 -45.17
CA SER L 105 -35.98 -41.59 -44.26
C SER L 105 -34.74 -42.34 -43.79
N ASN L 106 -34.68 -42.59 -42.48
CA ASN L 106 -33.59 -43.35 -41.87
C ASN L 106 -33.63 -44.82 -42.25
N MET L 107 -34.84 -45.37 -42.40
CA MET L 107 -35.01 -46.81 -42.53
C MET L 107 -35.49 -47.27 -43.88
N THR L 108 -35.04 -48.45 -44.27
CA THR L 108 -35.42 -49.06 -45.53
C THR L 108 -35.96 -50.45 -45.23
N LEU L 109 -37.09 -50.79 -45.85
CA LEU L 109 -37.78 -52.04 -45.57
C LEU L 109 -37.26 -53.16 -46.45
N LEU L 110 -37.08 -54.35 -45.87
CA LEU L 110 -36.57 -55.50 -46.60
C LEU L 110 -37.56 -56.64 -46.54
N VAL L 111 -38.08 -57.03 -47.71
CA VAL L 111 -39.12 -58.06 -47.80
C VAL L 111 -38.57 -59.33 -48.43
N PRO L 112 -39.22 -60.48 -48.18
CA PRO L 112 -38.77 -61.73 -48.80
C PRO L 112 -38.80 -61.70 -50.32
N SER L 113 -37.76 -62.25 -50.94
CA SER L 113 -37.69 -62.28 -52.41
C SER L 113 -38.35 -63.52 -53.00
N GLU L 114 -38.22 -63.67 -54.32
CA GLU L 114 -38.94 -64.70 -55.06
C GLU L 114 -38.38 -66.10 -54.85
N SER L 115 -38.18 -66.48 -53.59
CA SER L 115 -37.57 -67.75 -53.24
C SER L 115 -37.83 -68.03 -51.78
N LYS L 116 -38.24 -66.96 -51.07
CA LYS L 116 -38.45 -67.01 -49.62
C LYS L 116 -37.19 -67.47 -48.88
N GLU L 117 -36.02 -67.24 -49.46
CA GLU L 117 -34.78 -67.62 -48.81
C GLU L 117 -33.82 -66.44 -48.71
N SER L 118 -34.32 -65.25 -49.04
CA SER L 118 -33.54 -64.03 -48.94
C SER L 118 -34.42 -62.80 -48.97
N LEU L 119 -33.81 -61.61 -48.91
CA LEU L 119 -34.57 -60.37 -48.79
C LEU L 119 -34.22 -59.38 -49.89
N LYS L 120 -35.23 -58.64 -50.35
CA LYS L 120 -35.03 -57.59 -51.33
C LYS L 120 -35.48 -56.30 -50.71
N ILE L 121 -34.96 -55.18 -51.18
CA ILE L 121 -35.44 -53.88 -50.73
C ILE L 121 -36.86 -53.67 -51.22
N ALA L 122 -37.78 -53.43 -50.28
CA ALA L 122 -39.19 -53.26 -50.63
C ALA L 122 -39.42 -51.98 -51.41
N SER L 123 -40.06 -52.10 -52.56
CA SER L 123 -40.43 -50.94 -53.36
C SER L 123 -41.87 -51.01 -53.83
N THR L 124 -42.39 -49.86 -54.26
CA THR L 124 -43.78 -49.72 -54.62
C THR L 124 -43.92 -48.82 -55.84
N ALA L 125 -42.83 -48.11 -56.16
CA ALA L 125 -42.82 -47.00 -57.11
C ALA L 125 -42.78 -47.38 -58.60
N LYS L 126 -42.67 -48.68 -58.88
CA LYS L 126 -42.42 -49.17 -60.24
C LYS L 126 -41.24 -48.41 -60.83
N ASP L 127 -40.25 -48.20 -59.97
CA ASP L 127 -39.08 -47.38 -60.25
C ASP L 127 -37.96 -47.92 -59.37
N ASN L 128 -38.33 -48.89 -58.53
CA ASN L 128 -37.43 -49.49 -57.53
C ASN L 128 -37.00 -48.51 -56.43
N ALA L 129 -37.63 -47.34 -56.44
CA ALA L 129 -37.46 -46.36 -55.37
C ALA L 129 -37.91 -47.00 -54.08
N PRO L 130 -36.99 -47.11 -53.11
CA PRO L 130 -37.26 -47.86 -51.88
C PRO L 130 -38.50 -47.31 -51.18
N LEU L 131 -39.27 -48.21 -50.57
CA LEU L 131 -40.42 -47.81 -49.78
C LEU L 131 -39.96 -46.99 -48.58
N GLN L 132 -40.73 -45.95 -48.25
CA GLN L 132 -40.52 -45.18 -47.04
C GLN L 132 -41.69 -45.43 -46.11
N PHE L 133 -41.43 -45.49 -44.82
CA PHE L 133 -42.52 -45.72 -43.88
C PHE L 133 -43.49 -44.55 -43.88
N ASP L 134 -44.78 -44.86 -43.95
CA ASP L 134 -45.81 -43.85 -43.97
C ASP L 134 -45.94 -43.23 -42.58
N LYS L 135 -45.71 -44.06 -41.56
CA LYS L 135 -45.76 -43.61 -40.18
C LYS L 135 -44.88 -44.48 -39.28
N VAL L 136 -44.34 -43.86 -38.24
CA VAL L 136 -43.59 -44.59 -37.20
C VAL L 136 -44.20 -44.31 -35.83
N PHE L 137 -44.55 -45.36 -35.11
CA PHE L 137 -45.23 -45.18 -33.84
C PHE L 137 -44.43 -45.80 -32.70
N SER L 138 -44.42 -45.11 -31.57
CA SER L 138 -43.76 -45.62 -30.39
C SER L 138 -44.78 -45.83 -29.29
N VAL L 139 -45.05 -47.09 -28.98
CA VAL L 139 -45.86 -47.47 -27.83
C VAL L 139 -44.95 -47.59 -26.61
N SER L 140 -45.04 -46.63 -25.71
CA SER L 140 -44.14 -46.57 -24.57
C SER L 140 -44.87 -46.37 -23.24
N GLU L 141 -44.12 -46.54 -22.14
CA GLU L 141 -44.65 -46.49 -20.79
C GLU L 141 -45.00 -45.07 -20.34
N THR L 142 -46.02 -44.95 -19.49
CA THR L 142 -46.41 -43.65 -19.02
C THR L 142 -46.58 -43.70 -17.51
N ALA L 143 -46.40 -42.56 -16.85
CA ALA L 143 -46.53 -42.49 -15.40
C ALA L 143 -47.45 -41.34 -14.99
N LYS L 144 -48.71 -41.65 -14.70
CA LYS L 144 -49.68 -40.64 -14.30
C LYS L 144 -49.16 -39.82 -13.12
N ILE L 145 -49.29 -38.51 -13.23
CA ILE L 145 -48.83 -37.60 -12.18
C ILE L 145 -50.01 -37.00 -11.43
N PRO L 146 -49.87 -36.88 -10.11
CA PRO L 146 -50.94 -36.31 -9.27
C PRO L 146 -50.72 -34.82 -9.01
N ALA L 147 -51.57 -34.23 -8.18
CA ALA L 147 -51.47 -32.81 -7.86
C ALA L 147 -50.58 -32.59 -6.64
N ILE L 148 -50.19 -31.34 -6.42
CA ILE L 148 -49.33 -30.99 -5.29
C ILE L 148 -50.15 -30.57 -4.08
N ASP L 149 -50.48 -31.53 -3.22
CA ASP L 149 -51.26 -31.26 -2.02
C ASP L 149 -50.83 -29.95 -1.37
N TYR L 150 -51.42 -28.85 -1.81
CA TYR L 150 -51.10 -27.53 -1.26
C TYR L 150 -51.60 -27.34 0.18
N SER L 151 -52.59 -28.14 0.61
CA SER L 151 -53.08 -28.07 1.98
C SER L 151 -52.02 -28.56 2.95
N LYS L 152 -51.39 -29.68 2.62
CA LYS L 152 -50.38 -30.25 3.49
C LYS L 152 -49.08 -29.50 3.37
N VAL L 153 -48.88 -28.86 2.22
CA VAL L 153 -47.55 -28.38 1.88
C VAL L 153 -47.34 -26.86 2.01
N ARG L 154 -48.36 -26.07 1.68
CA ARG L 154 -48.29 -24.63 1.82
C ARG L 154 -48.89 -24.20 3.17
N VAL L 155 -48.03 -24.17 4.18
CA VAL L 155 -48.44 -23.91 5.55
C VAL L 155 -48.05 -22.51 5.98
N PRO L 156 -48.98 -21.79 6.62
CA PRO L 156 -48.72 -20.48 7.23
C PRO L 156 -47.46 -20.47 8.05
N ARG L 157 -46.79 -19.32 8.12
CA ARG L 157 -45.60 -19.19 8.95
C ARG L 157 -46.02 -19.16 10.41
N LYS L 158 -45.23 -19.77 11.28
CA LYS L 158 -45.47 -19.70 12.73
C LYS L 158 -44.51 -18.66 13.32
N ASP L 159 -44.96 -17.93 14.34
CA ASP L 159 -44.12 -16.94 15.00
C ASP L 159 -43.04 -17.67 15.77
N VAL L 160 -41.98 -16.96 16.15
CA VAL L 160 -40.97 -17.55 17.03
C VAL L 160 -41.63 -17.70 18.39
N PRO L 161 -41.65 -18.93 18.93
CA PRO L 161 -42.40 -19.31 20.12
C PRO L 161 -42.02 -18.51 21.35
N LYS L 162 -43.04 -18.00 22.04
CA LYS L 162 -42.83 -17.28 23.29
C LYS L 162 -42.37 -18.29 24.35
N VAL L 163 -41.37 -17.91 25.15
CA VAL L 163 -40.94 -18.75 26.27
C VAL L 163 -41.88 -18.57 27.43
N GLU L 164 -42.48 -19.67 27.90
CA GLU L 164 -43.54 -19.60 28.91
C GLU L 164 -43.01 -19.49 30.34
N GLY L 165 -43.71 -18.69 31.14
CA GLY L 165 -43.44 -18.62 32.56
C GLY L 165 -42.26 -17.76 32.92
N LEU L 166 -42.21 -16.56 32.33
CA LEU L 166 -41.14 -15.65 32.68
C LEU L 166 -41.60 -14.70 33.81
N THR M 12 48.94 15.11 19.57
CA THR M 12 49.34 15.35 18.18
C THR M 12 48.53 16.46 17.50
N ALA M 13 48.73 16.57 16.18
CA ALA M 13 48.33 17.76 15.43
C ALA M 13 46.87 17.75 15.02
N THR M 14 46.13 18.80 15.41
CA THR M 14 44.76 18.96 14.97
C THR M 14 44.54 20.34 14.36
N THR M 15 43.31 20.63 13.96
CA THR M 15 42.98 21.92 13.38
C THR M 15 42.97 23.02 14.45
N LEU M 16 43.09 22.60 15.70
CA LEU M 16 43.10 23.54 16.81
C LEU M 16 44.49 24.12 17.12
N ASN M 17 45.55 23.36 16.82
CA ASN M 17 46.91 23.75 17.18
C ASN M 17 47.84 23.88 15.95
N THR M 18 47.33 23.50 14.79
CA THR M 18 48.10 23.54 13.57
C THR M 18 47.39 24.27 12.45
N PRO M 19 48.06 25.26 11.84
CA PRO M 19 47.59 25.91 10.61
C PRO M 19 47.13 24.89 9.57
N VAL M 20 46.07 25.18 8.81
CA VAL M 20 45.63 24.28 7.77
C VAL M 20 46.65 24.23 6.65
N VAL M 21 47.22 25.38 6.34
CA VAL M 21 48.29 25.47 5.36
C VAL M 21 49.18 26.70 5.65
N ILE M 22 50.47 26.61 5.32
CA ILE M 22 51.42 27.74 5.43
C ILE M 22 52.13 27.99 4.09
N HIS M 23 52.27 29.26 3.70
CA HIS M 23 52.99 29.60 2.47
C HIS M 23 53.89 30.82 2.66
N ALA M 24 55.13 30.71 2.22
CA ALA M 24 55.98 31.90 2.21
C ALA M 24 55.51 32.79 1.08
N THR M 25 55.41 34.09 1.36
CA THR M 25 54.96 35.07 0.37
C THR M 25 56.11 35.74 -0.35
N GLN M 26 57.31 35.61 0.20
CA GLN M 26 58.49 36.17 -0.44
C GLN M 26 59.65 35.22 -0.28
N LEU M 27 60.73 35.52 -0.99
CA LEU M 27 61.98 34.86 -0.69
C LEU M 27 62.44 35.38 0.65
N PRO M 28 62.95 34.47 1.50
CA PRO M 28 63.56 34.83 2.77
C PRO M 28 64.66 35.87 2.60
N GLN M 29 64.70 36.82 3.52
CA GLN M 29 65.69 37.90 3.51
C GLN M 29 66.66 37.68 4.67
N HIS M 30 67.95 37.64 4.39
CA HIS M 30 68.91 37.44 5.46
C HIS M 30 69.01 38.64 6.38
N VAL M 31 69.24 38.39 7.66
CA VAL M 31 69.28 39.45 8.67
C VAL M 31 70.61 39.53 9.39
N SER M 32 71.09 40.75 9.61
CA SER M 32 72.35 40.99 10.29
C SER M 32 72.26 40.56 11.75
N THR M 33 73.41 40.42 12.38
CA THR M 33 73.45 40.07 13.80
C THR M 33 72.76 41.13 14.66
N ASP M 34 72.96 42.41 14.31
CA ASP M 34 72.37 43.53 15.05
C ASP M 34 70.85 43.46 15.00
N GLU M 35 70.33 42.90 13.91
CA GLU M 35 68.88 42.73 13.74
C GLU M 35 68.36 41.53 14.53
N VAL M 36 69.06 40.41 14.41
CA VAL M 36 68.76 39.21 15.18
C VAL M 36 68.69 39.53 16.66
N LEU M 37 69.59 40.38 17.12
CA LEU M 37 69.62 40.79 18.51
C LEU M 37 68.44 41.68 18.89
N GLN M 38 68.11 42.65 18.02
CA GLN M 38 66.99 43.55 18.31
C GLN M 38 65.67 42.77 18.32
N PHE M 39 65.54 41.78 17.45
CA PHE M 39 64.34 40.95 17.43
C PHE M 39 64.24 40.05 18.65
N LEU M 40 65.32 39.36 18.99
CA LEU M 40 65.34 38.48 20.15
C LEU M 40 64.95 39.24 21.40
N GLU M 41 65.61 40.38 21.59
CA GLU M 41 65.28 41.34 22.64
C GLU M 41 63.77 41.47 22.85
N SER M 42 63.10 42.05 21.86
CA SER M 42 61.67 42.35 21.98
C SER M 42 60.77 41.12 22.08
N PHE M 43 61.11 40.06 21.34
CA PHE M 43 60.28 38.86 21.33
C PHE M 43 60.30 38.22 22.71
N ILE M 44 61.48 38.20 23.32
CA ILE M 44 61.63 37.66 24.67
C ILE M 44 60.87 38.50 25.72
N ASP M 45 60.99 39.82 25.63
CA ASP M 45 60.27 40.70 26.55
C ASP M 45 58.75 40.54 26.44
N GLU M 46 58.22 40.56 25.22
CA GLU M 46 56.77 40.52 24.98
C GLU M 46 56.16 39.25 25.56
N LYS M 47 56.91 38.14 25.49
CA LYS M 47 56.41 36.85 25.94
C LYS M 47 56.76 36.53 27.40
N GLU M 48 56.77 37.55 28.26
CA GLU M 48 57.07 37.39 29.69
C GLU M 48 56.26 38.33 30.59
N THR M 80 53.73 26.13 29.12
CA THR M 80 54.89 25.38 29.61
C THR M 80 55.89 25.22 28.49
N ASN M 81 55.37 24.92 27.30
CA ASN M 81 56.18 24.77 26.11
C ASN M 81 56.83 26.11 25.75
N LEU M 82 56.06 27.19 25.86
CA LEU M 82 56.57 28.52 25.55
C LEU M 82 57.66 28.96 26.53
N SER M 83 57.54 28.54 27.79
CA SER M 83 58.53 28.88 28.81
C SER M 83 59.89 28.26 28.51
N SER M 84 59.88 26.96 28.20
CA SER M 84 61.13 26.24 27.92
C SER M 84 61.73 26.68 26.59
N SER M 85 60.92 27.34 25.77
CA SER M 85 61.38 27.84 24.48
C SER M 85 62.05 29.21 24.58
N ILE M 86 61.44 30.14 25.32
CA ILE M 86 62.07 31.44 25.51
C ILE M 86 63.35 31.26 26.31
N SER M 87 63.43 30.17 27.06
CA SER M 87 64.64 29.83 27.79
C SER M 87 65.74 29.55 26.80
N GLN M 88 65.40 28.79 25.77
CA GLN M 88 66.37 28.48 24.73
C GLN M 88 66.73 29.70 23.90
N LEU M 89 65.74 30.53 23.59
CA LEU M 89 66.01 31.77 22.87
C LEU M 89 66.97 32.64 23.67
N LYS M 90 66.78 32.65 24.99
CA LYS M 90 67.64 33.39 25.91
C LYS M 90 69.10 32.94 25.78
N ARG M 91 69.29 31.63 25.59
CA ARG M 91 70.62 31.05 25.36
C ARG M 91 71.22 31.49 24.03
N ILE M 92 70.39 31.54 22.99
CA ILE M 92 70.82 31.97 21.67
C ILE M 92 71.22 33.46 21.64
N GLN M 93 70.43 34.31 22.31
CA GLN M 93 70.74 35.75 22.34
C GLN M 93 72.02 35.99 23.14
N ARG M 94 72.32 35.07 24.04
CA ARG M 94 73.52 35.13 24.85
C ARG M 94 74.71 34.89 23.94
N ASP M 95 74.60 33.88 23.08
CA ASP M 95 75.67 33.51 22.16
C ASP M 95 75.91 34.61 21.13
N PHE M 96 74.85 35.27 20.70
CA PHE M 96 75.01 36.32 19.69
C PHE M 96 75.67 37.56 20.27
N LYS M 97 75.75 37.63 21.59
CA LYS M 97 76.50 38.67 22.29
C LYS M 97 77.88 38.17 22.71
N GLY M 98 78.18 36.91 22.41
CA GLY M 98 79.41 36.25 22.84
C GLY M 98 79.49 36.08 24.34
N LEU M 99 79.25 34.87 24.85
CA LEU M 99 79.22 34.63 26.31
C LEU M 99 79.69 33.20 26.79
N PRO M 100 78.79 32.27 27.25
CA PRO M 100 79.44 30.97 27.44
C PRO M 100 79.11 29.97 26.35
N ALA N 14 63.58 16.69 -18.18
CA ALA N 14 62.30 16.44 -18.82
C ALA N 14 61.13 16.49 -17.83
N ARG N 15 61.45 16.44 -16.54
CA ARG N 15 60.45 16.50 -15.47
C ARG N 15 60.98 17.30 -14.26
N PHE N 16 60.19 18.26 -13.78
CA PHE N 16 60.68 19.15 -12.71
C PHE N 16 59.83 19.25 -11.45
N ILE N 17 59.99 18.26 -10.57
CA ILE N 17 59.57 18.39 -9.19
C ILE N 17 60.67 19.16 -8.45
N LYS N 18 61.82 19.30 -9.13
CA LYS N 18 63.00 19.98 -8.61
C LYS N 18 62.77 21.46 -8.36
N LYS N 19 61.51 21.88 -8.46
CA LYS N 19 61.11 23.21 -8.06
C LYS N 19 60.62 23.18 -6.62
N HIS N 20 61.34 22.39 -5.81
CA HIS N 20 61.37 22.55 -4.36
C HIS N 20 62.85 22.50 -3.91
N LYS N 21 63.64 23.40 -4.49
CA LYS N 21 65.07 23.51 -4.25
C LYS N 21 65.37 24.86 -3.62
N LYS N 22 66.04 24.85 -2.47
CA LYS N 22 66.29 26.07 -1.70
C LYS N 22 67.00 27.15 -2.51
N GLN N 23 66.24 28.18 -2.89
CA GLN N 23 66.75 29.27 -3.71
C GLN N 23 67.05 30.51 -2.85
N VAL N 24 67.38 30.25 -1.59
CA VAL N 24 67.94 31.24 -0.70
C VAL N 24 69.24 30.71 -0.11
N THR N 25 70.29 30.76 -0.92
CA THR N 25 71.62 30.32 -0.53
C THR N 25 72.11 31.10 0.70
N ASN N 26 72.74 30.40 1.63
CA ASN N 26 73.36 31.06 2.77
C ASN N 26 74.75 31.62 2.43
N PRO N 27 74.92 32.94 2.60
CA PRO N 27 76.18 33.63 2.30
C PRO N 27 77.25 33.42 3.37
N ILE N 28 78.51 33.44 2.95
CA ILE N 28 79.65 33.40 3.87
C ILE N 28 79.90 34.81 4.42
N ASP N 29 80.39 34.92 5.65
CA ASP N 29 80.48 36.19 6.35
C ASP N 29 81.86 36.85 6.40
N GLU N 30 81.87 38.09 6.91
CA GLU N 30 83.07 38.88 7.18
C GLU N 30 82.61 40.07 8.05
N LYS N 31 83.41 40.50 9.04
CA LYS N 31 84.69 39.92 9.45
C LYS N 31 84.51 38.61 10.21
N ASN N 32 84.63 37.51 9.46
CA ASN N 32 84.28 36.17 9.94
C ASN N 32 84.57 35.14 8.85
N GLY N 33 84.02 33.94 8.99
CA GLY N 33 84.17 32.91 7.99
C GLY N 33 82.97 31.97 7.89
N THR N 34 81.98 32.15 8.77
CA THR N 34 80.82 31.27 8.83
C THR N 34 79.71 31.70 7.89
N SER N 35 78.70 30.85 7.75
CA SER N 35 77.51 31.24 7.01
C SER N 35 76.43 31.76 7.96
N ASN N 36 75.86 32.91 7.61
CA ASN N 36 74.70 33.43 8.30
C ASN N 36 73.45 32.67 7.82
N CYS N 37 72.82 31.93 8.72
CA CYS N 37 71.62 31.15 8.38
C CYS N 37 70.34 31.72 8.95
N ILE N 38 70.42 32.85 9.66
CA ILE N 38 69.19 33.45 10.17
C ILE N 38 68.58 34.32 9.09
N VAL N 39 67.28 34.13 8.89
CA VAL N 39 66.61 34.70 7.76
C VAL N 39 65.22 35.16 8.19
N ARG N 40 64.68 36.18 7.55
CA ARG N 40 63.32 36.65 7.84
C ARG N 40 62.38 36.43 6.65
N VAL N 41 61.41 35.55 6.84
CA VAL N 41 60.48 35.19 5.78
C VAL N 41 59.03 35.58 6.11
N PRO N 42 58.35 36.27 5.17
CA PRO N 42 56.95 36.60 5.37
C PRO N 42 56.08 35.42 4.97
N ILE N 43 55.09 35.09 5.79
CA ILE N 43 54.20 34.00 5.44
C ILE N 43 52.73 34.39 5.51
N ALA N 44 51.92 33.57 4.85
CA ALA N 44 50.47 33.58 4.98
C ALA N 44 50.11 32.23 5.57
N LEU N 45 49.14 32.20 6.45
CA LEU N 45 48.73 30.95 7.07
C LEU N 45 47.25 30.98 7.38
N TYR N 46 46.58 29.86 7.09
CA TYR N 46 45.14 29.72 7.24
C TYR N 46 44.90 28.96 8.53
N VAL N 47 44.28 29.59 9.50
CA VAL N 47 44.19 29.02 10.84
C VAL N 47 42.79 29.09 11.43
N SER N 48 42.55 28.24 12.41
CA SER N 48 41.29 28.23 13.11
C SER N 48 41.32 29.21 14.26
N LEU N 49 40.16 29.81 14.56
CA LEU N 49 40.03 30.65 15.75
C LEU N 49 38.93 30.08 16.62
N ALA N 50 39.27 29.70 17.85
CA ALA N 50 38.31 29.12 18.77
C ALA N 50 37.35 30.19 19.28
N PRO N 51 36.12 29.79 19.57
CA PRO N 51 35.10 30.73 20.04
C PRO N 51 35.49 31.51 21.30
N MET N 52 36.31 30.92 22.16
CA MET N 52 36.74 31.62 23.36
C MET N 52 37.57 32.89 23.05
N TYR N 53 38.09 32.99 21.84
CA TYR N 53 38.97 34.09 21.48
C TYR N 53 38.30 35.17 20.64
N GLU N 55 36.84 37.73 21.19
CA GLU N 55 37.08 39.12 21.59
C GLU N 55 38.57 39.44 21.57
N ASN N 56 39.39 38.41 21.38
CA ASN N 56 40.85 38.55 21.32
C ASN N 56 41.48 37.78 20.16
N PRO N 57 41.05 38.04 18.93
CA PRO N 57 41.48 37.17 17.82
C PRO N 57 43.01 37.05 17.64
N LEU N 58 43.76 38.15 17.80
CA LEU N 58 45.22 38.06 17.66
C LEU N 58 45.83 37.20 18.76
N GLN N 59 45.40 37.45 19.99
CA GLN N 59 45.78 36.63 21.13
C GLN N 59 45.54 35.15 20.80
N GLY N 60 44.37 34.85 20.24
CA GLY N 60 44.00 33.48 19.97
C GLY N 60 44.84 32.84 18.88
N VAL N 61 45.08 33.58 17.80
CA VAL N 61 45.97 33.06 16.78
C VAL N 61 47.35 32.77 17.35
N MET N 62 47.84 33.66 18.22
CA MET N 62 49.13 33.46 18.86
C MET N 62 49.16 32.20 19.73
N LYS N 63 48.21 32.07 20.66
CA LYS N 63 48.20 30.94 21.59
C LYS N 63 47.85 29.59 20.94
N GLN N 64 47.12 29.60 19.82
CA GLN N 64 46.70 28.36 19.21
C GLN N 64 47.74 27.86 18.22
N HIS N 65 48.28 28.76 17.41
CA HIS N 65 49.06 28.35 16.24
C HIS N 65 50.55 28.75 16.17
N LEU N 66 50.84 30.01 16.46
CA LEU N 66 52.18 30.56 16.35
C LEU N 66 53.10 30.11 17.48
N ASN N 67 52.70 30.34 18.73
CA ASN N 67 53.50 29.92 19.89
C ASN N 67 54.02 28.48 19.81
N PRO N 68 53.15 27.51 19.40
CA PRO N 68 53.65 26.14 19.26
C PRO N 68 54.69 25.93 18.18
N LEU N 69 54.89 26.91 17.29
CA LEU N 69 55.93 26.80 16.25
C LEU N 69 57.32 27.17 16.76
N VAL N 70 57.39 27.87 17.89
CA VAL N 70 58.65 28.43 18.37
C VAL N 70 59.66 27.37 18.80
N MET N 71 60.84 27.45 18.18
CA MET N 71 61.97 26.54 18.48
C MET N 71 61.68 25.10 18.09
N LYS N 72 60.91 24.92 17.02
CA LYS N 72 60.71 23.62 16.40
C LYS N 72 60.98 23.76 14.91
N TYR N 73 61.43 22.68 14.27
CA TYR N 73 61.63 22.72 12.84
C TYR N 73 60.26 22.76 12.16
N ASN N 74 60.16 23.58 11.12
CA ASN N 74 58.95 23.64 10.32
C ASN N 74 59.15 23.38 8.83
N ASN N 75 58.51 22.31 8.35
CA ASN N 75 58.77 21.80 7.01
C ASN N 75 58.65 22.83 5.90
N LYS N 76 57.80 23.82 6.09
CA LYS N 76 57.52 24.79 5.03
C LYS N 76 58.53 25.93 4.90
N VAL N 77 59.01 26.49 6.01
CA VAL N 77 60.05 27.52 5.93
C VAL N 77 61.43 26.89 5.86
N GLY N 78 61.47 25.57 5.96
CA GLY N 78 62.72 24.83 5.82
C GLY N 78 63.80 25.14 6.86
N GLY N 79 63.38 25.40 8.09
CA GLY N 79 64.31 25.66 9.17
C GLY N 79 63.61 25.60 10.53
N VAL N 80 64.29 26.09 11.56
CA VAL N 80 63.69 26.21 12.87
C VAL N 80 63.11 27.59 13.00
N VAL N 81 61.88 27.68 13.47
CA VAL N 81 61.29 28.98 13.68
C VAL N 81 61.75 29.54 15.02
N LEU N 82 62.38 30.71 14.97
CA LEU N 82 62.84 31.36 16.20
C LEU N 82 61.72 32.19 16.83
N GLY N 83 60.91 32.83 16.00
CA GLY N 83 59.85 33.68 16.52
C GLY N 83 59.11 34.40 15.42
N TYR N 84 58.34 35.41 15.79
CA TYR N 84 57.44 36.05 14.83
C TYR N 84 57.13 37.51 15.16
N GLU N 85 56.90 38.29 14.10
CA GLU N 85 56.56 39.71 14.21
C GLU N 85 55.39 40.08 13.31
N GLY N 86 54.65 41.12 13.69
CA GLY N 86 53.68 41.76 12.82
C GLY N 86 52.52 40.92 12.35
N LEU N 87 51.89 40.18 13.26
CA LEU N 87 50.74 39.38 12.91
C LEU N 87 49.59 40.28 12.47
N LYS N 88 48.92 39.87 11.40
CA LYS N 88 47.81 40.63 10.84
C LYS N 88 46.76 39.64 10.36
N ILE N 89 45.51 39.92 10.67
CA ILE N 89 44.43 39.11 10.16
C ILE N 89 43.92 39.72 8.87
N LEU N 90 43.63 38.88 7.87
CA LEU N 90 43.07 39.40 6.65
C LEU N 90 41.56 39.39 6.77
N ASP N 91 40.99 40.58 6.82
CA ASP N 91 39.55 40.73 6.91
C ASP N 91 38.83 40.01 5.78
N ALA N 92 37.87 39.15 6.10
CA ALA N 92 37.00 38.55 5.08
C ALA N 92 36.13 39.57 4.37
N ASP N 93 35.99 40.75 4.95
CA ASP N 93 35.35 41.89 4.28
C ASP N 93 36.40 42.63 3.45
N PRO N 94 36.37 42.44 2.14
CA PRO N 94 37.44 42.97 1.31
C PRO N 94 37.28 44.46 1.12
N LEU N 95 36.19 45.03 1.65
CA LEU N 95 35.88 46.44 1.44
C LEU N 95 36.40 47.34 2.56
N SER N 96 36.85 46.74 3.65
CA SER N 96 37.34 47.53 4.77
C SER N 96 38.79 47.99 4.56
N LYS N 97 39.20 49.00 5.34
CA LYS N 97 40.56 49.55 5.28
C LYS N 97 41.49 48.68 6.13
N GLU N 98 42.76 48.53 5.73
CA GLU N 98 43.67 47.65 6.47
C GLU N 98 43.86 48.13 7.91
N ASP N 99 43.54 49.40 8.10
CA ASP N 99 43.45 50.07 9.39
C ASP N 99 42.52 49.35 10.40
N THR N 100 41.20 49.52 10.26
CA THR N 100 40.20 49.18 11.29
C THR N 100 40.43 47.93 12.15
N SER N 101 39.98 48.02 13.39
CA SER N 101 40.22 46.96 14.35
C SER N 101 38.99 46.07 14.48
N GLU N 102 37.97 46.35 13.66
CA GLU N 102 36.84 45.43 13.54
C GLU N 102 36.93 44.62 12.25
N LYS N 103 37.06 43.30 12.35
CA LYS N 103 37.23 42.44 11.17
C LYS N 103 36.26 41.25 11.12
N LEU N 104 36.06 40.70 9.93
CA LEU N 104 35.20 39.54 9.76
C LEU N 104 35.98 38.24 9.63
N ILE N 105 35.52 37.22 10.34
CA ILE N 105 36.08 35.89 10.24
C ILE N 105 34.96 34.90 9.97
N LYS N 106 34.99 34.24 8.82
CA LYS N 106 33.92 33.31 8.44
C LYS N 106 33.85 32.10 9.35
N ILE N 107 32.63 31.77 9.79
CA ILE N 107 32.41 30.66 10.70
C ILE N 107 32.06 29.41 9.92
N THR N 108 32.63 28.30 10.34
CA THR N 108 32.35 26.98 9.76
C THR N 108 30.87 26.76 9.73
N PRO N 109 30.37 26.13 8.67
CA PRO N 109 28.97 25.72 8.72
C PRO N 109 28.69 24.77 9.91
N ASP N 110 29.43 23.67 10.00
CA ASP N 110 29.17 22.68 11.05
C ASP N 110 29.51 23.10 12.50
N THR N 111 30.54 23.93 12.71
CA THR N 111 31.06 24.19 14.06
C THR N 111 31.09 25.67 14.39
N PRO N 112 31.30 26.03 15.66
CA PRO N 112 31.42 27.44 16.02
C PRO N 112 32.79 28.06 15.73
N PHE N 113 33.70 27.30 15.15
CA PHE N 113 35.06 27.80 14.92
C PHE N 113 35.16 28.72 13.71
N GLY N 114 36.00 29.75 13.81
CA GLY N 114 36.31 30.55 12.65
C GLY N 114 37.53 29.98 11.93
N PHE N 115 37.78 30.47 10.72
CA PHE N 115 39.00 30.20 9.98
C PHE N 115 39.34 31.47 9.23
N THR N 116 40.53 31.99 9.45
CA THR N 116 40.92 33.17 8.70
C THR N 116 42.32 33.01 8.13
N TRP N 117 42.64 33.80 7.11
CA TRP N 117 44.02 33.93 6.67
C TRP N 117 44.74 34.92 7.56
N CYS N 118 46.04 34.72 7.75
CA CYS N 118 46.86 35.68 8.48
C CYS N 118 48.14 35.97 7.75
N HIS N 119 48.68 37.16 7.93
CA HIS N 119 50.06 37.40 7.54
C HIS N 119 50.91 37.58 8.79
N VAL N 120 52.08 36.99 8.80
CA VAL N 120 53.03 37.19 9.89
C VAL N 120 54.45 37.08 9.33
N ASN N 121 55.43 37.54 10.09
CA ASN N 121 56.84 37.41 9.73
C ASN N 121 57.57 36.41 10.61
N LEU N 122 58.26 35.46 10.00
CA LEU N 122 58.97 34.44 10.78
C LEU N 122 60.47 34.66 10.72
N TYR N 123 61.13 34.45 11.86
CA TYR N 123 62.57 34.43 11.88
C TYR N 123 63.02 32.98 11.94
N VAL N 124 63.84 32.58 10.97
CA VAL N 124 64.13 31.18 10.77
C VAL N 124 65.62 30.91 10.67
N TRP N 125 66.05 29.91 11.42
CA TRP N 125 67.40 29.39 11.31
C TRP N 125 67.35 28.26 10.30
N GLN N 126 67.87 28.50 9.10
CA GLN N 126 67.79 27.53 8.01
C GLN N 126 69.14 27.04 7.49
N PRO N 127 69.87 26.27 8.30
CA PRO N 127 71.12 25.72 7.77
C PRO N 127 70.85 24.75 6.61
N GLN N 128 71.26 25.12 5.38
CA GLN N 128 71.17 24.22 4.23
C GLN N 128 72.49 23.47 4.08
N VAL N 129 72.52 22.46 3.22
CA VAL N 129 73.74 21.68 2.99
C VAL N 129 74.78 22.55 2.29
N GLY N 130 76.03 22.45 2.73
CA GLY N 130 77.09 23.22 2.13
C GLY N 130 77.57 24.35 3.02
N ASP N 131 76.70 24.79 3.93
CA ASP N 131 77.02 25.92 4.79
C ASP N 131 78.13 25.63 5.79
N VAL N 132 78.80 26.69 6.24
CA VAL N 132 79.88 26.59 7.22
C VAL N 132 79.39 27.10 8.56
N LEU N 133 79.37 26.22 9.56
CA LEU N 133 78.91 26.59 10.89
C LEU N 133 79.99 26.35 11.94
N GLU N 134 79.83 26.96 13.11
CA GLU N 134 80.72 26.75 14.25
C GLU N 134 79.97 26.19 15.45
N GLY N 135 80.55 25.20 16.11
CA GLY N 135 79.88 24.56 17.23
C GLY N 135 80.75 24.47 18.47
N TYR N 136 80.11 24.36 19.63
CA TYR N 136 80.82 24.18 20.89
C TYR N 136 80.85 22.71 21.28
N ILE N 137 82.04 22.13 21.31
CA ILE N 137 82.17 20.69 21.56
C ILE N 137 81.73 20.31 22.96
N PHE N 138 80.81 19.35 23.04
CA PHE N 138 80.32 18.89 24.35
C PHE N 138 80.50 17.39 24.62
N ILE N 139 81.04 16.64 23.66
CA ILE N 139 81.18 15.17 23.77
C ILE N 139 82.14 14.61 22.71
N GLN N 140 83.01 13.69 23.12
CA GLN N 140 83.95 13.07 22.17
C GLN N 140 84.17 11.56 22.39
N SER N 141 83.51 10.73 21.55
CA SER N 141 83.74 9.29 21.54
C SER N 141 84.59 8.93 20.32
N ALA N 142 84.92 7.65 20.18
CA ALA N 142 85.65 7.21 19.00
C ALA N 142 84.74 7.12 17.77
N SER N 143 83.45 7.39 17.98
CA SER N 143 82.44 7.23 16.93
C SER N 143 81.91 8.55 16.33
N HIS N 144 81.98 9.64 17.09
CA HIS N 144 81.51 10.96 16.63
C HIS N 144 81.96 12.11 17.54
N ILE N 145 81.96 13.32 17.01
CA ILE N 145 82.16 14.52 17.82
C ILE N 145 80.83 15.26 17.92
N GLY N 146 80.41 15.58 19.15
CA GLY N 146 79.14 16.24 19.37
C GLY N 146 79.26 17.72 19.68
N LEU N 147 78.61 18.57 18.89
CA LEU N 147 78.72 20.01 19.04
C LEU N 147 77.38 20.69 19.31
N LEU N 148 77.42 21.94 19.77
CA LEU N 148 76.21 22.71 19.97
C LEU N 148 76.34 24.08 19.28
N ILE N 149 75.57 24.27 18.22
CA ILE N 149 75.63 25.49 17.41
C ILE N 149 74.79 26.60 18.06
N HIS N 150 75.39 27.78 18.20
CA HIS N 150 74.77 28.90 18.88
C HIS N 150 74.29 28.53 20.28
N ASP N 151 74.89 27.48 20.86
CA ASP N 151 74.52 26.96 22.18
C ASP N 151 73.05 26.57 22.25
N ALA N 152 72.56 25.92 21.18
CA ALA N 152 71.13 25.65 21.06
C ALA N 152 70.77 24.42 20.24
N PHE N 153 71.39 24.26 19.07
CA PHE N 153 71.03 23.19 18.14
C PHE N 153 72.10 22.11 18.06
N ASN N 154 71.67 20.86 18.00
CA ASN N 154 72.61 19.73 17.97
C ASN N 154 73.35 19.53 16.66
N ALA N 155 74.65 19.25 16.76
CA ALA N 155 75.42 18.87 15.60
C ALA N 155 76.17 17.59 15.91
N SER N 156 76.63 16.90 14.86
CA SER N 156 77.40 15.66 15.03
C SER N 156 78.25 15.35 13.80
N ILE N 157 79.54 15.14 14.02
CA ILE N 157 80.45 14.77 12.95
C ILE N 157 80.79 13.29 13.08
N LYS N 158 80.32 12.48 12.14
CA LYS N 158 80.55 11.03 12.20
C LYS N 158 82.03 10.66 12.02
N LYS N 159 82.42 9.55 12.64
CA LYS N 159 83.81 9.09 12.69
C LYS N 159 84.58 9.20 11.39
N ASN N 160 83.92 8.90 10.28
CA ASN N 160 84.58 8.96 8.98
C ASN N 160 84.14 10.16 8.14
N ASN N 161 83.89 11.27 8.81
CA ASN N 161 83.83 12.57 8.16
C ASN N 161 84.95 13.42 8.73
N ILE N 162 85.54 12.92 9.80
CA ILE N 162 86.78 13.45 10.37
C ILE N 162 87.92 12.93 9.52
N PRO N 163 88.83 13.84 9.08
CA PRO N 163 89.98 13.49 8.23
C PRO N 163 90.81 12.29 8.75
N VAL N 164 91.40 11.55 7.82
CA VAL N 164 91.98 10.23 8.10
C VAL N 164 93.15 10.24 9.09
N ASP N 165 93.96 11.30 9.06
CA ASP N 165 95.15 11.37 9.91
C ASP N 165 94.86 11.82 11.35
N TRP N 166 93.60 12.18 11.61
CA TRP N 166 93.17 12.49 12.97
C TRP N 166 93.05 11.21 13.79
N THR N 167 93.48 11.27 15.03
CA THR N 167 93.54 10.09 15.88
C THR N 167 92.69 10.30 17.13
N PHE N 168 92.44 9.21 17.87
CA PHE N 168 91.61 9.27 19.07
C PHE N 168 92.34 8.66 20.27
N VAL N 169 91.96 9.06 21.48
CA VAL N 169 92.56 8.52 22.70
C VAL N 169 91.56 8.46 23.86
N HIS N 170 91.95 7.85 24.98
CA HIS N 170 91.03 7.69 26.12
C HIS N 170 91.41 8.49 27.36
N GLY N 215 86.64 9.41 25.54
CA GLY N 215 87.98 9.98 25.51
C GLY N 215 88.01 11.39 24.94
N HIS N 216 88.97 11.65 24.05
CA HIS N 216 89.12 12.97 23.41
C HIS N 216 89.93 12.89 22.11
N TRP N 217 89.52 13.65 21.09
CA TRP N 217 90.18 13.62 19.79
C TRP N 217 91.50 14.42 19.71
N VAL N 218 92.32 14.09 18.71
CA VAL N 218 93.60 14.76 18.47
C VAL N 218 93.74 14.94 16.97
N ASP N 219 94.27 16.08 16.53
CA ASP N 219 94.27 16.40 15.10
C ASP N 219 95.51 15.96 14.30
N SER N 220 95.66 16.61 13.15
CA SER N 220 96.69 16.28 12.18
C SER N 220 98.09 16.52 12.73
N ASN N 221 98.21 17.48 13.63
CA ASN N 221 99.50 17.89 14.16
C ASN N 221 99.75 17.40 15.60
N GLY N 222 98.87 16.54 16.10
CA GLY N 222 99.06 15.94 17.41
C GLY N 222 98.50 16.70 18.59
N GLU N 223 97.86 17.84 18.34
CA GLU N 223 97.29 18.65 19.41
C GLU N 223 95.79 18.45 19.55
N PRO N 224 95.29 18.35 20.79
CA PRO N 224 93.86 18.10 21.02
C PRO N 224 92.96 19.27 20.59
N ILE N 225 91.74 18.95 20.16
CA ILE N 225 90.77 19.97 19.77
C ILE N 225 89.87 20.31 20.95
N ASP N 226 89.29 21.50 20.94
CA ASP N 226 88.49 21.95 22.07
C ASP N 226 87.54 23.07 21.69
N GLY N 227 86.44 23.19 22.45
CA GLY N 227 85.52 24.31 22.33
C GLY N 227 85.04 24.52 20.91
N LYS N 228 85.23 25.74 20.41
CA LYS N 228 84.75 26.10 19.08
C LYS N 228 85.40 25.25 17.96
N LEU N 229 84.56 24.66 17.13
CA LEU N 229 85.01 23.92 15.95
C LEU N 229 84.19 24.32 14.73
N ARG N 230 84.87 24.41 13.59
CA ARG N 230 84.28 24.87 12.36
C ARG N 230 84.08 23.69 11.41
N PHE N 231 82.84 23.47 10.97
CA PHE N 231 82.52 22.34 10.11
C PHE N 231 81.57 22.76 9.00
N THR N 232 81.43 21.91 7.97
CA THR N 232 80.49 22.16 6.89
C THR N 232 79.31 21.19 6.96
N VAL N 233 78.14 21.65 6.52
CA VAL N 233 76.90 20.89 6.64
C VAL N 233 76.79 19.76 5.61
N ARG N 234 76.71 18.53 6.10
CA ARG N 234 76.52 17.36 5.23
C ARG N 234 75.02 17.04 4.99
N ASN N 235 74.25 16.89 6.07
CA ASN N 235 72.79 16.81 5.97
C ASN N 235 72.16 17.36 7.26
N VAL N 236 70.93 17.84 7.14
CA VAL N 236 70.18 18.33 8.29
C VAL N 236 69.00 17.40 8.58
N HIS N 237 69.08 16.65 9.69
CA HIS N 237 67.99 15.76 10.10
C HIS N 237 66.96 16.58 10.87
N THR N 238 65.69 16.43 10.52
CA THR N 238 64.68 17.36 10.99
C THR N 238 63.45 16.68 11.56
N THR N 239 63.36 15.37 11.38
CA THR N 239 62.13 14.65 11.71
C THR N 239 62.07 14.16 13.15
N GLY N 240 63.21 14.15 13.82
CA GLY N 240 63.26 13.69 15.20
C GLY N 240 62.61 14.67 16.15
N ARG N 241 62.78 14.43 17.45
CA ARG N 241 62.23 15.33 18.46
C ARG N 241 62.78 16.75 18.25
N VAL N 242 64.10 16.85 18.11
CA VAL N 242 64.74 18.13 17.87
C VAL N 242 65.64 18.07 16.63
N VAL N 243 65.90 19.23 16.03
CA VAL N 243 66.75 19.29 14.86
C VAL N 243 68.17 18.81 15.20
N SER N 244 68.83 18.22 14.21
CA SER N 244 70.20 17.73 14.37
C SER N 244 70.96 17.88 13.06
N VAL N 245 72.18 18.41 13.15
CA VAL N 245 72.97 18.68 11.96
C VAL N 245 74.07 17.63 11.78
N ASP N 246 74.19 17.12 10.56
CA ASP N 246 75.28 16.23 10.21
C ASP N 246 76.38 17.05 9.55
N GLY N 247 77.55 17.10 10.17
CA GLY N 247 78.62 17.94 9.68
C GLY N 247 79.82 17.14 9.25
N THR N 248 80.64 17.72 8.39
CA THR N 248 81.87 17.07 7.91
C THR N 248 83.08 17.97 8.03
N LEU N 249 84.27 17.37 7.97
CA LEU N 249 85.51 18.13 8.02
C LEU N 249 86.38 17.86 6.78
N ILE N 250 85.78 17.29 5.74
CA ILE N 250 86.45 17.05 4.47
C ILE N 250 85.51 17.32 3.28
ZN ZN O . 46.27 0.99 7.70
ZN ZN P . 43.82 5.97 -43.42
S SO4 Q . -17.53 -20.61 8.04
O1 SO4 Q . -16.94 -20.85 9.34
O2 SO4 Q . -16.52 -20.21 7.08
O3 SO4 Q . -18.14 -21.87 7.65
O4 SO4 Q . -18.54 -19.57 8.15
ZN ZN R . 48.68 15.99 -2.58
ZN ZN S . -22.83 -43.81 -53.92
ZN ZN T . -22.66 22.84 -4.96
ZN ZN U . -20.72 -9.52 40.14
ZN ZN V . 7.46 -48.46 28.48
#